data_2W3R
#
_entry.id   2W3R
#
_cell.length_a   92.770
_cell.length_b   139.940
_cell.length_c   158.040
_cell.angle_alpha   109.33
_cell.angle_beta   106.15
_cell.angle_gamma   101.05
#
_symmetry.space_group_name_H-M   'P 1'
#
loop_
_entity.id
_entity.type
_entity.pdbx_description
1 polymer 'XANTHINE DEHYDROGENASE'
2 polymer 'XANTHINE DEHYDROGENASE'
3 non-polymer 'FE2/S2 (INORGANIC) CLUSTER'
4 non-polymer 'FLAVIN-ADENINE DINUCLEOTIDE'
5 non-polymer 'PHOSPHONIC ACIDMONO-(2-AMINO-5,6-DIMERCAPTO-4-OXO-3,7,8A,9,10,10A-HEXAHYDRO-4H-8-OXA-1,3,9,10-TETRAAZA-ANTHRACEN-7-YLMETHYL)ESTER'
6 non-polymer 'CALCIUM ION'
7 non-polymer HYPOXANTHINE
8 non-polymer HYDROXY(DIOXO)MOLYBDENUM
9 water water
#
loop_
_entity_poly.entity_id
_entity_poly.type
_entity_poly.pdbx_seq_one_letter_code
_entity_poly.pdbx_strand_id
1 'polypeptide(L)'
;MEIAFLLNGETRRVRIEDPTQSLLEWLRAEGLTGTKEGCNEGDCGACTVMIRDAAGSRAVNACLMMLPQIAGKALRTIEG
IAAPDGRLHPVQQAMIDHHGSQCGFCTPGFIVSMAAAHDRDRKDYDDLLAGNLCRCTGYAPILRAAEAAAGEPPADWLQA
DAAFTLAQLSSGVRGQTAPAFLPETSDALADWYLAHPEATLIAGGTDVSLWVTKALRDLPEVAFLSHCKDLAQIRETPDG
YGIGAGVTIAALRAFAEGPHPALAGLLRRFASEQVRQVATIGGNIANGSPIGDGPPALIAMGASLTLRRGQERRRMPLED
FFLEYRKQDRRPGEFVESVTLPKSAPGLRCYKLSKRFDQDISAVCGCLNLTLKGSKIETARIAFGGMAGVPKRAAAFEAA
LIGQDFREDTIAAALPLLAQDFTPLSDMRASAAYRMNAAQAMALRYVRELSGEAVAVLEVMP
;
A,C,E,G
2 'polypeptide(L)'
;MSVGKPLPHDSARAHVTGQARYLDDLPCPANTLHLAFGLSTEASAAITGLDLEPVRESPGVIAVFTAADLPHDNDASPAP
SPEPVLATGEVHFVGQPIFLVAATSHRAARIAARKARITYAPRPAILTLDQALAADSRFEGGPVIWARGDVETALAGAAH
LAEGCFEIGGQEHFYLEGQAALALPAEGGVVIHCSSQHPSEIQHKVAHALGLAFHDVRVEMRRMGGGFGGKESQGNHLAI
ACAVAARATGRPCKMRYDRDDDMVITGKRHDFRIRYRIGADASGKLLGADFVHLARCGWSADLSLPVCDRAMLHADGSYF
VPALRIESHRLRTNTQSNTAFRGFGGPQGALGMERAIEHLARGMGRDPAELRALNFYDPPERGGLSAPPSPPEPIATKKT
QTTHYGQEVADCVLGELVTRLQKSANFTTRRAEIAAWNSTNRTLARGIALSPVKFGISFTLTHLNQAGALVQIYTDGSVA
LNHGGTEMGQGLHAKMVQVAAAVLGIDPVQVRITATDTSKVPNTSATAASSGADMNGMAVKDACETLRGRLAGFVAAREG
CAARDVIFDAGQVQASGKSWRFAEIVAAAYMARISLSATGFYATPKLSWDRLRGQGRPFLYFAYGAAITEVVIDRLTGEN
RILRTDILHDAGASLNPALDIGQIEGAYVQGAGWLTTEELVWDHCGRLMTHAPSTYKIPAFSDRPRIFNVALWDQPNREE
TIFRSKAVGEPPFLLGISAFLALHDACAACGPHWPDLQAPATPEAVLAAVRRAEGRA
;
B,D,F,H
#
loop_
_chem_comp.id
_chem_comp.type
_chem_comp.name
_chem_comp.formula
CA non-polymer 'CALCIUM ION' 'Ca 2'
FAD non-polymer 'FLAVIN-ADENINE DINUCLEOTIDE' 'C27 H33 N9 O15 P2'
FES non-polymer 'FE2/S2 (INORGANIC) CLUSTER' 'Fe2 S2'
HPA non-polymer HYPOXANTHINE 'C5 H4 N4 O'
MOM non-polymer HYDROXY(DIOXO)MOLYBDENUM 'H Mo O3'
MTE non-polymer 'PHOSPHONIC ACIDMONO-(2-AMINO-5,6-DIMERCAPTO-4-OXO-3,7,8A,9,10,10A-HEXAHYDRO-4H-8-OXA-1,3,9,10-TETRAAZA-ANTHRACEN-7-YLMETHYL)ESTER' 'C10 H14 N5 O6 P S2'
#
# COMPACT_ATOMS: atom_id res chain seq x y z
N MET A 1 42.46 -23.49 -4.22
CA MET A 1 42.33 -24.15 -2.89
C MET A 1 41.75 -25.56 -3.03
N GLU A 2 42.27 -26.51 -2.25
CA GLU A 2 41.82 -27.91 -2.30
C GLU A 2 41.36 -28.49 -0.96
N ILE A 3 40.14 -29.03 -0.95
CA ILE A 3 39.64 -29.78 0.20
C ILE A 3 39.29 -31.21 -0.20
N ALA A 4 39.16 -32.07 0.80
CA ALA A 4 38.77 -33.47 0.59
C ALA A 4 37.66 -33.86 1.55
N PHE A 5 36.87 -34.86 1.14
CA PHE A 5 35.78 -35.40 1.96
C PHE A 5 35.27 -36.74 1.42
N LEU A 6 34.55 -37.48 2.26
CA LEU A 6 34.05 -38.81 1.91
C LEU A 6 32.60 -38.75 1.42
N LEU A 7 32.43 -38.49 0.13
CA LEU A 7 31.10 -38.42 -0.49
C LEU A 7 30.52 -39.80 -0.73
N ASN A 8 29.49 -40.14 0.03
CA ASN A 8 28.79 -41.42 -0.07
C ASN A 8 29.72 -42.63 -0.06
N GLY A 9 30.66 -42.64 0.87
CA GLY A 9 31.57 -43.76 1.06
C GLY A 9 32.85 -43.74 0.22
N GLU A 10 33.04 -42.68 -0.56
CA GLU A 10 34.22 -42.56 -1.40
C GLU A 10 34.85 -41.18 -1.31
N THR A 11 36.17 -41.17 -1.13
CA THR A 11 36.95 -39.93 -0.99
C THR A 11 36.85 -39.10 -2.25
N ARG A 12 36.64 -37.80 -2.07
CA ARG A 12 36.53 -36.87 -3.19
C ARG A 12 37.35 -35.61 -2.92
N ARG A 13 38.17 -35.22 -3.90
CA ARG A 13 38.98 -34.01 -3.79
C ARG A 13 38.49 -32.95 -4.75
N VAL A 14 38.17 -31.77 -4.21
CA VAL A 14 37.55 -30.69 -4.98
C VAL A 14 38.45 -29.47 -4.98
N ARG A 15 38.48 -28.75 -6.10
CA ARG A 15 39.31 -27.56 -6.27
C ARG A 15 38.48 -26.29 -6.11
N ILE A 16 38.40 -25.81 -4.87
CA ILE A 16 37.57 -24.64 -4.53
C ILE A 16 38.10 -23.35 -5.16
N GLU A 17 37.32 -22.80 -6.08
CA GLU A 17 37.61 -21.51 -6.72
C GLU A 17 36.58 -20.47 -6.30
N ASP A 18 35.33 -20.90 -6.19
CA ASP A 18 34.28 -20.08 -5.62
C ASP A 18 33.96 -20.61 -4.23
N PRO A 19 34.34 -19.85 -3.18
CA PRO A 19 34.22 -20.33 -1.80
C PRO A 19 32.81 -20.18 -1.26
N THR A 20 32.00 -19.40 -1.96
CA THR A 20 30.67 -19.04 -1.51
C THR A 20 29.59 -20.05 -1.94
N GLN A 21 29.95 -20.91 -2.89
CA GLN A 21 29.03 -21.92 -3.47
C GLN A 21 28.46 -22.87 -2.43
N SER A 22 27.14 -23.03 -2.44
CA SER A 22 26.47 -23.91 -1.50
C SER A 22 26.68 -25.39 -1.83
N LEU A 23 26.58 -26.22 -0.79
CA LEU A 23 26.70 -27.68 -0.94
C LEU A 23 25.59 -28.25 -1.80
N LEU A 24 24.39 -27.69 -1.69
CA LEU A 24 23.25 -28.08 -2.52
C LEU A 24 23.57 -27.91 -4.01
N GLU A 25 24.04 -26.71 -4.36
CA GLU A 25 24.32 -26.38 -5.76
C GLU A 25 25.39 -27.26 -6.35
N TRP A 26 26.46 -27.48 -5.58
CA TRP A 26 27.56 -28.33 -5.99
C TRP A 26 27.09 -29.76 -6.29
N LEU A 27 26.35 -30.35 -5.35
CA LEU A 27 25.87 -31.73 -5.49
C LEU A 27 25.01 -31.92 -6.74
N ARG A 28 24.10 -30.97 -6.98
CA ARG A 28 23.20 -31.06 -8.11
C ARG A 28 23.94 -30.86 -9.43
N ALA A 29 24.94 -29.99 -9.42
CA ALA A 29 25.82 -29.79 -10.57
C ALA A 29 26.61 -31.07 -10.85
N GLU A 30 26.90 -31.82 -9.79
CA GLU A 30 27.56 -33.11 -9.89
C GLU A 30 26.65 -34.19 -10.45
N GLY A 31 25.34 -33.89 -10.52
CA GLY A 31 24.36 -34.85 -11.01
C GLY A 31 23.77 -35.69 -9.89
N LEU A 32 24.10 -35.33 -8.65
CA LEU A 32 23.51 -35.97 -7.47
C LEU A 32 22.18 -35.31 -7.18
N THR A 33 21.26 -35.54 -8.12
CA THR A 33 20.02 -34.81 -8.27
C THR A 33 18.99 -35.14 -7.18
N GLY A 34 19.29 -36.19 -6.41
CA GLY A 34 18.44 -36.67 -5.33
C GLY A 34 18.17 -35.66 -4.22
N THR A 35 19.17 -34.84 -3.91
CA THR A 35 19.00 -33.72 -2.98
C THR A 35 18.23 -32.63 -3.72
N LYS A 36 17.09 -32.23 -3.14
CA LYS A 36 16.17 -31.29 -3.78
C LYS A 36 16.35 -29.88 -3.27
N GLU A 37 15.87 -28.91 -4.05
CA GLU A 37 15.75 -27.53 -3.59
C GLU A 37 14.28 -27.16 -3.41
N GLY A 38 13.91 -26.88 -2.17
CA GLY A 38 12.53 -26.55 -1.83
C GLY A 38 12.32 -25.07 -1.64
N CYS A 39 13.34 -24.38 -1.15
CA CYS A 39 13.22 -22.95 -0.83
C CYS A 39 14.52 -22.16 -0.96
N ASN A 40 15.65 -22.82 -0.67
CA ASN A 40 16.98 -22.18 -0.67
C ASN A 40 17.16 -21.19 0.48
N GLU A 41 16.38 -21.38 1.55
CA GLU A 41 16.33 -20.48 2.71
C GLU A 41 16.52 -21.19 4.06
N GLY A 42 16.81 -22.49 4.01
CA GLY A 42 17.05 -23.30 5.20
C GLY A 42 15.80 -23.71 5.95
N ASP A 43 14.64 -23.52 5.33
CA ASP A 43 13.36 -23.60 6.03
C ASP A 43 12.62 -24.95 5.90
N CYS A 44 12.73 -25.59 4.74
CA CYS A 44 11.89 -26.75 4.42
C CYS A 44 12.51 -28.14 4.65
N GLY A 45 13.85 -28.22 4.61
CA GLY A 45 14.55 -29.48 4.86
C GLY A 45 14.58 -30.48 3.70
N ALA A 46 14.24 -30.01 2.51
CA ALA A 46 14.26 -30.87 1.31
C ALA A 46 15.69 -31.21 0.89
N CYS A 47 16.63 -30.36 1.30
CA CYS A 47 18.04 -30.54 0.94
C CYS A 47 18.86 -31.17 2.07
N THR A 48 18.19 -31.72 3.07
CA THR A 48 18.85 -32.31 4.23
C THR A 48 19.89 -33.34 3.78
N VAL A 49 21.14 -33.10 4.18
CA VAL A 49 22.27 -34.01 3.91
C VAL A 49 22.90 -34.43 5.23
N MET A 50 23.60 -35.57 5.24
CA MET A 50 24.17 -36.11 6.49
C MET A 50 25.69 -36.04 6.53
N ILE A 51 26.21 -35.15 7.37
CA ILE A 51 27.65 -35.02 7.59
C ILE A 51 28.13 -35.77 8.83
N ARG A 52 29.40 -36.16 8.81
CA ARG A 52 30.01 -36.88 9.92
C ARG A 52 31.46 -36.44 10.10
N ASP A 53 31.93 -36.51 11.35
CA ASP A 53 33.32 -36.27 11.70
C ASP A 53 33.60 -36.84 13.09
N ALA A 54 34.62 -36.30 13.75
CA ALA A 54 34.97 -36.71 15.11
C ALA A 54 33.81 -36.48 16.09
N ALA A 55 33.09 -35.38 15.89
CA ALA A 55 31.98 -34.99 16.75
C ALA A 55 30.80 -35.95 16.70
N GLY A 56 30.70 -36.70 15.60
CA GLY A 56 29.63 -37.68 15.41
C GLY A 56 28.98 -37.50 14.05
N SER A 57 27.67 -37.73 13.99
CA SER A 57 26.91 -37.58 12.75
C SER A 57 25.64 -36.75 12.98
N ARG A 58 25.33 -35.88 12.02
CA ARG A 58 24.18 -34.99 12.13
C ARG A 58 23.57 -34.60 10.78
N ALA A 59 22.29 -34.24 10.80
CA ALA A 59 21.56 -33.80 9.61
C ALA A 59 21.60 -32.28 9.47
N VAL A 60 21.95 -31.81 8.27
CA VAL A 60 22.10 -30.38 8.00
C VAL A 60 21.46 -29.97 6.66
N ASN A 61 21.29 -28.67 6.46
CA ASN A 61 20.75 -28.13 5.22
C ASN A 61 21.84 -27.84 4.18
N ALA A 62 21.79 -28.56 3.06
CA ALA A 62 22.79 -28.43 2.00
C ALA A 62 22.82 -27.04 1.37
N CYS A 63 21.68 -26.35 1.39
CA CYS A 63 21.58 -25.03 0.78
C CYS A 63 22.23 -23.92 1.61
N LEU A 64 22.32 -24.14 2.91
CA LEU A 64 22.93 -23.17 3.82
C LEU A 64 24.45 -23.35 3.87
N MET A 65 24.87 -24.61 3.89
CA MET A 65 26.27 -24.99 3.99
C MET A 65 27.06 -24.69 2.72
N MET A 66 28.22 -24.08 2.89
CA MET A 66 29.14 -23.81 1.79
C MET A 66 30.28 -24.82 1.80
N LEU A 67 30.82 -25.12 0.62
CA LEU A 67 31.80 -26.21 0.45
C LEU A 67 32.96 -26.28 1.47
N PRO A 68 33.76 -25.19 1.61
CA PRO A 68 34.90 -25.24 2.52
C PRO A 68 34.60 -25.82 3.91
N GLN A 69 33.33 -25.79 4.32
CA GLN A 69 32.92 -26.27 5.64
C GLN A 69 32.96 -27.78 5.79
N ILE A 70 32.78 -28.51 4.69
CA ILE A 70 32.76 -29.98 4.74
C ILE A 70 34.13 -30.61 4.58
N ALA A 71 35.17 -29.77 4.53
CA ALA A 71 36.55 -30.25 4.43
C ALA A 71 36.88 -31.22 5.55
N GLY A 72 37.37 -32.40 5.18
CA GLY A 72 37.74 -33.45 6.13
C GLY A 72 36.57 -34.05 6.89
N LYS A 73 35.39 -34.07 6.26
CA LYS A 73 34.19 -34.65 6.86
C LYS A 73 33.66 -35.81 6.01
N ALA A 74 32.60 -36.44 6.49
CA ALA A 74 31.97 -37.54 5.76
C ALA A 74 30.55 -37.17 5.38
N LEU A 75 30.37 -36.78 4.12
CA LEU A 75 29.08 -36.40 3.59
C LEU A 75 28.31 -37.61 3.07
N ARG A 76 27.04 -37.72 3.48
CA ARG A 76 26.19 -38.82 3.09
C ARG A 76 24.82 -38.29 2.66
N THR A 77 24.58 -38.27 1.35
CA THR A 77 23.33 -37.76 0.76
C THR A 77 22.27 -38.87 0.67
N ILE A 78 21.16 -38.59 -0.02
CA ILE A 78 20.07 -39.57 -0.18
C ILE A 78 20.48 -40.76 -1.04
N GLU A 79 21.25 -40.51 -2.09
CA GLU A 79 21.69 -41.57 -3.00
C GLU A 79 22.71 -42.51 -2.34
N GLY A 80 23.03 -42.24 -1.08
CA GLY A 80 23.96 -43.07 -0.31
C GLY A 80 23.37 -43.67 0.96
N ILE A 81 22.09 -43.44 1.21
CA ILE A 81 21.43 -43.97 2.41
C ILE A 81 21.23 -45.50 2.31
N ALA A 82 21.11 -46.00 1.09
CA ALA A 82 20.99 -47.44 0.85
C ALA A 82 22.35 -48.11 0.78
N ALA A 83 22.39 -49.40 1.10
CA ALA A 83 23.63 -50.18 1.13
C ALA A 83 24.26 -50.32 -0.25
N PRO A 84 25.60 -50.48 -0.30
CA PRO A 84 26.33 -50.68 -1.57
C PRO A 84 25.74 -51.81 -2.43
N ASP A 85 25.32 -52.89 -1.79
CA ASP A 85 24.74 -54.02 -2.50
C ASP A 85 23.34 -53.74 -3.05
N GLY A 86 22.76 -52.62 -2.61
CA GLY A 86 21.42 -52.19 -3.05
C GLY A 86 20.32 -52.34 -2.00
N ARG A 87 20.63 -53.02 -0.90
CA ARG A 87 19.67 -53.26 0.17
C ARG A 87 19.23 -51.96 0.83
N LEU A 88 17.92 -51.80 0.99
CA LEU A 88 17.34 -50.58 1.56
C LEU A 88 17.56 -50.46 3.07
N HIS A 89 17.86 -49.25 3.52
CA HIS A 89 17.94 -48.90 4.93
C HIS A 89 16.62 -49.23 5.63
N PRO A 90 16.66 -49.61 6.93
CA PRO A 90 15.44 -49.80 7.72
C PRO A 90 14.49 -48.60 7.65
N VAL A 91 15.04 -47.40 7.59
CA VAL A 91 14.29 -46.15 7.42
C VAL A 91 13.51 -46.11 6.10
N GLN A 92 14.19 -46.40 4.99
CA GLN A 92 13.61 -46.34 3.64
C GLN A 92 12.44 -47.30 3.45
N GLN A 93 12.67 -48.58 3.76
CA GLN A 93 11.66 -49.62 3.63
C GLN A 93 10.40 -49.28 4.42
N ALA A 94 10.60 -48.84 5.67
CA ALA A 94 9.51 -48.49 6.59
C ALA A 94 8.63 -47.36 6.06
N MET A 95 9.23 -46.46 5.28
CA MET A 95 8.51 -45.37 4.64
C MET A 95 7.66 -45.87 3.46
N ILE A 96 8.17 -46.88 2.77
CA ILE A 96 7.40 -47.54 1.70
C ILE A 96 6.25 -48.32 2.34
N ASP A 97 6.55 -49.05 3.41
CA ASP A 97 5.56 -49.82 4.14
C ASP A 97 4.46 -48.95 4.72
N HIS A 98 4.86 -47.84 5.34
CA HIS A 98 3.92 -46.97 6.03
C HIS A 98 3.48 -45.75 5.22
N HIS A 99 3.53 -45.89 3.89
CA HIS A 99 3.08 -44.84 2.96
C HIS A 99 3.52 -43.43 3.41
N GLY A 100 4.78 -43.30 3.74
CA GLY A 100 5.33 -42.05 4.26
C GLY A 100 5.53 -40.99 3.19
N SER A 101 5.38 -41.39 1.94
CA SER A 101 5.48 -40.45 0.83
C SER A 101 4.18 -40.41 0.02
N GLN A 102 3.96 -39.28 -0.65
CA GLN A 102 2.85 -39.13 -1.59
C GLN A 102 3.34 -38.59 -2.93
N CYS A 103 3.68 -37.31 -2.98
CA CYS A 103 4.27 -36.71 -4.19
C CYS A 103 5.75 -37.07 -4.28
N GLY A 104 6.33 -37.36 -3.13
CA GLY A 104 7.71 -37.85 -3.02
C GLY A 104 8.78 -36.79 -2.86
N PHE A 105 8.47 -35.55 -3.25
CA PHE A 105 9.50 -34.50 -3.33
C PHE A 105 10.21 -34.16 -2.02
N CYS A 106 9.53 -34.37 -0.89
CA CYS A 106 10.13 -34.11 0.42
C CYS A 106 10.77 -35.36 1.02
N THR A 107 10.63 -36.49 0.34
CA THR A 107 11.12 -37.77 0.87
C THR A 107 12.66 -37.84 1.06
N PRO A 108 13.45 -37.44 0.03
CA PRO A 108 14.90 -37.51 0.23
C PRO A 108 15.36 -36.82 1.52
N GLY A 109 14.80 -35.65 1.81
CA GLY A 109 15.11 -34.89 3.03
C GLY A 109 14.80 -35.62 4.34
N PHE A 110 13.59 -36.20 4.40
CA PHE A 110 13.15 -36.98 5.56
C PHE A 110 14.00 -38.24 5.78
N ILE A 111 14.29 -38.95 4.69
CA ILE A 111 15.09 -40.17 4.76
C ILE A 111 16.48 -39.88 5.33
N VAL A 112 17.10 -38.80 4.86
CA VAL A 112 18.38 -38.37 5.42
C VAL A 112 18.22 -37.98 6.90
N SER A 113 17.23 -37.14 7.21
CA SER A 113 16.93 -36.74 8.59
C SER A 113 16.62 -37.93 9.50
N MET A 114 15.94 -38.94 8.97
CA MET A 114 15.64 -40.14 9.76
C MET A 114 16.85 -41.07 9.88
N ALA A 115 17.64 -41.18 8.82
CA ALA A 115 18.84 -42.02 8.81
C ALA A 115 19.90 -41.52 9.79
N ALA A 116 20.14 -40.21 9.77
CA ALA A 116 21.06 -39.57 10.72
C ALA A 116 20.55 -39.72 12.15
N ALA A 117 19.23 -39.68 12.32
CA ALA A 117 18.60 -39.86 13.62
C ALA A 117 18.74 -41.31 14.06
N HIS A 118 18.58 -42.22 13.11
CA HIS A 118 18.71 -43.65 13.35
C HIS A 118 20.15 -44.02 13.73
N ASP A 119 21.11 -43.32 13.11
CA ASP A 119 22.54 -43.53 13.33
C ASP A 119 23.00 -43.19 14.75
N ARG A 120 22.25 -42.33 15.43
CA ARG A 120 22.54 -41.97 16.83
C ARG A 120 21.42 -42.38 17.78
N ASP A 121 20.59 -43.32 17.34
CA ASP A 121 19.45 -43.85 18.13
C ASP A 121 18.58 -42.75 18.75
N ARG A 122 18.51 -41.60 18.10
CA ARG A 122 17.69 -40.48 18.56
C ARG A 122 16.22 -40.67 18.19
N LYS A 123 15.33 -40.32 19.12
CA LYS A 123 13.90 -40.66 19.00
C LYS A 123 12.89 -39.51 19.12
N ASP A 124 13.35 -38.32 19.49
CA ASP A 124 12.46 -37.15 19.62
C ASP A 124 12.07 -36.59 18.24
N TYR A 125 11.19 -37.32 17.55
CA TYR A 125 10.90 -37.08 16.13
C TYR A 125 10.26 -35.74 15.84
N ASP A 126 9.39 -35.27 16.75
CA ASP A 126 8.80 -33.94 16.65
C ASP A 126 9.86 -32.86 16.42
N ASP A 127 10.88 -32.87 17.29
CA ASP A 127 11.96 -31.90 17.22
C ASP A 127 12.95 -32.24 16.11
N LEU A 128 13.20 -33.53 15.93
CA LEU A 128 14.15 -34.01 14.93
C LEU A 128 13.73 -33.69 13.50
N LEU A 129 12.44 -33.78 13.22
CA LEU A 129 11.91 -33.59 11.86
C LEU A 129 11.10 -32.31 11.70
N ALA A 130 11.23 -31.41 12.67
CA ALA A 130 10.55 -30.11 12.63
C ALA A 130 11.01 -29.30 11.43
N GLY A 131 12.30 -29.39 11.12
CA GLY A 131 12.88 -28.71 9.96
C GLY A 131 12.55 -29.34 8.63
N ASN A 132 11.75 -30.39 8.62
CA ASN A 132 11.34 -31.08 7.40
C ASN A 132 9.86 -30.88 7.05
N LEU A 133 9.60 -30.02 6.08
CA LEU A 133 8.24 -29.71 5.66
C LEU A 133 7.73 -30.69 4.62
N CYS A 134 6.58 -31.30 4.90
CA CYS A 134 5.81 -32.07 3.93
C CYS A 134 4.41 -31.49 3.83
N ARG A 135 3.94 -31.29 2.60
CA ARG A 135 2.66 -30.66 2.31
C ARG A 135 1.61 -31.68 1.86
N CYS A 136 1.95 -32.96 1.89
CA CYS A 136 1.09 -34.02 1.37
C CYS A 136 0.43 -34.93 2.41
N THR A 137 1.23 -35.42 3.36
CA THR A 137 0.88 -36.65 4.09
C THR A 137 0.19 -36.45 5.44
N GLY A 138 0.41 -35.30 6.07
CA GLY A 138 -0.12 -35.02 7.39
C GLY A 138 0.82 -35.48 8.48
N TYR A 139 2.01 -35.93 8.08
CA TYR A 139 3.09 -36.35 8.99
C TYR A 139 2.84 -37.65 9.74
N ALA A 140 1.58 -38.02 9.90
CA ALA A 140 1.19 -39.23 10.61
C ALA A 140 1.90 -40.50 10.13
N PRO A 141 1.90 -40.77 8.79
CA PRO A 141 2.62 -41.94 8.28
C PRO A 141 4.14 -41.88 8.46
N ILE A 142 4.70 -40.68 8.51
CA ILE A 142 6.14 -40.50 8.70
C ILE A 142 6.57 -40.84 10.13
N LEU A 143 5.65 -40.63 11.10
CA LEU A 143 5.91 -41.01 12.49
C LEU A 143 5.88 -42.53 12.66
N ARG A 144 4.86 -43.18 12.09
CA ARG A 144 4.77 -44.64 12.10
C ARG A 144 6.04 -45.27 11.52
N ALA A 145 6.40 -44.83 10.33
CA ALA A 145 7.60 -45.30 9.64
C ALA A 145 8.84 -45.19 10.54
N ALA A 146 9.01 -44.03 11.18
CA ALA A 146 10.14 -43.79 12.07
C ALA A 146 10.17 -44.75 13.24
N GLU A 147 9.01 -44.93 13.88
CA GLU A 147 8.88 -45.81 15.02
C GLU A 147 9.08 -47.28 14.64
N ALA A 148 8.58 -47.66 13.46
CA ALA A 148 8.72 -49.01 12.93
C ALA A 148 10.16 -49.38 12.59
N ALA A 149 10.95 -48.38 12.18
CA ALA A 149 12.34 -48.59 11.81
C ALA A 149 13.27 -48.43 13.01
N ALA A 150 12.75 -47.89 14.10
CA ALA A 150 13.51 -47.68 15.34
C ALA A 150 13.88 -49.01 16.01
N GLY A 151 13.02 -50.01 15.85
CA GLY A 151 13.29 -51.36 16.33
C GLY A 151 14.13 -52.15 15.35
N GLU A 152 15.16 -51.51 14.82
CA GLU A 152 16.08 -52.13 13.85
C GLU A 152 17.51 -51.70 14.15
N PRO A 153 18.50 -52.59 13.83
CA PRO A 153 19.91 -52.27 14.01
C PRO A 153 20.37 -51.14 13.09
N PRO A 154 21.31 -50.29 13.56
CA PRO A 154 21.88 -49.20 12.76
C PRO A 154 22.58 -49.72 11.51
N ALA A 155 22.58 -48.91 10.45
CA ALA A 155 23.25 -49.27 9.21
C ALA A 155 24.77 -49.26 9.39
N ASP A 156 25.39 -50.41 9.13
CA ASP A 156 26.83 -50.56 9.30
C ASP A 156 27.64 -49.81 8.24
N TRP A 157 27.12 -49.77 7.01
CA TRP A 157 27.78 -49.06 5.91
C TRP A 157 27.80 -47.55 6.14
N LEU A 158 26.82 -47.05 6.90
CA LEU A 158 26.79 -45.65 7.30
C LEU A 158 27.75 -45.38 8.46
N GLN A 159 27.91 -46.36 9.34
CA GLN A 159 28.82 -46.24 10.48
C GLN A 159 30.28 -46.42 10.09
N ALA A 160 30.50 -46.99 8.90
CA ALA A 160 31.83 -47.22 8.34
C ALA A 160 32.56 -45.93 7.99
N ASP A 161 31.80 -44.86 7.72
CA ASP A 161 32.38 -43.57 7.35
C ASP A 161 33.17 -42.90 8.48
N ALA A 162 32.91 -43.35 9.72
CA ALA A 162 33.58 -42.84 10.92
C ALA A 162 35.10 -42.99 10.86
N ALA A 163 35.56 -44.08 10.24
CA ALA A 163 36.98 -44.35 10.08
C ALA A 163 37.63 -43.50 8.99
N PHE A 164 37.23 -42.23 8.88
CA PHE A 164 37.80 -41.34 7.88
C PHE A 164 38.80 -40.35 8.47
N THR A 165 39.94 -40.23 7.80
CA THR A 165 41.09 -39.38 8.19
C THR A 165 41.51 -39.46 9.68
N LEU A 166 41.39 -40.67 10.25
CA LEU A 166 41.77 -40.90 11.65
C LEU A 166 43.11 -41.60 11.77
N PRO A 179 41.85 -18.27 -1.43
CA PRO A 179 40.49 -17.93 -1.81
C PRO A 179 39.60 -17.63 -0.59
N ALA A 180 39.81 -18.38 0.49
CA ALA A 180 39.06 -18.20 1.74
C ALA A 180 39.88 -18.73 2.91
N PHE A 181 40.14 -17.87 3.89
CA PHE A 181 40.95 -18.23 5.04
C PHE A 181 40.21 -19.16 6.01
N LEU A 182 40.87 -20.25 6.38
CA LEU A 182 40.35 -21.20 7.36
C LEU A 182 41.30 -21.29 8.55
N PRO A 183 40.99 -20.59 9.66
CA PRO A 183 41.84 -20.64 10.86
C PRO A 183 41.71 -21.94 11.63
N GLU A 184 42.85 -22.53 11.98
CA GLU A 184 42.90 -23.73 12.82
C GLU A 184 42.63 -23.36 14.26
N THR A 185 43.21 -22.23 14.69
CA THR A 185 43.15 -21.77 16.09
C THR A 185 42.79 -20.29 16.18
N SER A 186 42.31 -19.89 17.36
CA SER A 186 41.86 -18.52 17.62
C SER A 186 42.95 -17.48 17.38
N ASP A 187 44.19 -17.83 17.71
CA ASP A 187 45.35 -16.97 17.45
C ASP A 187 45.46 -16.65 15.96
N ALA A 188 45.45 -17.70 15.14
CA ALA A 188 45.57 -17.57 13.69
C ALA A 188 44.49 -16.66 13.12
N LEU A 189 43.29 -16.75 13.69
CA LEU A 189 42.17 -15.91 13.28
C LEU A 189 42.36 -14.45 13.71
N ALA A 190 42.81 -14.28 14.96
CA ALA A 190 43.00 -12.97 15.56
C ALA A 190 44.00 -12.11 14.77
N ASP A 191 45.10 -12.72 14.34
CA ASP A 191 46.13 -12.06 13.54
C ASP A 191 45.57 -11.63 12.17
N TRP A 192 44.83 -12.53 11.55
CA TRP A 192 44.29 -12.36 10.20
C TRP A 192 43.18 -11.30 10.14
N TYR A 193 42.23 -11.40 11.06
CA TYR A 193 41.10 -10.47 11.12
C TYR A 193 41.53 -9.06 11.53
N LEU A 194 42.67 -8.99 12.24
CA LEU A 194 43.28 -7.73 12.65
C LEU A 194 43.77 -6.93 11.44
N ALA A 195 44.30 -7.63 10.45
CA ALA A 195 44.75 -7.01 9.21
C ALA A 195 43.63 -6.93 8.16
N HIS A 196 42.56 -7.70 8.37
CA HIS A 196 41.43 -7.73 7.45
C HIS A 196 40.10 -7.40 8.15
N PRO A 197 39.89 -6.11 8.48
CA PRO A 197 38.69 -5.72 9.25
C PRO A 197 37.39 -5.77 8.43
N GLU A 198 37.51 -5.62 7.11
CA GLU A 198 36.37 -5.57 6.20
C GLU A 198 35.91 -6.96 5.72
N ALA A 199 36.57 -8.00 6.22
CA ALA A 199 36.30 -9.37 5.79
C ALA A 199 34.97 -9.92 6.30
N THR A 200 34.35 -10.76 5.49
CA THR A 200 33.11 -11.43 5.86
C THR A 200 33.43 -12.73 6.61
N LEU A 201 33.22 -12.71 7.92
CA LEU A 201 33.42 -13.90 8.74
C LEU A 201 32.22 -14.82 8.62
N ILE A 202 32.48 -16.11 8.42
CA ILE A 202 31.41 -17.11 8.34
C ILE A 202 31.58 -18.22 9.37
N ALA A 203 30.60 -18.35 10.26
CA ALA A 203 30.60 -19.40 11.28
C ALA A 203 29.78 -20.58 10.79
N GLY A 204 28.47 -20.54 11.05
CA GLY A 204 27.54 -21.54 10.54
C GLY A 204 27.15 -21.22 9.10
N GLY A 205 26.84 -19.96 8.86
CA GLY A 205 26.44 -19.51 7.53
C GLY A 205 24.93 -19.44 7.35
N THR A 206 24.20 -19.68 8.44
CA THR A 206 22.73 -19.72 8.40
C THR A 206 22.10 -18.33 8.31
N ASP A 207 22.94 -17.29 8.29
CA ASP A 207 22.51 -15.93 8.01
C ASP A 207 23.24 -15.36 6.80
N VAL A 208 24.54 -15.66 6.72
CA VAL A 208 25.40 -15.15 5.64
C VAL A 208 24.97 -15.69 4.28
N SER A 209 24.64 -16.98 4.23
CA SER A 209 24.30 -17.65 2.97
C SER A 209 22.95 -17.22 2.39
N LEU A 210 22.11 -16.59 3.21
CA LEU A 210 20.88 -16.00 2.71
C LEU A 210 21.14 -14.75 1.86
N TRP A 211 22.23 -14.04 2.16
CA TRP A 211 22.63 -12.86 1.37
C TRP A 211 23.03 -13.25 -0.05
N VAL A 212 23.57 -14.46 -0.21
CA VAL A 212 24.00 -14.94 -1.52
C VAL A 212 22.86 -15.59 -2.34
N THR A 213 22.01 -16.36 -1.66
CA THR A 213 20.89 -17.07 -2.33
C THR A 213 19.68 -16.19 -2.60
N LYS A 214 19.39 -15.27 -1.68
CA LYS A 214 18.21 -14.41 -1.80
C LYS A 214 18.55 -12.97 -2.18
N ALA A 215 19.37 -12.30 -1.36
CA ALA A 215 19.80 -10.93 -1.65
C ALA A 215 20.72 -10.85 -2.87
N LEU A 216 21.14 -12.01 -3.36
CA LEU A 216 22.04 -12.15 -4.52
C LEU A 216 23.27 -11.26 -4.41
N ARG A 217 23.95 -11.37 -3.26
CA ARG A 217 25.16 -10.59 -3.00
C ARG A 217 26.43 -11.41 -3.24
N ASP A 218 27.49 -10.70 -3.65
CA ASP A 218 28.80 -11.29 -3.78
C ASP A 218 29.59 -10.93 -2.53
N LEU A 219 30.47 -11.82 -2.10
CA LEU A 219 31.26 -11.59 -0.90
C LEU A 219 32.75 -11.83 -1.14
N PRO A 220 33.54 -10.74 -1.20
CA PRO A 220 34.99 -10.87 -1.25
C PRO A 220 35.58 -10.89 0.17
N GLU A 221 36.77 -11.50 0.30
CA GLU A 221 37.46 -11.64 1.58
C GLU A 221 36.60 -12.38 2.62
N VAL A 222 36.76 -13.71 2.65
CA VAL A 222 35.95 -14.59 3.48
C VAL A 222 36.82 -15.44 4.41
N ALA A 223 36.30 -15.76 5.58
CA ALA A 223 36.96 -16.68 6.51
C ALA A 223 35.97 -17.62 7.17
N PHE A 224 36.36 -18.89 7.33
CA PHE A 224 35.48 -19.90 7.93
C PHE A 224 35.90 -20.29 9.35
N LEU A 225 35.03 -19.96 10.30
CA LEU A 225 35.33 -20.16 11.72
C LEU A 225 34.97 -21.56 12.23
N SER A 226 34.26 -22.33 11.41
CA SER A 226 33.79 -23.67 11.80
C SER A 226 34.90 -24.71 11.91
N HIS A 227 36.12 -24.34 11.52
CA HIS A 227 37.29 -25.22 11.62
C HIS A 227 38.24 -24.79 12.73
N CYS A 228 37.68 -24.32 13.84
CA CYS A 228 38.46 -23.69 14.91
C CYS A 228 38.03 -24.18 16.29
N LYS A 229 38.55 -25.34 16.70
CA LYS A 229 38.10 -26.05 17.91
C LYS A 229 38.13 -25.23 19.21
N ASP A 230 39.17 -24.41 19.38
CA ASP A 230 39.36 -23.63 20.62
C ASP A 230 38.37 -22.46 20.77
N LEU A 231 37.66 -22.15 19.69
CA LEU A 231 36.61 -21.15 19.68
C LEU A 231 35.27 -21.78 20.03
N ALA A 232 35.19 -23.10 19.83
CA ALA A 232 33.96 -23.85 20.05
C ALA A 232 34.06 -24.69 21.33
N GLN A 233 34.20 -24.00 22.47
CA GLN A 233 34.40 -24.68 23.75
C GLN A 233 33.37 -24.31 24.81
N ILE A 234 32.92 -25.31 25.56
CA ILE A 234 32.16 -25.06 26.78
C ILE A 234 33.02 -25.48 27.98
N ARG A 235 33.60 -24.49 28.64
CA ARG A 235 34.46 -24.71 29.80
C ARG A 235 33.81 -24.20 31.07
N GLU A 236 34.24 -24.74 32.20
CA GLU A 236 33.75 -24.31 33.51
C GLU A 236 34.76 -23.39 34.19
N THR A 237 34.38 -22.13 34.37
CA THR A 237 35.19 -21.14 35.08
C THR A 237 34.68 -20.97 36.52
N PRO A 238 35.57 -20.62 37.47
CA PRO A 238 35.16 -20.42 38.87
C PRO A 238 33.86 -19.63 39.04
N ASP A 239 33.63 -18.65 38.17
CA ASP A 239 32.44 -17.78 38.25
C ASP A 239 31.21 -18.32 37.53
N GLY A 240 31.41 -19.25 36.59
CA GLY A 240 30.31 -19.84 35.84
C GLY A 240 30.74 -20.74 34.69
N TYR A 241 30.17 -20.51 33.51
CA TYR A 241 30.53 -21.28 32.31
C TYR A 241 30.88 -20.35 31.16
N GLY A 242 32.12 -20.45 30.70
CA GLY A 242 32.63 -19.62 29.59
C GLY A 242 32.41 -20.28 28.25
N ILE A 243 31.26 -20.01 27.66
CA ILE A 243 30.84 -20.67 26.42
C ILE A 243 31.35 -19.92 25.20
N GLY A 244 32.16 -20.61 24.40
CA GLY A 244 32.79 -20.04 23.22
C GLY A 244 31.82 -19.72 22.11
N ALA A 245 32.19 -18.75 21.27
CA ALA A 245 31.32 -18.28 20.19
C ALA A 245 31.13 -19.31 19.07
N GLY A 246 32.05 -20.28 19.00
CA GLY A 246 31.99 -21.33 17.98
C GLY A 246 31.07 -22.48 18.32
N VAL A 247 30.54 -22.49 19.54
CA VAL A 247 29.62 -23.52 20.01
C VAL A 247 28.28 -23.43 19.26
N THR A 248 27.82 -24.58 18.76
CA THR A 248 26.55 -24.64 18.03
C THR A 248 25.37 -24.54 18.98
N ILE A 249 24.25 -24.01 18.48
CA ILE A 249 23.01 -23.89 19.27
C ILE A 249 22.56 -25.26 19.75
N ALA A 250 22.68 -26.26 18.89
CA ALA A 250 22.41 -27.65 19.23
C ALA A 250 23.25 -28.09 20.42
N ALA A 251 24.50 -27.63 20.45
CA ALA A 251 25.43 -27.95 21.54
C ALA A 251 25.10 -27.19 22.81
N LEU A 252 24.78 -25.90 22.68
CA LEU A 252 24.41 -25.07 23.83
C LEU A 252 23.13 -25.59 24.50
N ARG A 253 22.17 -26.03 23.70
CA ARG A 253 20.95 -26.63 24.23
C ARG A 253 21.26 -27.91 25.00
N ALA A 254 22.20 -28.70 24.46
CA ALA A 254 22.61 -29.96 25.06
C ALA A 254 23.26 -29.73 26.43
N PHE A 255 24.13 -28.72 26.51
CA PHE A 255 24.80 -28.37 27.76
C PHE A 255 23.82 -27.80 28.79
N ALA A 256 22.92 -26.93 28.34
CA ALA A 256 21.96 -26.27 29.21
C ALA A 256 20.94 -27.23 29.82
N GLU A 257 20.78 -28.39 29.21
CA GLU A 257 19.88 -29.44 29.73
C GLU A 257 19.95 -29.55 31.26
N GLY A 258 21.17 -29.52 31.79
CA GLY A 258 21.40 -29.57 33.24
C GLY A 258 21.33 -28.22 33.94
N PRO A 259 22.41 -27.42 33.85
CA PRO A 259 22.52 -26.09 34.49
C PRO A 259 21.33 -25.14 34.28
N HIS A 260 20.92 -24.96 33.02
CA HIS A 260 19.84 -24.03 32.68
C HIS A 260 18.75 -24.69 31.82
N PRO A 261 17.83 -25.44 32.46
CA PRO A 261 16.70 -26.08 31.74
C PRO A 261 15.84 -25.10 30.95
N ALA A 262 15.75 -23.86 31.42
CA ALA A 262 14.94 -22.82 30.79
C ALA A 262 15.49 -22.38 29.43
N LEU A 263 16.80 -22.17 29.34
CA LEU A 263 17.44 -21.83 28.07
C LEU A 263 17.38 -23.00 27.09
N ALA A 264 17.60 -24.22 27.61
CA ALA A 264 17.50 -25.45 26.84
C ALA A 264 16.09 -25.64 26.29
N GLY A 265 15.09 -25.34 27.12
CA GLY A 265 13.68 -25.40 26.74
C GLY A 265 13.33 -24.36 25.69
N LEU A 266 13.99 -23.20 25.76
CA LEU A 266 13.84 -22.18 24.74
C LEU A 266 14.53 -22.57 23.44
N LEU A 267 15.75 -23.09 23.54
CA LEU A 267 16.54 -23.44 22.35
C LEU A 267 15.96 -24.60 21.53
N ARG A 268 15.07 -25.39 22.16
CA ARG A 268 14.32 -26.42 21.45
C ARG A 268 13.61 -25.82 20.24
N ARG A 269 12.96 -24.68 20.44
CA ARG A 269 12.24 -23.97 19.38
C ARG A 269 13.12 -22.95 18.62
N PHE A 270 14.44 -23.05 18.76
CA PHE A 270 15.37 -22.28 17.94
C PHE A 270 15.50 -22.97 16.59
N ALA A 271 15.12 -22.26 15.53
CA ALA A 271 15.24 -22.74 14.14
C ALA A 271 14.72 -24.17 13.94
N SER A 272 15.60 -25.07 13.52
CA SER A 272 15.34 -26.50 13.45
C SER A 272 16.63 -27.27 13.80
N GLU A 273 16.54 -28.59 13.83
CA GLU A 273 17.72 -29.42 14.09
C GLU A 273 18.78 -29.24 13.00
N GLN A 274 18.35 -29.18 11.74
CA GLN A 274 19.26 -28.99 10.61
C GLN A 274 19.99 -27.64 10.62
N VAL A 275 19.44 -26.68 11.34
CA VAL A 275 20.05 -25.35 11.48
C VAL A 275 20.84 -25.22 12.78
N ARG A 276 20.28 -25.74 13.87
CA ARG A 276 20.94 -25.74 15.18
C ARG A 276 22.32 -26.41 15.16
N GLN A 277 22.48 -27.40 14.29
CA GLN A 277 23.73 -28.16 14.18
C GLN A 277 24.92 -27.34 13.66
N VAL A 278 24.64 -26.23 12.98
CA VAL A 278 25.71 -25.40 12.41
C VAL A 278 25.62 -23.93 12.82
N ALA A 279 24.43 -23.48 13.21
CA ALA A 279 24.24 -22.13 13.73
C ALA A 279 24.90 -22.01 15.10
N THR A 280 25.59 -20.89 15.33
CA THR A 280 26.34 -20.69 16.57
C THR A 280 25.83 -19.50 17.40
N ILE A 281 26.23 -19.47 18.67
CA ILE A 281 25.85 -18.39 19.60
C ILE A 281 26.56 -17.09 19.24
N GLY A 282 27.83 -17.20 18.85
CA GLY A 282 28.60 -16.05 18.38
C GLY A 282 28.00 -15.45 17.13
N GLY A 283 27.49 -16.31 16.24
CA GLY A 283 26.81 -15.88 15.03
C GLY A 283 25.48 -15.19 15.31
N ASN A 284 24.73 -15.77 16.24
CA ASN A 284 23.44 -15.21 16.65
C ASN A 284 23.59 -13.88 17.37
N ILE A 285 24.67 -13.75 18.15
CA ILE A 285 24.97 -12.51 18.85
C ILE A 285 25.57 -11.45 17.92
N ALA A 286 26.53 -11.86 17.09
CA ALA A 286 27.20 -10.94 16.14
C ALA A 286 26.32 -10.52 14.96
N ASN A 287 25.24 -11.26 14.74
CA ASN A 287 24.22 -10.84 13.78
C ASN A 287 23.51 -9.58 14.27
N GLY A 288 23.18 -9.56 15.56
CA GLY A 288 22.56 -8.40 16.21
C GLY A 288 21.13 -8.18 15.76
N SER A 289 20.33 -9.23 15.86
CA SER A 289 18.93 -9.17 15.44
C SER A 289 18.02 -8.86 16.62
N PRO A 290 17.10 -7.90 16.46
CA PRO A 290 16.10 -7.59 17.49
C PRO A 290 15.10 -8.74 17.66
N ILE A 291 15.11 -9.68 16.73
CA ILE A 291 14.27 -10.87 16.82
C ILE A 291 15.11 -12.13 17.10
N GLY A 292 16.42 -11.95 17.27
CA GLY A 292 17.32 -13.03 17.67
C GLY A 292 16.93 -13.54 19.05
N ASP A 293 16.93 -14.87 19.22
CA ASP A 293 16.37 -15.51 20.42
C ASP A 293 17.41 -15.79 21.51
N GLY A 294 18.66 -15.94 21.10
CA GLY A 294 19.78 -16.08 22.04
C GLY A 294 19.87 -14.94 23.04
N PRO A 295 20.19 -13.72 22.56
CA PRO A 295 20.41 -12.58 23.47
C PRO A 295 19.34 -12.36 24.57
N PRO A 296 18.03 -12.34 24.21
CA PRO A 296 17.02 -12.10 25.25
C PRO A 296 17.09 -13.08 26.41
N ALA A 297 17.44 -14.33 26.11
CA ALA A 297 17.64 -15.33 27.14
C ALA A 297 18.85 -15.00 28.00
N LEU A 298 19.99 -14.78 27.33
CA LEU A 298 21.26 -14.57 28.02
C LEU A 298 21.31 -13.27 28.84
N ILE A 299 20.74 -12.20 28.28
CA ILE A 299 20.63 -10.91 28.99
C ILE A 299 19.81 -11.07 30.28
N ALA A 300 18.63 -11.69 30.16
CA ALA A 300 17.76 -11.94 31.31
C ALA A 300 18.44 -12.74 32.43
N MET A 301 19.42 -13.57 32.06
CA MET A 301 20.18 -14.31 33.07
C MET A 301 21.56 -13.69 33.36
N GLY A 302 21.71 -12.41 32.99
CA GLY A 302 22.91 -11.64 33.29
C GLY A 302 24.20 -12.30 32.86
N ALA A 303 24.27 -12.66 31.59
CA ALA A 303 25.48 -13.24 31.01
C ALA A 303 26.38 -12.14 30.47
N SER A 304 27.69 -12.33 30.61
CA SER A 304 28.67 -11.38 30.10
C SER A 304 29.20 -11.83 28.75
N LEU A 305 29.49 -10.86 27.89
CA LEU A 305 30.05 -11.13 26.57
C LEU A 305 31.55 -10.83 26.59
N THR A 306 32.31 -11.59 25.79
CA THR A 306 33.74 -11.38 25.65
C THR A 306 34.12 -11.16 24.19
N LEU A 307 34.71 -9.99 23.90
CA LEU A 307 35.15 -9.63 22.55
C LEU A 307 36.67 -9.67 22.44
N ARG A 308 37.17 -10.09 21.29
CA ARG A 308 38.61 -10.16 21.05
C ARG A 308 39.00 -9.41 19.77
N ARG A 309 39.93 -8.47 19.92
CA ARG A 309 40.45 -7.70 18.78
C ARG A 309 41.90 -8.11 18.51
N GLY A 310 42.10 -9.40 18.24
CA GLY A 310 43.43 -9.96 18.10
C GLY A 310 43.98 -10.37 19.45
N GLN A 311 44.50 -9.38 20.18
CA GLN A 311 44.98 -9.59 21.53
C GLN A 311 44.08 -8.88 22.55
N GLU A 312 43.51 -7.75 22.13
CA GLU A 312 42.55 -6.99 22.94
C GLU A 312 41.40 -7.89 23.38
N ARG A 313 41.03 -7.81 24.66
CA ARG A 313 39.95 -8.64 25.18
C ARG A 313 38.95 -7.86 26.05
N ARG A 314 38.04 -7.15 25.40
CA ARG A 314 36.99 -6.40 26.08
C ARG A 314 35.91 -7.31 26.66
N ARG A 315 35.35 -6.91 27.79
CA ARG A 315 34.24 -7.62 28.42
C ARG A 315 33.12 -6.64 28.74
N MET A 316 31.87 -7.11 28.68
CA MET A 316 30.71 -6.27 29.00
C MET A 316 29.44 -7.09 29.25
N PRO A 317 28.41 -6.47 29.87
CA PRO A 317 27.09 -7.09 29.90
C PRO A 317 26.55 -7.20 28.48
N LEU A 318 25.93 -8.34 28.15
CA LEU A 318 25.49 -8.60 26.78
C LEU A 318 24.59 -7.49 26.22
N GLU A 319 23.67 -7.00 27.04
CA GLU A 319 22.76 -5.93 26.64
C GLU A 319 23.47 -4.65 26.17
N ASP A 320 24.67 -4.42 26.70
CA ASP A 320 25.47 -3.25 26.35
C ASP A 320 26.10 -3.36 24.97
N PHE A 321 26.21 -4.59 24.45
CA PHE A 321 26.78 -4.84 23.13
C PHE A 321 25.90 -4.26 22.02
N PHE A 322 24.59 -4.39 22.19
CA PHE A 322 23.62 -3.90 21.21
C PHE A 322 23.28 -2.44 21.48
N LEU A 323 23.79 -1.55 20.62
CA LEU A 323 23.57 -0.11 20.76
C LEU A 323 22.27 0.32 20.09
N GLU A 324 22.22 0.18 18.76
CA GLU A 324 21.05 0.52 17.95
C GLU A 324 20.82 -0.55 16.89
N TYR A 325 19.72 -0.44 16.14
CA TYR A 325 19.43 -1.37 15.04
C TYR A 325 20.52 -1.28 13.98
N ARG A 326 21.04 -2.45 13.58
CA ARG A 326 22.19 -2.56 12.66
C ARG A 326 23.45 -1.87 13.19
N LYS A 327 23.58 -1.84 14.52
CA LYS A 327 24.66 -1.12 15.20
C LYS A 327 25.05 -1.85 16.48
N GLN A 328 26.31 -2.28 16.55
CA GLN A 328 26.80 -3.03 17.70
C GLN A 328 28.12 -2.45 18.21
N ASP A 329 28.38 -2.64 19.51
CA ASP A 329 29.61 -2.15 20.15
C ASP A 329 30.80 -3.01 19.73
N ARG A 330 31.11 -2.97 18.45
CA ARG A 330 32.09 -3.87 17.85
C ARG A 330 33.17 -3.05 17.12
N ARG A 331 34.41 -3.24 17.54
CA ARG A 331 35.55 -2.53 16.93
C ARG A 331 35.92 -3.17 15.59
N PRO A 332 36.52 -2.39 14.67
CA PRO A 332 37.11 -3.00 13.47
C PRO A 332 38.24 -3.95 13.88
N GLY A 333 38.25 -5.15 13.31
CA GLY A 333 39.26 -6.17 13.65
C GLY A 333 38.94 -6.94 14.92
N GLU A 334 37.79 -6.64 15.50
CA GLU A 334 37.33 -7.29 16.72
C GLU A 334 36.20 -8.28 16.42
N PHE A 335 36.31 -9.49 16.99
CA PHE A 335 35.29 -10.52 16.81
C PHE A 335 34.75 -11.02 18.14
N VAL A 336 33.50 -11.50 18.11
CA VAL A 336 32.87 -12.13 19.27
C VAL A 336 33.64 -13.40 19.62
N GLU A 337 34.16 -13.45 20.84
CA GLU A 337 34.99 -14.56 21.25
C GLU A 337 34.20 -15.58 22.08
N SER A 338 33.45 -15.10 23.05
CA SER A 338 32.71 -15.98 23.96
C SER A 338 31.68 -15.24 24.82
N VAL A 339 30.83 -16.03 25.49
CA VAL A 339 29.93 -15.53 26.53
C VAL A 339 30.25 -16.24 27.84
N THR A 340 29.81 -15.67 28.95
CA THR A 340 29.94 -16.32 30.25
C THR A 340 28.60 -16.35 30.98
N LEU A 341 28.11 -17.55 31.23
CA LEU A 341 26.87 -17.74 31.97
C LEU A 341 27.16 -18.04 33.44
N PRO A 342 26.28 -17.58 34.35
CA PRO A 342 26.44 -17.93 35.76
C PRO A 342 26.20 -19.41 35.99
N LYS A 343 26.77 -19.95 37.08
CA LYS A 343 26.59 -21.35 37.45
C LYS A 343 25.11 -21.72 37.61
N SER A 344 24.28 -20.75 37.99
CA SER A 344 22.85 -20.98 38.19
C SER A 344 21.99 -19.76 37.84
N ALA A 345 20.72 -20.02 37.52
CA ALA A 345 19.69 -19.00 37.31
C ALA A 345 18.30 -19.65 37.40
N PRO A 346 17.86 -20.01 38.63
CA PRO A 346 16.61 -20.77 38.81
C PRO A 346 15.36 -19.96 38.52
N GLY A 347 15.47 -18.63 38.59
CA GLY A 347 14.33 -17.74 38.37
C GLY A 347 14.09 -17.40 36.91
N LEU A 348 14.81 -18.07 36.01
CA LEU A 348 14.70 -17.80 34.60
C LEU A 348 13.53 -18.57 33.97
N ARG A 349 12.74 -17.85 33.19
CA ARG A 349 11.75 -18.43 32.28
C ARG A 349 11.91 -17.74 30.93
N CYS A 350 11.58 -18.44 29.85
CA CYS A 350 11.72 -17.87 28.51
C CYS A 350 10.51 -18.18 27.64
N TYR A 351 9.80 -17.13 27.26
CA TYR A 351 8.62 -17.26 26.42
C TYR A 351 8.86 -16.73 25.01
N LYS A 352 8.77 -17.63 24.04
CA LYS A 352 8.84 -17.28 22.63
C LYS A 352 7.44 -17.44 22.04
N LEU A 353 7.00 -16.38 21.36
CA LEU A 353 5.68 -16.37 20.75
C LEU A 353 5.77 -16.17 19.25
N SER A 354 5.09 -17.05 18.52
CA SER A 354 5.04 -16.98 17.07
C SER A 354 3.77 -17.67 16.58
N LYS A 355 3.47 -17.52 15.28
CA LYS A 355 2.28 -18.12 14.67
C LYS A 355 2.28 -19.64 14.83
N ARG A 356 3.38 -20.26 14.43
CA ARG A 356 3.61 -21.70 14.57
C ARG A 356 4.70 -21.93 15.64
N PHE A 357 4.63 -23.06 16.34
CA PHE A 357 5.59 -23.33 17.42
C PHE A 357 7.00 -23.66 16.92
N ASP A 358 7.09 -24.64 16.03
CA ASP A 358 8.38 -25.05 15.46
C ASP A 358 8.75 -24.18 14.27
N GLN A 359 10.06 -23.96 14.10
CA GLN A 359 10.62 -23.36 12.89
C GLN A 359 9.89 -22.08 12.47
N ASP A 360 9.75 -21.15 13.42
CA ASP A 360 9.09 -19.87 13.19
C ASP A 360 9.71 -18.87 14.14
N ILE A 361 10.22 -17.77 13.60
CA ILE A 361 10.92 -16.77 14.42
C ILE A 361 9.94 -15.98 15.31
N SER A 362 10.46 -15.41 16.40
CA SER A 362 9.63 -14.75 17.43
C SER A 362 8.92 -13.49 16.93
N ALA A 363 7.74 -13.24 17.47
CA ALA A 363 7.10 -11.93 17.33
C ALA A 363 7.49 -11.13 18.56
N VAL A 364 7.17 -11.70 19.72
CA VAL A 364 7.59 -11.17 21.02
C VAL A 364 8.34 -12.31 21.72
N CYS A 365 9.40 -11.96 22.44
CA CYS A 365 10.17 -12.95 23.17
C CYS A 365 10.50 -12.41 24.55
N GLY A 366 9.80 -12.93 25.55
CA GLY A 366 9.95 -12.46 26.93
C GLY A 366 10.68 -13.43 27.84
N CYS A 367 11.81 -12.99 28.37
CA CYS A 367 12.58 -13.76 29.33
C CYS A 367 12.58 -13.06 30.69
N LEU A 368 11.96 -13.71 31.67
CA LEU A 368 11.82 -13.12 33.01
C LEU A 368 12.60 -13.91 34.07
N ASN A 369 13.28 -13.17 34.94
CA ASN A 369 14.18 -13.75 35.91
C ASN A 369 14.21 -12.93 37.20
N LEU A 370 13.26 -13.21 38.09
CA LEU A 370 13.13 -12.45 39.33
C LEU A 370 13.75 -13.17 40.53
N THR A 371 14.39 -12.38 41.38
CA THR A 371 14.90 -12.87 42.66
C THR A 371 13.89 -12.53 43.75
N LEU A 372 13.67 -13.46 44.66
CA LEU A 372 12.77 -13.25 45.79
C LEU A 372 13.47 -13.42 47.13
N LYS A 373 13.33 -12.43 48.00
CA LYS A 373 13.81 -12.52 49.37
C LYS A 373 12.62 -12.77 50.28
N GLY A 374 11.90 -13.86 50.02
CA GLY A 374 10.71 -14.22 50.78
C GLY A 374 9.56 -13.28 50.54
N SER A 375 8.76 -13.56 49.51
CA SER A 375 7.58 -12.76 49.13
C SER A 375 7.91 -11.40 48.45
N LYS A 376 9.07 -10.83 48.74
CA LYS A 376 9.46 -9.52 48.20
C LYS A 376 10.51 -9.61 47.11
N ILE A 377 10.21 -8.98 45.98
CA ILE A 377 11.03 -9.03 44.77
C ILE A 377 12.32 -8.24 44.93
N GLU A 378 13.46 -8.94 44.97
CA GLU A 378 14.77 -8.31 45.12
C GLU A 378 15.34 -7.74 43.83
N THR A 379 15.65 -8.62 42.87
CA THR A 379 16.19 -8.20 41.58
C THR A 379 15.22 -8.52 40.44
N ALA A 380 15.13 -7.60 39.48
CA ALA A 380 14.30 -7.78 38.30
C ALA A 380 15.16 -7.82 37.05
N ARG A 381 15.24 -9.01 36.45
CA ARG A 381 15.92 -9.20 35.18
C ARG A 381 14.90 -9.67 34.13
N ILE A 382 14.30 -8.69 33.45
CA ILE A 382 13.27 -8.93 32.44
C ILE A 382 13.75 -8.40 31.08
N ALA A 383 13.91 -9.31 30.12
CA ALA A 383 14.42 -8.96 28.79
C ALA A 383 13.47 -9.37 27.65
N PHE A 384 13.45 -8.56 26.60
CA PHE A 384 12.54 -8.77 25.46
C PHE A 384 13.22 -8.73 24.08
N GLY A 385 12.70 -9.54 23.17
CA GLY A 385 13.07 -9.50 21.76
C GLY A 385 11.86 -9.19 20.90
N GLY A 386 12.07 -8.45 19.81
CA GLY A 386 10.99 -8.09 18.90
C GLY A 386 10.13 -6.92 19.37
N MET A 387 10.43 -6.42 20.57
CA MET A 387 9.71 -5.29 21.17
C MET A 387 10.38 -3.95 20.84
N ALA A 388 11.57 -4.04 20.25
CA ALA A 388 12.34 -2.87 19.85
C ALA A 388 13.15 -3.20 18.60
N GLY A 389 14.10 -2.33 18.26
CA GLY A 389 15.04 -2.58 17.17
C GLY A 389 16.36 -3.10 17.70
N VAL A 390 16.37 -3.40 18.99
CA VAL A 390 17.57 -3.81 19.72
C VAL A 390 17.12 -4.51 21.01
N PRO A 391 17.71 -5.69 21.33
CA PRO A 391 17.26 -6.44 22.49
C PRO A 391 17.62 -5.69 23.77
N LYS A 392 16.61 -5.34 24.56
CA LYS A 392 16.83 -4.55 25.78
C LYS A 392 15.93 -4.96 26.93
N ARG A 393 16.38 -4.64 28.15
CA ARG A 393 15.63 -4.89 29.37
C ARG A 393 14.49 -3.88 29.52
N ALA A 394 13.39 -4.32 30.12
CA ALA A 394 12.24 -3.45 30.35
C ALA A 394 12.48 -2.52 31.56
N ALA A 395 13.24 -1.45 31.32
CA ALA A 395 13.74 -0.55 32.38
C ALA A 395 12.69 -0.13 33.42
N ALA A 396 11.65 0.56 32.96
CA ALA A 396 10.59 1.10 33.83
C ALA A 396 9.80 0.01 34.56
N PHE A 397 9.50 -1.08 33.86
CA PHE A 397 8.81 -2.21 34.46
C PHE A 397 9.68 -2.87 35.54
N GLU A 398 10.97 -3.01 35.24
CA GLU A 398 11.95 -3.59 36.17
C GLU A 398 12.08 -2.76 37.43
N ALA A 399 12.26 -1.45 37.25
CA ALA A 399 12.46 -0.52 38.35
C ALA A 399 11.26 -0.51 39.30
N ALA A 400 10.07 -0.43 38.71
CA ALA A 400 8.83 -0.34 39.47
C ALA A 400 8.38 -1.68 40.06
N LEU A 401 9.30 -2.65 40.09
CA LEU A 401 8.99 -3.99 40.58
C LEU A 401 9.85 -4.36 41.79
N ILE A 402 10.91 -3.59 42.01
CA ILE A 402 11.87 -3.82 43.09
C ILE A 402 11.25 -3.57 44.47
N GLY A 403 11.29 -4.61 45.31
CA GLY A 403 10.78 -4.53 46.67
C GLY A 403 9.33 -4.93 46.83
N GLN A 404 8.62 -5.07 45.72
CA GLN A 404 7.19 -5.35 45.71
C GLN A 404 6.85 -6.78 46.11
N ASP A 405 5.60 -7.00 46.49
CA ASP A 405 5.09 -8.34 46.78
C ASP A 405 4.93 -9.13 45.49
N PHE A 406 5.36 -10.38 45.51
CA PHE A 406 5.26 -11.23 44.33
C PHE A 406 3.87 -11.86 44.20
N ARG A 407 2.93 -11.08 43.67
CA ARG A 407 1.57 -11.51 43.38
C ARG A 407 1.10 -10.92 42.06
N GLU A 408 0.00 -11.45 41.52
CA GLU A 408 -0.53 -11.02 40.23
C GLU A 408 -0.90 -9.54 40.19
N ASP A 409 -1.76 -9.14 41.13
CA ASP A 409 -2.29 -7.77 41.24
C ASP A 409 -1.23 -6.67 41.23
N THR A 410 -0.11 -6.93 41.93
CA THR A 410 1.01 -5.98 41.98
C THR A 410 1.66 -5.89 40.62
N ILE A 411 1.87 -7.05 39.99
CA ILE A 411 2.43 -7.15 38.65
C ILE A 411 1.45 -6.53 37.64
N ALA A 412 0.17 -6.82 37.83
CA ALA A 412 -0.90 -6.26 37.00
C ALA A 412 -0.88 -4.73 37.01
N ALA A 413 -0.52 -4.16 38.16
CA ALA A 413 -0.48 -2.70 38.34
C ALA A 413 0.68 -2.03 37.60
N ALA A 414 1.82 -2.72 37.51
CA ALA A 414 3.01 -2.16 36.86
C ALA A 414 3.03 -2.39 35.34
N LEU A 415 2.10 -3.22 34.86
CA LEU A 415 2.05 -3.60 33.44
C LEU A 415 2.10 -2.44 32.42
N PRO A 416 1.33 -1.35 32.67
CA PRO A 416 1.34 -0.21 31.74
C PRO A 416 2.73 0.38 31.46
N LEU A 417 3.66 0.27 32.41
CA LEU A 417 5.00 0.85 32.27
C LEU A 417 5.77 0.30 31.07
N LEU A 418 5.38 -0.89 30.61
CA LEU A 418 5.95 -1.52 29.43
C LEU A 418 5.65 -0.72 28.15
N ALA A 419 4.51 -0.04 28.12
CA ALA A 419 4.14 0.83 27.01
C ALA A 419 5.04 2.08 26.96
N GLN A 420 5.73 2.35 28.07
CA GLN A 420 6.73 3.39 28.13
C GLN A 420 8.13 2.79 27.99
N ASP A 421 8.21 1.47 28.19
CA ASP A 421 9.45 0.72 27.97
C ASP A 421 9.66 0.40 26.50
N PHE A 422 8.57 0.18 25.77
CA PHE A 422 8.62 -0.14 24.34
C PHE A 422 7.52 0.54 23.53
N THR A 423 7.78 0.68 22.23
CA THR A 423 6.77 1.09 21.26
C THR A 423 6.79 0.08 20.12
N PRO A 424 6.09 -1.06 20.29
CA PRO A 424 6.16 -2.19 19.36
C PRO A 424 5.86 -1.81 17.91
N LEU A 425 6.23 -2.70 16.99
CA LEU A 425 6.09 -2.48 15.56
C LEU A 425 5.02 -3.42 14.97
N SER A 426 4.49 -3.06 13.81
CA SER A 426 3.51 -3.90 13.10
C SER A 426 4.10 -4.41 11.79
N ASP A 427 3.90 -5.70 11.53
CA ASP A 427 4.23 -6.33 10.25
C ASP A 427 3.42 -7.61 10.05
N MET A 428 3.89 -8.50 9.18
CA MET A 428 3.18 -9.74 8.89
C MET A 428 3.13 -10.72 10.07
N ARG A 429 4.11 -10.61 10.98
CA ARG A 429 4.22 -11.51 12.12
C ARG A 429 3.17 -11.20 13.19
N ALA A 430 3.01 -9.91 13.48
CA ALA A 430 2.05 -9.44 14.49
C ALA A 430 1.77 -7.94 14.37
N SER A 431 0.63 -7.51 14.92
CA SER A 431 0.32 -6.09 15.06
C SER A 431 0.98 -5.54 16.30
N ALA A 432 1.39 -4.27 16.24
CA ALA A 432 2.03 -3.59 17.38
C ALA A 432 1.20 -3.73 18.67
N ALA A 433 -0.11 -3.59 18.56
CA ALA A 433 -1.01 -3.76 19.70
C ALA A 433 -0.78 -5.13 20.34
N TYR A 434 -0.88 -6.17 19.52
CA TYR A 434 -0.71 -7.56 19.97
C TYR A 434 0.66 -7.79 20.61
N ARG A 435 1.72 -7.28 19.97
CA ARG A 435 3.07 -7.40 20.51
C ARG A 435 3.17 -6.79 21.91
N MET A 436 2.55 -5.63 22.08
CA MET A 436 2.49 -4.96 23.38
C MET A 436 1.69 -5.80 24.38
N ASN A 437 0.51 -6.24 23.95
CA ASN A 437 -0.38 -7.06 24.77
C ASN A 437 0.28 -8.36 25.20
N ALA A 438 1.02 -8.97 24.27
CA ALA A 438 1.69 -10.26 24.52
C ALA A 438 2.92 -10.14 25.41
N ALA A 439 3.56 -8.97 25.39
CA ALA A 439 4.69 -8.68 26.27
C ALA A 439 4.23 -8.58 27.73
N GLN A 440 3.09 -7.93 27.94
CA GLN A 440 2.47 -7.82 29.24
C GLN A 440 1.84 -9.16 29.64
N ALA A 441 1.46 -9.95 28.63
CA ALA A 441 0.90 -11.27 28.86
C ALA A 441 1.93 -12.22 29.49
N MET A 442 3.18 -12.06 29.07
CA MET A 442 4.29 -12.90 29.55
C MET A 442 4.63 -12.64 31.02
N ALA A 443 4.29 -11.44 31.50
CA ALA A 443 4.51 -11.08 32.90
C ALA A 443 3.50 -11.78 33.81
N LEU A 444 2.22 -11.76 33.44
CA LEU A 444 1.18 -12.49 34.15
C LEU A 444 1.42 -13.99 34.07
N ARG A 445 1.99 -14.43 32.94
CA ARG A 445 2.43 -15.81 32.73
C ARG A 445 3.48 -16.21 33.77
N TYR A 446 4.51 -15.38 33.90
CA TYR A 446 5.62 -15.63 34.81
C TYR A 446 5.17 -15.79 36.27
N VAL A 447 4.23 -14.94 36.71
CA VAL A 447 3.69 -15.02 38.07
C VAL A 447 2.89 -16.31 38.26
N ARG A 448 2.03 -16.62 37.30
CA ARG A 448 1.17 -17.79 37.36
C ARG A 448 1.96 -19.11 37.36
N GLU A 449 3.01 -19.17 36.55
CA GLU A 449 3.85 -20.36 36.49
C GLU A 449 4.51 -20.64 37.83
N LEU A 450 5.13 -19.62 38.42
CA LEU A 450 5.80 -19.73 39.72
C LEU A 450 4.84 -20.02 40.87
N SER A 451 3.58 -19.60 40.71
CA SER A 451 2.53 -19.92 41.68
C SER A 451 2.02 -21.36 41.51
N GLY A 452 2.67 -22.12 40.61
CA GLY A 452 2.31 -23.51 40.36
C GLY A 452 1.01 -23.66 39.59
N GLU A 453 0.82 -22.82 38.58
CA GLU A 453 -0.40 -22.81 37.78
C GLU A 453 -0.10 -23.34 36.37
N ALA A 454 -1.09 -24.00 35.78
CA ALA A 454 -0.99 -24.50 34.41
C ALA A 454 -1.08 -23.34 33.43
N VAL A 455 -0.06 -23.19 32.59
CA VAL A 455 0.03 -22.04 31.67
C VAL A 455 0.44 -22.44 30.25
N ALA A 456 1.32 -23.44 30.14
CA ALA A 456 1.88 -23.87 28.86
C ALA A 456 0.92 -24.73 28.04
N VAL A 457 0.76 -24.39 26.77
CA VAL A 457 -0.11 -25.10 25.83
C VAL A 457 0.55 -26.39 25.34
N LEU A 458 1.89 -26.34 25.24
CA LEU A 458 2.67 -27.45 24.72
C LEU A 458 2.81 -28.61 25.69
N GLU A 459 2.43 -28.38 26.95
CA GLU A 459 2.56 -29.38 27.99
C GLU A 459 1.23 -30.07 28.33
N VAL A 460 0.26 -29.95 27.43
CA VAL A 460 -1.09 -30.47 27.68
C VAL A 460 -1.30 -31.85 27.06
N MET A 461 -1.79 -32.78 27.88
CA MET A 461 -2.12 -34.15 27.44
C MET A 461 -3.30 -34.18 26.45
N PRO A 462 -3.17 -34.98 25.37
CA PRO A 462 -4.19 -35.13 24.32
C PRO A 462 -5.51 -35.71 24.83
N SER B 2 -6.29 -55.18 -9.22
CA SER B 2 -6.17 -55.34 -7.74
C SER B 2 -6.89 -54.22 -6.98
N VAL B 3 -8.01 -53.77 -7.56
CA VAL B 3 -8.86 -52.72 -6.99
C VAL B 3 -9.30 -53.11 -5.60
N GLY B 4 -9.08 -52.21 -4.63
CA GLY B 4 -9.49 -52.46 -3.25
C GLY B 4 -8.33 -52.81 -2.33
N LYS B 5 -7.26 -53.35 -2.90
CA LYS B 5 -6.06 -53.71 -2.14
C LYS B 5 -5.28 -52.46 -1.74
N PRO B 6 -4.80 -52.41 -0.48
CA PRO B 6 -4.01 -51.28 0.04
C PRO B 6 -2.56 -51.26 -0.44
N LEU B 7 -2.38 -51.28 -1.77
CA LEU B 7 -1.06 -51.26 -2.37
C LEU B 7 -0.39 -49.88 -2.27
N PRO B 8 0.97 -49.84 -2.31
CA PRO B 8 1.72 -48.57 -2.23
C PRO B 8 1.68 -47.71 -3.51
N HIS B 9 2.19 -46.48 -3.39
CA HIS B 9 2.31 -45.55 -4.51
C HIS B 9 3.24 -46.07 -5.61
N ASP B 10 2.95 -45.71 -6.86
CA ASP B 10 3.66 -46.22 -8.03
C ASP B 10 5.17 -45.92 -8.06
N SER B 11 5.59 -44.86 -7.37
CA SER B 11 7.00 -44.50 -7.32
C SER B 11 7.54 -44.46 -5.89
N ALA B 12 6.84 -45.14 -4.98
CA ALA B 12 7.22 -45.16 -3.56
C ALA B 12 8.71 -45.41 -3.31
N ARG B 13 9.26 -46.43 -3.99
CA ARG B 13 10.67 -46.75 -3.84
C ARG B 13 11.56 -45.69 -4.47
N ALA B 14 11.17 -45.24 -5.67
CA ALA B 14 11.89 -44.20 -6.39
C ALA B 14 11.95 -42.89 -5.60
N HIS B 15 10.88 -42.62 -4.84
CA HIS B 15 10.84 -41.50 -3.89
C HIS B 15 11.86 -41.71 -2.80
N VAL B 16 11.83 -42.90 -2.21
CA VAL B 16 12.63 -43.24 -1.04
C VAL B 16 14.13 -43.33 -1.35
N THR B 17 14.46 -43.75 -2.58
CA THR B 17 15.84 -43.86 -3.03
C THR B 17 16.39 -42.56 -3.61
N GLY B 18 15.50 -41.60 -3.89
CA GLY B 18 15.89 -40.33 -4.49
C GLY B 18 16.16 -40.46 -5.99
N GLN B 19 15.50 -41.41 -6.62
CA GLN B 19 15.70 -41.72 -8.04
C GLN B 19 14.54 -41.24 -8.91
N ALA B 20 13.49 -40.73 -8.28
CA ALA B 20 12.37 -40.16 -9.00
C ALA B 20 12.78 -38.81 -9.55
N ARG B 21 12.60 -38.64 -10.86
CA ARG B 21 12.92 -37.39 -11.53
C ARG B 21 11.74 -36.43 -11.50
N TYR B 22 12.02 -35.19 -11.11
CA TYR B 22 11.11 -34.07 -11.29
C TYR B 22 11.76 -33.19 -12.36
N LEU B 23 11.05 -32.16 -12.85
CA LEU B 23 11.54 -31.41 -14.01
C LEU B 23 13.03 -31.05 -13.94
N ASP B 24 13.42 -30.38 -12.86
CA ASP B 24 14.79 -29.89 -12.72
C ASP B 24 15.82 -31.00 -12.61
N ASP B 25 15.37 -32.23 -12.39
CA ASP B 25 16.23 -33.40 -12.32
C ASP B 25 16.57 -33.96 -13.69
N LEU B 26 15.74 -33.67 -14.69
CA LEU B 26 15.93 -34.20 -16.04
C LEU B 26 17.24 -33.74 -16.67
N PRO B 27 17.95 -34.67 -17.32
CA PRO B 27 19.15 -34.33 -18.09
C PRO B 27 18.77 -33.55 -19.34
N CYS B 28 19.59 -32.56 -19.71
CA CYS B 28 19.34 -31.75 -20.91
C CYS B 28 20.63 -31.19 -21.48
N PRO B 29 20.62 -30.83 -22.79
CA PRO B 29 21.85 -30.47 -23.51
C PRO B 29 22.69 -29.40 -22.82
N ALA B 30 24.00 -29.46 -23.05
CA ALA B 30 24.96 -28.56 -22.40
C ALA B 30 24.64 -27.09 -22.62
N ASN B 31 23.99 -26.78 -23.74
CA ASN B 31 23.64 -25.41 -24.10
C ASN B 31 22.23 -24.96 -23.64
N THR B 32 21.66 -25.70 -22.69
CA THR B 32 20.36 -25.34 -22.12
C THR B 32 20.47 -24.00 -21.39
N LEU B 33 19.79 -22.99 -21.93
CA LEU B 33 19.71 -21.68 -21.28
C LEU B 33 18.70 -21.71 -20.14
N HIS B 34 18.79 -20.69 -19.27
CA HIS B 34 17.95 -20.59 -18.08
C HIS B 34 17.25 -19.25 -18.03
N LEU B 35 16.01 -19.25 -17.56
CA LEU B 35 15.16 -18.07 -17.70
C LEU B 35 14.70 -17.51 -16.36
N ALA B 36 14.49 -16.20 -16.33
CA ALA B 36 13.96 -15.51 -15.15
C ALA B 36 13.18 -14.26 -15.56
N PHE B 37 12.11 -13.97 -14.83
CA PHE B 37 11.27 -12.80 -15.10
C PHE B 37 11.77 -11.55 -14.37
N GLY B 38 11.57 -10.38 -14.99
CA GLY B 38 11.79 -9.09 -14.33
C GLY B 38 10.44 -8.54 -13.90
N LEU B 39 10.24 -8.41 -12.59
CA LEU B 39 8.91 -8.16 -12.03
C LEU B 39 8.60 -6.69 -11.74
N SER B 40 7.32 -6.35 -11.83
CA SER B 40 6.82 -5.02 -11.48
C SER B 40 6.93 -4.73 -9.98
N THR B 41 7.37 -3.52 -9.66
CA THR B 41 7.44 -3.07 -8.25
C THR B 41 6.25 -2.17 -7.89
N GLU B 42 5.25 -2.16 -8.78
CA GLU B 42 4.08 -1.27 -8.66
C GLU B 42 2.80 -2.05 -8.82
N ALA B 43 1.79 -1.71 -8.03
CA ALA B 43 0.51 -2.41 -8.06
C ALA B 43 -0.41 -1.95 -9.19
N SER B 44 -0.23 -0.70 -9.61
CA SER B 44 -1.06 -0.08 -10.66
C SER B 44 -0.32 1.11 -11.24
N ALA B 45 0.21 0.93 -12.46
CA ALA B 45 1.02 1.96 -13.10
C ALA B 45 1.15 1.76 -14.60
N ALA B 46 1.44 2.85 -15.30
CA ALA B 46 1.88 2.81 -16.68
C ALA B 46 3.40 2.76 -16.69
N ILE B 47 3.98 2.01 -17.64
CA ILE B 47 5.43 1.98 -17.80
C ILE B 47 5.84 3.11 -18.75
N THR B 48 6.61 4.06 -18.22
CA THR B 48 7.05 5.23 -18.97
C THR B 48 8.42 5.00 -19.58
N GLY B 49 9.27 4.27 -18.88
CA GLY B 49 10.62 3.99 -19.33
C GLY B 49 11.07 2.58 -19.02
N LEU B 50 11.70 1.95 -20.02
CA LEU B 50 12.23 0.61 -19.87
C LEU B 50 13.64 0.54 -20.45
N ASP B 51 14.64 0.65 -19.57
CA ASP B 51 16.03 0.50 -19.98
C ASP B 51 16.57 -0.85 -19.54
N LEU B 52 16.67 -1.75 -20.51
CA LEU B 52 17.15 -3.11 -20.25
C LEU B 52 18.63 -3.30 -20.60
N GLU B 53 19.34 -2.18 -20.72
CA GLU B 53 20.76 -2.18 -21.06
C GLU B 53 21.65 -2.89 -20.01
N PRO B 54 21.45 -2.58 -18.71
CA PRO B 54 22.23 -3.25 -17.67
C PRO B 54 21.85 -4.73 -17.51
N VAL B 55 20.65 -5.10 -17.99
CA VAL B 55 20.23 -6.50 -18.03
C VAL B 55 21.02 -7.27 -19.11
N ARG B 56 21.01 -6.74 -20.33
CA ARG B 56 21.73 -7.35 -21.46
C ARG B 56 23.24 -7.47 -21.21
N GLU B 57 23.79 -6.49 -20.49
CA GLU B 57 25.22 -6.43 -20.22
C GLU B 57 25.63 -7.21 -18.98
N SER B 58 24.65 -7.78 -18.29
CA SER B 58 24.93 -8.64 -17.14
C SER B 58 25.53 -9.95 -17.62
N PRO B 59 26.49 -10.52 -16.85
CA PRO B 59 27.21 -11.73 -17.23
C PRO B 59 26.32 -12.91 -17.63
N GLY B 60 26.74 -13.64 -18.66
CA GLY B 60 26.08 -14.86 -19.07
C GLY B 60 24.75 -14.71 -19.80
N VAL B 61 24.23 -13.49 -19.88
CA VAL B 61 22.94 -13.24 -20.54
C VAL B 61 23.05 -13.35 -22.06
N ILE B 62 22.20 -14.18 -22.66
CA ILE B 62 22.21 -14.41 -24.12
C ILE B 62 21.10 -13.66 -24.85
N ALA B 63 19.93 -13.56 -24.21
CA ALA B 63 18.80 -12.86 -24.81
C ALA B 63 17.93 -12.17 -23.75
N VAL B 64 17.32 -11.06 -24.13
CA VAL B 64 16.38 -10.34 -23.27
C VAL B 64 15.09 -10.09 -24.05
N PHE B 65 13.96 -10.39 -23.42
CA PHE B 65 12.67 -10.36 -24.11
C PHE B 65 11.67 -9.42 -23.47
N THR B 66 10.91 -8.72 -24.31
CA THR B 66 9.86 -7.80 -23.91
C THR B 66 8.61 -8.23 -24.65
N ALA B 67 7.45 -7.80 -24.17
CA ALA B 67 6.17 -8.07 -24.83
C ALA B 67 6.24 -7.81 -26.34
N ALA B 68 6.97 -6.76 -26.73
CA ALA B 68 7.16 -6.43 -28.14
C ALA B 68 7.88 -7.54 -28.92
N ASP B 69 8.80 -8.23 -28.25
CA ASP B 69 9.58 -9.29 -28.88
C ASP B 69 8.80 -10.58 -29.11
N LEU B 70 7.65 -10.72 -28.43
CA LEU B 70 6.82 -11.92 -28.56
C LEU B 70 6.26 -12.07 -29.98
N PRO B 71 6.59 -13.20 -30.64
CA PRO B 71 6.19 -13.42 -32.04
C PRO B 71 4.69 -13.46 -32.28
N HIS B 72 3.91 -13.95 -31.31
CA HIS B 72 2.47 -14.08 -31.48
C HIS B 72 1.66 -13.72 -30.24
N ASP B 73 0.80 -14.63 -29.78
CA ASP B 73 -0.06 -14.40 -28.62
C ASP B 73 0.70 -14.01 -27.36
N ASN B 74 0.12 -13.09 -26.59
CA ASN B 74 0.65 -12.67 -25.30
C ASN B 74 -0.42 -12.88 -24.23
N ASP B 75 -0.94 -14.10 -24.15
CA ASP B 75 -2.03 -14.43 -23.25
C ASP B 75 -1.79 -15.78 -22.59
N ALA B 76 -1.87 -15.81 -21.26
CA ALA B 76 -1.63 -17.02 -20.50
C ALA B 76 -2.85 -17.52 -19.73
N SER B 77 -3.88 -16.68 -19.62
CA SER B 77 -5.10 -17.00 -18.89
C SER B 77 -5.79 -18.26 -19.43
N PRO B 78 -6.37 -19.07 -18.52
CA PRO B 78 -7.23 -20.17 -18.93
C PRO B 78 -8.61 -19.64 -19.33
N ALA B 79 -8.92 -18.41 -18.94
CA ALA B 79 -10.18 -17.75 -19.25
C ALA B 79 -10.23 -17.24 -20.69
N PRO B 80 -11.44 -16.97 -21.22
CA PRO B 80 -11.57 -16.31 -22.53
C PRO B 80 -11.02 -14.89 -22.56
N SER B 81 -10.79 -14.30 -21.39
CA SER B 81 -10.21 -12.96 -21.29
C SER B 81 -8.69 -13.02 -21.17
N PRO B 82 -7.97 -12.30 -22.06
CA PRO B 82 -6.51 -12.35 -22.10
C PRO B 82 -5.83 -11.83 -20.86
N GLU B 83 -4.65 -12.41 -20.58
CA GLU B 83 -3.81 -12.04 -19.45
C GLU B 83 -2.38 -12.07 -19.99
N PRO B 84 -1.72 -10.90 -20.06
CA PRO B 84 -0.41 -10.86 -20.72
C PRO B 84 0.65 -11.67 -19.97
N VAL B 85 1.50 -12.36 -20.72
CA VAL B 85 2.60 -13.11 -20.11
C VAL B 85 3.68 -12.11 -19.69
N LEU B 86 3.95 -11.16 -20.59
CA LEU B 86 4.79 -10.02 -20.29
C LEU B 86 3.96 -8.75 -20.36
N ALA B 87 4.16 -7.87 -19.39
CA ALA B 87 3.40 -6.61 -19.25
C ALA B 87 3.37 -5.77 -20.53
N THR B 88 2.19 -5.26 -20.86
CA THR B 88 1.96 -4.50 -22.09
C THR B 88 1.74 -3.02 -21.81
N GLY B 89 2.83 -2.29 -21.60
CA GLY B 89 2.77 -0.85 -21.37
C GLY B 89 2.35 -0.46 -19.97
N GLU B 90 1.74 -1.39 -19.24
CA GLU B 90 1.21 -1.12 -17.90
C GLU B 90 1.19 -2.34 -16.99
N VAL B 91 1.34 -2.09 -15.68
CA VAL B 91 1.39 -3.17 -14.67
C VAL B 91 0.17 -3.18 -13.73
N HIS B 92 -0.21 -4.38 -13.29
CA HIS B 92 -1.47 -4.55 -12.56
C HIS B 92 -1.32 -5.18 -11.17
N PHE B 93 -0.09 -5.52 -10.79
CA PHE B 93 0.21 -5.97 -9.43
C PHE B 93 1.71 -6.02 -9.17
N VAL B 94 2.10 -6.01 -7.91
CA VAL B 94 3.50 -6.09 -7.53
C VAL B 94 3.97 -7.50 -7.77
N GLY B 95 4.75 -7.67 -8.83
CA GLY B 95 5.30 -8.98 -9.19
C GLY B 95 5.04 -9.37 -10.62
N GLN B 96 4.28 -8.55 -11.35
CA GLN B 96 3.96 -8.84 -12.75
C GLN B 96 5.20 -8.85 -13.65
N PRO B 97 5.44 -9.98 -14.34
CA PRO B 97 6.55 -10.11 -15.25
C PRO B 97 6.46 -9.07 -16.37
N ILE B 98 7.50 -8.26 -16.48
CA ILE B 98 7.57 -7.21 -17.50
C ILE B 98 8.47 -7.70 -18.63
N PHE B 99 9.60 -8.32 -18.26
CA PHE B 99 10.55 -8.84 -19.25
C PHE B 99 11.09 -10.22 -18.89
N LEU B 100 11.60 -10.91 -19.91
CA LEU B 100 12.21 -12.22 -19.75
C LEU B 100 13.71 -12.16 -20.04
N VAL B 101 14.49 -12.90 -19.23
CA VAL B 101 15.94 -12.97 -19.40
C VAL B 101 16.35 -14.39 -19.73
N ALA B 102 17.14 -14.53 -20.79
CA ALA B 102 17.74 -15.82 -21.16
C ALA B 102 19.24 -15.79 -20.92
N ALA B 103 19.68 -16.48 -19.87
CA ALA B 103 21.10 -16.50 -19.50
C ALA B 103 21.64 -17.93 -19.36
N THR B 104 22.97 -18.07 -19.42
CA THR B 104 23.63 -19.38 -19.43
C THR B 104 23.56 -20.14 -18.10
N SER B 105 23.03 -19.50 -17.05
CA SER B 105 22.75 -20.19 -15.79
C SER B 105 21.55 -19.59 -15.06
N HIS B 106 20.96 -20.37 -14.17
CA HIS B 106 19.82 -19.96 -13.36
C HIS B 106 20.15 -18.75 -12.47
N ARG B 107 21.33 -18.75 -11.86
CA ARG B 107 21.81 -17.60 -11.08
C ARG B 107 21.94 -16.37 -11.95
N ALA B 108 22.70 -16.49 -13.04
CA ALA B 108 22.94 -15.38 -13.95
C ALA B 108 21.66 -14.66 -14.32
N ALA B 109 20.66 -15.42 -14.77
CA ALA B 109 19.37 -14.85 -15.17
C ALA B 109 18.70 -14.08 -14.02
N ARG B 110 18.66 -14.72 -12.84
CA ARG B 110 18.12 -14.13 -11.62
C ARG B 110 18.79 -12.80 -11.28
N ILE B 111 20.11 -12.80 -11.31
CA ILE B 111 20.92 -11.60 -11.05
C ILE B 111 20.58 -10.51 -12.06
N ALA B 112 20.55 -10.89 -13.34
CA ALA B 112 20.29 -9.96 -14.43
C ALA B 112 18.90 -9.34 -14.40
N ALA B 113 17.95 -10.07 -13.80
CA ALA B 113 16.55 -9.63 -13.76
C ALA B 113 16.37 -8.37 -12.93
N ARG B 114 17.25 -8.21 -11.93
CA ARG B 114 17.13 -7.12 -10.98
C ARG B 114 17.82 -5.84 -11.45
N LYS B 115 18.68 -5.97 -12.46
CA LYS B 115 19.45 -4.84 -12.98
C LYS B 115 18.65 -3.96 -13.96
N ALA B 116 17.33 -3.98 -13.81
CA ALA B 116 16.43 -3.22 -14.68
C ALA B 116 16.34 -1.75 -14.27
N ARG B 117 16.12 -0.90 -15.27
CA ARG B 117 15.87 0.53 -15.04
C ARG B 117 14.49 0.87 -15.58
N ILE B 118 13.51 0.87 -14.67
CA ILE B 118 12.10 1.05 -15.03
C ILE B 118 11.52 2.29 -14.37
N THR B 119 10.86 3.12 -15.17
CA THR B 119 10.12 4.29 -14.67
C THR B 119 8.62 4.08 -14.84
N TYR B 120 7.85 4.46 -13.81
CA TYR B 120 6.42 4.25 -13.78
C TYR B 120 5.62 5.55 -13.68
N ALA B 121 4.39 5.51 -14.19
CA ALA B 121 3.40 6.55 -13.99
C ALA B 121 2.29 5.99 -13.07
N PRO B 122 2.52 6.00 -11.75
CA PRO B 122 1.62 5.31 -10.82
C PRO B 122 0.17 5.78 -10.91
N ARG B 123 -0.74 4.81 -10.87
CA ARG B 123 -2.18 5.05 -10.85
C ARG B 123 -2.71 4.54 -9.51
N PRO B 124 -3.95 4.94 -9.13
CA PRO B 124 -4.48 4.45 -7.85
C PRO B 124 -4.68 2.93 -7.85
N ALA B 125 -4.23 2.28 -6.79
CA ALA B 125 -4.34 0.83 -6.65
C ALA B 125 -5.71 0.45 -6.12
N ILE B 126 -6.08 -0.81 -6.30
CA ILE B 126 -7.30 -1.36 -5.73
C ILE B 126 -6.91 -2.59 -4.92
N LEU B 127 -6.71 -2.41 -3.61
CA LEU B 127 -6.11 -3.44 -2.79
C LEU B 127 -7.09 -4.15 -1.88
N THR B 128 -7.94 -3.38 -1.21
CA THR B 128 -8.96 -3.95 -0.32
C THR B 128 -10.22 -4.27 -1.12
N LEU B 129 -11.11 -5.06 -0.51
CA LEU B 129 -12.38 -5.40 -1.15
C LEU B 129 -13.34 -4.19 -1.21
N ASP B 130 -13.28 -3.36 -0.17
CA ASP B 130 -14.11 -2.15 -0.08
C ASP B 130 -13.82 -1.17 -1.20
N GLN B 131 -12.53 -1.03 -1.56
CA GLN B 131 -12.13 -0.16 -2.67
C GLN B 131 -12.72 -0.64 -3.98
N ALA B 132 -12.54 -1.93 -4.26
CA ALA B 132 -13.10 -2.56 -5.45
C ALA B 132 -14.61 -2.43 -5.51
N LEU B 133 -15.25 -2.65 -4.36
CA LEU B 133 -16.69 -2.59 -4.23
C LEU B 133 -17.20 -1.17 -4.46
N ALA B 134 -16.43 -0.19 -3.98
CA ALA B 134 -16.76 1.23 -4.13
C ALA B 134 -16.48 1.71 -5.55
N ALA B 135 -15.33 1.31 -6.10
CA ALA B 135 -14.93 1.73 -7.46
C ALA B 135 -15.49 0.81 -8.54
N ASP B 136 -16.22 -0.23 -8.11
CA ASP B 136 -16.82 -1.22 -9.01
C ASP B 136 -15.76 -2.00 -9.80
N SER B 137 -14.65 -2.32 -9.11
CA SER B 137 -13.58 -3.12 -9.68
C SER B 137 -13.90 -4.60 -9.49
N ARG B 138 -14.50 -5.20 -10.52
CA ARG B 138 -15.08 -6.54 -10.45
C ARG B 138 -14.96 -7.30 -11.77
N PHE B 139 -15.40 -8.55 -11.77
CA PHE B 139 -15.51 -9.34 -13.00
C PHE B 139 -16.96 -9.76 -13.29
N GLU B 140 -17.22 -10.15 -14.53
CA GLU B 140 -18.55 -10.60 -14.98
C GLU B 140 -19.60 -9.49 -15.06
N GLY B 141 -19.16 -8.24 -14.97
CA GLY B 141 -20.02 -7.06 -15.08
C GLY B 141 -21.21 -7.10 -14.14
N GLY B 142 -20.95 -6.93 -12.85
CA GLY B 142 -21.99 -7.02 -11.82
C GLY B 142 -21.97 -8.36 -11.12
N PRO B 143 -22.61 -8.47 -9.94
CA PRO B 143 -22.58 -9.72 -9.17
C PRO B 143 -23.45 -10.81 -9.78
N VAL B 144 -23.21 -12.06 -9.37
CA VAL B 144 -24.11 -13.17 -9.70
C VAL B 144 -24.98 -13.46 -8.48
N ILE B 145 -26.29 -13.53 -8.71
CA ILE B 145 -27.26 -13.75 -7.64
C ILE B 145 -28.14 -14.96 -7.95
N TRP B 146 -28.19 -15.91 -7.01
CA TRP B 146 -29.11 -17.04 -7.07
C TRP B 146 -30.02 -17.02 -5.86
N ALA B 147 -31.26 -17.44 -6.06
CA ALA B 147 -32.26 -17.50 -4.99
C ALA B 147 -33.19 -18.68 -5.16
N ARG B 148 -33.53 -19.31 -4.04
CA ARG B 148 -34.52 -20.37 -3.99
C ARG B 148 -35.53 -20.03 -2.91
N GLY B 149 -36.78 -19.87 -3.31
CA GLY B 149 -37.85 -19.43 -2.41
C GLY B 149 -37.72 -17.95 -2.07
N ASP B 150 -38.14 -17.59 -0.86
CA ASP B 150 -38.10 -16.20 -0.43
C ASP B 150 -37.47 -16.06 0.95
N VAL B 151 -36.17 -15.75 0.97
CA VAL B 151 -35.42 -15.60 2.23
C VAL B 151 -35.97 -14.50 3.12
N GLU B 152 -36.30 -13.35 2.53
CA GLU B 152 -36.73 -12.19 3.28
C GLU B 152 -38.01 -12.46 4.05
N THR B 153 -38.95 -13.17 3.41
CA THR B 153 -40.22 -13.53 4.04
C THR B 153 -40.01 -14.50 5.20
N ALA B 154 -39.21 -15.53 4.97
CA ALA B 154 -38.91 -16.55 5.97
C ALA B 154 -38.21 -15.95 7.20
N LEU B 155 -37.24 -15.07 6.95
CA LEU B 155 -36.47 -14.43 8.01
C LEU B 155 -37.28 -13.41 8.80
N ALA B 156 -38.30 -12.83 8.16
CA ALA B 156 -39.18 -11.87 8.82
C ALA B 156 -39.98 -12.51 9.96
N GLY B 157 -40.45 -13.74 9.74
CA GLY B 157 -41.21 -14.48 10.74
C GLY B 157 -40.44 -15.67 11.29
N ALA B 158 -39.15 -15.45 11.61
CA ALA B 158 -38.28 -16.51 12.09
C ALA B 158 -38.20 -16.57 13.61
N ALA B 159 -38.60 -17.71 14.17
CA ALA B 159 -38.59 -17.95 15.62
C ALA B 159 -37.23 -17.68 16.25
N HIS B 160 -36.16 -17.97 15.50
CA HIS B 160 -34.80 -17.63 15.90
C HIS B 160 -34.00 -17.12 14.72
N LEU B 161 -33.06 -16.20 14.97
CA LEU B 161 -32.28 -15.58 13.91
C LEU B 161 -30.89 -15.16 14.36
N ALA B 162 -29.90 -15.42 13.51
CA ALA B 162 -28.54 -14.95 13.75
C ALA B 162 -27.96 -14.24 12.53
N GLU B 163 -27.48 -13.03 12.75
CA GLU B 163 -26.80 -12.26 11.72
C GLU B 163 -25.33 -12.23 12.05
N GLY B 164 -24.51 -12.00 11.03
CA GLY B 164 -23.07 -11.98 11.24
C GLY B 164 -22.27 -11.83 9.95
N CYS B 165 -20.96 -11.70 10.13
CA CYS B 165 -20.04 -11.42 9.04
C CYS B 165 -18.62 -11.65 9.52
N PHE B 166 -17.85 -12.41 8.75
CA PHE B 166 -16.47 -12.71 9.11
C PHE B 166 -15.55 -12.84 7.91
N GLU B 167 -14.26 -12.66 8.15
CA GLU B 167 -13.24 -12.73 7.12
C GLU B 167 -12.71 -14.15 7.02
N ILE B 168 -12.42 -14.57 5.79
CA ILE B 168 -11.65 -15.79 5.56
C ILE B 168 -10.46 -15.45 4.65
N GLY B 169 -9.25 -15.61 5.18
CA GLY B 169 -8.03 -15.30 4.45
C GLY B 169 -7.73 -16.32 3.35
N GLY B 170 -6.78 -15.98 2.47
CA GLY B 170 -6.40 -16.85 1.36
C GLY B 170 -5.53 -18.02 1.80
N GLN B 171 -4.78 -18.57 0.87
CA GLN B 171 -3.87 -19.69 1.15
C GLN B 171 -2.91 -19.90 -0.01
N GLU B 172 -1.61 -19.88 0.30
CA GLU B 172 -0.58 -20.19 -0.69
C GLU B 172 -0.34 -21.71 -0.74
N HIS B 173 -0.39 -22.26 -1.95
CA HIS B 173 -0.25 -23.70 -2.19
C HIS B 173 0.95 -24.35 -1.50
N PHE B 174 2.13 -23.78 -1.74
CA PHE B 174 3.38 -24.28 -1.14
C PHE B 174 3.63 -25.77 -1.42
N TYR B 175 3.39 -26.16 -2.67
CA TYR B 175 3.90 -27.39 -3.23
C TYR B 175 5.42 -27.38 -3.05
N LEU B 176 6.01 -28.51 -2.67
CA LEU B 176 7.45 -28.54 -2.40
C LEU B 176 8.29 -28.24 -3.65
N GLU B 177 7.93 -28.86 -4.78
CA GLU B 177 8.52 -28.54 -6.06
C GLU B 177 7.81 -27.31 -6.60
N GLY B 178 8.59 -26.32 -7.03
CA GLY B 178 8.06 -25.06 -7.55
C GLY B 178 7.51 -25.20 -8.96
N GLN B 179 7.06 -24.07 -9.52
CA GLN B 179 6.65 -24.04 -10.92
C GLN B 179 7.88 -24.21 -11.78
N ALA B 180 7.78 -25.03 -12.83
CA ALA B 180 8.95 -25.37 -13.66
C ALA B 180 8.59 -25.96 -15.03
N ALA B 181 9.34 -25.53 -16.05
CA ALA B 181 9.17 -26.02 -17.42
C ALA B 181 10.48 -26.05 -18.22
N LEU B 182 10.50 -26.89 -19.25
CA LEU B 182 11.64 -27.04 -20.14
C LEU B 182 11.15 -27.20 -21.59
N ALA B 183 11.68 -26.37 -22.49
CA ALA B 183 11.29 -26.41 -23.91
C ALA B 183 12.44 -26.93 -24.76
N LEU B 184 12.13 -27.93 -25.57
CA LEU B 184 13.13 -28.51 -26.44
C LEU B 184 12.70 -28.35 -27.90
N PRO B 185 13.34 -27.41 -28.63
CA PRO B 185 13.11 -27.25 -30.06
C PRO B 185 13.37 -28.54 -30.82
N ALA B 186 12.38 -28.98 -31.58
CA ALA B 186 12.45 -30.24 -32.29
C ALA B 186 11.87 -30.11 -33.69
N GLU B 187 12.70 -29.66 -34.64
CA GLU B 187 12.38 -29.62 -36.07
C GLU B 187 10.99 -29.07 -36.40
N GLY B 188 10.87 -27.75 -36.40
CA GLY B 188 9.59 -27.12 -36.74
C GLY B 188 8.66 -26.97 -35.55
N GLY B 189 8.73 -27.91 -34.60
CA GLY B 189 7.90 -27.87 -33.41
C GLY B 189 8.71 -27.92 -32.14
N VAL B 190 8.03 -27.90 -30.99
CA VAL B 190 8.71 -27.98 -29.69
C VAL B 190 8.16 -29.12 -28.83
N VAL B 191 8.99 -29.58 -27.92
CA VAL B 191 8.59 -30.55 -26.90
C VAL B 191 8.67 -29.84 -25.57
N ILE B 192 7.58 -29.88 -24.82
CA ILE B 192 7.53 -29.23 -23.52
C ILE B 192 7.48 -30.26 -22.40
N HIS B 193 8.48 -30.22 -21.55
CA HIS B 193 8.45 -30.90 -20.27
C HIS B 193 8.13 -29.84 -19.24
N CYS B 194 7.13 -30.09 -18.40
CA CYS B 194 6.74 -29.12 -17.38
C CYS B 194 6.04 -29.75 -16.20
N SER B 195 6.09 -29.05 -15.07
CA SER B 195 5.42 -29.46 -13.83
C SER B 195 4.01 -28.87 -13.77
N SER B 196 3.10 -29.46 -14.54
CA SER B 196 1.75 -28.91 -14.69
C SER B 196 0.68 -29.96 -14.41
N GLN B 197 -0.52 -29.49 -14.04
CA GLN B 197 -1.68 -30.36 -13.83
C GLN B 197 -2.51 -30.46 -15.09
N HIS B 198 -2.21 -29.62 -16.07
CA HIS B 198 -2.99 -29.58 -17.30
C HIS B 198 -2.09 -29.45 -18.53
N PRO B 199 -1.51 -30.57 -19.01
CA PRO B 199 -0.61 -30.58 -20.17
C PRO B 199 -1.30 -30.17 -21.47
N SER B 200 -2.61 -30.44 -21.58
CA SER B 200 -3.36 -30.14 -22.80
C SER B 200 -3.55 -28.64 -23.02
N GLU B 201 -3.64 -27.90 -21.91
CA GLU B 201 -3.74 -26.46 -21.97
C GLU B 201 -2.37 -25.82 -22.22
N ILE B 202 -1.32 -26.45 -21.67
CA ILE B 202 0.06 -26.01 -21.90
C ILE B 202 0.37 -26.03 -23.39
N GLN B 203 -0.02 -27.13 -24.04
CA GLN B 203 0.09 -27.29 -25.49
C GLN B 203 -0.61 -26.12 -26.19
N HIS B 204 -1.89 -25.94 -25.86
CA HIS B 204 -2.72 -24.88 -26.41
C HIS B 204 -2.03 -23.52 -26.32
N LYS B 205 -1.60 -23.14 -25.12
CA LYS B 205 -1.01 -21.81 -24.91
C LYS B 205 0.36 -21.62 -25.55
N VAL B 206 1.16 -22.69 -25.57
CA VAL B 206 2.47 -22.66 -26.21
C VAL B 206 2.32 -22.55 -27.72
N ALA B 207 1.35 -23.27 -28.27
CA ALA B 207 1.11 -23.29 -29.71
C ALA B 207 0.76 -21.91 -30.22
N HIS B 208 -0.14 -21.23 -29.51
CA HIS B 208 -0.55 -19.87 -29.83
C HIS B 208 0.60 -18.88 -29.68
N ALA B 209 1.41 -19.09 -28.65
CA ALA B 209 2.59 -18.26 -28.42
C ALA B 209 3.57 -18.34 -29.59
N LEU B 210 3.69 -19.54 -30.18
CA LEU B 210 4.65 -19.77 -31.27
C LEU B 210 4.06 -19.71 -32.66
N GLY B 211 2.73 -19.53 -32.76
CA GLY B 211 2.04 -19.48 -34.04
C GLY B 211 2.03 -20.82 -34.76
N LEU B 212 2.00 -21.90 -33.97
CA LEU B 212 2.03 -23.25 -34.49
C LEU B 212 0.69 -23.93 -34.26
N ALA B 213 0.31 -24.77 -35.21
CA ALA B 213 -0.84 -25.66 -35.05
C ALA B 213 -0.55 -26.63 -33.90
N PHE B 214 -1.61 -27.09 -33.24
CA PHE B 214 -1.50 -27.95 -32.05
C PHE B 214 -0.66 -29.20 -32.26
N HIS B 215 -0.72 -29.77 -33.46
CA HIS B 215 0.05 -30.96 -33.80
C HIS B 215 1.57 -30.73 -33.90
N ASP B 216 2.03 -29.52 -33.57
CA ASP B 216 3.46 -29.21 -33.57
C ASP B 216 4.03 -28.98 -32.18
N VAL B 217 3.18 -29.19 -31.17
CA VAL B 217 3.55 -28.97 -29.78
C VAL B 217 3.18 -30.20 -28.97
N ARG B 218 4.14 -30.72 -28.20
CA ARG B 218 3.94 -31.95 -27.46
C ARG B 218 4.34 -31.77 -26.01
N VAL B 219 3.40 -32.07 -25.10
CA VAL B 219 3.67 -31.90 -23.68
C VAL B 219 3.80 -33.25 -23.00
N GLU B 220 4.94 -33.47 -22.36
CA GLU B 220 5.18 -34.66 -21.54
C GLU B 220 5.26 -34.23 -20.10
N MET B 221 4.66 -35.04 -19.23
CA MET B 221 4.55 -34.70 -17.81
C MET B 221 4.44 -35.99 -17.00
N ARG B 222 5.51 -36.31 -16.24
CA ARG B 222 5.64 -37.60 -15.56
C ARG B 222 5.17 -37.58 -14.10
N ARG B 223 5.68 -36.63 -13.32
CA ARG B 223 5.24 -36.41 -11.94
C ARG B 223 5.44 -34.96 -11.51
N MET B 224 4.62 -34.51 -10.57
CA MET B 224 4.79 -33.21 -9.93
C MET B 224 5.17 -33.40 -8.49
N GLY B 225 6.00 -32.51 -7.98
CA GLY B 225 6.27 -32.44 -6.54
C GLY B 225 5.21 -31.58 -5.89
N GLY B 226 3.96 -32.05 -5.91
CA GLY B 226 2.81 -31.30 -5.39
C GLY B 226 2.20 -30.38 -6.43
N GLY B 227 0.91 -30.14 -6.32
CA GLY B 227 0.19 -29.27 -7.24
C GLY B 227 -0.93 -28.48 -6.56
N PHE B 228 -1.84 -29.23 -5.93
CA PHE B 228 -2.90 -28.69 -5.06
C PHE B 228 -3.80 -27.65 -5.74
N GLY B 229 -3.82 -27.67 -7.07
CA GLY B 229 -4.58 -26.69 -7.83
C GLY B 229 -3.71 -25.59 -8.39
N GLY B 230 -2.63 -25.28 -7.69
CA GLY B 230 -1.70 -24.22 -8.09
C GLY B 230 -1.00 -24.43 -9.40
N LYS B 231 -1.10 -25.65 -9.93
CA LYS B 231 -0.46 -26.00 -11.19
C LYS B 231 -1.49 -26.33 -12.28
N GLU B 232 -2.74 -25.92 -12.04
CA GLU B 232 -3.82 -26.11 -13.00
C GLU B 232 -3.73 -25.10 -14.15
N SER B 233 -3.24 -23.90 -13.85
CA SER B 233 -3.09 -22.87 -14.87
C SER B 233 -1.76 -22.13 -14.77
N GLN B 234 -1.24 -21.97 -13.55
CA GLN B 234 -0.08 -21.11 -13.29
C GLN B 234 1.19 -21.53 -14.04
N GLY B 235 1.20 -22.77 -14.53
CA GLY B 235 2.32 -23.27 -15.32
C GLY B 235 2.46 -22.63 -16.69
N ASN B 236 1.36 -22.09 -17.21
CA ASN B 236 1.32 -21.49 -18.56
C ASN B 236 2.41 -20.45 -18.84
N HIS B 237 2.65 -19.57 -17.87
CA HIS B 237 3.62 -18.49 -18.02
C HIS B 237 5.05 -18.96 -18.28
N LEU B 238 5.45 -20.05 -17.62
CA LEU B 238 6.78 -20.60 -17.78
C LEU B 238 6.94 -21.35 -19.10
N ALA B 239 5.97 -22.21 -19.41
CA ALA B 239 6.00 -22.99 -20.65
C ALA B 239 5.98 -22.10 -21.87
N ILE B 240 5.24 -20.99 -21.79
CA ILE B 240 5.24 -19.98 -22.84
C ILE B 240 6.61 -19.30 -22.94
N ALA B 241 7.19 -18.97 -21.78
CA ALA B 241 8.49 -18.31 -21.71
C ALA B 241 9.59 -19.13 -22.36
N CYS B 242 9.59 -20.43 -22.06
CA CYS B 242 10.58 -21.35 -22.61
C CYS B 242 10.38 -21.59 -24.09
N ALA B 243 9.11 -21.74 -24.49
CA ALA B 243 8.76 -21.94 -25.89
C ALA B 243 9.22 -20.76 -26.73
N VAL B 244 9.00 -19.56 -26.21
CA VAL B 244 9.31 -18.32 -26.90
C VAL B 244 10.82 -18.08 -26.96
N ALA B 245 11.51 -18.29 -25.85
CA ALA B 245 12.95 -18.11 -25.75
C ALA B 245 13.70 -19.15 -26.60
N ALA B 246 13.22 -20.38 -26.58
CA ALA B 246 13.81 -21.44 -27.41
C ALA B 246 13.68 -21.13 -28.90
N ARG B 247 12.51 -20.65 -29.30
CA ARG B 247 12.27 -20.27 -30.68
C ARG B 247 13.26 -19.21 -31.16
N ALA B 248 13.58 -18.26 -30.28
CA ALA B 248 14.45 -17.15 -30.62
C ALA B 248 15.93 -17.51 -30.53
N THR B 249 16.33 -18.21 -29.47
CA THR B 249 17.73 -18.48 -29.20
C THR B 249 18.26 -19.71 -29.95
N GLY B 250 17.35 -20.57 -30.37
CA GLY B 250 17.72 -21.82 -31.06
C GLY B 250 18.09 -22.94 -30.10
N ARG B 251 18.18 -22.60 -28.83
CA ARG B 251 18.65 -23.53 -27.81
C ARG B 251 17.51 -24.06 -26.93
N PRO B 252 17.72 -25.20 -26.24
CA PRO B 252 16.72 -25.59 -25.25
C PRO B 252 16.67 -24.58 -24.11
N CYS B 253 15.46 -24.27 -23.63
CA CYS B 253 15.30 -23.34 -22.50
C CYS B 253 14.59 -23.97 -21.30
N LYS B 254 15.08 -23.64 -20.11
CA LYS B 254 14.50 -24.15 -18.86
C LYS B 254 14.24 -23.01 -17.88
N MET B 255 13.07 -23.02 -17.27
CA MET B 255 12.71 -22.01 -16.28
C MET B 255 12.06 -22.61 -15.03
N ARG B 256 12.57 -22.21 -13.87
CA ARG B 256 11.95 -22.53 -12.58
C ARG B 256 11.99 -21.32 -11.66
N TYR B 257 10.84 -21.01 -11.07
CA TYR B 257 10.74 -19.94 -10.09
C TYR B 257 11.54 -20.27 -8.83
N ASP B 258 12.30 -19.30 -8.35
CA ASP B 258 12.82 -19.35 -6.99
C ASP B 258 11.64 -19.13 -6.05
N ARG B 259 11.70 -19.69 -4.83
CA ARG B 259 10.55 -19.69 -3.92
C ARG B 259 9.90 -18.31 -3.72
N ASP B 260 10.74 -17.28 -3.58
CA ASP B 260 10.26 -15.91 -3.43
C ASP B 260 9.56 -15.42 -4.70
N ASP B 261 10.12 -15.74 -5.86
CA ASP B 261 9.45 -15.42 -7.13
C ASP B 261 8.13 -16.16 -7.27
N ASP B 262 8.15 -17.44 -6.86
CA ASP B 262 7.00 -18.31 -6.98
C ASP B 262 5.80 -17.78 -6.18
N MET B 263 6.06 -17.30 -4.97
CA MET B 263 4.98 -16.81 -4.10
C MET B 263 4.48 -15.42 -4.48
N VAL B 264 5.36 -14.62 -5.06
CA VAL B 264 5.00 -13.29 -5.49
C VAL B 264 4.20 -13.34 -6.80
N ILE B 265 4.70 -14.09 -7.79
CA ILE B 265 4.05 -14.15 -9.11
C ILE B 265 2.72 -14.93 -9.09
N THR B 266 2.78 -16.19 -8.67
CA THR B 266 1.61 -17.09 -8.77
C THR B 266 0.47 -16.68 -7.84
N GLY B 267 -0.75 -17.09 -8.20
CA GLY B 267 -1.93 -16.80 -7.39
C GLY B 267 -2.10 -17.71 -6.20
N LYS B 268 -3.18 -17.49 -5.46
CA LYS B 268 -3.48 -18.28 -4.26
C LYS B 268 -4.97 -18.60 -4.19
N ARG B 269 -5.40 -19.11 -3.05
CA ARG B 269 -6.82 -19.36 -2.79
C ARG B 269 -7.54 -18.02 -2.61
N HIS B 270 -8.69 -17.90 -3.27
CA HIS B 270 -9.54 -16.73 -3.15
C HIS B 270 -9.95 -16.51 -1.70
N ASP B 271 -9.54 -15.38 -1.13
CA ASP B 271 -10.01 -14.97 0.20
C ASP B 271 -11.42 -14.40 0.09
N PHE B 272 -12.23 -14.67 1.11
CA PHE B 272 -13.63 -14.27 1.10
C PHE B 272 -13.97 -13.46 2.34
N ARG B 273 -14.90 -12.51 2.17
CA ARG B 273 -15.66 -11.96 3.27
C ARG B 273 -17.08 -12.46 3.04
N ILE B 274 -17.66 -13.08 4.07
CA ILE B 274 -19.00 -13.63 3.95
C ILE B 274 -19.94 -12.98 4.97
N ARG B 275 -21.01 -12.38 4.44
CA ARG B 275 -22.08 -11.84 5.27
C ARG B 275 -23.23 -12.82 5.26
N TYR B 276 -23.81 -13.08 6.42
CA TYR B 276 -24.91 -14.03 6.53
C TYR B 276 -26.09 -13.57 7.38
N ARG B 277 -27.28 -14.03 7.01
CA ARG B 277 -28.47 -13.93 7.84
C ARG B 277 -29.16 -15.28 7.79
N ILE B 278 -29.20 -15.95 8.94
CA ILE B 278 -29.76 -17.29 9.00
C ILE B 278 -30.89 -17.38 10.05
N GLY B 279 -31.99 -18.02 9.66
CA GLY B 279 -33.17 -18.13 10.53
C GLY B 279 -33.61 -19.56 10.80
N ALA B 280 -34.15 -19.78 11.99
CA ALA B 280 -34.58 -21.11 12.40
C ALA B 280 -36.03 -21.17 12.89
N ASP B 281 -36.46 -22.40 13.15
CA ASP B 281 -37.77 -22.75 13.67
C ASP B 281 -37.74 -22.71 15.20
N ALA B 282 -38.91 -22.82 15.82
CA ALA B 282 -39.01 -23.05 17.26
C ALA B 282 -38.55 -24.49 17.58
N SER B 283 -38.83 -25.40 16.65
CA SER B 283 -38.31 -26.77 16.72
C SER B 283 -36.80 -26.83 16.40
N GLY B 284 -36.34 -25.90 15.57
CA GLY B 284 -34.91 -25.80 15.24
C GLY B 284 -34.59 -26.05 13.78
N LYS B 285 -35.63 -26.28 12.97
CA LYS B 285 -35.47 -26.42 11.53
C LYS B 285 -35.13 -25.08 10.89
N LEU B 286 -34.21 -25.10 9.92
CA LEU B 286 -33.81 -23.89 9.22
C LEU B 286 -34.96 -23.36 8.35
N LEU B 287 -35.19 -22.05 8.41
CA LEU B 287 -36.17 -21.43 7.55
C LEU B 287 -35.50 -20.88 6.29
N GLY B 288 -34.47 -20.06 6.49
CA GLY B 288 -33.77 -19.43 5.39
C GLY B 288 -32.36 -19.01 5.70
N ALA B 289 -31.56 -18.84 4.66
CA ALA B 289 -30.20 -18.35 4.79
C ALA B 289 -29.89 -17.37 3.66
N ASP B 290 -29.58 -16.14 4.02
CA ASP B 290 -29.18 -15.12 3.04
C ASP B 290 -27.69 -14.88 3.12
N PHE B 291 -26.98 -15.18 2.03
CA PHE B 291 -25.54 -15.07 1.98
C PHE B 291 -25.04 -14.02 1.00
N VAL B 292 -23.94 -13.38 1.34
CA VAL B 292 -23.27 -12.44 0.45
C VAL B 292 -21.77 -12.79 0.39
N HIS B 293 -21.31 -13.19 -0.78
CA HIS B 293 -19.90 -13.54 -0.98
C HIS B 293 -19.10 -12.41 -1.60
N LEU B 294 -18.13 -11.90 -0.86
CA LEU B 294 -17.17 -10.94 -1.40
C LEU B 294 -15.85 -11.66 -1.61
N ALA B 295 -15.54 -11.93 -2.88
CA ALA B 295 -14.38 -12.75 -3.26
C ALA B 295 -13.30 -11.92 -3.94
N ARG B 296 -12.06 -12.13 -3.54
CA ARG B 296 -10.92 -11.44 -4.14
C ARG B 296 -10.32 -12.27 -5.26
N CYS B 297 -10.40 -11.75 -6.48
CA CYS B 297 -10.01 -12.51 -7.66
C CYS B 297 -8.66 -12.09 -8.21
N GLY B 298 -8.15 -10.96 -7.76
CA GLY B 298 -6.88 -10.43 -8.24
C GLY B 298 -6.98 -9.66 -9.54
N TRP B 299 -5.82 -9.39 -10.14
CA TRP B 299 -5.71 -8.55 -11.32
C TRP B 299 -6.18 -9.19 -12.62
N SER B 300 -6.60 -10.45 -12.54
CA SER B 300 -6.99 -11.21 -13.72
C SER B 300 -8.01 -12.30 -13.40
N ALA B 301 -8.83 -12.63 -14.40
CA ALA B 301 -9.88 -13.63 -14.27
C ALA B 301 -9.34 -14.97 -13.82
N ASP B 302 -8.42 -15.54 -14.61
CA ASP B 302 -7.89 -16.88 -14.38
C ASP B 302 -9.03 -17.89 -14.28
N LEU B 303 -9.20 -18.50 -13.11
CA LEU B 303 -10.24 -19.49 -12.90
C LEU B 303 -11.24 -19.06 -11.82
N SER B 304 -11.39 -17.74 -11.66
CA SER B 304 -12.27 -17.17 -10.64
C SER B 304 -13.76 -17.46 -10.88
N LEU B 305 -14.19 -17.38 -12.15
CA LEU B 305 -15.58 -17.64 -12.50
C LEU B 305 -16.08 -18.98 -11.96
N PRO B 306 -15.42 -20.10 -12.34
CA PRO B 306 -15.91 -21.36 -11.80
C PRO B 306 -15.62 -21.52 -10.30
N VAL B 307 -14.60 -20.83 -9.79
CA VAL B 307 -14.27 -20.90 -8.36
C VAL B 307 -15.42 -20.38 -7.49
N CYS B 308 -15.91 -19.18 -7.81
CA CYS B 308 -16.99 -18.58 -7.04
C CYS B 308 -18.32 -19.27 -7.27
N ASP B 309 -18.46 -19.89 -8.45
CA ASP B 309 -19.61 -20.73 -8.75
C ASP B 309 -19.74 -21.92 -7.81
N ARG B 310 -18.61 -22.47 -7.39
CA ARG B 310 -18.60 -23.62 -6.49
C ARG B 310 -18.77 -23.16 -5.04
N ALA B 311 -18.38 -21.92 -4.77
CA ALA B 311 -18.58 -21.31 -3.45
C ALA B 311 -20.08 -21.22 -3.17
N MET B 312 -20.82 -20.81 -4.20
CA MET B 312 -22.28 -20.69 -4.13
C MET B 312 -22.93 -22.07 -4.02
N LEU B 313 -22.58 -22.97 -4.95
CA LEU B 313 -23.09 -24.35 -4.97
C LEU B 313 -22.96 -25.06 -3.62
N HIS B 314 -21.95 -24.70 -2.84
CA HIS B 314 -21.68 -25.34 -1.55
C HIS B 314 -22.07 -24.49 -0.34
N ALA B 315 -22.75 -23.38 -0.59
CA ALA B 315 -23.21 -22.49 0.48
C ALA B 315 -24.41 -23.06 1.26
N ASP B 316 -24.85 -24.26 0.87
CA ASP B 316 -25.86 -25.00 1.63
C ASP B 316 -25.26 -25.86 2.75
N GLY B 317 -23.94 -26.04 2.70
CA GLY B 317 -23.25 -26.95 3.60
C GLY B 317 -23.79 -28.37 3.42
N SER B 318 -24.17 -28.97 4.54
CA SER B 318 -24.75 -30.32 4.54
C SER B 318 -26.26 -30.29 4.80
N TYR B 319 -26.89 -29.13 4.59
CA TYR B 319 -28.23 -28.89 5.12
C TYR B 319 -29.28 -28.54 4.09
N PHE B 320 -30.50 -29.03 4.32
CA PHE B 320 -31.66 -28.63 3.55
C PHE B 320 -32.22 -27.30 4.07
N VAL B 321 -32.17 -26.29 3.22
CA VAL B 321 -32.74 -24.98 3.54
C VAL B 321 -33.88 -24.70 2.56
N PRO B 322 -35.11 -24.50 3.07
CA PRO B 322 -36.28 -24.31 2.22
C PRO B 322 -36.19 -23.04 1.37
N ALA B 323 -35.45 -22.05 1.85
CA ALA B 323 -35.22 -20.81 1.12
C ALA B 323 -33.79 -20.32 1.33
N LEU B 324 -33.11 -20.00 0.23
CA LEU B 324 -31.70 -19.64 0.27
C LEU B 324 -31.33 -18.67 -0.84
N ARG B 325 -30.52 -17.67 -0.50
CA ARG B 325 -30.00 -16.73 -1.49
C ARG B 325 -28.51 -16.46 -1.32
N ILE B 326 -27.80 -16.36 -2.44
CA ILE B 326 -26.39 -15.98 -2.44
C ILE B 326 -26.17 -14.82 -3.41
N GLU B 327 -25.40 -13.83 -2.96
CA GLU B 327 -25.01 -12.70 -3.80
C GLU B 327 -23.49 -12.70 -3.93
N SER B 328 -23.01 -13.01 -5.14
CA SER B 328 -21.60 -13.34 -5.34
C SER B 328 -20.84 -12.27 -6.12
N HIS B 329 -20.00 -11.52 -5.42
CA HIS B 329 -19.22 -10.46 -6.03
C HIS B 329 -17.79 -10.95 -6.31
N ARG B 330 -17.48 -11.11 -7.59
CA ARG B 330 -16.13 -11.51 -7.99
C ARG B 330 -15.32 -10.25 -8.27
N LEU B 331 -14.80 -9.66 -7.20
CA LEU B 331 -14.12 -8.37 -7.28
C LEU B 331 -12.67 -8.50 -7.77
N ARG B 332 -12.29 -7.58 -8.67
CA ARG B 332 -10.94 -7.47 -9.19
C ARG B 332 -10.12 -6.56 -8.28
N THR B 333 -8.92 -7.02 -7.90
CA THR B 333 -8.00 -6.18 -7.13
C THR B 333 -6.60 -6.21 -7.74
N ASN B 334 -5.82 -5.15 -7.50
CA ASN B 334 -4.45 -5.08 -8.01
C ASN B 334 -3.46 -5.98 -7.25
N THR B 335 -3.89 -7.21 -6.99
CA THR B 335 -3.06 -8.21 -6.32
C THR B 335 -2.97 -9.45 -7.21
N GLN B 336 -2.19 -10.44 -6.78
CA GLN B 336 -1.99 -11.68 -7.53
C GLN B 336 -3.32 -12.26 -8.00
N SER B 337 -3.36 -12.72 -9.25
CA SER B 337 -4.55 -13.33 -9.83
C SER B 337 -4.81 -14.68 -9.21
N ASN B 338 -5.81 -14.75 -8.34
CA ASN B 338 -6.15 -15.97 -7.62
C ASN B 338 -6.63 -17.11 -8.52
N THR B 339 -6.42 -18.34 -8.07
CA THR B 339 -6.55 -19.51 -8.92
C THR B 339 -7.27 -20.67 -8.23
N ALA B 340 -7.10 -21.86 -8.80
CA ALA B 340 -7.61 -23.10 -8.22
C ALA B 340 -6.80 -23.50 -6.97
N PHE B 341 -7.48 -24.09 -6.00
CA PHE B 341 -6.85 -24.65 -4.80
C PHE B 341 -7.78 -25.70 -4.18
N ARG B 342 -7.30 -26.95 -4.13
CA ARG B 342 -7.96 -28.05 -3.43
C ARG B 342 -9.27 -27.67 -2.70
N GLY B 343 -10.39 -27.91 -3.37
CA GLY B 343 -11.69 -27.51 -2.85
C GLY B 343 -12.39 -26.58 -3.82
N PHE B 344 -11.58 -25.75 -4.50
CA PHE B 344 -12.02 -24.92 -5.62
C PHE B 344 -13.19 -24.00 -5.26
N GLY B 345 -12.99 -23.16 -4.23
CA GLY B 345 -14.04 -22.24 -3.77
C GLY B 345 -15.07 -22.91 -2.86
N GLY B 346 -15.13 -24.24 -2.95
CA GLY B 346 -16.04 -25.04 -2.14
C GLY B 346 -15.91 -24.84 -0.65
N PRO B 347 -14.67 -24.90 -0.11
CA PRO B 347 -14.49 -24.79 1.34
C PRO B 347 -14.94 -23.46 1.92
N GLN B 348 -14.89 -22.40 1.10
CA GLN B 348 -15.32 -21.07 1.53
C GLN B 348 -16.83 -21.03 1.70
N GLY B 349 -17.55 -21.52 0.70
CA GLY B 349 -19.01 -21.56 0.74
C GLY B 349 -19.53 -22.41 1.88
N ALA B 350 -18.86 -23.54 2.12
CA ALA B 350 -19.22 -24.46 3.19
C ALA B 350 -19.01 -23.83 4.57
N LEU B 351 -17.86 -23.17 4.74
CA LEU B 351 -17.51 -22.51 5.99
C LEU B 351 -18.45 -21.36 6.35
N GLY B 352 -18.94 -20.66 5.32
CA GLY B 352 -19.95 -19.60 5.49
C GLY B 352 -21.22 -20.16 6.10
N MET B 353 -21.69 -21.28 5.55
CA MET B 353 -22.84 -21.99 6.09
C MET B 353 -22.57 -22.56 7.50
N GLU B 354 -21.32 -22.94 7.74
CA GLU B 354 -20.94 -23.53 9.02
C GLU B 354 -20.84 -22.48 10.13
N ARG B 355 -20.25 -21.34 9.80
CA ARG B 355 -20.11 -20.24 10.75
C ARG B 355 -21.49 -19.74 11.13
N ALA B 356 -22.38 -19.65 10.15
CA ALA B 356 -23.75 -19.20 10.33
C ALA B 356 -24.56 -20.12 11.24
N ILE B 357 -24.54 -21.42 10.94
CA ILE B 357 -25.30 -22.40 11.73
C ILE B 357 -24.73 -22.55 13.15
N GLU B 358 -23.42 -22.30 13.29
CA GLU B 358 -22.78 -22.27 14.59
C GLU B 358 -23.30 -21.08 15.39
N HIS B 359 -23.36 -19.92 14.75
CA HIS B 359 -23.83 -18.69 15.38
C HIS B 359 -25.28 -18.82 15.82
N LEU B 360 -26.10 -19.38 14.94
CA LEU B 360 -27.52 -19.64 15.21
C LEU B 360 -27.70 -20.52 16.45
N ALA B 361 -26.97 -21.64 16.47
CA ALA B 361 -26.97 -22.57 17.60
C ALA B 361 -26.63 -21.86 18.91
N ARG B 362 -25.56 -21.07 18.88
CA ARG B 362 -25.11 -20.32 20.05
C ARG B 362 -26.14 -19.28 20.47
N GLY B 363 -26.81 -18.69 19.49
CA GLY B 363 -27.81 -17.66 19.72
C GLY B 363 -29.03 -18.14 20.48
N MET B 364 -29.42 -19.39 20.23
CA MET B 364 -30.56 -19.98 20.92
C MET B 364 -30.12 -20.95 22.02
N GLY B 365 -28.84 -20.89 22.38
CA GLY B 365 -28.26 -21.73 23.43
C GLY B 365 -28.48 -23.22 23.22
N ARG B 366 -28.24 -23.69 22.00
CA ARG B 366 -28.44 -25.09 21.65
C ARG B 366 -27.12 -25.76 21.25
N ASP B 367 -27.00 -27.06 21.51
CA ASP B 367 -25.84 -27.83 21.08
C ASP B 367 -25.73 -27.85 19.55
N PRO B 368 -24.64 -27.28 19.01
CA PRO B 368 -24.46 -27.12 17.57
C PRO B 368 -24.55 -28.44 16.82
N ALA B 369 -23.93 -29.48 17.39
CA ALA B 369 -23.98 -30.81 16.81
C ALA B 369 -25.42 -31.28 16.61
N GLU B 370 -26.23 -31.16 17.65
CA GLU B 370 -27.64 -31.55 17.63
C GLU B 370 -28.42 -30.78 16.55
N LEU B 371 -28.15 -29.48 16.46
CA LEU B 371 -28.82 -28.60 15.50
C LEU B 371 -28.51 -29.00 14.05
N ARG B 372 -27.22 -29.24 13.79
CA ARG B 372 -26.77 -29.74 12.48
C ARG B 372 -27.41 -31.08 12.16
N ALA B 373 -27.36 -31.98 13.15
CA ALA B 373 -27.97 -33.31 13.02
C ALA B 373 -29.43 -33.20 12.62
N LEU B 374 -30.15 -32.28 13.27
CA LEU B 374 -31.55 -32.02 12.97
C LEU B 374 -31.76 -31.51 11.55
N ASN B 375 -30.74 -30.83 11.00
CA ASN B 375 -30.89 -30.13 9.73
C ASN B 375 -30.10 -30.70 8.54
N PHE B 376 -29.63 -31.94 8.67
CA PHE B 376 -29.03 -32.63 7.53
C PHE B 376 -30.08 -32.93 6.46
N TYR B 377 -29.63 -33.31 5.26
CA TYR B 377 -30.53 -33.87 4.26
C TYR B 377 -30.96 -35.26 4.71
N ASP B 378 -32.09 -35.74 4.21
CA ASP B 378 -32.62 -37.04 4.61
C ASP B 378 -31.86 -38.19 3.94
N PRO B 379 -31.78 -39.35 4.62
CA PRO B 379 -31.20 -40.56 4.03
C PRO B 379 -32.00 -41.06 2.82
N PRO B 380 -31.36 -41.85 1.93
CA PRO B 380 -32.12 -42.44 0.81
C PRO B 380 -33.25 -43.34 1.31
N GLU B 381 -34.38 -43.33 0.59
CA GLU B 381 -35.64 -43.97 1.01
C GLU B 381 -36.14 -43.51 2.38
N LYS B 398 -42.63 -40.06 -0.61
CA LYS B 398 -42.23 -38.65 -0.71
C LYS B 398 -41.21 -38.35 -1.81
N LYS B 399 -41.19 -37.10 -2.24
CA LYS B 399 -40.22 -36.60 -3.22
C LYS B 399 -38.94 -36.15 -2.51
N THR B 400 -37.80 -36.37 -3.16
CA THR B 400 -36.48 -36.11 -2.59
C THR B 400 -36.23 -34.62 -2.42
N GLN B 401 -35.58 -34.25 -1.32
CA GLN B 401 -35.13 -32.88 -1.10
C GLN B 401 -34.14 -32.48 -2.19
N THR B 402 -34.21 -31.21 -2.59
CA THR B 402 -33.22 -30.69 -3.54
C THR B 402 -32.34 -29.65 -2.86
N THR B 403 -31.19 -29.39 -3.48
CA THR B 403 -30.31 -28.30 -3.09
C THR B 403 -30.93 -26.96 -3.48
N HIS B 404 -30.26 -25.86 -3.10
CA HIS B 404 -30.70 -24.53 -3.48
C HIS B 404 -30.61 -24.27 -4.98
N TYR B 405 -29.74 -25.01 -5.65
CA TYR B 405 -29.62 -24.95 -7.11
C TYR B 405 -30.51 -26.03 -7.76
N GLY B 406 -31.31 -26.70 -6.94
CA GLY B 406 -32.31 -27.65 -7.41
C GLY B 406 -31.80 -28.99 -7.89
N GLN B 407 -30.87 -29.58 -7.13
CA GLN B 407 -30.41 -30.94 -7.41
C GLN B 407 -30.78 -31.89 -6.28
N GLU B 408 -31.40 -33.00 -6.65
CA GLU B 408 -31.82 -34.01 -5.68
C GLU B 408 -30.64 -34.66 -4.97
N VAL B 409 -30.79 -34.79 -3.65
CA VAL B 409 -29.75 -35.35 -2.79
C VAL B 409 -30.22 -36.74 -2.32
N ALA B 410 -30.13 -37.70 -3.23
CA ALA B 410 -30.60 -39.06 -2.97
C ALA B 410 -29.51 -39.99 -2.47
N ASP B 411 -28.45 -39.43 -1.91
CA ASP B 411 -27.28 -40.22 -1.48
C ASP B 411 -26.68 -39.71 -0.17
N CYS B 412 -27.47 -38.97 0.59
CA CYS B 412 -26.98 -38.34 1.80
C CYS B 412 -26.96 -39.30 2.98
N VAL B 413 -25.75 -39.68 3.40
CA VAL B 413 -25.54 -40.68 4.45
C VAL B 413 -25.11 -40.07 5.80
N LEU B 414 -25.15 -38.75 5.88
CA LEU B 414 -24.56 -38.03 7.01
C LEU B 414 -25.20 -38.31 8.37
N GLY B 415 -26.51 -38.50 8.39
CA GLY B 415 -27.22 -38.84 9.62
C GLY B 415 -26.63 -40.08 10.28
N GLU B 416 -26.52 -41.15 9.50
CA GLU B 416 -25.95 -42.42 9.96
C GLU B 416 -24.46 -42.32 10.28
N LEU B 417 -23.71 -41.70 9.36
CA LEU B 417 -22.26 -41.55 9.48
C LEU B 417 -21.87 -40.80 10.75
N VAL B 418 -22.42 -39.60 10.93
CA VAL B 418 -22.11 -38.77 12.09
C VAL B 418 -22.38 -39.52 13.39
N THR B 419 -23.51 -40.24 13.45
CA THR B 419 -23.83 -41.06 14.62
C THR B 419 -22.70 -42.03 14.93
N ARG B 420 -22.29 -42.81 13.92
CA ARG B 420 -21.18 -43.75 14.06
C ARG B 420 -19.91 -43.08 14.60
N LEU B 421 -19.53 -41.95 14.01
CA LEU B 421 -18.30 -41.24 14.39
C LEU B 421 -18.33 -40.72 15.83
N GLN B 422 -19.51 -40.28 16.28
CA GLN B 422 -19.67 -39.73 17.63
C GLN B 422 -19.49 -40.80 18.71
N LYS B 423 -19.95 -42.01 18.42
CA LYS B 423 -19.83 -43.15 19.35
C LYS B 423 -18.38 -43.63 19.41
N SER B 424 -17.77 -43.80 18.25
CA SER B 424 -16.39 -44.29 18.15
C SER B 424 -15.35 -43.31 18.74
N ALA B 425 -15.65 -42.01 18.63
CA ALA B 425 -14.77 -40.96 19.16
C ALA B 425 -15.08 -40.66 20.62
N ASN B 426 -16.12 -41.30 21.15
CA ASN B 426 -16.61 -41.05 22.51
C ASN B 426 -16.91 -39.57 22.71
N PHE B 427 -17.87 -39.06 21.92
CA PHE B 427 -18.14 -37.62 21.81
C PHE B 427 -18.81 -37.00 23.03
N THR B 428 -19.92 -37.57 23.47
CA THR B 428 -20.70 -37.02 24.57
C THR B 428 -19.90 -36.98 25.87
N THR B 429 -19.23 -38.08 26.19
CA THR B 429 -18.41 -38.16 27.40
C THR B 429 -17.25 -37.17 27.35
N ARG B 430 -16.51 -37.16 26.23
CA ARG B 430 -15.38 -36.23 26.05
C ARG B 430 -15.79 -34.77 26.22
N ARG B 431 -16.96 -34.42 25.70
CA ARG B 431 -17.48 -33.05 25.78
C ARG B 431 -17.67 -32.63 27.23
N ALA B 432 -18.26 -33.53 28.02
CA ALA B 432 -18.44 -33.31 29.45
C ALA B 432 -17.10 -33.20 30.18
N GLU B 433 -16.17 -34.10 29.84
CA GLU B 433 -14.83 -34.10 30.42
C GLU B 433 -14.07 -32.79 30.17
N ILE B 434 -14.35 -32.17 29.02
CA ILE B 434 -13.77 -30.87 28.68
C ILE B 434 -14.44 -29.75 29.49
N ALA B 435 -15.76 -29.85 29.68
CA ALA B 435 -16.50 -28.88 30.49
C ALA B 435 -15.90 -28.77 31.89
N ALA B 436 -15.63 -29.91 32.51
CA ALA B 436 -15.00 -29.98 33.83
C ALA B 436 -13.57 -29.40 33.84
N TRP B 437 -12.77 -29.81 32.85
CA TRP B 437 -11.38 -29.35 32.72
C TRP B 437 -11.30 -27.85 32.59
N ASN B 438 -12.22 -27.28 31.82
CA ASN B 438 -12.30 -25.84 31.59
C ASN B 438 -12.57 -25.07 32.88
N SER B 439 -13.46 -25.62 33.71
CA SER B 439 -13.87 -25.00 34.97
C SER B 439 -12.84 -25.15 36.10
N THR B 440 -11.77 -25.90 35.82
CA THR B 440 -10.66 -26.04 36.78
C THR B 440 -9.48 -25.19 36.33
N ASN B 441 -9.50 -24.75 35.06
CA ASN B 441 -8.45 -23.92 34.50
C ASN B 441 -8.90 -22.49 34.24
N ARG B 442 -7.95 -21.57 34.22
CA ARG B 442 -8.26 -20.17 33.91
C ARG B 442 -7.22 -19.50 33.01
N THR B 443 -6.16 -20.24 32.66
CA THR B 443 -5.18 -19.79 31.68
C THR B 443 -5.33 -20.56 30.36
N LEU B 444 -5.67 -21.84 30.47
CA LEU B 444 -5.83 -22.69 29.32
C LEU B 444 -7.28 -23.14 29.17
N ALA B 445 -7.79 -23.11 27.94
CA ALA B 445 -9.16 -23.55 27.66
C ALA B 445 -9.19 -24.56 26.51
N ARG B 446 -9.97 -25.63 26.71
CA ARG B 446 -10.17 -26.65 25.69
C ARG B 446 -11.41 -26.36 24.86
N GLY B 447 -11.42 -26.91 23.64
CA GLY B 447 -12.56 -26.76 22.73
C GLY B 447 -12.69 -27.97 21.82
N ILE B 448 -13.93 -28.40 21.62
CA ILE B 448 -14.22 -29.54 20.75
C ILE B 448 -15.38 -29.20 19.82
N ALA B 449 -15.31 -29.68 18.58
CA ALA B 449 -16.38 -29.45 17.61
C ALA B 449 -16.44 -30.52 16.54
N LEU B 450 -17.63 -30.69 15.97
CA LEU B 450 -17.87 -31.63 14.88
C LEU B 450 -18.39 -30.87 13.67
N SER B 451 -17.77 -31.09 12.50
CA SER B 451 -18.26 -30.47 11.26
C SER B 451 -18.41 -31.48 10.12
N PRO B 452 -19.52 -31.39 9.36
CA PRO B 452 -19.79 -32.34 8.29
C PRO B 452 -19.28 -31.87 6.92
N VAL B 453 -19.28 -32.77 5.94
CA VAL B 453 -18.88 -32.44 4.58
C VAL B 453 -19.89 -32.98 3.58
N LYS B 454 -20.31 -32.10 2.67
CA LYS B 454 -21.07 -32.49 1.49
C LYS B 454 -20.43 -31.75 0.29
N PHE B 455 -19.64 -32.48 -0.48
CA PHE B 455 -18.90 -31.94 -1.61
C PHE B 455 -19.41 -32.58 -2.90
N GLY B 456 -19.87 -31.76 -3.84
CA GLY B 456 -20.33 -32.27 -5.14
C GLY B 456 -19.19 -32.69 -6.03
N ILE B 457 -19.39 -33.73 -6.84
CA ILE B 457 -18.31 -34.26 -7.68
C ILE B 457 -18.59 -34.13 -9.20
N SER B 458 -17.67 -33.42 -9.87
CA SER B 458 -17.67 -33.16 -11.33
C SER B 458 -17.22 -31.72 -11.58
N PHE B 459 -16.69 -31.46 -12.78
CA PHE B 459 -16.41 -30.08 -13.22
C PHE B 459 -17.75 -29.38 -13.43
N THR B 460 -17.90 -28.18 -12.86
CA THR B 460 -19.11 -27.39 -13.07
C THR B 460 -19.14 -26.84 -14.50
N LEU B 461 -17.96 -26.72 -15.11
CA LEU B 461 -17.84 -26.52 -16.54
C LEU B 461 -17.98 -27.90 -17.20
N THR B 462 -19.20 -28.26 -17.57
CA THR B 462 -19.58 -29.67 -17.83
C THR B 462 -18.76 -30.43 -18.88
N HIS B 463 -18.44 -29.79 -20.00
CA HIS B 463 -17.76 -30.48 -21.10
C HIS B 463 -16.35 -30.97 -20.74
N LEU B 464 -15.83 -30.45 -19.62
CA LEU B 464 -14.54 -30.89 -19.08
C LEU B 464 -14.63 -32.26 -18.39
N ASN B 465 -15.86 -32.73 -18.18
CA ASN B 465 -16.07 -34.05 -17.60
C ASN B 465 -15.87 -35.19 -18.61
N GLN B 466 -14.66 -35.28 -19.14
CA GLN B 466 -14.26 -36.34 -20.07
C GLN B 466 -12.82 -36.79 -19.79
N ALA B 467 -12.50 -38.06 -20.10
CA ALA B 467 -11.13 -38.58 -19.98
C ALA B 467 -10.80 -39.62 -21.04
N GLY B 468 -9.52 -39.78 -21.34
CA GLY B 468 -9.05 -40.76 -22.31
C GLY B 468 -7.90 -41.64 -21.82
N ALA B 469 -7.77 -42.82 -22.42
CA ALA B 469 -6.68 -43.73 -22.08
C ALA B 469 -6.10 -44.37 -23.35
N LEU B 470 -4.89 -44.91 -23.21
CA LEU B 470 -4.26 -45.71 -24.24
C LEU B 470 -3.54 -46.88 -23.59
N VAL B 471 -3.85 -48.10 -24.01
CA VAL B 471 -3.24 -49.31 -23.44
C VAL B 471 -2.53 -50.17 -24.50
N GLN B 472 -1.31 -50.61 -24.16
CA GLN B 472 -0.51 -51.49 -25.01
C GLN B 472 -0.26 -52.82 -24.32
N ILE B 473 -0.52 -53.92 -25.02
CA ILE B 473 -0.12 -55.23 -24.54
C ILE B 473 0.97 -55.79 -25.46
N TYR B 474 2.16 -55.98 -24.91
CA TYR B 474 3.30 -56.52 -25.66
C TYR B 474 3.36 -58.05 -25.68
N THR B 475 4.08 -58.62 -26.64
CA THR B 475 4.12 -60.07 -26.87
C THR B 475 4.64 -60.88 -25.69
N ASP B 476 5.38 -60.22 -24.80
CA ASP B 476 5.89 -60.87 -23.59
C ASP B 476 4.87 -60.86 -22.45
N GLY B 477 3.67 -60.34 -22.73
CA GLY B 477 2.60 -60.28 -21.75
C GLY B 477 2.53 -59.02 -20.91
N SER B 478 3.57 -58.20 -20.97
CA SER B 478 3.63 -56.95 -20.19
C SER B 478 2.72 -55.86 -20.77
N VAL B 479 2.33 -54.91 -19.92
CA VAL B 479 1.35 -53.88 -20.29
C VAL B 479 1.88 -52.46 -20.07
N ALA B 480 1.76 -51.62 -21.11
CA ALA B 480 2.03 -50.19 -21.00
C ALA B 480 0.69 -49.44 -20.89
N LEU B 481 0.50 -48.78 -19.76
CA LEU B 481 -0.74 -48.06 -19.47
C LEU B 481 -0.52 -46.55 -19.48
N ASN B 482 -1.29 -45.84 -20.30
CA ASN B 482 -1.20 -44.39 -20.42
C ASN B 482 -2.58 -43.74 -20.34
N HIS B 483 -2.66 -42.63 -19.61
CA HIS B 483 -3.91 -41.87 -19.51
C HIS B 483 -3.70 -40.35 -19.41
N GLY B 484 -4.80 -39.61 -19.39
CA GLY B 484 -4.76 -38.16 -19.36
C GLY B 484 -4.47 -37.53 -18.00
N GLY B 485 -4.74 -38.26 -16.94
CA GLY B 485 -4.53 -37.77 -15.57
C GLY B 485 -3.07 -37.64 -15.22
N THR B 486 -2.75 -36.70 -14.33
CA THR B 486 -1.37 -36.45 -13.95
C THR B 486 -1.08 -36.72 -12.47
N GLU B 487 0.04 -37.38 -12.21
CA GLU B 487 0.44 -37.73 -10.86
C GLU B 487 1.09 -36.55 -10.14
N MET B 488 0.35 -35.97 -9.20
CA MET B 488 0.90 -34.93 -8.33
C MET B 488 1.04 -35.42 -6.89
N GLY B 489 0.92 -36.74 -6.70
CA GLY B 489 1.13 -37.36 -5.40
C GLY B 489 -0.11 -37.95 -4.77
N GLN B 490 -1.23 -37.85 -5.48
CA GLN B 490 -2.53 -38.32 -4.98
C GLN B 490 -2.73 -39.82 -5.21
N GLY B 491 -1.72 -40.50 -5.74
CA GLY B 491 -1.79 -41.93 -5.98
C GLY B 491 -2.64 -42.34 -7.17
N LEU B 492 -2.82 -41.42 -8.12
CA LEU B 492 -3.63 -41.65 -9.30
C LEU B 492 -3.09 -42.80 -10.15
N HIS B 493 -1.78 -42.83 -10.35
CA HIS B 493 -1.15 -43.83 -11.21
C HIS B 493 -1.31 -45.28 -10.75
N ALA B 494 -1.09 -45.53 -9.46
CA ALA B 494 -1.31 -46.85 -8.87
C ALA B 494 -2.77 -47.26 -9.00
N LYS B 495 -3.67 -46.33 -8.70
CA LYS B 495 -5.11 -46.57 -8.82
C LYS B 495 -5.46 -47.04 -10.22
N MET B 496 -4.94 -46.34 -11.23
CA MET B 496 -5.14 -46.72 -12.63
C MET B 496 -4.54 -48.10 -12.94
N VAL B 497 -3.33 -48.36 -12.43
CA VAL B 497 -2.68 -49.66 -12.57
C VAL B 497 -3.55 -50.79 -11.99
N GLN B 498 -4.12 -50.53 -10.80
CA GLN B 498 -4.99 -51.47 -10.13
C GLN B 498 -6.24 -51.76 -10.96
N VAL B 499 -6.86 -50.72 -11.50
CA VAL B 499 -8.01 -50.87 -12.40
C VAL B 499 -7.62 -51.72 -13.62
N ALA B 500 -6.53 -51.34 -14.27
CA ALA B 500 -6.03 -52.03 -15.48
C ALA B 500 -5.74 -53.50 -15.23
N ALA B 501 -5.14 -53.78 -14.08
CA ALA B 501 -4.80 -55.13 -13.67
C ALA B 501 -6.05 -55.92 -13.26
N ALA B 502 -7.05 -55.22 -12.72
CA ALA B 502 -8.30 -55.86 -12.32
C ALA B 502 -9.10 -56.31 -13.54
N VAL B 503 -9.25 -55.40 -14.50
CA VAL B 503 -10.01 -55.66 -15.73
C VAL B 503 -9.38 -56.76 -16.61
N LEU B 504 -8.06 -56.75 -16.72
CA LEU B 504 -7.36 -57.73 -17.56
C LEU B 504 -7.23 -59.09 -16.89
N GLY B 505 -7.29 -59.10 -15.56
CA GLY B 505 -7.14 -60.31 -14.77
C GLY B 505 -5.69 -60.69 -14.53
N ILE B 506 -4.83 -59.67 -14.41
CA ILE B 506 -3.39 -59.89 -14.22
C ILE B 506 -2.84 -59.19 -12.98
N ASP B 507 -1.64 -59.59 -12.56
CA ASP B 507 -0.95 -58.97 -11.43
C ASP B 507 -0.46 -57.57 -11.83
N PRO B 508 -0.77 -56.55 -10.98
CA PRO B 508 -0.31 -55.16 -11.15
C PRO B 508 1.13 -55.00 -11.63
N VAL B 509 2.00 -55.94 -11.26
CA VAL B 509 3.41 -55.89 -11.62
C VAL B 509 3.59 -55.89 -13.15
N GLN B 510 2.62 -56.46 -13.86
CA GLN B 510 2.62 -56.54 -15.31
C GLN B 510 2.27 -55.22 -15.97
N VAL B 511 1.75 -54.28 -15.19
CA VAL B 511 1.29 -53.01 -15.73
C VAL B 511 2.26 -51.89 -15.37
N ARG B 512 2.82 -51.25 -16.41
CA ARG B 512 3.75 -50.13 -16.28
C ARG B 512 3.08 -48.83 -16.71
N ILE B 513 3.15 -47.81 -15.85
CA ILE B 513 2.60 -46.50 -16.19
C ILE B 513 3.61 -45.65 -16.95
N THR B 514 3.17 -45.12 -18.10
CA THR B 514 3.99 -44.22 -18.90
C THR B 514 3.64 -42.76 -18.57
N ALA B 515 4.53 -41.83 -18.90
CA ALA B 515 4.33 -40.41 -18.56
C ALA B 515 3.17 -39.84 -19.35
N THR B 516 2.52 -38.80 -18.79
CA THR B 516 1.38 -38.16 -19.43
C THR B 516 1.85 -37.41 -20.67
N ASP B 517 1.19 -37.66 -21.80
CA ASP B 517 1.66 -37.18 -23.10
C ASP B 517 0.47 -36.83 -24.01
N THR B 518 0.44 -35.57 -24.42
CA THR B 518 -0.62 -35.06 -25.29
C THR B 518 -0.62 -35.70 -26.68
N SER B 519 0.51 -36.29 -27.07
CA SER B 519 0.61 -36.98 -28.35
C SER B 519 0.18 -38.43 -28.21
N LYS B 520 -0.04 -38.86 -26.97
CA LYS B 520 -0.56 -40.20 -26.70
C LYS B 520 -2.06 -40.17 -26.35
N VAL B 521 -2.45 -39.34 -25.40
CA VAL B 521 -3.87 -39.09 -25.12
C VAL B 521 -4.15 -37.59 -25.26
N PRO B 522 -4.94 -37.21 -26.29
CA PRO B 522 -5.20 -35.81 -26.62
C PRO B 522 -6.41 -35.19 -25.91
N ASN B 523 -6.55 -33.88 -26.04
CA ASN B 523 -7.73 -33.10 -25.61
C ASN B 523 -8.20 -33.34 -24.17
N THR B 524 -7.24 -33.52 -23.27
CA THR B 524 -7.55 -33.81 -21.88
C THR B 524 -7.94 -32.55 -21.11
N SER B 525 -8.75 -32.73 -20.07
CA SER B 525 -9.03 -31.66 -19.12
C SER B 525 -7.87 -31.54 -18.15
N ALA B 526 -7.97 -30.60 -17.21
CA ALA B 526 -7.01 -30.53 -16.12
C ALA B 526 -7.25 -31.70 -15.16
N THR B 527 -6.25 -32.01 -14.34
CA THR B 527 -6.45 -33.00 -13.29
C THR B 527 -6.94 -32.27 -12.05
N ALA B 528 -8.25 -32.06 -12.01
CA ALA B 528 -8.89 -31.26 -10.99
C ALA B 528 -10.33 -31.72 -10.75
N ALA B 529 -11.03 -31.04 -9.84
CA ALA B 529 -12.40 -31.38 -9.41
C ALA B 529 -12.53 -32.81 -8.86
N SER B 530 -11.40 -33.36 -8.42
CA SER B 530 -11.29 -34.72 -7.89
C SER B 530 -11.73 -35.82 -8.89
N SER B 531 -11.85 -35.44 -10.17
CA SER B 531 -12.37 -36.34 -11.19
C SER B 531 -11.31 -37.22 -11.87
N GLY B 532 -10.04 -37.03 -11.47
CA GLY B 532 -8.90 -37.77 -12.00
C GLY B 532 -9.05 -39.28 -11.96
N ALA B 533 -9.21 -39.83 -10.76
CA ALA B 533 -9.47 -41.25 -10.58
C ALA B 533 -10.81 -41.66 -11.20
N ASP B 534 -11.84 -40.84 -11.00
CA ASP B 534 -13.21 -41.07 -11.47
C ASP B 534 -13.30 -41.35 -12.97
N MET B 535 -12.83 -40.39 -13.76
CA MET B 535 -13.04 -40.42 -15.21
C MET B 535 -12.00 -41.26 -15.92
N ASN B 536 -10.73 -41.01 -15.60
CA ASN B 536 -9.62 -41.77 -16.18
C ASN B 536 -9.72 -43.26 -15.87
N GLY B 537 -10.18 -43.57 -14.66
CA GLY B 537 -10.47 -44.95 -14.25
C GLY B 537 -11.38 -45.65 -15.24
N MET B 538 -12.46 -44.98 -15.61
CA MET B 538 -13.40 -45.51 -16.61
C MET B 538 -12.74 -45.63 -17.97
N ALA B 539 -11.94 -44.62 -18.34
CA ALA B 539 -11.22 -44.60 -19.62
C ALA B 539 -10.24 -45.79 -19.74
N VAL B 540 -9.55 -46.08 -18.64
CA VAL B 540 -8.68 -47.25 -18.53
C VAL B 540 -9.49 -48.54 -18.70
N LYS B 541 -10.58 -48.63 -17.95
CA LYS B 541 -11.51 -49.76 -18.01
C LYS B 541 -11.97 -50.02 -19.45
N ASP B 542 -12.39 -48.96 -20.13
CA ASP B 542 -12.87 -49.04 -21.52
C ASP B 542 -11.82 -49.63 -22.46
N ALA B 543 -10.58 -49.13 -22.34
CA ALA B 543 -9.46 -49.58 -23.17
C ALA B 543 -9.09 -51.03 -22.92
N CYS B 544 -9.11 -51.41 -21.64
CA CYS B 544 -8.78 -52.77 -21.23
C CYS B 544 -9.86 -53.77 -21.67
N GLU B 545 -11.12 -53.36 -21.56
CA GLU B 545 -12.24 -54.23 -21.93
C GLU B 545 -12.31 -54.48 -23.43
N THR B 546 -11.79 -53.52 -24.22
CA THR B 546 -11.63 -53.72 -25.66
C THR B 546 -10.51 -54.72 -25.89
N LEU B 547 -9.48 -54.66 -25.05
CA LEU B 547 -8.38 -55.61 -25.16
C LEU B 547 -8.79 -57.01 -24.66
N ARG B 548 -9.36 -57.07 -23.46
CA ARG B 548 -9.87 -58.33 -22.90
C ARG B 548 -10.92 -58.95 -23.82
N GLY B 549 -11.71 -58.10 -24.47
CA GLY B 549 -12.74 -58.55 -25.39
C GLY B 549 -12.13 -59.25 -26.60
N ARG B 550 -11.01 -58.73 -27.08
CA ARG B 550 -10.35 -59.29 -28.26
C ARG B 550 -9.75 -60.67 -27.98
N LEU B 551 -9.12 -60.80 -26.82
CA LEU B 551 -8.46 -62.03 -26.42
C LEU B 551 -9.46 -63.13 -26.09
N ALA B 552 -10.56 -62.73 -25.42
CA ALA B 552 -11.64 -63.65 -25.09
C ALA B 552 -12.26 -64.22 -26.35
N GLY B 553 -12.51 -63.35 -27.33
CA GLY B 553 -13.07 -63.74 -28.62
C GLY B 553 -12.14 -64.59 -29.45
N PHE B 554 -10.84 -64.36 -29.29
CA PHE B 554 -9.82 -65.17 -29.97
C PHE B 554 -9.76 -66.58 -29.38
N VAL B 555 -9.67 -66.67 -28.05
CA VAL B 555 -9.67 -67.93 -27.33
C VAL B 555 -10.96 -68.70 -27.62
N ALA B 556 -12.09 -67.98 -27.53
CA ALA B 556 -13.41 -68.55 -27.73
C ALA B 556 -13.51 -69.26 -29.07
N ALA B 557 -13.02 -68.61 -30.12
CA ALA B 557 -13.07 -69.15 -31.46
C ALA B 557 -12.14 -70.35 -31.62
N ARG B 558 -11.00 -70.30 -30.95
CA ARG B 558 -10.00 -71.36 -31.04
C ARG B 558 -10.49 -72.59 -30.32
N GLU B 559 -11.00 -72.40 -29.10
CA GLU B 559 -11.47 -73.50 -28.27
C GLU B 559 -12.92 -73.89 -28.57
N GLY B 560 -13.60 -73.08 -29.38
CA GLY B 560 -14.99 -73.32 -29.76
C GLY B 560 -15.96 -73.13 -28.61
N CYS B 561 -16.39 -71.89 -28.39
CA CYS B 561 -17.41 -71.55 -27.38
C CYS B 561 -17.65 -70.03 -27.31
N ALA B 562 -18.43 -69.60 -26.31
CA ALA B 562 -18.76 -68.19 -26.12
C ALA B 562 -17.64 -67.45 -25.40
N ALA B 563 -17.32 -66.25 -25.90
CA ALA B 563 -16.26 -65.42 -25.33
C ALA B 563 -16.45 -65.09 -23.85
N ARG B 564 -17.72 -64.99 -23.44
CA ARG B 564 -18.06 -64.68 -22.05
C ARG B 564 -17.79 -65.83 -21.09
N ASP B 565 -17.37 -66.97 -21.64
CA ASP B 565 -16.97 -68.12 -20.82
C ASP B 565 -15.47 -68.18 -20.61
N VAL B 566 -14.74 -67.38 -21.39
CA VAL B 566 -13.29 -67.27 -21.27
C VAL B 566 -12.97 -66.43 -20.02
N ILE B 567 -12.23 -67.02 -19.09
CA ILE B 567 -11.98 -66.40 -17.78
C ILE B 567 -10.55 -65.91 -17.60
N PHE B 568 -10.43 -64.60 -17.44
CA PHE B 568 -9.15 -63.96 -17.15
C PHE B 568 -9.06 -63.69 -15.65
N ASP B 569 -8.13 -64.36 -14.97
CA ASP B 569 -7.97 -64.16 -13.54
C ASP B 569 -6.58 -64.60 -13.06
N ALA B 570 -6.02 -63.84 -12.12
CA ALA B 570 -4.74 -64.16 -11.48
C ALA B 570 -3.60 -64.52 -12.45
N GLY B 571 -3.48 -63.75 -13.52
CA GLY B 571 -2.46 -63.97 -14.54
C GLY B 571 -2.69 -65.20 -15.40
N GLN B 572 -3.85 -65.82 -15.22
CA GLN B 572 -4.22 -67.05 -15.93
C GLN B 572 -5.46 -66.83 -16.77
N VAL B 573 -5.52 -67.49 -17.92
CA VAL B 573 -6.71 -67.49 -18.77
C VAL B 573 -7.26 -68.92 -18.82
N GLN B 574 -8.58 -69.05 -18.66
CA GLN B 574 -9.21 -70.37 -18.64
C GLN B 574 -10.38 -70.47 -19.61
N ALA B 575 -10.35 -71.53 -20.42
CA ALA B 575 -11.43 -71.83 -21.36
C ALA B 575 -11.39 -73.32 -21.74
N SER B 576 -12.57 -73.94 -21.75
CA SER B 576 -12.75 -75.36 -22.11
C SER B 576 -12.03 -76.32 -21.15
N GLY B 577 -11.95 -75.94 -19.87
CA GLY B 577 -11.27 -76.74 -18.86
C GLY B 577 -9.74 -76.68 -18.94
N LYS B 578 -9.24 -76.05 -19.99
CA LYS B 578 -7.81 -75.83 -20.17
C LYS B 578 -7.43 -74.46 -19.60
N SER B 579 -6.20 -74.32 -19.15
CA SER B 579 -5.74 -73.04 -18.62
C SER B 579 -4.32 -72.68 -19.11
N TRP B 580 -4.20 -71.49 -19.70
CA TRP B 580 -2.91 -70.95 -20.12
C TRP B 580 -2.53 -69.79 -19.23
N ARG B 581 -1.24 -69.44 -19.26
CA ARG B 581 -0.78 -68.20 -18.65
C ARG B 581 -1.20 -67.06 -19.58
N PHE B 582 -1.35 -65.86 -19.02
CA PHE B 582 -1.78 -64.70 -19.78
C PHE B 582 -0.89 -64.46 -21.00
N ALA B 583 0.43 -64.51 -20.79
CA ALA B 583 1.42 -64.27 -21.84
C ALA B 583 1.29 -65.25 -23.00
N GLU B 584 0.84 -66.48 -22.70
CA GLU B 584 0.66 -67.52 -23.70
C GLU B 584 -0.50 -67.24 -24.65
N ILE B 585 -1.50 -66.55 -24.15
CA ILE B 585 -2.66 -66.16 -24.96
C ILE B 585 -2.31 -64.98 -25.86
N VAL B 586 -1.62 -63.99 -25.30
CA VAL B 586 -1.25 -62.77 -26.01
C VAL B 586 -0.34 -63.04 -27.21
N ALA B 587 0.71 -63.82 -26.98
CA ALA B 587 1.62 -64.24 -28.05
C ALA B 587 0.85 -64.97 -29.15
N ALA B 588 -0.12 -65.78 -28.75
CA ALA B 588 -0.96 -66.53 -29.68
C ALA B 588 -1.85 -65.60 -30.49
N ALA B 589 -2.46 -64.63 -29.81
CA ALA B 589 -3.30 -63.64 -30.46
C ALA B 589 -2.44 -62.78 -31.39
N TYR B 590 -1.18 -62.57 -30.99
CA TYR B 590 -0.23 -61.88 -31.85
C TYR B 590 -0.04 -62.70 -33.12
N MET B 591 0.30 -63.98 -32.97
CA MET B 591 0.47 -64.87 -34.12
C MET B 591 -0.78 -64.92 -34.99
N ALA B 592 -1.95 -64.90 -34.34
CA ALA B 592 -3.24 -64.87 -35.02
C ALA B 592 -3.53 -63.53 -35.71
N ARG B 593 -2.79 -62.48 -35.31
CA ARG B 593 -2.92 -61.14 -35.89
C ARG B 593 -4.14 -60.37 -35.38
N ILE B 594 -4.14 -60.14 -34.07
CA ILE B 594 -5.19 -59.36 -33.42
C ILE B 594 -4.54 -58.14 -32.77
N SER B 595 -5.20 -56.99 -32.89
CA SER B 595 -4.68 -55.74 -32.33
C SER B 595 -4.58 -55.78 -30.80
N LEU B 596 -3.36 -55.64 -30.30
CA LEU B 596 -3.09 -55.61 -28.87
C LEU B 596 -2.83 -54.17 -28.39
N SER B 597 -3.51 -53.23 -29.03
CA SER B 597 -3.45 -51.81 -28.67
C SER B 597 -4.86 -51.27 -28.78
N ALA B 598 -5.29 -50.51 -27.76
CA ALA B 598 -6.64 -49.98 -27.74
C ALA B 598 -6.73 -48.68 -26.97
N THR B 599 -7.56 -47.76 -27.47
CA THR B 599 -7.87 -46.54 -26.72
C THR B 599 -9.10 -46.77 -25.85
N GLY B 600 -9.29 -45.88 -24.88
CA GLY B 600 -10.49 -45.87 -24.06
C GLY B 600 -10.90 -44.44 -23.82
N PHE B 601 -12.20 -44.20 -23.70
CA PHE B 601 -12.73 -42.85 -23.53
C PHE B 601 -13.96 -42.86 -22.63
N TYR B 602 -14.07 -41.84 -21.77
CA TYR B 602 -15.21 -41.69 -20.89
C TYR B 602 -15.70 -40.25 -20.79
N ALA B 603 -17.00 -40.09 -20.61
CA ALA B 603 -17.65 -38.80 -20.37
C ALA B 603 -18.75 -38.98 -19.34
N THR B 604 -18.78 -38.12 -18.33
CA THR B 604 -19.71 -38.26 -17.22
C THR B 604 -21.15 -37.94 -17.62
N PRO B 605 -22.07 -38.91 -17.46
CA PRO B 605 -23.47 -38.76 -17.83
C PRO B 605 -24.30 -38.01 -16.77
N LYS B 606 -25.56 -37.74 -17.12
CA LYS B 606 -26.56 -37.14 -16.21
C LYS B 606 -26.32 -35.66 -15.86
N LEU B 607 -25.21 -35.11 -16.33
CA LEU B 607 -24.82 -33.73 -15.99
C LEU B 607 -25.45 -32.69 -16.92
N SER B 608 -26.12 -31.71 -16.32
CA SER B 608 -26.77 -30.60 -17.03
C SER B 608 -27.23 -29.55 -16.04
N TRP B 609 -26.72 -28.33 -16.20
CA TRP B 609 -27.13 -27.21 -15.36
C TRP B 609 -26.89 -25.83 -16.01
N ASP B 610 -27.69 -24.85 -15.58
CA ASP B 610 -27.57 -23.48 -16.07
C ASP B 610 -26.87 -22.62 -15.05
N ARG B 611 -25.68 -22.16 -15.43
CA ARG B 611 -24.81 -21.35 -14.59
C ARG B 611 -25.47 -20.05 -14.13
N LEU B 612 -26.13 -19.37 -15.07
CA LEU B 612 -26.79 -18.09 -14.81
C LEU B 612 -28.03 -18.23 -13.95
N ARG B 613 -28.91 -19.16 -14.34
CA ARG B 613 -30.15 -19.44 -13.61
C ARG B 613 -29.88 -20.01 -12.22
N GLY B 614 -28.71 -20.63 -12.06
CA GLY B 614 -28.37 -21.34 -10.82
C GLY B 614 -29.25 -22.55 -10.65
N GLN B 615 -29.46 -23.29 -11.73
CA GLN B 615 -30.40 -24.39 -11.77
C GLN B 615 -29.86 -25.61 -12.50
N GLY B 616 -30.12 -26.80 -11.97
CA GLY B 616 -29.80 -28.05 -12.66
C GLY B 616 -29.05 -29.08 -11.84
N ARG B 617 -28.47 -30.06 -12.56
CA ARG B 617 -27.59 -31.06 -11.97
C ARG B 617 -26.15 -30.87 -12.48
N PRO B 618 -25.32 -30.13 -11.71
CA PRO B 618 -23.92 -29.98 -12.09
C PRO B 618 -23.05 -31.18 -11.68
N PHE B 619 -23.43 -31.86 -10.59
CA PHE B 619 -22.62 -32.95 -10.04
C PHE B 619 -23.26 -34.31 -10.27
N LEU B 620 -22.44 -35.36 -10.33
CA LEU B 620 -22.95 -36.73 -10.44
C LEU B 620 -23.35 -37.28 -9.08
N TYR B 621 -22.50 -37.07 -8.08
CA TYR B 621 -22.75 -37.53 -6.71
C TYR B 621 -22.02 -36.62 -5.73
N PHE B 622 -22.33 -36.76 -4.45
CA PHE B 622 -21.62 -36.02 -3.42
C PHE B 622 -20.69 -36.93 -2.62
N ALA B 623 -19.66 -36.35 -2.03
CA ALA B 623 -18.78 -37.07 -1.12
C ALA B 623 -18.97 -36.53 0.28
N TYR B 624 -19.21 -37.43 1.23
CA TYR B 624 -19.53 -37.04 2.61
C TYR B 624 -18.45 -37.45 3.59
N GLY B 625 -18.48 -36.81 4.76
CA GLY B 625 -17.56 -37.14 5.84
C GLY B 625 -17.87 -36.27 7.05
N ALA B 626 -17.21 -36.58 8.17
CA ALA B 626 -17.36 -35.80 9.40
C ALA B 626 -16.09 -35.86 10.25
N ALA B 627 -15.78 -34.76 10.92
CA ALA B 627 -14.58 -34.65 11.75
C ALA B 627 -14.87 -34.06 13.13
N ILE B 628 -14.39 -34.74 14.17
CA ILE B 628 -14.44 -34.24 15.53
C ILE B 628 -13.03 -33.85 15.94
N THR B 629 -12.81 -32.56 16.17
CA THR B 629 -11.50 -32.04 16.55
C THR B 629 -11.52 -31.54 18.00
N GLU B 630 -10.41 -31.75 18.69
CA GLU B 630 -10.22 -31.23 20.04
C GLU B 630 -8.94 -30.40 20.13
N VAL B 631 -9.04 -29.21 20.73
CA VAL B 631 -7.93 -28.26 20.77
C VAL B 631 -7.73 -27.62 22.14
N VAL B 632 -6.62 -26.89 22.30
CA VAL B 632 -6.36 -26.10 23.51
C VAL B 632 -5.83 -24.72 23.16
N ILE B 633 -6.30 -23.71 23.89
CA ILE B 633 -5.87 -22.33 23.67
C ILE B 633 -5.26 -21.70 24.93
N ASP B 634 -4.42 -20.68 24.71
CA ASP B 634 -3.79 -19.94 25.79
C ASP B 634 -4.45 -18.57 25.92
N ARG B 635 -5.11 -18.32 27.04
CA ARG B 635 -5.85 -17.07 27.27
C ARG B 635 -4.95 -15.84 27.29
N LEU B 636 -3.66 -16.05 27.58
CA LEU B 636 -2.72 -14.92 27.65
C LEU B 636 -2.17 -14.49 26.28
N THR B 637 -1.91 -15.45 25.40
CA THR B 637 -1.30 -15.14 24.09
C THR B 637 -2.16 -15.53 22.89
N GLY B 638 -2.89 -16.65 23.02
CA GLY B 638 -3.68 -17.17 21.90
C GLY B 638 -3.01 -18.37 21.25
N GLU B 639 -1.92 -18.83 21.85
CA GLU B 639 -1.24 -20.04 21.42
C GLU B 639 -2.18 -21.24 21.53
N ASN B 640 -2.04 -22.18 20.59
CA ASN B 640 -3.01 -23.27 20.47
C ASN B 640 -2.48 -24.54 19.79
N ARG B 641 -3.07 -25.66 20.16
CA ARG B 641 -2.66 -26.96 19.65
C ARG B 641 -3.88 -27.86 19.41
N ILE B 642 -3.86 -28.59 18.30
CA ILE B 642 -4.82 -29.66 18.08
C ILE B 642 -4.35 -30.90 18.84
N LEU B 643 -5.20 -31.41 19.71
CA LEU B 643 -4.84 -32.52 20.60
C LEU B 643 -5.25 -33.87 20.05
N ARG B 644 -6.38 -33.90 19.35
CA ARG B 644 -6.94 -35.13 18.82
C ARG B 644 -7.92 -34.81 17.69
N THR B 645 -7.93 -35.68 16.67
CA THR B 645 -8.93 -35.61 15.62
C THR B 645 -9.52 -37.00 15.37
N ASP B 646 -10.81 -37.04 15.05
CA ASP B 646 -11.48 -38.28 14.69
C ASP B 646 -12.30 -38.08 13.41
N ILE B 647 -11.90 -38.77 12.35
CA ILE B 647 -12.54 -38.62 11.04
C ILE B 647 -13.17 -39.92 10.56
N LEU B 648 -14.44 -39.83 10.13
CA LEU B 648 -15.07 -40.89 9.35
C LEU B 648 -15.49 -40.30 7.99
N HIS B 649 -14.91 -40.84 6.91
CA HIS B 649 -15.09 -40.26 5.59
C HIS B 649 -15.53 -41.30 4.57
N ASP B 650 -16.41 -40.88 3.67
CA ASP B 650 -16.95 -41.73 2.61
C ASP B 650 -16.12 -41.65 1.34
N ALA B 651 -15.42 -42.74 1.03
CA ALA B 651 -14.64 -42.85 -0.20
C ALA B 651 -15.33 -43.81 -1.17
N GLY B 652 -16.62 -44.06 -0.94
CA GLY B 652 -17.36 -45.08 -1.66
C GLY B 652 -16.78 -46.44 -1.38
N ALA B 653 -16.80 -47.31 -2.38
CA ALA B 653 -16.05 -48.55 -2.35
C ALA B 653 -14.63 -48.22 -2.81
N SER B 654 -13.82 -47.71 -1.88
CA SER B 654 -12.45 -47.25 -2.14
C SER B 654 -11.65 -48.15 -3.10
N LEU B 655 -10.95 -47.52 -4.04
CA LEU B 655 -10.07 -48.22 -4.98
C LEU B 655 -8.75 -48.61 -4.32
N ASN B 656 -8.35 -47.83 -3.32
CA ASN B 656 -7.13 -48.08 -2.52
C ASN B 656 -7.28 -47.44 -1.15
N PRO B 657 -7.61 -48.24 -0.11
CA PRO B 657 -7.91 -47.75 1.23
C PRO B 657 -6.71 -47.05 1.86
N ALA B 658 -5.53 -47.63 1.68
CA ALA B 658 -4.27 -47.04 2.14
C ALA B 658 -4.07 -45.65 1.57
N LEU B 659 -4.11 -45.55 0.25
CA LEU B 659 -3.98 -44.26 -0.44
C LEU B 659 -5.06 -43.29 0.04
N ASP B 660 -6.28 -43.79 0.21
CA ASP B 660 -7.41 -42.98 0.67
C ASP B 660 -7.27 -42.44 2.10
N ILE B 661 -6.73 -43.25 3.01
CA ILE B 661 -6.43 -42.74 4.34
C ILE B 661 -5.38 -41.62 4.21
N GLY B 662 -4.36 -41.85 3.38
CA GLY B 662 -3.30 -40.87 3.16
C GLY B 662 -3.82 -39.53 2.71
N GLN B 663 -4.74 -39.56 1.73
CA GLN B 663 -5.35 -38.35 1.19
C GLN B 663 -6.13 -37.54 2.23
N ILE B 664 -6.87 -38.25 3.10
CA ILE B 664 -7.63 -37.61 4.18
C ILE B 664 -6.73 -37.00 5.27
N GLU B 665 -5.74 -37.77 5.75
CA GLU B 665 -4.76 -37.28 6.72
C GLU B 665 -4.08 -36.02 6.19
N GLY B 666 -3.71 -36.05 4.92
CA GLY B 666 -3.06 -34.93 4.26
C GLY B 666 -3.98 -33.74 4.06
N ALA B 667 -5.15 -33.99 3.49
CA ALA B 667 -6.12 -32.93 3.21
C ALA B 667 -6.59 -32.24 4.48
N TYR B 668 -6.86 -33.03 5.52
CA TYR B 668 -7.30 -32.47 6.81
C TYR B 668 -6.30 -31.47 7.35
N VAL B 669 -5.02 -31.85 7.35
CA VAL B 669 -3.94 -31.00 7.83
C VAL B 669 -3.85 -29.70 7.02
N GLN B 670 -4.06 -29.80 5.71
CA GLN B 670 -4.05 -28.64 4.84
C GLN B 670 -5.26 -27.75 5.10
N GLY B 671 -6.43 -28.37 5.27
CA GLY B 671 -7.65 -27.65 5.63
C GLY B 671 -7.51 -26.90 6.94
N ALA B 672 -7.14 -27.63 7.99
CA ALA B 672 -6.88 -27.05 9.31
C ALA B 672 -5.81 -25.95 9.23
N GLY B 673 -4.73 -26.22 8.51
CA GLY B 673 -3.63 -25.27 8.33
C GLY B 673 -4.08 -23.94 7.75
N TRP B 674 -4.97 -24.03 6.74
CA TRP B 674 -5.55 -22.86 6.10
C TRP B 674 -6.27 -21.96 7.12
N LEU B 675 -6.94 -22.58 8.09
CA LEU B 675 -7.75 -21.87 9.07
C LEU B 675 -7.01 -21.59 10.38
N THR B 676 -5.69 -21.76 10.38
CA THR B 676 -4.88 -21.47 11.57
C THR B 676 -3.64 -20.63 11.25
N THR B 677 -2.47 -21.26 11.17
CA THR B 677 -1.21 -20.52 11.05
C THR B 677 -0.95 -19.89 9.67
N GLU B 678 -1.70 -20.31 8.66
CA GLU B 678 -1.48 -19.83 7.28
C GLU B 678 -2.18 -18.51 6.97
N GLU B 679 -1.39 -17.46 6.78
CA GLU B 679 -1.93 -16.11 6.62
C GLU B 679 -1.18 -15.28 5.58
N LEU B 680 -1.90 -14.87 4.53
CA LEU B 680 -1.33 -13.99 3.51
C LEU B 680 -1.44 -12.55 3.94
N VAL B 681 -0.37 -11.78 3.74
CA VAL B 681 -0.32 -10.39 4.17
C VAL B 681 0.30 -9.50 3.08
N TRP B 682 -0.47 -8.53 2.62
CA TRP B 682 0.03 -7.49 1.73
C TRP B 682 0.29 -6.19 2.50
N ASP B 683 1.19 -5.36 1.98
CA ASP B 683 1.44 -4.05 2.58
C ASP B 683 0.47 -3.02 1.99
N HIS B 684 0.66 -1.74 2.32
CA HIS B 684 -0.22 -0.68 1.86
C HIS B 684 0.02 -0.32 0.39
N CYS B 685 0.93 -1.03 -0.26
CA CYS B 685 1.31 -0.75 -1.64
C CYS B 685 1.07 -1.93 -2.58
N GLY B 686 0.44 -2.97 -2.06
CA GLY B 686 0.16 -4.18 -2.83
C GLY B 686 1.31 -5.17 -2.85
N ARG B 687 2.36 -4.89 -2.08
CA ARG B 687 3.50 -5.78 -1.94
C ARG B 687 3.19 -6.89 -0.95
N LEU B 688 3.21 -8.14 -1.43
CA LEU B 688 3.06 -9.29 -0.57
C LEU B 688 4.23 -9.38 0.40
N MET B 689 3.92 -9.44 1.69
CA MET B 689 4.93 -9.46 2.74
C MET B 689 5.28 -10.88 3.14
N THR B 690 4.32 -11.79 2.95
CA THR B 690 4.50 -13.19 3.26
C THR B 690 4.78 -13.94 1.96
N HIS B 691 6.05 -13.99 1.57
CA HIS B 691 6.47 -14.59 0.29
C HIS B 691 7.59 -15.63 0.42
N ALA B 692 8.00 -15.91 1.66
CA ALA B 692 8.99 -16.92 1.93
C ALA B 692 8.41 -17.92 2.95
N PRO B 693 9.07 -19.08 3.12
CA PRO B 693 8.60 -20.02 4.13
C PRO B 693 8.88 -19.52 5.55
N SER B 694 9.84 -18.60 5.67
CA SER B 694 10.12 -17.95 6.94
C SER B 694 8.95 -17.11 7.44
N THR B 695 8.15 -16.56 6.51
CA THR B 695 7.00 -15.71 6.86
C THR B 695 5.64 -16.38 6.69
N TYR B 696 5.54 -17.35 5.78
CA TYR B 696 4.31 -18.14 5.58
C TYR B 696 4.45 -19.47 6.32
N LYS B 697 3.46 -19.80 7.13
CA LYS B 697 3.58 -20.88 8.12
C LYS B 697 2.62 -22.03 7.93
N ILE B 698 2.99 -22.97 7.06
CA ILE B 698 2.24 -24.22 6.87
C ILE B 698 2.51 -25.19 8.04
N PRO B 699 1.58 -26.15 8.30
CA PRO B 699 1.75 -27.07 9.42
C PRO B 699 3.07 -27.83 9.45
N ALA B 700 3.81 -27.68 10.55
CA ALA B 700 5.06 -28.41 10.80
C ALA B 700 4.77 -29.77 11.45
N PHE B 701 5.80 -30.61 11.56
CA PHE B 701 5.61 -31.99 12.02
C PHE B 701 4.78 -32.09 13.29
N SER B 702 5.23 -31.40 14.34
CA SER B 702 4.58 -31.45 15.64
C SER B 702 3.15 -30.90 15.60
N ASP B 703 2.84 -30.15 14.55
CA ASP B 703 1.51 -29.56 14.36
C ASP B 703 0.42 -30.60 14.10
N ARG B 704 0.80 -31.80 13.65
CA ARG B 704 -0.18 -32.86 13.40
C ARG B 704 -0.99 -33.13 14.69
N PRO B 705 -2.25 -33.55 14.54
CA PRO B 705 -3.03 -33.96 15.72
C PRO B 705 -2.27 -35.02 16.53
N ARG B 706 -2.17 -34.81 17.84
CA ARG B 706 -1.44 -35.72 18.74
C ARG B 706 -2.08 -37.11 18.76
N ILE B 707 -3.39 -37.14 18.55
CA ILE B 707 -4.11 -38.37 18.24
C ILE B 707 -4.87 -38.14 16.93
N PHE B 708 -4.67 -39.03 15.96
CA PHE B 708 -5.21 -38.85 14.61
C PHE B 708 -5.95 -40.12 14.20
N ASN B 709 -7.28 -40.07 14.19
CA ASN B 709 -8.08 -41.26 13.92
C ASN B 709 -8.90 -41.17 12.64
N VAL B 710 -8.34 -41.70 11.56
CA VAL B 710 -8.98 -41.66 10.26
C VAL B 710 -9.57 -43.03 9.91
N ALA B 711 -10.88 -43.08 9.71
CA ALA B 711 -11.56 -44.30 9.33
C ALA B 711 -12.49 -44.06 8.14
N LEU B 712 -12.49 -44.98 7.19
CA LEU B 712 -13.32 -44.85 6.01
C LEU B 712 -14.74 -45.36 6.24
N TRP B 713 -15.72 -44.54 5.85
CA TRP B 713 -17.09 -45.00 5.72
C TRP B 713 -17.14 -45.89 4.49
N ASP B 714 -17.28 -47.19 4.71
CA ASP B 714 -17.21 -48.15 3.63
C ASP B 714 -18.60 -48.54 3.14
N GLN B 715 -19.00 -47.93 2.03
CA GLN B 715 -20.31 -48.13 1.44
C GLN B 715 -20.28 -47.68 -0.02
N PRO B 716 -20.63 -48.58 -0.95
CA PRO B 716 -20.54 -48.33 -2.39
C PRO B 716 -21.30 -47.09 -2.85
N ASN B 717 -20.85 -46.52 -3.97
CA ASN B 717 -21.54 -45.40 -4.60
C ASN B 717 -22.87 -45.86 -5.22
N ARG B 718 -23.88 -45.00 -5.16
CA ARG B 718 -25.16 -45.26 -5.79
C ARG B 718 -25.08 -45.11 -7.30
N GLU B 719 -24.28 -44.16 -7.76
CA GLU B 719 -24.06 -43.91 -9.18
C GLU B 719 -23.01 -44.86 -9.72
N GLU B 720 -23.08 -45.14 -11.02
CA GLU B 720 -22.17 -46.08 -11.66
C GLU B 720 -20.80 -45.47 -11.94
N THR B 721 -19.97 -45.37 -10.90
CA THR B 721 -18.60 -44.89 -11.01
C THR B 721 -17.61 -46.07 -10.96
N ILE B 722 -16.37 -45.81 -11.38
CA ILE B 722 -15.31 -46.83 -11.41
C ILE B 722 -15.22 -47.68 -10.11
N PHE B 723 -15.76 -48.90 -10.19
CA PHE B 723 -15.87 -49.82 -9.06
C PHE B 723 -16.54 -49.20 -7.82
N ARG B 724 -17.65 -48.50 -8.06
CA ARG B 724 -18.46 -47.84 -7.01
C ARG B 724 -17.68 -47.04 -5.98
N SER B 725 -16.52 -46.54 -6.38
CA SER B 725 -15.68 -45.69 -5.52
C SER B 725 -16.15 -44.24 -5.57
N LYS B 726 -15.62 -43.44 -4.64
CA LYS B 726 -15.88 -42.00 -4.63
C LYS B 726 -14.58 -41.20 -4.62
N ALA B 727 -14.57 -40.11 -5.40
CA ALA B 727 -13.48 -39.14 -5.43
C ALA B 727 -13.12 -38.67 -4.02
N VAL B 728 -11.89 -38.94 -3.61
CA VAL B 728 -11.46 -38.63 -2.25
C VAL B 728 -10.44 -37.48 -2.24
N GLY B 729 -10.19 -36.90 -3.41
CA GLY B 729 -9.16 -35.89 -3.60
C GLY B 729 -9.33 -34.60 -2.81
N GLU B 730 -10.50 -33.97 -2.93
CA GLU B 730 -10.76 -32.66 -2.31
C GLU B 730 -11.64 -32.69 -1.05
N PRO B 731 -12.75 -33.46 -1.05
CA PRO B 731 -13.68 -33.47 0.08
C PRO B 731 -13.06 -33.45 1.49
N PRO B 732 -12.02 -34.27 1.77
CA PRO B 732 -11.48 -34.26 3.12
C PRO B 732 -10.78 -32.95 3.53
N PHE B 733 -10.46 -32.09 2.57
CA PHE B 733 -9.90 -30.77 2.87
C PHE B 733 -10.86 -29.94 3.72
N LEU B 734 -12.16 -30.09 3.44
CA LEU B 734 -13.20 -29.36 4.15
C LEU B 734 -13.36 -29.80 5.60
N LEU B 735 -12.86 -30.99 5.93
CA LEU B 735 -12.87 -31.48 7.31
C LEU B 735 -12.05 -30.61 8.27
N GLY B 736 -11.22 -29.74 7.70
CA GLY B 736 -10.39 -28.81 8.48
C GLY B 736 -11.20 -27.72 9.17
N ILE B 737 -12.46 -27.57 8.76
CA ILE B 737 -13.39 -26.62 9.37
C ILE B 737 -13.63 -26.97 10.85
N SER B 738 -13.72 -28.26 11.15
CA SER B 738 -13.90 -28.74 12.51
C SER B 738 -12.90 -28.16 13.49
N ALA B 739 -11.68 -27.92 13.02
CA ALA B 739 -10.62 -27.34 13.82
C ALA B 739 -10.91 -25.88 14.16
N PHE B 740 -11.38 -25.13 13.17
CA PHE B 740 -11.72 -23.73 13.34
C PHE B 740 -12.95 -23.56 14.24
N LEU B 741 -13.85 -24.54 14.17
CA LEU B 741 -15.05 -24.55 15.01
C LEU B 741 -14.71 -24.91 16.46
N ALA B 742 -13.74 -25.80 16.63
CA ALA B 742 -13.29 -26.21 17.96
C ALA B 742 -12.47 -25.10 18.62
N LEU B 743 -11.74 -24.34 17.80
CA LEU B 743 -11.03 -23.15 18.28
C LEU B 743 -12.01 -22.10 18.77
N HIS B 744 -13.13 -21.97 18.05
CA HIS B 744 -14.23 -21.11 18.47
C HIS B 744 -14.90 -21.63 19.75
N ASP B 745 -15.09 -22.94 19.83
CA ASP B 745 -15.65 -23.59 21.01
C ASP B 745 -14.81 -23.27 22.26
N ALA B 746 -13.49 -23.27 22.07
CA ALA B 746 -12.55 -22.94 23.12
C ALA B 746 -12.71 -21.49 23.56
N CYS B 747 -13.09 -20.62 22.62
CA CYS B 747 -13.34 -19.21 22.92
C CYS B 747 -14.68 -19.02 23.63
N ALA B 748 -15.66 -19.87 23.29
CA ALA B 748 -16.99 -19.81 23.91
C ALA B 748 -16.93 -20.05 25.41
N ALA B 749 -15.92 -20.80 25.86
CA ALA B 749 -15.74 -21.10 27.27
C ALA B 749 -14.81 -20.09 27.97
N CYS B 750 -14.81 -18.85 27.50
CA CYS B 750 -14.05 -17.76 28.14
C CYS B 750 -14.99 -16.79 28.80
N GLY B 751 -16.11 -16.51 28.13
CA GLY B 751 -17.12 -15.59 28.64
C GLY B 751 -18.45 -15.77 27.94
N PRO B 752 -19.43 -14.91 28.27
CA PRO B 752 -20.79 -15.04 27.73
C PRO B 752 -20.98 -14.48 26.32
N HIS B 753 -20.06 -13.62 25.88
CA HIS B 753 -20.19 -12.93 24.61
C HIS B 753 -19.81 -13.81 23.41
N TRP B 754 -20.43 -13.53 22.27
CA TRP B 754 -20.06 -14.12 20.99
C TRP B 754 -18.65 -13.65 20.63
N PRO B 755 -17.74 -14.61 20.38
CA PRO B 755 -16.32 -14.31 20.18
C PRO B 755 -15.98 -13.67 18.82
N ASP B 756 -16.78 -13.99 17.80
CA ASP B 756 -16.54 -13.58 16.40
C ASP B 756 -15.09 -13.83 15.94
N LEU B 757 -14.68 -15.10 15.99
CA LEU B 757 -13.35 -15.53 15.56
C LEU B 757 -13.21 -15.40 14.04
N GLN B 758 -12.11 -14.80 13.61
CA GLN B 758 -11.83 -14.60 12.19
C GLN B 758 -10.86 -15.64 11.65
N ALA B 759 -11.08 -16.05 10.40
CA ALA B 759 -10.18 -16.98 9.71
C ALA B 759 -9.14 -16.18 8.92
N PRO B 760 -7.84 -16.56 9.02
CA PRO B 760 -7.32 -17.70 9.77
C PRO B 760 -7.21 -17.42 11.28
N ALA B 761 -7.44 -18.45 12.08
CA ALA B 761 -7.36 -18.34 13.55
C ALA B 761 -5.92 -18.41 14.08
N THR B 762 -5.12 -17.40 13.74
CA THR B 762 -3.75 -17.27 14.25
C THR B 762 -3.80 -17.00 15.77
N PRO B 763 -2.66 -17.18 16.48
CA PRO B 763 -2.60 -16.79 17.89
C PRO B 763 -3.22 -15.41 18.17
N GLU B 764 -2.90 -14.42 17.33
CA GLU B 764 -3.47 -13.08 17.43
C GLU B 764 -5.00 -13.08 17.26
N ALA B 765 -5.49 -13.86 16.30
CA ALA B 765 -6.92 -13.94 16.03
C ALA B 765 -7.67 -14.66 17.15
N VAL B 766 -7.02 -15.67 17.74
CA VAL B 766 -7.59 -16.44 18.83
C VAL B 766 -7.66 -15.59 20.09
N LEU B 767 -6.59 -14.84 20.37
CA LEU B 767 -6.57 -13.94 21.53
C LEU B 767 -7.66 -12.87 21.42
N ALA B 768 -7.87 -12.35 20.21
CA ALA B 768 -8.93 -11.38 19.95
C ALA B 768 -10.31 -11.94 20.32
N ALA B 769 -10.63 -13.12 19.78
CA ALA B 769 -11.92 -13.77 20.04
C ALA B 769 -12.12 -14.15 21.50
N VAL B 770 -11.02 -14.50 22.18
CA VAL B 770 -11.04 -14.77 23.61
C VAL B 770 -11.45 -13.51 24.37
N ARG B 771 -10.77 -12.40 24.08
CA ARG B 771 -11.04 -11.15 24.77
C ARG B 771 -12.45 -10.62 24.52
N ARG B 772 -13.01 -10.94 23.34
CA ARG B 772 -14.39 -10.55 23.03
C ARG B 772 -15.38 -11.30 23.92
N ALA B 773 -15.25 -12.62 23.95
CA ALA B 773 -16.10 -13.47 24.79
C ALA B 773 -15.99 -13.04 26.25
N GLU B 774 -14.77 -12.66 26.65
CA GLU B 774 -14.51 -12.14 28.00
C GLU B 774 -15.00 -10.70 28.16
N GLY B 775 -15.20 -10.01 27.05
CA GLY B 775 -15.63 -8.61 27.07
C GLY B 775 -14.55 -7.67 27.59
N ARG B 776 -13.34 -7.83 27.06
CA ARG B 776 -12.22 -6.95 27.39
C ARG B 776 -11.86 -6.13 26.16
N ALA B 777 -12.48 -4.96 26.02
CA ALA B 777 -12.25 -4.04 24.89
C ALA B 777 -12.10 -4.75 23.54
N MET C 1 47.96 -20.60 -30.58
CA MET C 1 47.76 -20.21 -32.00
C MET C 1 46.28 -19.92 -32.29
N GLU C 2 46.00 -18.74 -32.83
CA GLU C 2 44.64 -18.31 -33.08
C GLU C 2 44.44 -17.87 -34.52
N ILE C 3 43.46 -18.49 -35.19
CA ILE C 3 43.10 -18.13 -36.56
C ILE C 3 41.73 -17.45 -36.61
N ALA C 4 41.38 -16.92 -37.78
CA ALA C 4 40.08 -16.31 -37.99
C ALA C 4 39.54 -16.63 -39.38
N PHE C 5 38.23 -16.88 -39.45
CA PHE C 5 37.54 -17.18 -40.70
C PHE C 5 36.10 -16.70 -40.63
N LEU C 6 35.47 -16.54 -41.78
CA LEU C 6 34.07 -16.13 -41.84
C LEU C 6 33.17 -17.35 -41.96
N LEU C 7 32.55 -17.73 -40.84
CA LEU C 7 31.64 -18.88 -40.82
C LEU C 7 30.20 -18.44 -41.06
N ASN C 8 29.64 -18.90 -42.19
CA ASN C 8 28.27 -18.59 -42.60
C ASN C 8 27.95 -17.10 -42.56
N GLY C 9 28.91 -16.28 -42.98
CA GLY C 9 28.75 -14.83 -43.00
C GLY C 9 29.14 -14.11 -41.72
N GLU C 10 29.67 -14.83 -40.75
CA GLU C 10 30.06 -14.23 -39.47
C GLU C 10 31.52 -14.50 -39.12
N THR C 11 32.21 -13.46 -38.68
CA THR C 11 33.62 -13.57 -38.28
C THR C 11 33.76 -14.46 -37.05
N ARG C 12 34.79 -15.30 -37.08
CA ARG C 12 34.94 -16.35 -36.09
C ARG C 12 36.42 -16.58 -35.78
N ARG C 13 36.76 -16.53 -34.50
CA ARG C 13 38.13 -16.72 -34.05
C ARG C 13 38.26 -17.95 -33.18
N VAL C 14 39.10 -18.89 -33.60
CA VAL C 14 39.27 -20.17 -32.90
C VAL C 14 40.70 -20.33 -32.39
N ARG C 15 40.83 -20.77 -31.14
CA ARG C 15 42.13 -20.97 -30.52
C ARG C 15 42.59 -22.42 -30.73
N ILE C 16 43.48 -22.61 -31.70
CA ILE C 16 43.94 -23.94 -32.09
C ILE C 16 44.96 -24.52 -31.11
N GLU C 17 44.64 -25.68 -30.55
CA GLU C 17 45.56 -26.46 -29.74
C GLU C 17 45.87 -27.78 -30.43
N ASP C 18 44.88 -28.30 -31.13
CA ASP C 18 45.04 -29.48 -31.97
C ASP C 18 45.04 -29.07 -33.44
N PRO C 19 46.23 -29.01 -34.07
CA PRO C 19 46.32 -28.57 -35.46
C PRO C 19 45.88 -29.65 -36.43
N THR C 20 45.88 -30.90 -35.97
CA THR C 20 45.54 -32.05 -36.81
C THR C 20 44.03 -32.24 -36.97
N GLN C 21 43.25 -31.61 -36.09
CA GLN C 21 41.80 -31.78 -36.07
C GLN C 21 41.14 -31.31 -37.35
N SER C 22 40.10 -32.02 -37.78
CA SER C 22 39.45 -31.75 -39.05
C SER C 22 38.25 -30.82 -38.93
N LEU C 23 37.95 -30.14 -40.02
CA LEU C 23 36.82 -29.21 -40.08
C LEU C 23 35.50 -29.91 -39.74
N LEU C 24 35.36 -31.17 -40.16
CA LEU C 24 34.17 -31.98 -39.87
C LEU C 24 33.97 -32.17 -38.37
N GLU C 25 35.03 -32.57 -37.66
CA GLU C 25 34.99 -32.77 -36.21
C GLU C 25 34.57 -31.49 -35.50
N TRP C 26 35.20 -30.39 -35.90
CA TRP C 26 35.00 -29.08 -35.29
C TRP C 26 33.56 -28.61 -35.41
N LEU C 27 33.07 -28.56 -36.66
CA LEU C 27 31.72 -28.08 -36.96
C LEU C 27 30.66 -28.86 -36.20
N ARG C 28 30.80 -30.19 -36.19
CA ARG C 28 29.85 -31.06 -35.50
C ARG C 28 29.95 -30.89 -33.98
N ALA C 29 31.16 -30.63 -33.49
CA ALA C 29 31.36 -30.35 -32.06
C ALA C 29 30.81 -28.98 -31.70
N GLU C 30 30.70 -28.11 -32.68
CA GLU C 30 30.12 -26.79 -32.49
C GLU C 30 28.61 -26.84 -32.45
N GLY C 31 28.04 -27.95 -32.91
CA GLY C 31 26.60 -28.11 -32.96
C GLY C 31 26.05 -27.88 -34.36
N LEU C 32 26.93 -27.50 -35.28
CA LEU C 32 26.55 -27.28 -36.68
C LEU C 32 26.39 -28.63 -37.37
N THR C 33 25.28 -29.29 -37.06
CA THR C 33 25.11 -30.71 -37.27
C THR C 33 24.56 -31.07 -38.65
N GLY C 34 24.51 -30.08 -39.55
CA GLY C 34 24.02 -30.26 -40.92
C GLY C 34 25.03 -30.98 -41.79
N THR C 35 26.31 -30.83 -41.47
CA THR C 35 27.38 -31.47 -42.22
C THR C 35 27.50 -32.91 -41.74
N LYS C 36 27.40 -33.84 -42.69
CA LYS C 36 27.33 -35.27 -42.39
C LYS C 36 28.67 -36.01 -42.49
N GLU C 37 28.76 -37.14 -41.79
CA GLU C 37 29.90 -38.05 -41.94
C GLU C 37 29.43 -39.36 -42.53
N GLY C 38 29.96 -39.69 -43.70
CA GLY C 38 29.54 -40.90 -44.42
C GLY C 38 30.63 -41.95 -44.48
N CYS C 39 31.88 -41.51 -44.47
CA CYS C 39 33.02 -42.41 -44.62
C CYS C 39 34.25 -41.92 -43.88
N ASN C 40 34.39 -40.59 -43.77
CA ASN C 40 35.56 -39.94 -43.18
C ASN C 40 36.84 -40.23 -43.99
N GLU C 41 36.67 -40.51 -45.28
CA GLU C 41 37.78 -40.86 -46.17
C GLU C 41 37.87 -39.98 -47.41
N GLY C 42 36.91 -39.06 -47.56
CA GLY C 42 36.88 -38.13 -48.69
C GLY C 42 36.19 -38.65 -49.93
N ASP C 43 35.63 -39.86 -49.86
CA ASP C 43 35.09 -40.54 -51.04
C ASP C 43 33.63 -40.27 -51.38
N CYS C 44 32.80 -40.03 -50.37
CA CYS C 44 31.35 -39.98 -50.56
C CYS C 44 30.73 -38.58 -50.75
N GLY C 45 31.35 -37.57 -50.14
CA GLY C 45 30.91 -36.18 -50.30
C GLY C 45 29.90 -35.67 -49.29
N ALA C 46 29.50 -36.51 -48.36
CA ALA C 46 28.50 -36.16 -47.34
C ALA C 46 28.87 -34.97 -46.44
N CYS C 47 30.16 -34.63 -46.42
CA CYS C 47 30.66 -33.54 -45.59
C CYS C 47 31.11 -32.31 -46.40
N THR C 48 30.64 -32.22 -47.64
CA THR C 48 31.03 -31.16 -48.54
C THR C 48 30.73 -29.79 -47.93
N VAL C 49 31.76 -28.96 -47.83
CA VAL C 49 31.61 -27.56 -47.42
C VAL C 49 32.13 -26.62 -48.52
N MET C 50 31.70 -25.37 -48.47
CA MET C 50 32.12 -24.38 -49.45
C MET C 50 33.06 -23.36 -48.82
N ILE C 51 34.26 -23.25 -49.38
CA ILE C 51 35.21 -22.24 -48.93
C ILE C 51 35.42 -21.17 -50.00
N ARG C 52 35.61 -19.94 -49.54
CA ARG C 52 35.89 -18.81 -50.43
C ARG C 52 37.08 -18.01 -49.93
N ASP C 53 37.88 -17.53 -50.89
CA ASP C 53 38.99 -16.64 -50.61
C ASP C 53 39.22 -15.71 -51.82
N ALA C 54 40.45 -15.22 -51.98
CA ALA C 54 40.80 -14.34 -53.10
C ALA C 54 40.65 -15.01 -54.46
N ALA C 55 40.99 -16.29 -54.55
CA ALA C 55 40.94 -17.03 -55.81
C ALA C 55 39.52 -17.33 -56.29
N GLY C 56 38.54 -17.21 -55.40
CA GLY C 56 37.15 -17.52 -55.70
C GLY C 56 36.58 -18.48 -54.69
N SER C 57 35.53 -19.21 -55.09
CA SER C 57 34.91 -20.18 -54.19
C SER C 57 35.00 -21.60 -54.74
N ARG C 58 34.98 -22.58 -53.84
CA ARG C 58 35.02 -23.99 -54.22
C ARG C 58 34.36 -24.89 -53.19
N ALA C 59 33.96 -26.08 -53.63
CA ALA C 59 33.37 -27.08 -52.74
C ALA C 59 34.41 -28.13 -52.37
N VAL C 60 34.60 -28.34 -51.07
CA VAL C 60 35.63 -29.25 -50.55
C VAL C 60 35.11 -30.17 -49.44
N ASN C 61 35.79 -31.30 -49.23
CA ASN C 61 35.47 -32.22 -48.15
C ASN C 61 35.99 -31.70 -46.82
N ALA C 62 35.09 -31.51 -45.87
CA ALA C 62 35.46 -31.02 -44.54
C ALA C 62 36.32 -32.01 -43.75
N CYS C 63 36.12 -33.30 -43.98
CA CYS C 63 36.85 -34.35 -43.26
C CYS C 63 38.33 -34.38 -43.59
N LEU C 64 38.67 -34.12 -44.86
CA LEU C 64 40.06 -34.11 -45.32
C LEU C 64 40.76 -32.80 -44.96
N MET C 65 39.98 -31.79 -44.58
CA MET C 65 40.50 -30.47 -44.31
C MET C 65 40.72 -30.23 -42.82
N MET C 66 41.88 -29.67 -42.49
CA MET C 66 42.21 -29.31 -41.12
C MET C 66 42.05 -27.80 -40.90
N LEU C 67 41.85 -27.40 -39.64
CA LEU C 67 41.49 -26.02 -39.30
C LEU C 67 42.45 -24.89 -39.72
N PRO C 68 43.77 -25.06 -39.53
CA PRO C 68 44.70 -24.00 -39.97
C PRO C 68 44.56 -23.61 -41.44
N GLN C 69 43.99 -24.50 -42.25
CA GLN C 69 43.87 -24.29 -43.69
C GLN C 69 42.76 -23.32 -44.09
N ILE C 70 41.78 -23.11 -43.20
CA ILE C 70 40.67 -22.20 -43.49
C ILE C 70 40.89 -20.79 -42.96
N ALA C 71 42.08 -20.54 -42.44
CA ALA C 71 42.48 -19.22 -41.94
C ALA C 71 42.45 -18.15 -43.03
N GLY C 72 41.76 -17.06 -42.75
CA GLY C 72 41.64 -15.93 -43.68
C GLY C 72 40.65 -16.17 -44.80
N LYS C 73 39.90 -17.27 -44.71
CA LYS C 73 38.94 -17.66 -45.74
C LYS C 73 37.48 -17.53 -45.26
N ALA C 74 36.53 -17.75 -46.17
CA ALA C 74 35.11 -17.69 -45.86
C ALA C 74 34.46 -19.06 -45.97
N LEU C 75 34.11 -19.63 -44.81
CA LEU C 75 33.51 -20.96 -44.73
C LEU C 75 31.99 -20.92 -44.73
N ARG C 76 31.40 -21.61 -45.70
CA ARG C 76 29.97 -21.63 -45.89
C ARG C 76 29.50 -23.09 -45.90
N THR C 77 28.67 -23.45 -44.91
CA THR C 77 28.15 -24.82 -44.82
C THR C 77 26.68 -24.85 -45.27
N ILE C 78 26.05 -26.02 -45.16
CA ILE C 78 24.65 -26.21 -45.55
C ILE C 78 23.67 -25.29 -44.83
N GLU C 79 23.86 -25.09 -43.53
CA GLU C 79 22.99 -24.21 -42.76
C GLU C 79 23.20 -22.74 -43.13
N GLY C 80 24.13 -22.48 -44.04
CA GLY C 80 24.41 -21.13 -44.53
C GLY C 80 24.04 -20.91 -45.99
N ILE C 81 23.54 -21.94 -46.66
CA ILE C 81 23.21 -21.87 -48.08
C ILE C 81 21.91 -21.09 -48.31
N ALA C 82 21.04 -21.10 -47.31
CA ALA C 82 19.81 -20.32 -47.36
C ALA C 82 20.08 -18.90 -46.86
N ALA C 83 19.37 -17.93 -47.44
CA ALA C 83 19.50 -16.52 -47.11
C ALA C 83 19.20 -16.22 -45.63
N PRO C 84 19.73 -15.09 -45.10
CA PRO C 84 19.53 -14.75 -43.68
C PRO C 84 18.07 -14.47 -43.36
N ASP C 85 17.32 -14.02 -44.35
CA ASP C 85 15.90 -13.74 -44.22
C ASP C 85 15.05 -14.99 -44.44
N GLY C 86 15.69 -16.15 -44.49
CA GLY C 86 14.99 -17.44 -44.59
C GLY C 86 14.86 -18.02 -45.99
N ARG C 87 14.88 -17.13 -46.99
CA ARG C 87 14.71 -17.51 -48.39
C ARG C 87 15.69 -18.62 -48.81
N LEU C 88 15.16 -19.69 -49.40
CA LEU C 88 15.97 -20.80 -49.87
C LEU C 88 16.78 -20.41 -51.11
N HIS C 89 17.93 -21.06 -51.26
CA HIS C 89 18.78 -20.91 -52.44
C HIS C 89 18.08 -21.57 -53.63
N PRO C 90 18.17 -20.95 -54.83
CA PRO C 90 17.59 -21.50 -56.05
C PRO C 90 17.81 -23.01 -56.20
N VAL C 91 18.95 -23.49 -55.71
CA VAL C 91 19.31 -24.89 -55.76
C VAL C 91 18.45 -25.74 -54.80
N GLN C 92 18.30 -25.27 -53.56
CA GLN C 92 17.51 -25.95 -52.53
C GLN C 92 16.05 -26.10 -52.93
N GLN C 93 15.46 -25.03 -53.45
CA GLN C 93 14.11 -25.06 -53.97
C GLN C 93 14.00 -26.04 -55.14
N ALA C 94 15.01 -26.04 -56.00
CA ALA C 94 14.99 -26.91 -57.17
C ALA C 94 14.99 -28.38 -56.77
N MET C 95 15.70 -28.69 -55.69
CA MET C 95 15.80 -30.06 -55.18
C MET C 95 14.48 -30.57 -54.61
N ILE C 96 13.70 -29.66 -54.03
CA ILE C 96 12.36 -29.98 -53.54
C ILE C 96 11.44 -30.23 -54.72
N ASP C 97 11.58 -29.42 -55.77
CA ASP C 97 10.71 -29.48 -56.94
C ASP C 97 10.91 -30.77 -57.74
N HIS C 98 12.15 -31.22 -57.81
CA HIS C 98 12.49 -32.36 -58.66
C HIS C 98 12.81 -33.61 -57.85
N HIS C 99 12.41 -33.58 -56.58
CA HIS C 99 12.55 -34.72 -55.68
C HIS C 99 13.97 -35.27 -55.67
N GLY C 100 14.93 -34.41 -55.35
CA GLY C 100 16.34 -34.78 -55.34
C GLY C 100 16.84 -35.41 -54.05
N SER C 101 15.94 -35.58 -53.08
CA SER C 101 16.28 -36.24 -51.83
C SER C 101 15.25 -37.31 -51.46
N GLN C 102 15.74 -38.45 -50.98
CA GLN C 102 14.88 -39.49 -50.44
C GLN C 102 15.15 -39.63 -48.94
N CYS C 103 16.26 -40.27 -48.57
CA CYS C 103 16.66 -40.35 -47.16
C CYS C 103 17.23 -39.02 -46.67
N GLY C 104 17.73 -38.22 -47.62
CA GLY C 104 18.20 -36.86 -47.37
C GLY C 104 19.56 -36.69 -46.72
N PHE C 105 20.30 -37.79 -46.56
CA PHE C 105 21.57 -37.76 -45.84
C PHE C 105 22.72 -37.23 -46.70
N CYS C 106 22.65 -37.51 -47.99
CA CYS C 106 23.62 -37.00 -48.95
C CYS C 106 23.28 -35.57 -49.40
N THR C 107 22.06 -35.12 -49.07
CA THR C 107 21.53 -33.84 -49.55
C THR C 107 22.31 -32.58 -49.14
N PRO C 108 22.68 -32.45 -47.84
CA PRO C 108 23.47 -31.26 -47.51
C PRO C 108 24.75 -31.17 -48.33
N GLY C 109 25.47 -32.29 -48.48
CA GLY C 109 26.68 -32.36 -49.30
C GLY C 109 26.42 -32.02 -50.75
N PHE C 110 25.33 -32.55 -51.30
CA PHE C 110 24.91 -32.24 -52.68
C PHE C 110 24.56 -30.77 -52.87
N ILE C 111 23.80 -30.22 -51.93
CA ILE C 111 23.37 -28.82 -51.98
C ILE C 111 24.57 -27.89 -52.01
N VAL C 112 25.51 -28.11 -51.09
CA VAL C 112 26.74 -27.33 -51.01
C VAL C 112 27.56 -27.42 -52.31
N SER C 113 27.66 -28.61 -52.88
CA SER C 113 28.34 -28.81 -54.16
C SER C 113 27.63 -28.06 -55.29
N MET C 114 26.31 -28.07 -55.25
CA MET C 114 25.49 -27.43 -56.28
C MET C 114 25.49 -25.92 -56.16
N ALA C 115 25.41 -25.42 -54.93
CA ALA C 115 25.42 -23.98 -54.67
C ALA C 115 26.76 -23.38 -55.06
N ALA C 116 27.84 -24.13 -54.83
CA ALA C 116 29.18 -23.71 -55.21
C ALA C 116 29.33 -23.68 -56.72
N ALA C 117 28.76 -24.68 -57.39
CA ALA C 117 28.74 -24.73 -58.85
C ALA C 117 27.95 -23.56 -59.43
N HIS C 118 26.83 -23.25 -58.78
CA HIS C 118 25.95 -22.16 -59.17
C HIS C 118 26.63 -20.80 -59.00
N ASP C 119 27.39 -20.66 -57.92
CA ASP C 119 28.09 -19.42 -57.61
C ASP C 119 29.03 -19.01 -58.73
N ARG C 120 29.75 -19.98 -59.28
CA ARG C 120 30.69 -19.73 -60.37
C ARG C 120 30.10 -20.16 -61.72
N ASP C 121 28.80 -20.44 -61.73
CA ASP C 121 28.06 -20.79 -62.94
C ASP C 121 28.75 -21.92 -63.74
N ARG C 122 29.04 -23.02 -63.06
CA ARG C 122 29.64 -24.19 -63.69
C ARG C 122 28.56 -25.24 -63.97
N LYS C 123 28.68 -25.88 -65.13
CA LYS C 123 27.60 -26.74 -65.64
C LYS C 123 28.03 -28.18 -65.98
N ASP C 124 29.29 -28.50 -65.72
CA ASP C 124 29.79 -29.87 -65.93
C ASP C 124 29.42 -30.75 -64.73
N TYR C 125 28.12 -30.99 -64.58
CA TYR C 125 27.55 -31.61 -63.38
C TYR C 125 28.04 -33.02 -63.06
N ASP C 126 28.24 -33.82 -64.11
CA ASP C 126 28.78 -35.16 -63.97
C ASP C 126 30.10 -35.17 -63.20
N ASP C 127 30.95 -34.18 -63.49
CA ASP C 127 32.27 -34.08 -62.89
C ASP C 127 32.26 -33.32 -61.58
N LEU C 128 31.43 -32.28 -61.51
CA LEU C 128 31.25 -31.51 -60.29
C LEU C 128 30.72 -32.41 -59.19
N LEU C 129 29.71 -33.21 -59.53
CA LEU C 129 28.99 -34.02 -58.55
C LEU C 129 29.46 -35.47 -58.48
N ALA C 130 30.54 -35.80 -59.21
CA ALA C 130 31.10 -37.16 -59.18
C ALA C 130 31.44 -37.59 -57.75
N GLY C 131 32.02 -36.67 -56.99
CA GLY C 131 32.40 -36.93 -55.61
C GLY C 131 31.26 -36.84 -54.62
N ASN C 132 30.04 -36.77 -55.13
CA ASN C 132 28.86 -36.83 -54.26
C ASN C 132 28.10 -38.13 -54.51
N LEU C 133 28.19 -39.05 -53.55
CA LEU C 133 27.50 -40.34 -53.66
C LEU C 133 26.07 -40.25 -53.13
N CYS C 134 25.15 -40.86 -53.88
CA CYS C 134 23.77 -40.98 -53.46
C CYS C 134 23.32 -42.42 -53.69
N ARG C 135 22.71 -43.03 -52.68
CA ARG C 135 22.28 -44.42 -52.80
C ARG C 135 20.80 -44.57 -53.20
N CYS C 136 20.00 -43.54 -52.96
CA CYS C 136 18.55 -43.64 -53.12
C CYS C 136 18.00 -43.20 -54.47
N THR C 137 18.39 -42.02 -54.93
CA THR C 137 17.67 -41.31 -55.98
C THR C 137 17.97 -41.77 -57.41
N GLY C 138 19.18 -42.27 -57.65
CA GLY C 138 19.60 -42.67 -58.98
C GLY C 138 20.14 -41.49 -59.76
N TYR C 139 20.40 -40.40 -59.04
CA TYR C 139 21.05 -39.18 -59.57
C TYR C 139 20.21 -38.34 -60.52
N ALA C 140 19.45 -38.99 -61.40
CA ALA C 140 18.63 -38.30 -62.40
C ALA C 140 17.82 -37.09 -61.91
N PRO C 141 17.12 -37.21 -60.76
CA PRO C 141 16.36 -36.08 -60.20
C PRO C 141 17.24 -34.90 -59.79
N ILE C 142 18.46 -35.18 -59.34
CA ILE C 142 19.42 -34.16 -58.91
C ILE C 142 19.95 -33.37 -60.12
N LEU C 143 20.24 -34.08 -61.20
CA LEU C 143 20.65 -33.48 -62.45
C LEU C 143 19.56 -32.54 -62.96
N ARG C 144 18.30 -32.96 -62.81
CA ARG C 144 17.15 -32.14 -63.20
C ARG C 144 17.07 -30.87 -62.37
N ALA C 145 17.30 -31.02 -61.07
CA ALA C 145 17.26 -29.91 -60.13
C ALA C 145 18.39 -28.93 -60.41
N ALA C 146 19.56 -29.47 -60.74
CA ALA C 146 20.74 -28.67 -61.08
C ALA C 146 20.51 -27.82 -62.32
N GLU C 147 19.88 -28.43 -63.33
CA GLU C 147 19.56 -27.75 -64.59
C GLU C 147 18.48 -26.68 -64.42
N ALA C 148 17.53 -26.93 -63.54
CA ALA C 148 16.45 -26.00 -63.27
C ALA C 148 16.94 -24.74 -62.56
N ALA C 149 17.88 -24.91 -61.63
CA ALA C 149 18.42 -23.79 -60.86
C ALA C 149 19.45 -22.99 -61.67
N ALA C 150 19.95 -23.61 -62.75
CA ALA C 150 20.97 -23.01 -63.61
C ALA C 150 20.44 -21.77 -64.33
N GLY C 151 19.12 -21.66 -64.43
CA GLY C 151 18.48 -20.50 -65.05
C GLY C 151 18.11 -19.43 -64.04
N GLU C 152 18.67 -19.51 -62.84
CA GLU C 152 18.39 -18.56 -61.78
C GLU C 152 19.60 -17.67 -61.50
N PRO C 153 19.35 -16.39 -61.16
CA PRO C 153 20.45 -15.47 -60.80
C PRO C 153 21.18 -15.91 -59.52
N PRO C 154 22.53 -15.79 -59.50
CA PRO C 154 23.36 -16.22 -58.37
C PRO C 154 22.94 -15.56 -57.05
N ALA C 155 23.12 -16.28 -55.95
CA ALA C 155 22.74 -15.80 -54.63
C ALA C 155 23.66 -14.68 -54.17
N ASP C 156 23.07 -13.52 -53.87
CA ASP C 156 23.82 -12.33 -53.48
C ASP C 156 24.48 -12.45 -52.10
N TRP C 157 23.77 -13.07 -51.15
CA TRP C 157 24.25 -13.23 -49.79
C TRP C 157 25.50 -14.11 -49.68
N LEU C 158 25.66 -15.03 -50.64
CA LEU C 158 26.83 -15.88 -50.70
C LEU C 158 28.02 -15.15 -51.31
N GLN C 159 27.75 -14.33 -52.33
CA GLN C 159 28.79 -13.51 -52.96
C GLN C 159 29.27 -12.39 -52.03
N ALA C 160 28.42 -12.04 -51.05
CA ALA C 160 28.75 -11.04 -50.03
C ALA C 160 29.94 -11.45 -49.15
N ASP C 161 30.37 -12.69 -49.27
CA ASP C 161 31.52 -13.19 -48.51
C ASP C 161 32.84 -12.77 -49.12
N ALA C 162 32.82 -12.42 -50.41
CA ALA C 162 34.01 -12.01 -51.15
C ALA C 162 34.73 -10.82 -50.49
N ALA C 163 33.98 -9.98 -49.80
CA ALA C 163 34.50 -8.81 -49.11
C ALA C 163 35.10 -9.13 -47.73
N PHE C 164 35.75 -10.27 -47.61
CA PHE C 164 36.38 -10.66 -46.34
C PHE C 164 37.90 -10.49 -46.35
N THR C 165 38.41 -9.93 -45.25
CA THR C 165 39.84 -9.59 -45.02
C THR C 165 40.55 -8.77 -46.11
N LEU C 166 39.83 -8.42 -47.17
CA LEU C 166 40.38 -7.62 -48.28
C LEU C 166 40.62 -6.17 -47.85
N PRO C 179 52.05 -24.56 -32.34
CA PRO C 179 51.30 -25.78 -32.60
C PRO C 179 51.48 -26.30 -34.04
N ALA C 180 51.53 -25.39 -35.01
CA ALA C 180 51.76 -25.74 -36.41
C ALA C 180 52.31 -24.55 -37.21
N PHE C 181 53.39 -24.78 -37.94
CA PHE C 181 54.01 -23.73 -38.73
C PHE C 181 53.25 -23.50 -40.04
N LEU C 182 53.07 -22.22 -40.39
CA LEU C 182 52.41 -21.84 -41.62
C LEU C 182 53.25 -20.85 -42.44
N PRO C 183 54.07 -21.36 -43.37
CA PRO C 183 54.96 -20.53 -44.18
C PRO C 183 54.22 -19.61 -45.14
N GLU C 184 54.75 -18.40 -45.32
CA GLU C 184 54.17 -17.40 -46.19
C GLU C 184 54.78 -17.48 -47.58
N THR C 185 56.08 -17.78 -47.62
CA THR C 185 56.83 -17.91 -48.87
C THR C 185 57.70 -19.16 -48.87
N SER C 186 58.26 -19.47 -50.04
CA SER C 186 59.16 -20.61 -50.21
C SER C 186 60.41 -20.50 -49.35
N ASP C 187 60.81 -19.26 -49.05
CA ASP C 187 61.97 -18.99 -48.21
C ASP C 187 61.73 -19.38 -46.75
N ALA C 188 60.62 -18.90 -46.18
CA ALA C 188 60.26 -19.18 -44.79
C ALA C 188 60.16 -20.68 -44.53
N LEU C 189 59.66 -21.40 -45.53
CA LEU C 189 59.52 -22.86 -45.47
C LEU C 189 60.87 -23.57 -45.53
N ALA C 190 61.67 -23.21 -46.53
CA ALA C 190 62.96 -23.84 -46.77
C ALA C 190 63.90 -23.75 -45.57
N ASP C 191 63.82 -22.62 -44.87
CA ASP C 191 64.62 -22.39 -43.66
C ASP C 191 64.13 -23.25 -42.49
N TRP C 192 62.82 -23.34 -42.34
CA TRP C 192 62.20 -24.05 -41.23
C TRP C 192 62.36 -25.56 -41.34
N TYR C 193 62.09 -26.10 -42.53
CA TYR C 193 62.13 -27.54 -42.77
C TYR C 193 63.58 -28.07 -42.77
N LEU C 194 64.52 -27.19 -43.10
CA LEU C 194 65.94 -27.48 -42.99
C LEU C 194 66.29 -27.76 -41.53
N ALA C 195 65.75 -26.93 -40.63
CA ALA C 195 65.96 -27.07 -39.19
C ALA C 195 65.16 -28.23 -38.60
N HIS C 196 64.03 -28.57 -39.23
CA HIS C 196 63.17 -29.65 -38.76
C HIS C 196 62.87 -30.66 -39.88
N PRO C 197 63.81 -31.60 -40.13
CA PRO C 197 63.63 -32.56 -41.22
C PRO C 197 62.63 -33.68 -40.89
N GLU C 198 62.35 -33.88 -39.60
CA GLU C 198 61.43 -34.92 -39.13
C GLU C 198 59.98 -34.42 -39.14
N ALA C 199 59.74 -33.30 -39.85
CA ALA C 199 58.46 -32.62 -39.84
C ALA C 199 57.46 -33.21 -40.83
N THR C 200 56.22 -33.34 -40.38
CA THR C 200 55.11 -33.74 -41.24
C THR C 200 54.62 -32.52 -42.02
N LEU C 201 54.94 -32.48 -43.31
CA LEU C 201 54.44 -31.42 -44.18
C LEU C 201 53.00 -31.74 -44.60
N ILE C 202 52.17 -30.71 -44.71
CA ILE C 202 50.79 -30.88 -45.18
C ILE C 202 50.46 -29.84 -46.25
N ALA C 203 50.18 -30.31 -47.46
CA ALA C 203 49.71 -29.44 -48.53
C ALA C 203 48.18 -29.43 -48.51
N GLY C 204 47.57 -30.29 -49.35
CA GLY C 204 46.14 -30.45 -49.36
C GLY C 204 45.66 -31.32 -48.21
N GLY C 205 46.53 -32.24 -47.80
CA GLY C 205 46.22 -33.16 -46.70
C GLY C 205 45.18 -34.20 -47.05
N THR C 206 45.07 -34.53 -48.33
CA THR C 206 44.13 -35.57 -48.80
C THR C 206 44.75 -36.96 -48.75
N ASP C 207 46.03 -37.03 -48.37
CA ASP C 207 46.69 -38.28 -48.07
C ASP C 207 46.99 -38.37 -46.58
N VAL C 208 47.43 -37.24 -46.02
CA VAL C 208 47.87 -37.14 -44.62
C VAL C 208 46.73 -37.39 -43.62
N SER C 209 45.57 -36.81 -43.87
CA SER C 209 44.44 -36.86 -42.94
C SER C 209 43.80 -38.24 -42.86
N LEU C 210 44.15 -39.12 -43.80
CA LEU C 210 43.72 -40.51 -43.75
C LEU C 210 44.56 -41.33 -42.78
N TRP C 211 45.72 -40.79 -42.40
CA TRP C 211 46.54 -41.40 -41.35
C TRP C 211 45.98 -41.09 -39.97
N VAL C 212 45.42 -39.88 -39.81
CA VAL C 212 44.87 -39.44 -38.53
C VAL C 212 43.48 -40.05 -38.24
N THR C 213 42.65 -40.17 -39.29
CA THR C 213 41.28 -40.68 -39.12
C THR C 213 41.19 -42.20 -39.19
N LYS C 214 41.83 -42.81 -40.19
CA LYS C 214 41.73 -44.26 -40.41
C LYS C 214 42.79 -45.05 -39.65
N ALA C 215 44.05 -44.65 -39.81
CA ALA C 215 45.16 -45.30 -39.10
C ALA C 215 45.24 -44.84 -37.64
N LEU C 216 44.38 -43.90 -37.27
CA LEU C 216 44.30 -43.36 -35.90
C LEU C 216 45.65 -42.90 -35.33
N ARG C 217 46.50 -42.39 -36.21
CA ARG C 217 47.85 -41.97 -35.81
C ARG C 217 47.90 -40.53 -35.31
N ASP C 218 49.02 -40.17 -34.70
CA ASP C 218 49.25 -38.82 -34.19
C ASP C 218 50.51 -38.22 -34.80
N LEU C 219 50.40 -36.95 -35.21
CA LEU C 219 51.48 -36.27 -35.93
C LEU C 219 51.98 -35.04 -35.18
N PRO C 220 53.15 -35.17 -34.50
CA PRO C 220 53.88 -34.02 -33.99
C PRO C 220 54.73 -33.36 -35.08
N GLU C 221 55.07 -32.07 -34.89
CA GLU C 221 55.87 -31.27 -35.83
C GLU C 221 55.22 -31.13 -37.21
N VAL C 222 54.35 -30.13 -37.35
CA VAL C 222 53.50 -29.98 -38.54
C VAL C 222 53.66 -28.62 -39.21
N ALA C 223 53.69 -28.62 -40.54
CA ALA C 223 53.74 -27.40 -41.34
C ALA C 223 52.70 -27.44 -42.46
N PHE C 224 51.96 -26.35 -42.60
CA PHE C 224 50.91 -26.25 -43.63
C PHE C 224 51.33 -25.40 -44.82
N LEU C 225 51.51 -26.06 -45.97
CA LEU C 225 52.06 -25.44 -47.17
C LEU C 225 50.99 -24.72 -48.00
N SER C 226 49.72 -24.98 -47.70
CA SER C 226 48.61 -24.43 -48.49
C SER C 226 48.58 -22.90 -48.57
N HIS C 227 49.34 -22.23 -47.70
CA HIS C 227 49.32 -20.78 -47.62
C HIS C 227 50.51 -20.06 -48.27
N CYS C 228 51.27 -20.79 -49.09
CA CYS C 228 52.37 -20.21 -49.86
C CYS C 228 51.95 -19.86 -51.28
N LYS C 229 51.81 -18.57 -51.57
CA LYS C 229 51.39 -18.12 -52.89
C LYS C 229 52.43 -18.44 -53.96
N ASP C 230 53.70 -18.33 -53.60
CA ASP C 230 54.80 -18.52 -54.55
C ASP C 230 55.16 -19.99 -54.79
N LEU C 231 54.53 -20.88 -54.04
CA LEU C 231 54.73 -22.32 -54.22
C LEU C 231 53.65 -22.93 -55.11
N ALA C 232 52.58 -22.18 -55.31
CA ALA C 232 51.45 -22.61 -56.14
C ALA C 232 51.34 -21.78 -57.41
N GLN C 233 52.40 -21.81 -58.22
CA GLN C 233 52.51 -20.95 -59.38
C GLN C 233 52.61 -21.74 -60.70
N ILE C 234 51.95 -21.25 -61.73
CA ILE C 234 52.17 -21.74 -63.09
C ILE C 234 52.83 -20.63 -63.90
N ARG C 235 54.08 -20.86 -64.27
CA ARG C 235 54.90 -19.84 -64.93
C ARG C 235 55.51 -20.31 -66.24
N GLU C 236 55.75 -19.36 -67.13
CA GLU C 236 56.30 -19.64 -68.45
C GLU C 236 57.81 -19.48 -68.43
N THR C 237 58.51 -20.53 -68.87
CA THR C 237 59.97 -20.53 -68.97
C THR C 237 60.37 -20.76 -70.43
N PRO C 238 61.60 -20.37 -70.83
CA PRO C 238 62.12 -20.66 -72.16
C PRO C 238 61.85 -22.08 -72.66
N ASP C 239 62.11 -23.08 -71.82
CA ASP C 239 61.94 -24.49 -72.20
C ASP C 239 60.50 -24.97 -72.21
N GLY C 240 59.72 -24.59 -71.19
CA GLY C 240 58.33 -25.00 -71.07
C GLY C 240 57.54 -24.26 -70.01
N TYR C 241 56.87 -25.00 -69.13
CA TYR C 241 56.09 -24.43 -68.04
C TYR C 241 56.58 -24.95 -66.70
N GLY C 242 57.00 -24.03 -65.83
CA GLY C 242 57.36 -24.37 -64.47
C GLY C 242 56.12 -24.35 -63.61
N ILE C 243 55.73 -25.53 -63.12
CA ILE C 243 54.51 -25.66 -62.32
C ILE C 243 54.85 -26.01 -60.88
N GLY C 244 54.45 -25.14 -59.96
CA GLY C 244 54.80 -25.26 -58.55
C GLY C 244 54.14 -26.44 -57.86
N ALA C 245 54.74 -26.84 -56.75
CA ALA C 245 54.29 -28.03 -56.01
C ALA C 245 52.94 -27.83 -55.32
N GLY C 246 52.63 -26.58 -54.97
CA GLY C 246 51.39 -26.23 -54.30
C GLY C 246 50.21 -26.03 -55.23
N VAL C 247 50.46 -26.14 -56.53
CA VAL C 247 49.42 -26.06 -57.54
C VAL C 247 48.46 -27.24 -57.38
N THR C 248 47.18 -26.95 -57.28
CA THR C 248 46.17 -27.99 -57.09
C THR C 248 45.91 -28.77 -58.39
N ILE C 249 45.42 -29.99 -58.25
CA ILE C 249 45.10 -30.86 -59.40
C ILE C 249 43.99 -30.25 -60.28
N ALA C 250 43.09 -29.49 -59.65
CA ALA C 250 42.07 -28.76 -60.36
C ALA C 250 42.68 -27.62 -61.17
N ALA C 251 43.66 -26.94 -60.59
CA ALA C 251 44.36 -25.83 -61.23
C ALA C 251 45.24 -26.29 -62.38
N LEU C 252 45.92 -27.42 -62.18
CA LEU C 252 46.77 -28.02 -63.20
C LEU C 252 45.96 -28.48 -64.41
N ARG C 253 44.80 -29.08 -64.13
CA ARG C 253 43.91 -29.57 -65.18
C ARG C 253 43.38 -28.41 -66.01
N ALA C 254 42.94 -27.36 -65.33
CA ALA C 254 42.43 -26.16 -65.98
C ALA C 254 43.47 -25.57 -66.93
N PHE C 255 44.70 -25.46 -66.43
CA PHE C 255 45.81 -24.95 -67.25
C PHE C 255 46.10 -25.84 -68.45
N ALA C 256 46.10 -27.16 -68.22
CA ALA C 256 46.47 -28.14 -69.25
C ALA C 256 45.50 -28.23 -70.43
N GLU C 257 44.29 -27.68 -70.25
CA GLU C 257 43.27 -27.67 -71.30
C GLU C 257 43.80 -27.15 -72.64
N GLY C 258 44.80 -26.28 -72.57
CA GLY C 258 45.41 -25.67 -73.75
C GLY C 258 46.61 -26.43 -74.31
N PRO C 259 47.75 -26.40 -73.58
CA PRO C 259 48.99 -27.02 -74.06
C PRO C 259 48.97 -28.56 -74.02
N HIS C 260 48.41 -29.13 -72.95
CA HIS C 260 48.43 -30.58 -72.76
C HIS C 260 47.02 -31.15 -72.48
N PRO C 261 46.20 -31.29 -73.54
CA PRO C 261 44.84 -31.81 -73.42
C PRO C 261 44.76 -33.25 -72.88
N ALA C 262 45.81 -34.03 -73.10
CA ALA C 262 45.89 -35.40 -72.60
C ALA C 262 46.02 -35.43 -71.08
N LEU C 263 46.83 -34.52 -70.53
CA LEU C 263 46.96 -34.40 -69.09
C LEU C 263 45.64 -33.92 -68.49
N ALA C 264 45.04 -32.93 -69.14
CA ALA C 264 43.75 -32.39 -68.71
C ALA C 264 42.68 -33.48 -68.67
N GLY C 265 42.65 -34.31 -69.71
CA GLY C 265 41.69 -35.41 -69.82
C GLY C 265 41.85 -36.45 -68.74
N LEU C 266 43.11 -36.75 -68.40
CA LEU C 266 43.42 -37.73 -67.36
C LEU C 266 43.03 -37.21 -65.98
N LEU C 267 43.43 -35.98 -65.68
CA LEU C 267 43.16 -35.36 -64.38
C LEU C 267 41.68 -35.11 -64.13
N ARG C 268 40.86 -35.28 -65.16
CA ARG C 268 39.41 -35.23 -65.02
C ARG C 268 38.94 -36.38 -64.17
N ARG C 269 39.60 -37.53 -64.33
CA ARG C 269 39.30 -38.74 -63.58
C ARG C 269 40.25 -38.95 -62.41
N PHE C 270 40.91 -37.86 -61.99
CA PHE C 270 41.73 -37.86 -60.79
C PHE C 270 40.80 -37.52 -59.65
N ALA C 271 40.54 -38.49 -58.78
CA ALA C 271 39.68 -38.28 -57.62
C ALA C 271 38.34 -37.62 -57.97
N SER C 272 37.94 -36.65 -57.17
CA SER C 272 36.73 -35.86 -57.40
C SER C 272 37.06 -34.39 -57.46
N GLU C 273 36.08 -33.56 -57.81
CA GLU C 273 36.24 -32.11 -57.82
C GLU C 273 36.67 -31.57 -56.45
N GLN C 274 36.01 -32.03 -55.38
CA GLN C 274 36.29 -31.58 -54.01
C GLN C 274 37.68 -31.92 -53.53
N VAL C 275 38.18 -33.09 -53.93
CA VAL C 275 39.54 -33.51 -53.60
C VAL C 275 40.54 -32.76 -54.47
N ARG C 276 40.25 -32.66 -55.78
CA ARG C 276 41.07 -31.92 -56.73
C ARG C 276 41.26 -30.45 -56.35
N GLN C 277 40.25 -29.86 -55.72
CA GLN C 277 40.30 -28.44 -55.33
C GLN C 277 41.35 -28.12 -54.28
N VAL C 278 41.86 -29.14 -53.60
CA VAL C 278 42.83 -28.97 -52.52
C VAL C 278 44.10 -29.81 -52.67
N ALA C 279 43.98 -30.95 -53.36
CA ALA C 279 45.09 -31.87 -53.58
C ALA C 279 46.12 -31.28 -54.55
N THR C 280 47.40 -31.44 -54.21
CA THR C 280 48.49 -30.81 -54.95
C THR C 280 49.36 -31.83 -55.71
N ILE C 281 50.06 -31.36 -56.75
CA ILE C 281 50.98 -32.24 -57.51
C ILE C 281 52.22 -32.56 -56.69
N GLY C 282 52.69 -31.58 -55.92
CA GLY C 282 53.81 -31.78 -55.01
C GLY C 282 53.55 -32.92 -54.06
N GLY C 283 52.37 -32.92 -53.45
CA GLY C 283 51.94 -33.98 -52.54
C GLY C 283 51.70 -35.31 -53.23
N ASN C 284 51.15 -35.26 -54.45
CA ASN C 284 50.94 -36.45 -55.27
C ASN C 284 52.25 -37.15 -55.62
N ILE C 285 53.28 -36.36 -55.91
CA ILE C 285 54.61 -36.86 -56.23
C ILE C 285 55.36 -37.29 -54.96
N ALA C 286 55.36 -36.44 -53.94
CA ALA C 286 56.05 -36.71 -52.68
C ALA C 286 55.39 -37.84 -51.85
N ASN C 287 54.15 -38.17 -52.20
CA ASN C 287 53.50 -39.35 -51.65
C ASN C 287 54.15 -40.62 -52.18
N GLY C 288 54.53 -40.59 -53.45
CA GLY C 288 55.26 -41.70 -54.07
C GLY C 288 54.49 -42.99 -54.21
N SER C 289 53.18 -42.89 -54.39
CA SER C 289 52.35 -44.08 -54.61
C SER C 289 52.49 -44.59 -56.03
N PRO C 290 52.63 -45.92 -56.20
CA PRO C 290 52.69 -46.52 -57.53
C PRO C 290 51.34 -46.47 -58.23
N ILE C 291 50.30 -46.16 -57.45
CA ILE C 291 48.94 -46.02 -57.95
C ILE C 291 48.64 -44.55 -58.29
N GLY C 292 49.56 -43.66 -57.91
CA GLY C 292 49.45 -42.24 -58.22
C GLY C 292 49.33 -41.97 -59.71
N ASP C 293 48.41 -41.07 -60.08
CA ASP C 293 48.08 -40.83 -61.49
C ASP C 293 48.87 -39.70 -62.14
N GLY C 294 49.48 -38.85 -61.32
CA GLY C 294 50.29 -37.75 -61.81
C GLY C 294 51.57 -38.18 -62.49
N PRO C 295 52.45 -38.90 -61.76
CA PRO C 295 53.75 -39.34 -62.27
C PRO C 295 53.75 -40.04 -63.63
N PRO C 296 52.90 -41.07 -63.86
CA PRO C 296 52.93 -41.70 -65.18
C PRO C 296 52.70 -40.71 -66.31
N ALA C 297 51.82 -39.74 -66.10
CA ALA C 297 51.51 -38.73 -67.10
C ALA C 297 52.71 -37.84 -67.40
N LEU C 298 53.32 -37.29 -66.35
CA LEU C 298 54.44 -36.37 -66.49
C LEU C 298 55.68 -37.09 -67.03
N ILE C 299 55.91 -38.32 -66.56
CA ILE C 299 57.03 -39.13 -67.04
C ILE C 299 56.89 -39.39 -68.54
N ALA C 300 55.67 -39.69 -68.98
CA ALA C 300 55.43 -39.96 -70.40
C ALA C 300 55.68 -38.74 -71.28
N MET C 301 55.40 -37.54 -70.78
CA MET C 301 55.71 -36.33 -71.54
C MET C 301 57.09 -35.76 -71.20
N GLY C 302 57.77 -36.41 -70.26
CA GLY C 302 59.16 -36.10 -69.94
C GLY C 302 59.37 -34.85 -69.10
N ALA C 303 58.56 -34.69 -68.07
CA ALA C 303 58.69 -33.56 -67.15
C ALA C 303 59.88 -33.74 -66.23
N SER C 304 60.45 -32.64 -65.77
CA SER C 304 61.55 -32.67 -64.82
C SER C 304 61.09 -32.20 -63.44
N LEU C 305 61.70 -32.75 -62.40
CA LEU C 305 61.34 -32.44 -61.01
C LEU C 305 62.39 -31.55 -60.35
N THR C 306 61.94 -30.58 -59.57
CA THR C 306 62.83 -29.71 -58.81
C THR C 306 62.66 -29.91 -57.30
N LEU C 307 63.75 -30.28 -56.64
CA LEU C 307 63.78 -30.40 -55.18
C LEU C 307 64.60 -29.28 -54.58
N ARG C 308 64.19 -28.79 -53.42
CA ARG C 308 64.88 -27.70 -52.75
C ARG C 308 65.16 -28.03 -51.28
N ARG C 309 66.43 -28.02 -50.91
CA ARG C 309 66.86 -28.30 -49.55
C ARG C 309 67.43 -27.01 -48.94
N GLY C 310 66.54 -26.12 -48.51
CA GLY C 310 66.94 -24.82 -48.01
C GLY C 310 67.28 -23.89 -49.17
N GLN C 311 68.57 -23.69 -49.38
CA GLN C 311 69.04 -22.89 -50.49
C GLN C 311 69.43 -23.77 -51.68
N GLU C 312 69.72 -25.03 -51.38
CA GLU C 312 70.06 -26.05 -52.38
C GLU C 312 68.90 -26.25 -53.37
N ARG C 313 69.23 -26.56 -54.62
CA ARG C 313 68.21 -26.84 -55.64
C ARG C 313 68.64 -27.93 -56.62
N ARG C 314 68.06 -29.13 -56.46
CA ARG C 314 68.30 -30.26 -57.36
C ARG C 314 67.32 -30.29 -58.51
N ARG C 315 67.69 -30.98 -59.58
CA ARG C 315 66.82 -31.17 -60.73
C ARG C 315 67.11 -32.51 -61.42
N MET C 316 66.06 -33.29 -61.67
CA MET C 316 66.17 -34.55 -62.41
C MET C 316 64.87 -34.86 -63.16
N PRO C 317 64.92 -35.78 -64.14
CA PRO C 317 63.69 -36.27 -64.75
C PRO C 317 62.86 -37.02 -63.72
N LEU C 318 61.54 -36.79 -63.71
CA LEU C 318 60.64 -37.27 -62.67
C LEU C 318 60.79 -38.76 -62.30
N GLU C 319 61.03 -39.61 -63.29
CA GLU C 319 61.15 -41.05 -63.08
C GLU C 319 62.34 -41.47 -62.21
N ASP C 320 63.33 -40.58 -62.07
CA ASP C 320 64.51 -40.85 -61.24
C ASP C 320 64.28 -40.57 -59.75
N PHE C 321 63.15 -39.93 -59.43
CA PHE C 321 62.81 -39.58 -58.05
C PHE C 321 62.30 -40.77 -57.26
N PHE C 322 61.57 -41.65 -57.96
CA PHE C 322 60.99 -42.83 -57.36
C PHE C 322 61.97 -43.99 -57.50
N LEU C 323 62.51 -44.45 -56.36
CA LEU C 323 63.52 -45.50 -56.37
C LEU C 323 62.91 -46.87 -56.16
N GLU C 324 62.30 -47.07 -54.99
CA GLU C 324 61.60 -48.30 -54.65
C GLU C 324 60.23 -47.96 -54.07
N TYR C 325 59.39 -48.96 -53.89
CA TYR C 325 58.13 -48.79 -53.16
C TYR C 325 58.43 -48.30 -51.75
N ARG C 326 57.79 -47.21 -51.35
CA ARG C 326 58.00 -46.58 -50.03
C ARG C 326 59.39 -45.95 -49.89
N LYS C 327 60.01 -45.61 -51.02
CA LYS C 327 61.38 -45.08 -51.03
C LYS C 327 61.59 -44.09 -52.18
N GLN C 328 61.88 -42.84 -51.84
CA GLN C 328 62.14 -41.81 -52.85
C GLN C 328 63.51 -41.17 -52.69
N ASP C 329 64.01 -40.58 -53.77
CA ASP C 329 65.28 -39.85 -53.75
C ASP C 329 65.09 -38.49 -53.12
N ARG C 330 64.96 -38.48 -51.80
CA ARG C 330 64.64 -37.26 -51.06
C ARG C 330 65.53 -37.16 -49.82
N ARG C 331 66.27 -36.06 -49.74
CA ARG C 331 67.19 -35.82 -48.64
C ARG C 331 66.42 -35.34 -47.42
N PRO C 332 66.97 -35.54 -46.20
CA PRO C 332 66.37 -34.92 -45.02
C PRO C 332 66.42 -33.39 -45.13
N GLY C 333 65.28 -32.73 -44.89
CA GLY C 333 65.16 -31.28 -45.02
C GLY C 333 64.94 -30.79 -46.43
N GLU C 334 64.73 -31.72 -47.36
CA GLU C 334 64.50 -31.41 -48.76
C GLU C 334 63.04 -31.66 -49.11
N PHE C 335 62.45 -30.73 -49.87
CA PHE C 335 61.06 -30.84 -50.29
C PHE C 335 60.88 -30.69 -51.80
N VAL C 336 59.73 -31.10 -52.31
CA VAL C 336 59.38 -30.93 -53.72
C VAL C 336 58.96 -29.48 -53.94
N GLU C 337 59.60 -28.81 -54.90
CA GLU C 337 59.36 -27.39 -55.13
C GLU C 337 58.53 -27.11 -56.37
N SER C 338 58.85 -27.79 -57.46
CA SER C 338 58.12 -27.64 -58.71
C SER C 338 58.44 -28.74 -59.71
N VAL C 339 57.59 -28.87 -60.73
CA VAL C 339 57.87 -29.69 -61.90
C VAL C 339 57.87 -28.81 -63.14
N THR C 340 58.64 -29.20 -64.15
CA THR C 340 58.68 -28.43 -65.39
C THR C 340 58.22 -29.27 -66.58
N LEU C 341 57.14 -28.81 -67.22
CA LEU C 341 56.60 -29.49 -68.38
C LEU C 341 57.12 -28.83 -69.65
N PRO C 342 57.28 -29.60 -70.74
CA PRO C 342 57.59 -29.00 -72.03
C PRO C 342 56.43 -28.15 -72.54
N LYS C 343 56.70 -27.30 -73.52
CA LYS C 343 55.67 -26.44 -74.10
C LYS C 343 54.65 -27.28 -74.88
N SER C 344 55.13 -28.35 -75.50
CA SER C 344 54.29 -29.20 -76.33
C SER C 344 54.60 -30.69 -76.16
N ALA C 345 53.56 -31.51 -76.21
CA ALA C 345 53.69 -32.96 -76.21
C ALA C 345 52.48 -33.58 -76.93
N PRO C 346 52.43 -33.45 -78.27
CA PRO C 346 51.22 -33.81 -79.01
C PRO C 346 51.08 -35.31 -79.30
N GLY C 347 51.97 -36.13 -78.75
CA GLY C 347 51.90 -37.57 -78.92
C GLY C 347 51.43 -38.26 -77.66
N LEU C 348 51.29 -37.49 -76.58
CA LEU C 348 50.91 -38.03 -75.28
C LEU C 348 49.43 -38.45 -75.26
N ARG C 349 49.20 -39.69 -74.84
CA ARG C 349 47.85 -40.18 -74.53
C ARG C 349 47.88 -40.78 -73.13
N CYS C 350 46.75 -40.68 -72.42
CA CYS C 350 46.67 -41.18 -71.04
C CYS C 350 45.46 -42.07 -70.84
N TYR C 351 45.72 -43.31 -70.44
CA TYR C 351 44.65 -44.25 -70.22
C TYR C 351 44.59 -44.68 -68.75
N LYS C 352 43.47 -44.38 -68.10
CA LYS C 352 43.23 -44.85 -66.74
C LYS C 352 42.30 -46.06 -66.80
N LEU C 353 42.54 -47.03 -65.92
CA LEU C 353 41.71 -48.21 -65.86
C LEU C 353 41.38 -48.60 -64.42
N SER C 354 40.09 -48.64 -64.12
CA SER C 354 39.58 -49.01 -62.81
C SER C 354 38.23 -49.73 -62.94
N LYS C 355 37.63 -50.13 -61.82
CA LYS C 355 36.31 -50.76 -61.81
C LYS C 355 35.21 -49.78 -62.24
N ARG C 356 35.36 -48.54 -61.78
CA ARG C 356 34.40 -47.47 -62.00
C ARG C 356 35.18 -46.32 -62.65
N PHE C 357 34.53 -45.58 -63.54
CA PHE C 357 35.19 -44.49 -64.27
C PHE C 357 35.58 -43.29 -63.39
N ASP C 358 34.66 -42.86 -62.53
CA ASP C 358 34.86 -41.67 -61.70
C ASP C 358 35.22 -42.00 -60.25
N GLN C 359 36.00 -41.12 -59.62
CA GLN C 359 36.36 -41.21 -58.19
C GLN C 359 36.83 -42.62 -57.79
N ASP C 360 37.61 -43.25 -58.67
CA ASP C 360 38.15 -44.58 -58.42
C ASP C 360 39.61 -44.61 -58.87
N ILE C 361 40.47 -45.22 -58.05
CA ILE C 361 41.91 -45.25 -58.33
C ILE C 361 42.29 -46.35 -59.31
N SER C 362 43.45 -46.21 -59.94
CA SER C 362 43.85 -47.05 -61.06
C SER C 362 44.25 -48.46 -60.66
N ALA C 363 43.95 -49.41 -61.53
CA ALA C 363 44.56 -50.73 -61.47
C ALA C 363 45.77 -50.68 -62.39
N VAL C 364 45.55 -50.27 -63.63
CA VAL C 364 46.61 -49.97 -64.57
C VAL C 364 46.41 -48.55 -65.07
N CYS C 365 47.49 -47.78 -65.05
CA CYS C 365 47.48 -46.44 -65.61
C CYS C 365 48.60 -46.35 -66.64
N GLY C 366 48.23 -46.22 -67.90
CA GLY C 366 49.22 -46.25 -68.97
C GLY C 366 49.25 -44.98 -69.80
N CYS C 367 50.44 -44.38 -69.86
CA CYS C 367 50.66 -43.19 -70.67
C CYS C 367 51.71 -43.45 -71.74
N LEU C 368 51.33 -43.17 -72.98
CA LEU C 368 52.21 -43.41 -74.11
C LEU C 368 52.45 -42.14 -74.92
N ASN C 369 53.70 -41.92 -75.28
CA ASN C 369 54.12 -40.75 -76.04
C ASN C 369 55.18 -41.15 -77.06
N LEU C 370 54.79 -41.20 -78.33
CA LEU C 370 55.70 -41.56 -79.41
C LEU C 370 55.90 -40.41 -80.39
N THR C 371 57.16 -40.22 -80.79
CA THR C 371 57.52 -39.24 -81.80
C THR C 371 57.77 -39.98 -83.12
N LEU C 372 57.28 -39.43 -84.22
CA LEU C 372 57.40 -40.08 -85.52
C LEU C 372 58.20 -39.28 -86.54
N LYS C 373 59.20 -39.94 -87.13
CA LYS C 373 59.91 -39.40 -88.28
C LYS C 373 59.31 -40.02 -89.54
N GLY C 374 58.11 -39.56 -89.90
CA GLY C 374 57.40 -40.05 -91.07
C GLY C 374 57.24 -41.56 -91.11
N SER C 375 56.28 -42.07 -90.35
CA SER C 375 55.99 -43.50 -90.26
C SER C 375 57.02 -44.32 -89.48
N LYS C 376 58.12 -43.69 -89.09
CA LYS C 376 59.15 -44.35 -88.27
C LYS C 376 59.14 -43.79 -86.86
N ILE C 377 59.24 -44.68 -85.87
CA ILE C 377 59.24 -44.25 -84.47
C ILE C 377 60.60 -43.67 -84.08
N GLU C 378 60.61 -42.35 -83.84
CA GLU C 378 61.79 -41.64 -83.37
C GLU C 378 62.03 -41.93 -81.89
N THR C 379 61.11 -41.46 -81.06
CA THR C 379 61.20 -41.58 -79.61
C THR C 379 60.03 -42.39 -79.08
N ALA C 380 60.23 -43.05 -77.94
CA ALA C 380 59.18 -43.80 -77.28
C ALA C 380 59.23 -43.55 -75.78
N ARG C 381 58.24 -42.82 -75.27
CA ARG C 381 58.08 -42.61 -73.83
C ARG C 381 56.79 -43.28 -73.33
N ILE C 382 56.96 -44.46 -72.73
CA ILE C 382 55.84 -45.30 -72.31
C ILE C 382 55.96 -45.64 -70.81
N ALA C 383 55.13 -45.00 -69.99
CA ALA C 383 55.22 -45.14 -68.54
C ALA C 383 53.95 -45.75 -67.93
N PHE C 384 54.13 -46.53 -66.87
CA PHE C 384 53.02 -47.22 -66.22
C PHE C 384 52.95 -47.02 -64.71
N GLY C 385 51.73 -46.80 -64.23
CA GLY C 385 51.45 -46.81 -62.79
C GLY C 385 50.64 -48.05 -62.45
N GLY C 386 50.77 -48.52 -61.21
CA GLY C 386 50.04 -49.69 -60.73
C GLY C 386 50.56 -51.02 -61.24
N MET C 387 51.62 -50.98 -62.05
CA MET C 387 52.22 -52.17 -62.64
C MET C 387 53.44 -52.66 -61.86
N ALA C 388 54.09 -51.74 -61.14
CA ALA C 388 55.22 -52.07 -60.28
C ALA C 388 55.08 -51.36 -58.94
N GLY C 389 56.05 -51.53 -58.05
CA GLY C 389 56.06 -50.84 -56.76
C GLY C 389 56.42 -49.38 -56.91
N VAL C 390 56.68 -48.97 -58.15
CA VAL C 390 57.20 -47.65 -58.45
C VAL C 390 56.73 -47.25 -59.86
N PRO C 391 56.42 -45.95 -60.08
CA PRO C 391 56.13 -45.52 -61.45
C PRO C 391 57.39 -45.60 -62.29
N LYS C 392 57.32 -46.30 -63.42
CA LYS C 392 58.50 -46.49 -64.27
C LYS C 392 58.16 -46.66 -65.76
N ARG C 393 59.13 -46.38 -66.60
CA ARG C 393 59.01 -46.56 -68.04
C ARG C 393 59.23 -48.03 -68.41
N ALA C 394 58.53 -48.48 -69.45
CA ALA C 394 58.69 -49.84 -69.96
C ALA C 394 59.96 -49.92 -70.79
N ALA C 395 61.06 -50.24 -70.12
CA ALA C 395 62.39 -50.20 -70.72
C ALA C 395 62.51 -51.04 -71.99
N ALA C 396 62.25 -52.35 -71.87
CA ALA C 396 62.37 -53.29 -72.99
C ALA C 396 61.37 -53.01 -74.11
N PHE C 397 60.17 -52.56 -73.75
CA PHE C 397 59.13 -52.27 -74.73
C PHE C 397 59.45 -51.00 -75.53
N GLU C 398 59.94 -49.97 -74.84
CA GLU C 398 60.38 -48.75 -75.50
C GLU C 398 61.53 -49.04 -76.47
N ALA C 399 62.56 -49.70 -75.94
CA ALA C 399 63.78 -50.00 -76.69
C ALA C 399 63.52 -50.75 -78.00
N ALA C 400 62.68 -51.78 -77.93
CA ALA C 400 62.43 -52.64 -79.08
C ALA C 400 61.37 -52.09 -80.02
N LEU C 401 61.12 -50.78 -79.92
CA LEU C 401 60.07 -50.13 -80.70
C LEU C 401 60.62 -49.01 -81.57
N ILE C 402 61.84 -48.56 -81.25
CA ILE C 402 62.49 -47.45 -81.94
C ILE C 402 62.91 -47.84 -83.35
N GLY C 403 62.63 -46.97 -84.32
CA GLY C 403 62.99 -47.21 -85.71
C GLY C 403 61.98 -48.02 -86.50
N GLN C 404 61.04 -48.64 -85.78
CA GLN C 404 60.02 -49.50 -86.38
C GLN C 404 58.93 -48.68 -87.05
N ASP C 405 58.16 -49.34 -87.91
CA ASP C 405 56.98 -48.73 -88.51
C ASP C 405 55.83 -48.67 -87.49
N PHE C 406 55.22 -47.51 -87.38
CA PHE C 406 54.08 -47.31 -86.49
C PHE C 406 52.80 -47.91 -87.08
N ARG C 407 52.67 -49.22 -86.93
CA ARG C 407 51.46 -49.94 -87.33
C ARG C 407 51.12 -50.96 -86.23
N GLU C 408 49.88 -51.43 -86.22
CA GLU C 408 49.41 -52.30 -85.16
C GLU C 408 50.20 -53.63 -85.05
N ASP C 409 50.40 -54.30 -86.18
CA ASP C 409 51.09 -55.59 -86.21
C ASP C 409 52.55 -55.55 -85.72
N THR C 410 53.21 -54.41 -85.87
CA THR C 410 54.56 -54.23 -85.32
C THR C 410 54.51 -54.05 -83.81
N ILE C 411 53.50 -53.32 -83.33
CA ILE C 411 53.28 -53.13 -81.89
C ILE C 411 52.87 -54.44 -81.23
N ALA C 412 52.03 -55.21 -81.92
CA ALA C 412 51.56 -56.51 -81.44
C ALA C 412 52.70 -57.51 -81.22
N ALA C 413 53.70 -57.45 -82.11
CA ALA C 413 54.88 -58.31 -82.01
C ALA C 413 55.75 -57.98 -80.80
N ALA C 414 55.81 -56.69 -80.46
CA ALA C 414 56.64 -56.20 -79.36
C ALA C 414 56.00 -56.40 -77.98
N LEU C 415 54.70 -56.69 -77.95
CA LEU C 415 53.90 -56.79 -76.72
C LEU C 415 54.47 -57.67 -75.61
N PRO C 416 54.95 -58.89 -75.93
CA PRO C 416 55.49 -59.76 -74.89
C PRO C 416 56.57 -59.14 -74.00
N LEU C 417 57.30 -58.16 -74.53
CA LEU C 417 58.41 -57.51 -73.80
C LEU C 417 57.95 -56.72 -72.58
N LEU C 418 56.68 -56.35 -72.56
CA LEU C 418 56.06 -55.72 -71.38
C LEU C 418 56.02 -56.67 -70.19
N ALA C 419 55.87 -57.97 -70.46
CA ALA C 419 55.92 -58.99 -69.43
C ALA C 419 57.33 -59.13 -68.86
N GLN C 420 58.31 -58.73 -69.66
CA GLN C 420 59.71 -58.69 -69.21
C GLN C 420 59.98 -57.40 -68.46
N ASP C 421 59.18 -56.37 -68.74
CA ASP C 421 59.29 -55.09 -68.05
C ASP C 421 58.61 -55.10 -66.68
N PHE C 422 57.42 -55.70 -66.62
CA PHE C 422 56.63 -55.72 -65.38
C PHE C 422 56.15 -57.12 -65.01
N THR C 423 56.18 -57.41 -63.71
CA THR C 423 55.53 -58.59 -63.15
C THR C 423 54.49 -58.09 -62.16
N PRO C 424 53.26 -57.81 -62.65
CA PRO C 424 52.20 -57.18 -61.87
C PRO C 424 51.71 -58.01 -60.69
N LEU C 425 51.08 -57.35 -59.74
CA LEU C 425 50.62 -57.97 -58.51
C LEU C 425 49.10 -58.16 -58.57
N SER C 426 48.55 -58.91 -57.63
CA SER C 426 47.11 -59.08 -57.53
C SER C 426 46.58 -58.49 -56.24
N ASP C 427 45.42 -57.83 -56.33
CA ASP C 427 44.71 -57.35 -55.14
C ASP C 427 43.21 -57.34 -55.43
N MET C 428 42.43 -56.66 -54.59
CA MET C 428 40.98 -56.60 -54.75
C MET C 428 40.55 -55.82 -56.00
N ARG C 429 41.41 -54.93 -56.48
CA ARG C 429 41.10 -54.07 -57.61
C ARG C 429 41.19 -54.79 -58.94
N ALA C 430 42.16 -55.69 -59.05
CA ALA C 430 42.37 -56.50 -60.24
C ALA C 430 43.39 -57.60 -60.00
N SER C 431 43.29 -58.68 -60.78
CA SER C 431 44.28 -59.73 -60.77
C SER C 431 45.51 -59.31 -61.58
N ALA C 432 46.62 -59.99 -61.37
CA ALA C 432 47.87 -59.71 -62.08
C ALA C 432 47.76 -59.97 -63.57
N ALA C 433 47.03 -61.03 -63.92
CA ALA C 433 46.80 -61.39 -65.32
C ALA C 433 46.05 -60.28 -66.07
N TYR C 434 45.07 -59.69 -65.40
CA TYR C 434 44.30 -58.59 -65.97
C TYR C 434 45.14 -57.33 -66.12
N ARG C 435 46.00 -57.07 -65.14
CA ARG C 435 46.90 -55.92 -65.19
C ARG C 435 47.88 -55.99 -66.33
N MET C 436 48.41 -57.19 -66.60
CA MET C 436 49.33 -57.39 -67.71
C MET C 436 48.62 -57.29 -69.05
N ASN C 437 47.45 -57.92 -69.14
CA ASN C 437 46.70 -57.88 -70.38
C ASN C 437 46.23 -56.47 -70.75
N ALA C 438 45.87 -55.68 -69.74
CA ALA C 438 45.39 -54.32 -69.95
C ALA C 438 46.51 -53.34 -70.27
N ALA C 439 47.68 -53.58 -69.70
CA ALA C 439 48.87 -52.79 -70.04
C ALA C 439 49.26 -53.00 -71.50
N GLN C 440 49.16 -54.25 -71.96
CA GLN C 440 49.38 -54.57 -73.35
C GLN C 440 48.26 -54.05 -74.24
N ALA C 441 47.04 -54.01 -73.69
CA ALA C 441 45.86 -53.55 -74.42
C ALA C 441 45.93 -52.05 -74.69
N MET C 442 46.59 -51.33 -73.79
CA MET C 442 46.77 -49.87 -73.93
C MET C 442 47.73 -49.53 -75.07
N ALA C 443 48.69 -50.42 -75.33
CA ALA C 443 49.60 -50.25 -76.44
C ALA C 443 48.85 -50.33 -77.77
N LEU C 444 47.92 -51.28 -77.87
CA LEU C 444 47.09 -51.43 -79.06
C LEU C 444 46.05 -50.32 -79.15
N ARG C 445 45.67 -49.78 -78.00
CA ARG C 445 44.73 -48.67 -77.92
C ARG C 445 45.35 -47.41 -78.50
N TYR C 446 46.65 -47.25 -78.30
CA TYR C 446 47.40 -46.07 -78.73
C TYR C 446 47.56 -45.98 -80.25
N VAL C 447 47.87 -47.09 -80.91
CA VAL C 447 47.98 -47.12 -82.37
C VAL C 447 46.62 -46.83 -83.01
N ARG C 448 45.60 -47.57 -82.58
CA ARG C 448 44.25 -47.47 -83.13
C ARG C 448 43.67 -46.07 -82.98
N GLU C 449 43.98 -45.40 -81.87
CA GLU C 449 43.54 -44.03 -81.65
C GLU C 449 44.23 -43.06 -82.60
N LEU C 450 45.55 -43.21 -82.75
CA LEU C 450 46.35 -42.30 -83.56
C LEU C 450 46.15 -42.49 -85.07
N SER C 451 45.49 -43.59 -85.44
CA SER C 451 45.13 -43.85 -86.84
C SER C 451 43.64 -43.62 -87.07
N GLY C 452 43.04 -42.77 -86.23
CA GLY C 452 41.65 -42.34 -86.37
C GLY C 452 40.59 -43.42 -86.27
N GLU C 453 40.65 -44.24 -85.22
CA GLU C 453 39.67 -45.29 -85.00
C GLU C 453 39.00 -45.15 -83.63
N ALA C 454 37.70 -45.44 -83.58
CA ALA C 454 36.91 -45.34 -82.35
C ALA C 454 37.35 -46.36 -81.31
N VAL C 455 37.77 -45.85 -80.15
CA VAL C 455 38.32 -46.69 -79.08
C VAL C 455 37.74 -46.32 -77.70
N ALA C 456 37.38 -45.06 -77.53
CA ALA C 456 36.89 -44.57 -76.25
C ALA C 456 35.42 -44.91 -76.01
N VAL C 457 35.15 -45.47 -74.83
CA VAL C 457 33.80 -45.82 -74.39
C VAL C 457 33.08 -44.57 -73.89
N LEU C 458 33.86 -43.60 -73.41
CA LEU C 458 33.31 -42.38 -72.82
C LEU C 458 33.00 -41.30 -73.84
N GLU C 459 33.29 -41.58 -75.11
CA GLU C 459 33.03 -40.64 -76.20
C GLU C 459 31.85 -41.08 -77.07
N VAL C 460 31.16 -42.14 -76.63
CA VAL C 460 30.07 -42.73 -77.40
C VAL C 460 28.73 -42.02 -77.12
N MET C 461 28.08 -41.61 -78.20
CA MET C 461 26.73 -41.05 -78.19
C MET C 461 25.72 -41.95 -77.48
N PRO C 462 24.84 -41.38 -76.64
CA PRO C 462 23.76 -42.14 -76.01
C PRO C 462 22.65 -42.50 -77.00
N SER D 2 -6.23 -36.73 -51.35
CA SER D 2 -4.83 -36.25 -51.50
C SER D 2 -3.96 -37.33 -52.15
N VAL D 3 -4.40 -38.57 -52.00
CA VAL D 3 -3.79 -39.72 -52.65
C VAL D 3 -3.75 -39.52 -54.17
N GLY D 4 -2.64 -39.93 -54.79
CA GLY D 4 -2.51 -39.85 -56.23
C GLY D 4 -1.79 -38.61 -56.73
N LYS D 5 -1.71 -37.58 -55.88
CA LYS D 5 -1.00 -36.35 -56.24
C LYS D 5 0.51 -36.55 -56.09
N PRO D 6 1.30 -35.98 -57.03
CA PRO D 6 2.76 -36.11 -56.99
C PRO D 6 3.41 -35.15 -55.98
N LEU D 7 3.12 -35.34 -54.70
CA LEU D 7 3.64 -34.47 -53.64
C LEU D 7 5.04 -34.88 -53.19
N PRO D 8 5.86 -33.90 -52.77
CA PRO D 8 7.23 -34.18 -52.30
C PRO D 8 7.28 -34.93 -50.97
N HIS D 9 8.47 -35.46 -50.65
CA HIS D 9 8.76 -36.13 -49.38
C HIS D 9 8.36 -35.26 -48.18
N ASP D 10 7.97 -35.91 -47.08
CA ASP D 10 7.49 -35.20 -45.89
C ASP D 10 8.56 -34.31 -45.23
N SER D 11 9.83 -34.67 -45.40
CA SER D 11 10.93 -33.91 -44.79
C SER D 11 11.87 -33.29 -45.83
N ALA D 12 11.37 -33.10 -47.05
CA ALA D 12 12.16 -32.62 -48.18
C ALA D 12 12.81 -31.25 -47.93
N ARG D 13 12.12 -30.36 -47.23
CA ARG D 13 12.67 -29.05 -46.90
C ARG D 13 13.73 -29.17 -45.81
N ALA D 14 13.52 -30.12 -44.90
CA ALA D 14 14.44 -30.34 -43.79
C ALA D 14 15.75 -30.94 -44.30
N HIS D 15 15.64 -31.83 -45.30
CA HIS D 15 16.80 -32.43 -45.96
C HIS D 15 17.63 -31.38 -46.68
N VAL D 16 16.94 -30.46 -47.34
CA VAL D 16 17.56 -29.52 -48.26
C VAL D 16 18.28 -28.35 -47.54
N THR D 17 17.96 -28.15 -46.27
CA THR D 17 18.58 -27.10 -45.46
C THR D 17 19.35 -27.67 -44.28
N GLY D 18 19.68 -28.95 -44.35
CA GLY D 18 20.43 -29.64 -43.29
C GLY D 18 19.81 -29.52 -41.90
N GLN D 19 18.49 -29.65 -41.83
CA GLN D 19 17.78 -29.47 -40.57
C GLN D 19 17.20 -30.76 -39.99
N ALA D 20 17.02 -31.76 -40.85
CA ALA D 20 16.60 -33.08 -40.42
C ALA D 20 17.68 -33.73 -39.55
N ARG D 21 17.26 -34.24 -38.39
CA ARG D 21 18.17 -34.94 -37.49
C ARG D 21 18.14 -36.44 -37.74
N TYR D 22 19.34 -37.01 -37.79
CA TYR D 22 19.52 -38.44 -37.76
C TYR D 22 20.09 -38.73 -36.37
N LEU D 23 20.30 -39.99 -36.02
CA LEU D 23 20.67 -40.34 -34.65
C LEU D 23 21.79 -39.45 -34.07
N ASP D 24 22.89 -39.34 -34.81
CA ASP D 24 24.07 -38.64 -34.33
C ASP D 24 23.87 -37.14 -34.15
N ASP D 25 22.87 -36.59 -34.85
CA ASP D 25 22.58 -35.15 -34.79
C ASP D 25 21.84 -34.76 -33.52
N LEU D 26 21.13 -35.73 -32.94
CA LEU D 26 20.33 -35.48 -31.73
C LEU D 26 21.21 -34.92 -30.63
N PRO D 27 20.70 -33.89 -29.93
CA PRO D 27 21.40 -33.40 -28.75
C PRO D 27 21.29 -34.44 -27.64
N CYS D 28 22.36 -34.62 -26.88
CA CYS D 28 22.32 -35.56 -25.75
C CYS D 28 23.23 -35.08 -24.62
N PRO D 29 22.95 -35.47 -23.36
CA PRO D 29 23.61 -34.88 -22.20
C PRO D 29 25.14 -34.94 -22.25
N ALA D 30 25.79 -34.00 -21.55
CA ALA D 30 27.24 -33.86 -21.57
C ALA D 30 27.98 -35.15 -21.24
N ASN D 31 27.38 -35.96 -20.38
CA ASN D 31 28.02 -37.18 -19.90
C ASN D 31 27.78 -38.42 -20.78
N THR D 32 27.18 -38.21 -21.95
CA THR D 32 26.96 -39.30 -22.89
C THR D 32 28.28 -39.97 -23.22
N LEU D 33 28.29 -41.29 -23.13
CA LEU D 33 29.45 -42.08 -23.48
C LEU D 33 29.32 -42.57 -24.92
N HIS D 34 30.45 -42.94 -25.50
CA HIS D 34 30.52 -43.38 -26.89
C HIS D 34 31.23 -44.72 -26.94
N LEU D 35 30.71 -45.64 -27.74
CA LEU D 35 31.16 -47.03 -27.69
C LEU D 35 31.82 -47.52 -28.97
N ALA D 36 32.63 -48.57 -28.82
CA ALA D 36 33.22 -49.30 -29.93
C ALA D 36 33.37 -50.78 -29.56
N PHE D 37 33.20 -51.65 -30.56
CA PHE D 37 33.52 -53.05 -30.41
C PHE D 37 34.99 -53.29 -30.72
N GLY D 38 35.59 -54.23 -30.02
CA GLY D 38 36.90 -54.76 -30.37
C GLY D 38 36.65 -56.04 -31.16
N LEU D 39 37.15 -56.08 -32.39
CA LEU D 39 36.80 -57.16 -33.30
C LEU D 39 37.82 -58.29 -33.37
N SER D 40 37.32 -59.48 -33.69
CA SER D 40 38.15 -60.65 -33.93
C SER D 40 39.01 -60.46 -35.17
N THR D 41 40.27 -60.90 -35.06
CA THR D 41 41.18 -60.92 -36.20
C THR D 41 41.25 -62.32 -36.80
N GLU D 42 40.49 -63.25 -36.24
CA GLU D 42 40.48 -64.64 -36.68
C GLU D 42 39.14 -65.08 -37.27
N ALA D 43 39.20 -65.79 -38.39
CA ALA D 43 38.01 -66.31 -39.07
C ALA D 43 37.33 -67.45 -38.33
N SER D 44 38.15 -68.26 -37.65
CA SER D 44 37.66 -69.36 -36.84
C SER D 44 38.73 -69.73 -35.83
N ALA D 45 38.40 -69.61 -34.54
CA ALA D 45 39.37 -69.85 -33.46
C ALA D 45 38.69 -69.90 -32.09
N ALA D 46 39.47 -70.29 -31.09
CA ALA D 46 39.02 -70.21 -29.69
C ALA D 46 39.80 -69.12 -28.98
N ILE D 47 39.11 -68.35 -28.14
CA ILE D 47 39.77 -67.30 -27.38
C ILE D 47 40.47 -67.88 -26.17
N THR D 48 41.80 -67.92 -26.23
CA THR D 48 42.62 -68.52 -25.18
C THR D 48 42.94 -67.54 -24.05
N GLY D 49 43.18 -66.29 -24.42
CA GLY D 49 43.51 -65.25 -23.46
C GLY D 49 42.94 -63.91 -23.86
N LEU D 50 42.52 -63.14 -22.87
CA LEU D 50 41.88 -61.84 -23.10
C LEU D 50 42.43 -60.78 -22.14
N ASP D 51 43.50 -60.11 -22.56
CA ASP D 51 44.11 -59.02 -21.79
C ASP D 51 43.52 -57.69 -22.23
N LEU D 52 42.62 -57.18 -21.40
CA LEU D 52 41.90 -55.94 -21.67
C LEU D 52 42.45 -54.80 -20.83
N GLU D 53 43.66 -54.98 -20.32
CA GLU D 53 44.29 -54.00 -19.45
C GLU D 53 44.74 -52.74 -20.21
N PRO D 54 45.43 -52.91 -21.36
CA PRO D 54 45.79 -51.72 -22.14
C PRO D 54 44.55 -50.96 -22.59
N VAL D 55 43.45 -51.68 -22.78
CA VAL D 55 42.17 -51.07 -23.13
C VAL D 55 41.67 -50.20 -21.97
N ARG D 56 41.61 -50.79 -20.78
CA ARG D 56 41.17 -50.06 -19.59
C ARG D 56 42.04 -48.85 -19.28
N GLU D 57 43.34 -48.97 -19.55
CA GLU D 57 44.31 -47.90 -19.26
C GLU D 57 44.28 -46.76 -20.27
N SER D 58 43.70 -47.00 -21.45
CA SER D 58 43.68 -46.03 -22.53
C SER D 58 42.91 -44.77 -22.12
N PRO D 59 43.36 -43.58 -22.59
CA PRO D 59 42.71 -42.31 -22.30
C PRO D 59 41.18 -42.32 -22.39
N GLY D 60 40.54 -41.72 -21.39
CA GLY D 60 39.10 -41.50 -21.38
C GLY D 60 38.19 -42.72 -21.41
N VAL D 61 38.65 -43.86 -20.91
CA VAL D 61 37.82 -45.08 -20.88
C VAL D 61 37.12 -45.24 -19.52
N ILE D 62 35.81 -45.40 -19.56
CA ILE D 62 35.00 -45.52 -18.35
C ILE D 62 34.72 -46.99 -18.01
N ALA D 63 34.31 -47.77 -18.99
CA ALA D 63 33.97 -49.18 -18.79
C ALA D 63 34.40 -50.04 -19.97
N VAL D 64 34.72 -51.31 -19.67
CA VAL D 64 35.05 -52.31 -20.70
C VAL D 64 34.21 -53.55 -20.43
N PHE D 65 33.57 -54.08 -21.47
CA PHE D 65 32.64 -55.19 -21.29
C PHE D 65 33.02 -56.43 -22.08
N THR D 66 32.82 -57.59 -21.45
CA THR D 66 33.00 -58.89 -22.10
C THR D 66 31.67 -59.65 -22.03
N ALA D 67 31.53 -60.68 -22.86
CA ALA D 67 30.37 -61.59 -22.78
C ALA D 67 30.10 -62.03 -21.35
N ALA D 68 31.16 -62.17 -20.57
CA ALA D 68 31.07 -62.51 -19.15
C ALA D 68 30.34 -61.45 -18.34
N ASP D 69 30.53 -60.19 -18.73
CA ASP D 69 29.94 -59.05 -18.03
C ASP D 69 28.44 -58.89 -18.29
N LEU D 70 27.96 -59.46 -19.40
CA LEU D 70 26.57 -59.29 -19.80
C LEU D 70 25.62 -59.93 -18.80
N PRO D 71 24.78 -59.09 -18.15
CA PRO D 71 23.92 -59.52 -17.05
C PRO D 71 22.95 -60.65 -17.40
N HIS D 72 22.40 -60.62 -18.61
CA HIS D 72 21.40 -61.61 -19.03
C HIS D 72 21.70 -62.15 -20.43
N ASP D 73 20.70 -62.14 -21.32
CA ASP D 73 20.86 -62.63 -22.70
C ASP D 73 22.01 -61.99 -23.47
N ASN D 74 22.68 -62.83 -24.28
CA ASN D 74 23.72 -62.39 -25.21
C ASN D 74 23.33 -62.79 -26.64
N ASP D 75 22.11 -62.41 -27.03
CA ASP D 75 21.54 -62.84 -28.30
C ASP D 75 21.03 -61.64 -29.09
N ALA D 76 21.35 -61.61 -30.38
CA ALA D 76 20.98 -60.49 -31.23
C ALA D 76 20.35 -60.90 -32.56
N SER D 77 20.18 -62.21 -32.77
CA SER D 77 19.67 -62.74 -34.03
C SER D 77 18.16 -62.59 -34.17
N PRO D 78 17.68 -62.30 -35.39
CA PRO D 78 16.24 -62.33 -35.67
C PRO D 78 15.68 -63.76 -35.69
N ALA D 79 16.58 -64.74 -35.78
CA ALA D 79 16.21 -66.15 -35.81
C ALA D 79 16.10 -66.74 -34.38
N PRO D 80 15.44 -67.91 -34.24
CA PRO D 80 15.32 -68.57 -32.93
C PRO D 80 16.67 -69.03 -32.36
N SER D 81 17.59 -69.44 -33.23
CA SER D 81 18.94 -69.84 -32.79
C SER D 81 19.77 -68.62 -32.36
N PRO D 82 20.48 -68.74 -31.21
CA PRO D 82 21.18 -67.59 -30.64
C PRO D 82 22.34 -67.10 -31.49
N GLU D 83 22.59 -65.79 -31.43
CA GLU D 83 23.77 -65.17 -32.02
C GLU D 83 24.30 -64.15 -31.02
N PRO D 84 25.54 -64.35 -30.54
CA PRO D 84 26.06 -63.49 -29.47
C PRO D 84 26.38 -62.07 -29.92
N VAL D 85 26.18 -61.12 -29.02
CA VAL D 85 26.59 -59.74 -29.25
C VAL D 85 28.08 -59.64 -28.97
N LEU D 86 28.52 -60.31 -27.90
CA LEU D 86 29.95 -60.43 -27.61
C LEU D 86 30.37 -61.91 -27.62
N ALA D 87 31.47 -62.18 -28.31
CA ALA D 87 31.97 -63.54 -28.55
C ALA D 87 32.05 -64.37 -27.26
N THR D 88 31.49 -65.57 -27.33
CA THR D 88 31.44 -66.49 -26.19
C THR D 88 32.55 -67.53 -26.27
N GLY D 89 33.77 -67.14 -25.93
CA GLY D 89 34.91 -68.06 -25.83
C GLY D 89 35.54 -68.47 -27.15
N GLU D 90 34.85 -68.17 -28.24
CA GLU D 90 35.31 -68.53 -29.58
C GLU D 90 34.82 -67.53 -30.64
N VAL D 91 35.51 -67.48 -31.77
CA VAL D 91 35.19 -66.53 -32.84
C VAL D 91 34.85 -67.21 -34.17
N HIS D 92 33.93 -66.62 -34.93
CA HIS D 92 33.36 -67.28 -36.11
C HIS D 92 33.57 -66.55 -37.43
N PHE D 93 34.10 -65.33 -37.38
CA PHE D 93 34.46 -64.59 -38.60
C PHE D 93 35.35 -63.39 -38.27
N VAL D 94 36.02 -62.84 -39.26
CA VAL D 94 36.90 -61.69 -39.03
C VAL D 94 36.06 -60.43 -38.91
N GLY D 95 35.91 -59.96 -37.67
CA GLY D 95 35.08 -58.80 -37.38
C GLY D 95 34.08 -59.02 -36.26
N GLN D 96 34.03 -60.25 -35.72
CA GLN D 96 33.09 -60.55 -34.65
C GLN D 96 33.46 -59.81 -33.38
N PRO D 97 32.51 -59.00 -32.85
CA PRO D 97 32.73 -58.28 -31.61
C PRO D 97 33.05 -59.23 -30.46
N ILE D 98 34.11 -58.90 -29.73
CA ILE D 98 34.58 -59.71 -28.61
C ILE D 98 34.36 -58.94 -27.32
N PHE D 99 34.76 -57.67 -27.32
CA PHE D 99 34.56 -56.80 -26.17
C PHE D 99 33.93 -55.47 -26.55
N LEU D 100 33.52 -54.70 -25.54
CA LEU D 100 32.86 -53.43 -25.73
C LEU D 100 33.51 -52.34 -24.87
N VAL D 101 33.95 -51.27 -25.53
CA VAL D 101 34.60 -50.14 -24.87
C VAL D 101 33.61 -49.00 -24.70
N ALA D 102 33.56 -48.43 -23.50
CA ALA D 102 32.76 -47.24 -23.22
C ALA D 102 33.66 -46.07 -22.87
N ALA D 103 33.91 -45.19 -23.84
CA ALA D 103 34.81 -44.05 -23.64
C ALA D 103 34.05 -42.72 -23.55
N THR D 104 34.78 -41.64 -23.30
CA THR D 104 34.18 -40.30 -23.17
C THR D 104 34.15 -39.57 -24.51
N SER D 105 34.65 -40.23 -25.55
CA SER D 105 34.50 -39.74 -26.92
C SER D 105 34.51 -40.93 -27.89
N HIS D 106 34.08 -40.67 -29.12
CA HIS D 106 34.03 -41.68 -30.15
C HIS D 106 35.45 -42.16 -30.49
N ARG D 107 36.33 -41.20 -30.78
CA ARG D 107 37.73 -41.49 -31.08
C ARG D 107 38.40 -42.34 -30.01
N ALA D 108 38.28 -41.90 -28.77
CA ALA D 108 38.85 -42.63 -27.64
C ALA D 108 38.43 -44.10 -27.61
N ALA D 109 37.15 -44.37 -27.89
CA ALA D 109 36.66 -45.75 -27.96
C ALA D 109 37.27 -46.51 -29.13
N ARG D 110 37.29 -45.88 -30.30
CA ARG D 110 37.91 -46.47 -31.49
C ARG D 110 39.37 -46.83 -31.22
N ILE D 111 40.10 -45.88 -30.62
CA ILE D 111 41.51 -46.05 -30.28
C ILE D 111 41.71 -47.18 -29.28
N ALA D 112 40.90 -47.19 -28.22
CA ALA D 112 41.01 -48.19 -27.15
C ALA D 112 40.66 -49.61 -27.60
N ALA D 113 39.77 -49.70 -28.58
CA ALA D 113 39.35 -50.99 -29.14
C ALA D 113 40.53 -51.76 -29.74
N ARG D 114 41.51 -51.01 -30.23
CA ARG D 114 42.66 -51.60 -30.92
C ARG D 114 43.80 -52.03 -30.00
N LYS D 115 43.70 -51.72 -28.71
CA LYS D 115 44.80 -51.93 -27.77
C LYS D 115 44.72 -53.24 -26.98
N ALA D 116 43.76 -54.09 -27.31
CA ALA D 116 43.61 -55.37 -26.64
C ALA D 116 44.72 -56.36 -26.99
N ARG D 117 45.01 -57.25 -26.06
CA ARG D 117 45.89 -58.37 -26.33
C ARG D 117 45.09 -59.65 -26.26
N ILE D 118 44.84 -60.26 -27.42
CA ILE D 118 44.05 -61.48 -27.51
C ILE D 118 44.89 -62.60 -28.09
N THR D 119 44.77 -63.78 -27.49
CA THR D 119 45.41 -64.99 -27.99
C THR D 119 44.34 -66.01 -28.40
N TYR D 120 44.55 -66.63 -29.55
CA TYR D 120 43.56 -67.52 -30.15
C TYR D 120 44.05 -68.96 -30.22
N ALA D 121 43.12 -69.88 -30.49
CA ALA D 121 43.47 -71.24 -30.84
C ALA D 121 42.92 -71.55 -32.24
N PRO D 122 43.62 -71.06 -33.29
CA PRO D 122 43.12 -71.08 -34.66
C PRO D 122 42.59 -72.43 -35.13
N ARG D 123 41.40 -72.39 -35.74
CA ARG D 123 40.75 -73.55 -36.34
C ARG D 123 40.70 -73.38 -37.86
N PRO D 124 40.47 -74.47 -38.61
CA PRO D 124 40.35 -74.31 -40.07
C PRO D 124 39.04 -73.66 -40.46
N ALA D 125 39.12 -72.47 -41.06
CA ALA D 125 37.94 -71.72 -41.45
C ALA D 125 37.31 -72.30 -42.72
N ILE D 126 35.99 -72.15 -42.82
CA ILE D 126 35.23 -72.57 -43.98
C ILE D 126 34.76 -71.31 -44.70
N LEU D 127 35.50 -70.89 -45.73
CA LEU D 127 35.28 -69.58 -46.33
C LEU D 127 34.51 -69.61 -47.64
N THR D 128 34.78 -70.61 -48.48
CA THR D 128 34.12 -70.69 -49.79
C THR D 128 32.89 -71.60 -49.77
N LEU D 129 32.12 -71.55 -50.84
CA LEU D 129 30.93 -72.37 -51.00
C LEU D 129 31.26 -73.84 -51.11
N ASP D 130 32.34 -74.15 -51.82
CA ASP D 130 32.77 -75.52 -52.04
C ASP D 130 33.25 -76.16 -50.76
N GLN D 131 33.96 -75.36 -49.95
CA GLN D 131 34.40 -75.79 -48.63
C GLN D 131 33.19 -76.13 -47.78
N ALA D 132 32.23 -75.23 -47.74
CA ALA D 132 31.01 -75.39 -46.95
C ALA D 132 30.20 -76.57 -47.43
N LEU D 133 30.18 -76.78 -48.74
CA LEU D 133 29.49 -77.91 -49.36
C LEU D 133 30.20 -79.21 -49.00
N ALA D 134 31.53 -79.24 -49.15
CA ALA D 134 32.34 -80.39 -48.80
C ALA D 134 32.24 -80.73 -47.31
N ALA D 135 32.40 -79.73 -46.44
CA ALA D 135 32.38 -79.93 -45.00
C ALA D 135 30.99 -80.24 -44.47
N ASP D 136 29.99 -80.07 -45.34
CA ASP D 136 28.57 -80.08 -44.95
C ASP D 136 28.29 -79.04 -43.87
N SER D 137 28.93 -77.88 -44.01
CA SER D 137 28.70 -76.74 -43.12
C SER D 137 27.51 -75.97 -43.67
N ARG D 138 26.39 -76.02 -42.94
CA ARG D 138 25.13 -75.49 -43.45
C ARG D 138 24.13 -75.12 -42.35
N PHE D 139 23.05 -74.47 -42.76
CA PHE D 139 21.92 -74.20 -41.88
C PHE D 139 20.73 -75.07 -42.27
N GLU D 140 19.72 -75.10 -41.39
CA GLU D 140 18.47 -75.87 -41.58
C GLU D 140 18.65 -77.39 -41.62
N GLY D 141 19.89 -77.85 -41.68
CA GLY D 141 20.20 -79.28 -41.75
C GLY D 141 19.75 -79.89 -43.05
N GLY D 142 20.66 -80.00 -44.01
CA GLY D 142 20.33 -80.52 -45.34
C GLY D 142 19.69 -79.46 -46.21
N PRO D 143 19.70 -79.67 -47.54
CA PRO D 143 19.14 -78.71 -48.49
C PRO D 143 17.61 -78.68 -48.43
N VAL D 144 17.00 -77.74 -49.15
CA VAL D 144 15.54 -77.64 -49.26
C VAL D 144 15.16 -77.88 -50.72
N ILE D 145 14.26 -78.84 -50.96
CA ILE D 145 13.89 -79.20 -52.33
C ILE D 145 12.39 -79.05 -52.56
N TRP D 146 12.03 -78.30 -53.60
CA TRP D 146 10.64 -78.23 -54.06
C TRP D 146 10.58 -78.76 -55.49
N ALA D 147 9.48 -79.41 -55.84
CA ALA D 147 9.30 -79.98 -57.18
C ALA D 147 7.86 -79.88 -57.67
N ARG D 148 7.71 -79.50 -58.94
CA ARG D 148 6.41 -79.45 -59.61
C ARG D 148 6.49 -80.31 -60.87
N GLY D 149 5.74 -81.40 -60.88
CA GLY D 149 5.76 -82.36 -61.98
C GLY D 149 7.05 -83.15 -61.97
N ASP D 150 7.48 -83.57 -63.16
CA ASP D 150 8.73 -84.31 -63.32
C ASP D 150 9.66 -83.61 -64.30
N VAL D 151 10.66 -82.90 -63.76
CA VAL D 151 11.67 -82.22 -64.58
C VAL D 151 12.50 -83.21 -65.37
N GLU D 152 12.94 -84.27 -64.69
CA GLU D 152 13.76 -85.31 -65.29
C GLU D 152 13.13 -85.83 -66.59
N THR D 153 11.85 -86.20 -66.51
CA THR D 153 11.09 -86.65 -67.67
C THR D 153 11.10 -85.62 -68.79
N ALA D 154 10.69 -84.39 -68.47
CA ALA D 154 10.55 -83.32 -69.45
C ALA D 154 11.87 -82.99 -70.16
N LEU D 155 12.95 -82.92 -69.38
CA LEU D 155 14.28 -82.62 -69.91
C LEU D 155 14.80 -83.74 -70.81
N ALA D 156 14.40 -84.97 -70.51
CA ALA D 156 14.76 -86.12 -71.33
C ALA D 156 14.17 -86.02 -72.74
N GLY D 157 12.92 -85.59 -72.83
CA GLY D 157 12.24 -85.46 -74.11
C GLY D 157 12.29 -84.07 -74.71
N ALA D 158 13.05 -83.18 -74.07
CA ALA D 158 13.13 -81.78 -74.48
C ALA D 158 13.76 -81.63 -75.87
N ALA D 159 13.09 -80.89 -76.74
CA ALA D 159 13.58 -80.62 -78.08
C ALA D 159 14.82 -79.73 -78.05
N HIS D 160 14.85 -78.81 -77.10
CA HIS D 160 15.98 -77.92 -76.89
C HIS D 160 16.37 -77.89 -75.41
N LEU D 161 17.67 -77.78 -75.15
CA LEU D 161 18.19 -77.86 -73.79
C LEU D 161 19.40 -76.95 -73.57
N ALA D 162 19.51 -76.41 -72.36
CA ALA D 162 20.63 -75.55 -71.97
C ALA D 162 21.06 -75.85 -70.54
N GLU D 163 22.32 -76.23 -70.38
CA GLU D 163 22.90 -76.45 -69.06
C GLU D 163 23.95 -75.39 -68.82
N GLY D 164 23.97 -74.86 -67.60
CA GLY D 164 24.93 -73.84 -67.23
C GLY D 164 25.05 -73.67 -65.74
N CYS D 165 25.96 -72.80 -65.34
CA CYS D 165 26.26 -72.54 -63.95
C CYS D 165 27.04 -71.24 -63.85
N PHE D 166 26.58 -70.32 -63.00
CA PHE D 166 27.26 -69.04 -62.85
C PHE D 166 27.25 -68.48 -61.43
N GLU D 167 28.23 -67.63 -61.14
CA GLU D 167 28.39 -66.99 -59.85
C GLU D 167 27.61 -65.70 -59.79
N ILE D 168 26.90 -65.49 -58.68
CA ILE D 168 26.27 -64.21 -58.39
C ILE D 168 26.86 -63.70 -57.09
N GLY D 169 27.52 -62.55 -57.16
CA GLY D 169 28.17 -61.95 -56.00
C GLY D 169 27.19 -61.26 -55.07
N GLY D 170 27.57 -61.14 -53.80
CA GLY D 170 26.77 -60.42 -52.82
C GLY D 170 26.82 -58.92 -53.06
N GLN D 171 26.39 -58.15 -52.05
CA GLN D 171 26.32 -56.71 -52.18
C GLN D 171 26.34 -56.04 -50.81
N GLU D 172 27.13 -54.98 -50.69
CA GLU D 172 27.12 -54.13 -49.50
C GLU D 172 26.07 -53.05 -49.68
N HIS D 173 25.24 -52.87 -48.65
CA HIS D 173 24.12 -51.93 -48.70
C HIS D 173 24.58 -50.52 -49.02
N PHE D 174 25.53 -50.03 -48.21
CA PHE D 174 26.05 -48.69 -48.31
C PHE D 174 24.97 -47.62 -48.15
N TYR D 175 24.29 -47.68 -47.01
CA TYR D 175 23.45 -46.59 -46.54
C TYR D 175 24.39 -45.47 -46.10
N LEU D 176 24.08 -44.24 -46.46
CA LEU D 176 24.99 -43.12 -46.17
C LEU D 176 25.09 -42.82 -44.68
N GLU D 177 23.99 -42.99 -43.96
CA GLU D 177 24.05 -43.04 -42.50
C GLU D 177 24.24 -44.49 -42.07
N GLY D 178 25.34 -44.75 -41.37
CA GLY D 178 25.65 -46.09 -40.91
C GLY D 178 24.80 -46.49 -39.72
N GLN D 179 25.11 -47.65 -39.15
CA GLN D 179 24.40 -48.14 -37.98
C GLN D 179 24.62 -47.17 -36.82
N ALA D 180 23.56 -46.85 -36.09
CA ALA D 180 23.68 -45.96 -34.94
C ALA D 180 22.58 -46.17 -33.90
N ALA D 181 22.95 -46.10 -32.63
CA ALA D 181 22.01 -46.24 -31.51
C ALA D 181 22.37 -45.33 -30.33
N LEU D 182 21.36 -45.00 -29.53
CA LEU D 182 21.52 -44.18 -28.34
C LEU D 182 20.57 -44.69 -27.25
N ALA D 183 21.14 -45.13 -26.12
CA ALA D 183 20.35 -45.63 -25.00
C ALA D 183 20.30 -44.62 -23.87
N LEU D 184 19.09 -44.27 -23.45
CA LEU D 184 18.90 -43.29 -22.37
C LEU D 184 18.22 -43.95 -21.16
N PRO D 185 19.01 -44.25 -20.11
CA PRO D 185 18.47 -44.79 -18.87
C PRO D 185 17.42 -43.85 -18.28
N ALA D 186 16.19 -44.33 -18.21
CA ALA D 186 15.08 -43.57 -17.67
C ALA D 186 14.42 -44.32 -16.53
N GLU D 187 14.79 -43.92 -15.31
CA GLU D 187 14.33 -44.54 -14.05
C GLU D 187 13.56 -45.86 -14.17
N GLY D 188 14.29 -46.96 -13.99
CA GLY D 188 13.71 -48.29 -14.06
C GLY D 188 13.94 -48.98 -15.39
N GLY D 189 13.73 -48.26 -16.49
CA GLY D 189 13.86 -48.81 -17.82
C GLY D 189 14.77 -47.98 -18.68
N VAL D 190 14.72 -48.20 -20.00
CA VAL D 190 15.53 -47.41 -20.94
C VAL D 190 14.72 -46.91 -22.14
N VAL D 191 15.16 -45.79 -22.70
CA VAL D 191 14.62 -45.28 -23.95
C VAL D 191 15.68 -45.41 -25.03
N ILE D 192 15.34 -46.11 -26.11
CA ILE D 192 16.25 -46.34 -27.22
C ILE D 192 15.88 -45.48 -28.42
N HIS D 193 16.80 -44.61 -28.81
CA HIS D 193 16.76 -43.98 -30.12
C HIS D 193 17.74 -44.74 -30.99
N CYS D 194 17.37 -45.06 -32.23
CA CYS D 194 18.25 -45.83 -33.10
C CYS D 194 17.93 -45.69 -34.59
N SER D 195 18.89 -46.03 -35.43
CA SER D 195 18.69 -46.05 -36.88
C SER D 195 18.37 -47.49 -37.32
N SER D 196 17.09 -47.84 -37.23
CA SER D 196 16.64 -49.22 -37.46
C SER D 196 15.30 -49.29 -38.20
N GLN D 197 15.11 -50.39 -38.93
CA GLN D 197 13.88 -50.66 -39.66
C GLN D 197 12.92 -51.49 -38.80
N HIS D 198 13.39 -51.95 -37.65
CA HIS D 198 12.59 -52.78 -36.77
C HIS D 198 12.72 -52.38 -35.31
N PRO D 199 11.97 -51.36 -34.87
CA PRO D 199 12.08 -50.86 -33.51
C PRO D 199 11.47 -51.80 -32.48
N SER D 200 10.44 -52.55 -32.88
CA SER D 200 9.79 -53.52 -31.99
C SER D 200 10.74 -54.64 -31.60
N GLU D 201 11.53 -55.12 -32.58
CA GLU D 201 12.59 -56.08 -32.32
C GLU D 201 13.74 -55.48 -31.52
N ILE D 202 14.14 -54.25 -31.85
CA ILE D 202 15.12 -53.52 -31.06
C ILE D 202 14.68 -53.53 -29.60
N GLN D 203 13.39 -53.28 -29.38
CA GLN D 203 12.79 -53.31 -28.05
C GLN D 203 12.93 -54.69 -27.39
N HIS D 204 12.45 -55.70 -28.10
CA HIS D 204 12.51 -57.10 -27.69
C HIS D 204 13.92 -57.53 -27.24
N LYS D 205 14.91 -57.21 -28.07
CA LYS D 205 16.29 -57.64 -27.86
C LYS D 205 16.97 -56.89 -26.72
N VAL D 206 16.71 -55.59 -26.62
CA VAL D 206 17.20 -54.78 -25.51
C VAL D 206 16.57 -55.24 -24.20
N ALA D 207 15.26 -55.49 -24.22
CA ALA D 207 14.54 -56.00 -23.05
C ALA D 207 15.17 -57.27 -22.49
N HIS D 208 15.47 -58.22 -23.37
CA HIS D 208 16.07 -59.48 -22.95
C HIS D 208 17.51 -59.32 -22.44
N ALA D 209 18.28 -58.44 -23.09
CA ALA D 209 19.66 -58.16 -22.70
C ALA D 209 19.73 -57.43 -21.36
N LEU D 210 18.66 -56.72 -21.03
CA LEU D 210 18.62 -55.96 -19.77
C LEU D 210 17.85 -56.68 -18.68
N GLY D 211 17.23 -57.80 -19.03
CA GLY D 211 16.43 -58.55 -18.07
C GLY D 211 15.20 -57.79 -17.63
N LEU D 212 14.58 -57.11 -18.58
CA LEU D 212 13.40 -56.29 -18.34
C LEU D 212 12.22 -56.76 -19.17
N ALA D 213 11.01 -56.54 -18.65
CA ALA D 213 9.78 -56.78 -19.42
C ALA D 213 9.68 -55.74 -20.53
N PHE D 214 9.04 -56.11 -21.64
CA PHE D 214 8.98 -55.24 -22.82
C PHE D 214 8.46 -53.83 -22.53
N HIS D 215 7.54 -53.72 -21.58
CA HIS D 215 6.94 -52.43 -21.22
C HIS D 215 7.90 -51.47 -20.49
N ASP D 216 9.16 -51.88 -20.33
CA ASP D 216 10.19 -51.04 -19.73
C ASP D 216 11.21 -50.58 -20.77
N VAL D 217 10.97 -50.94 -22.02
CA VAL D 217 11.84 -50.54 -23.12
C VAL D 217 11.03 -49.77 -24.17
N ARG D 218 11.35 -48.50 -24.34
CA ARG D 218 10.70 -47.66 -25.32
C ARG D 218 11.66 -47.36 -26.46
N VAL D 219 11.25 -47.65 -27.68
CA VAL D 219 12.13 -47.43 -28.82
C VAL D 219 11.50 -46.40 -29.75
N GLU D 220 12.15 -45.25 -29.86
CA GLU D 220 11.73 -44.19 -30.78
C GLU D 220 12.66 -44.16 -31.96
N MET D 221 12.07 -44.08 -33.14
CA MET D 221 12.79 -44.05 -34.41
C MET D 221 12.12 -43.08 -35.37
N ARG D 222 12.78 -41.97 -35.67
CA ARG D 222 12.21 -40.95 -36.54
C ARG D 222 12.54 -41.18 -38.02
N ARG D 223 13.82 -41.13 -38.38
CA ARG D 223 14.24 -41.33 -39.77
C ARG D 223 15.59 -42.04 -39.87
N MET D 224 15.77 -42.81 -40.96
CA MET D 224 17.05 -43.42 -41.29
C MET D 224 17.64 -42.76 -42.52
N GLY D 225 18.97 -42.65 -42.54
CA GLY D 225 19.66 -42.16 -43.72
C GLY D 225 19.97 -43.32 -44.65
N GLY D 226 18.94 -44.08 -45.00
CA GLY D 226 19.08 -45.30 -45.77
C GLY D 226 18.92 -46.52 -44.88
N GLY D 227 18.36 -47.58 -45.44
CA GLY D 227 18.21 -48.86 -44.76
C GLY D 227 18.50 -50.00 -45.69
N PHE D 228 17.68 -50.13 -46.73
CA PHE D 228 17.84 -51.14 -47.80
C PHE D 228 17.82 -52.60 -47.33
N GLY D 229 17.30 -52.82 -46.13
CA GLY D 229 17.30 -54.15 -45.54
C GLY D 229 18.44 -54.32 -44.56
N GLY D 230 19.47 -53.48 -44.72
CA GLY D 230 20.66 -53.50 -43.88
C GLY D 230 20.47 -53.07 -42.43
N LYS D 231 19.25 -52.66 -42.08
CA LYS D 231 18.96 -52.26 -40.70
C LYS D 231 17.71 -52.99 -40.17
N GLU D 232 17.38 -54.11 -40.81
CA GLU D 232 16.27 -54.96 -40.40
C GLU D 232 16.60 -55.77 -39.13
N SER D 233 17.87 -56.16 -39.01
CA SER D 233 18.34 -56.95 -37.86
C SER D 233 19.67 -56.44 -37.33
N GLN D 234 20.49 -55.88 -38.23
CA GLN D 234 21.85 -55.45 -37.89
C GLN D 234 21.90 -54.36 -36.83
N GLY D 235 20.79 -53.66 -36.61
CA GLY D 235 20.72 -52.63 -35.59
C GLY D 235 20.72 -53.17 -34.17
N ASN D 236 20.39 -54.46 -34.03
CA ASN D 236 20.29 -55.09 -32.71
C ASN D 236 21.54 -54.98 -31.86
N HIS D 237 22.70 -55.20 -32.49
CA HIS D 237 23.98 -55.25 -31.78
C HIS D 237 24.34 -53.94 -31.10
N LEU D 238 24.04 -52.82 -31.75
CA LEU D 238 24.33 -51.50 -31.21
C LEU D 238 23.38 -51.12 -30.07
N ALA D 239 22.11 -51.44 -30.24
CA ALA D 239 21.09 -51.16 -29.24
C ALA D 239 21.35 -51.92 -27.93
N ILE D 240 21.63 -53.22 -28.03
CA ILE D 240 21.96 -54.05 -26.87
C ILE D 240 23.21 -53.51 -26.17
N ALA D 241 24.24 -53.21 -26.94
CA ALA D 241 25.50 -52.68 -26.44
C ALA D 241 25.29 -51.38 -25.66
N CYS D 242 24.51 -50.47 -26.25
CA CYS D 242 24.22 -49.19 -25.62
C CYS D 242 23.42 -49.38 -24.34
N ALA D 243 22.38 -50.19 -24.41
CA ALA D 243 21.52 -50.46 -23.26
C ALA D 243 22.30 -51.11 -22.11
N VAL D 244 23.14 -52.07 -22.45
CA VAL D 244 23.99 -52.77 -21.47
C VAL D 244 24.97 -51.82 -20.79
N ALA D 245 25.67 -51.02 -21.59
CA ALA D 245 26.66 -50.07 -21.08
C ALA D 245 25.99 -48.97 -20.25
N ALA D 246 24.85 -48.49 -20.72
CA ALA D 246 24.11 -47.43 -20.03
C ALA D 246 23.60 -47.91 -18.67
N ARG D 247 23.13 -49.16 -18.62
CA ARG D 247 22.73 -49.80 -17.37
C ARG D 247 23.87 -49.77 -16.38
N ALA D 248 25.02 -50.30 -16.79
CA ALA D 248 26.20 -50.42 -15.95
C ALA D 248 26.83 -49.10 -15.54
N THR D 249 26.94 -48.15 -16.47
CA THR D 249 27.60 -46.86 -16.16
C THR D 249 26.65 -45.84 -15.53
N GLY D 250 25.35 -45.97 -15.84
CA GLY D 250 24.34 -45.02 -15.37
C GLY D 250 24.27 -43.77 -16.24
N ARG D 251 25.05 -43.78 -17.32
CA ARG D 251 25.15 -42.65 -18.23
C ARG D 251 24.54 -43.00 -19.59
N PRO D 252 24.08 -41.97 -20.34
CA PRO D 252 23.59 -42.22 -21.70
C PRO D 252 24.71 -42.75 -22.57
N CYS D 253 24.43 -43.82 -23.32
CA CYS D 253 25.44 -44.44 -24.17
C CYS D 253 25.06 -44.41 -25.64
N LYS D 254 26.01 -43.95 -26.46
CA LYS D 254 25.82 -43.82 -27.89
C LYS D 254 26.83 -44.67 -28.67
N MET D 255 26.37 -45.32 -29.73
CA MET D 255 27.25 -46.14 -30.55
C MET D 255 26.95 -45.95 -32.02
N ARG D 256 27.94 -45.51 -32.78
CA ARG D 256 27.83 -45.51 -34.24
C ARG D 256 29.04 -46.15 -34.88
N TYR D 257 28.79 -46.96 -35.90
CA TYR D 257 29.86 -47.61 -36.64
C TYR D 257 30.58 -46.63 -37.55
N ASP D 258 31.91 -46.71 -37.52
CA ASP D 258 32.74 -46.13 -38.54
C ASP D 258 32.52 -46.95 -39.80
N ARG D 259 32.65 -46.33 -40.96
CA ARG D 259 32.39 -47.01 -42.24
C ARG D 259 33.12 -48.35 -42.36
N ASP D 260 34.38 -48.38 -41.94
CA ASP D 260 35.21 -49.59 -41.92
C ASP D 260 34.62 -50.66 -41.04
N ASP D 261 34.32 -50.29 -39.78
CA ASP D 261 33.65 -51.17 -38.83
C ASP D 261 32.34 -51.69 -39.40
N ASP D 262 31.53 -50.76 -39.89
CA ASP D 262 30.22 -51.06 -40.46
C ASP D 262 30.31 -52.21 -41.45
N MET D 263 31.13 -52.04 -42.49
CA MET D 263 31.25 -53.04 -43.54
C MET D 263 31.82 -54.38 -43.10
N VAL D 264 32.66 -54.36 -42.08
CA VAL D 264 33.32 -55.55 -41.57
C VAL D 264 32.40 -56.34 -40.62
N ILE D 265 31.66 -55.64 -39.76
CA ILE D 265 30.75 -56.29 -38.82
C ILE D 265 29.45 -56.75 -39.49
N THR D 266 28.77 -55.83 -40.16
CA THR D 266 27.41 -56.08 -40.66
C THR D 266 27.34 -57.07 -41.82
N GLY D 267 26.12 -57.48 -42.16
CA GLY D 267 25.87 -58.46 -43.20
C GLY D 267 25.78 -57.84 -44.58
N LYS D 268 25.54 -58.68 -45.57
CA LYS D 268 25.51 -58.27 -46.96
C LYS D 268 24.48 -59.11 -47.70
N ARG D 269 24.29 -58.84 -48.99
CA ARG D 269 23.42 -59.68 -49.80
C ARG D 269 24.01 -61.07 -49.90
N HIS D 270 23.15 -62.08 -49.82
CA HIS D 270 23.55 -63.46 -50.02
C HIS D 270 24.05 -63.65 -51.45
N ASP D 271 25.33 -63.95 -51.59
CA ASP D 271 25.89 -64.33 -52.88
C ASP D 271 25.47 -65.75 -53.21
N PHE D 272 25.32 -66.02 -54.50
CA PHE D 272 24.76 -67.29 -54.94
C PHE D 272 25.62 -67.95 -56.01
N ARG D 273 25.58 -69.28 -56.03
CA ARG D 273 25.96 -70.04 -57.20
C ARG D 273 24.69 -70.71 -57.69
N ILE D 274 24.40 -70.54 -58.97
CA ILE D 274 23.19 -71.10 -59.56
C ILE D 274 23.50 -71.98 -60.74
N ARG D 275 23.24 -73.28 -60.56
CA ARG D 275 23.34 -74.27 -61.62
C ARG D 275 21.94 -74.49 -62.19
N TYR D 276 21.85 -74.65 -63.50
CA TYR D 276 20.55 -74.77 -64.16
C TYR D 276 20.54 -75.71 -65.35
N ARG D 277 19.40 -76.37 -65.51
CA ARG D 277 19.10 -77.15 -66.71
C ARG D 277 17.71 -76.71 -67.16
N ILE D 278 17.62 -76.17 -68.36
CA ILE D 278 16.34 -75.68 -68.88
C ILE D 278 16.03 -76.27 -70.26
N GLY D 279 14.78 -76.71 -70.42
CA GLY D 279 14.34 -77.36 -71.65
C GLY D 279 13.14 -76.65 -72.26
N ALA D 280 13.06 -76.67 -73.59
CA ALA D 280 11.98 -76.00 -74.30
C ALA D 280 11.36 -76.85 -75.41
N ASP D 281 10.21 -76.38 -75.87
CA ASP D 281 9.46 -76.98 -76.97
C ASP D 281 10.13 -76.71 -78.30
N ALA D 282 9.75 -77.47 -79.32
CA ALA D 282 10.17 -77.21 -80.69
C ALA D 282 9.57 -75.89 -81.17
N SER D 283 8.50 -75.47 -80.50
CA SER D 283 7.87 -74.18 -80.76
C SER D 283 8.48 -73.10 -79.85
N GLY D 284 9.18 -73.55 -78.81
CA GLY D 284 9.85 -72.64 -77.89
C GLY D 284 9.28 -72.60 -76.48
N LYS D 285 8.09 -73.17 -76.30
CA LYS D 285 7.45 -73.24 -74.97
C LYS D 285 8.28 -74.05 -73.99
N LEU D 286 8.50 -73.50 -72.80
CA LEU D 286 9.29 -74.17 -71.78
C LEU D 286 8.65 -75.49 -71.37
N LEU D 287 9.47 -76.52 -71.21
CA LEU D 287 8.99 -77.81 -70.72
C LEU D 287 9.34 -78.01 -69.26
N GLY D 288 10.61 -77.85 -68.94
CA GLY D 288 11.10 -78.02 -67.57
C GLY D 288 12.25 -77.11 -67.22
N ALA D 289 12.44 -76.89 -65.92
CA ALA D 289 13.57 -76.13 -65.43
C ALA D 289 14.06 -76.67 -64.10
N ASP D 290 15.32 -77.11 -64.08
CA ASP D 290 15.94 -77.63 -62.88
C ASP D 290 16.99 -76.66 -62.36
N PHE D 291 16.88 -76.29 -61.09
CA PHE D 291 17.75 -75.28 -60.47
C PHE D 291 18.42 -75.80 -59.21
N VAL D 292 19.69 -75.41 -59.02
CA VAL D 292 20.39 -75.64 -57.77
C VAL D 292 20.91 -74.30 -57.25
N HIS D 293 20.41 -73.91 -56.08
CA HIS D 293 20.86 -72.69 -55.42
C HIS D 293 21.87 -73.01 -54.32
N LEU D 294 23.09 -72.50 -54.50
CA LEU D 294 24.08 -72.51 -53.44
C LEU D 294 24.23 -71.10 -52.90
N ALA D 295 23.85 -70.89 -51.63
CA ALA D 295 23.87 -69.56 -51.03
C ALA D 295 24.83 -69.46 -49.86
N ARG D 296 25.63 -68.40 -49.84
CA ARG D 296 26.50 -68.13 -48.71
C ARG D 296 25.75 -67.32 -47.67
N CYS D 297 25.56 -67.90 -46.48
CA CYS D 297 24.79 -67.27 -45.42
C CYS D 297 25.65 -66.61 -44.37
N GLY D 298 26.90 -67.06 -44.26
CA GLY D 298 27.82 -66.59 -43.23
C GLY D 298 27.68 -67.38 -41.95
N TRP D 299 28.27 -66.86 -40.86
CA TRP D 299 28.40 -67.59 -39.61
C TRP D 299 27.10 -67.86 -38.86
N SER D 300 26.18 -66.90 -38.90
CA SER D 300 24.92 -67.03 -38.18
C SER D 300 23.71 -67.03 -39.11
N ALA D 301 22.60 -67.56 -38.60
CA ALA D 301 21.37 -67.68 -39.37
C ALA D 301 20.87 -66.33 -39.90
N ASP D 302 20.61 -65.40 -38.98
CA ASP D 302 20.01 -64.10 -39.31
C ASP D 302 18.68 -64.24 -40.08
N LEU D 303 18.64 -63.75 -41.32
CA LEU D 303 17.44 -63.84 -42.15
C LEU D 303 17.64 -64.73 -43.38
N SER D 304 18.58 -65.67 -43.28
CA SER D 304 18.96 -66.53 -44.41
C SER D 304 17.84 -67.47 -44.84
N LEU D 305 17.09 -67.97 -43.87
CA LEU D 305 16.00 -68.90 -44.13
C LEU D 305 14.93 -68.26 -45.03
N PRO D 306 14.33 -67.13 -44.59
CA PRO D 306 13.32 -66.50 -45.45
C PRO D 306 13.87 -65.90 -46.75
N VAL D 307 15.12 -65.44 -46.74
CA VAL D 307 15.77 -64.91 -47.94
C VAL D 307 15.80 -65.98 -49.03
N CYS D 308 16.34 -67.15 -48.71
CA CYS D 308 16.44 -68.25 -49.65
C CYS D 308 15.08 -68.81 -50.06
N ASP D 309 14.13 -68.81 -49.12
CA ASP D 309 12.73 -69.10 -49.43
C ASP D 309 12.27 -68.23 -50.61
N ARG D 310 12.45 -66.92 -50.47
CA ARG D 310 12.07 -65.96 -51.50
C ARG D 310 12.84 -66.14 -52.81
N ALA D 311 14.09 -66.58 -52.72
CA ALA D 311 14.89 -66.95 -53.90
C ALA D 311 14.23 -68.10 -54.65
N MET D 312 13.76 -69.10 -53.91
CA MET D 312 13.09 -70.26 -54.49
C MET D 312 11.74 -69.85 -55.10
N LEU D 313 11.00 -69.05 -54.35
CA LEU D 313 9.71 -68.52 -54.80
C LEU D 313 9.79 -67.82 -56.15
N HIS D 314 10.91 -67.16 -56.42
CA HIS D 314 11.07 -66.35 -57.63
C HIS D 314 11.92 -67.02 -58.70
N ALA D 315 12.35 -68.26 -58.43
CA ALA D 315 13.13 -69.04 -59.39
C ALA D 315 12.37 -69.39 -60.69
N ASP D 316 11.13 -68.91 -60.80
CA ASP D 316 10.34 -69.06 -62.02
C ASP D 316 10.48 -67.86 -62.94
N GLY D 317 11.03 -66.77 -62.40
CA GLY D 317 11.12 -65.50 -63.12
C GLY D 317 9.74 -64.97 -63.46
N SER D 318 9.55 -64.66 -64.74
CA SER D 318 8.26 -64.15 -65.24
C SER D 318 7.55 -65.22 -66.07
N TYR D 319 7.92 -66.48 -65.87
CA TYR D 319 7.56 -67.53 -66.82
C TYR D 319 6.84 -68.72 -66.20
N PHE D 320 5.80 -69.17 -66.89
CA PHE D 320 5.09 -70.39 -66.53
C PHE D 320 5.91 -71.60 -66.97
N VAL D 321 6.17 -72.50 -66.03
CA VAL D 321 6.98 -73.69 -66.28
C VAL D 321 6.25 -74.95 -65.82
N PRO D 322 5.85 -75.82 -66.77
CA PRO D 322 5.12 -77.06 -66.52
C PRO D 322 5.82 -77.95 -65.51
N ALA D 323 7.15 -78.06 -65.62
CA ALA D 323 7.95 -78.81 -64.67
C ALA D 323 9.10 -77.95 -64.16
N LEU D 324 9.21 -77.85 -62.83
CA LEU D 324 10.24 -76.99 -62.23
C LEU D 324 10.65 -77.47 -60.83
N ARG D 325 11.95 -77.73 -60.66
CA ARG D 325 12.49 -78.08 -59.35
C ARG D 325 13.65 -77.19 -58.94
N ILE D 326 13.70 -76.84 -57.65
CA ILE D 326 14.78 -76.07 -57.06
C ILE D 326 15.31 -76.79 -55.83
N GLU D 327 16.64 -76.82 -55.71
CA GLU D 327 17.32 -77.44 -54.58
C GLU D 327 18.22 -76.38 -53.92
N SER D 328 17.76 -75.85 -52.80
CA SER D 328 18.39 -74.70 -52.15
C SER D 328 19.29 -75.11 -51.00
N HIS D 329 20.59 -74.84 -51.15
CA HIS D 329 21.57 -75.10 -50.10
C HIS D 329 21.89 -73.81 -49.38
N ARG D 330 21.62 -73.78 -48.08
CA ARG D 330 21.90 -72.61 -47.26
C ARG D 330 23.18 -72.84 -46.44
N LEU D 331 24.30 -72.56 -47.10
CA LEU D 331 25.63 -72.94 -46.64
C LEU D 331 26.22 -71.96 -45.63
N ARG D 332 26.70 -72.51 -44.52
CA ARG D 332 27.36 -71.74 -43.47
C ARG D 332 28.84 -71.53 -43.80
N THR D 333 29.30 -70.29 -43.67
CA THR D 333 30.69 -69.92 -43.90
C THR D 333 31.20 -69.03 -42.78
N ASN D 334 32.52 -69.01 -42.58
CA ASN D 334 33.14 -68.18 -41.54
C ASN D 334 33.38 -66.74 -41.99
N THR D 335 32.30 -66.13 -42.51
CA THR D 335 32.30 -64.76 -43.00
C THR D 335 31.06 -64.05 -42.46
N GLN D 336 30.97 -62.75 -42.73
CA GLN D 336 29.83 -61.93 -42.29
C GLN D 336 28.52 -62.65 -42.51
N SER D 337 27.68 -62.63 -41.47
CA SER D 337 26.34 -63.22 -41.57
C SER D 337 25.44 -62.40 -42.49
N ASN D 338 25.27 -62.91 -43.71
CA ASN D 338 24.44 -62.25 -44.70
C ASN D 338 22.99 -62.11 -44.26
N THR D 339 22.39 -60.97 -44.59
CA THR D 339 21.13 -60.55 -44.00
C THR D 339 20.10 -60.20 -45.08
N ALA D 340 19.17 -59.32 -44.74
CA ALA D 340 18.19 -58.79 -45.69
C ALA D 340 18.82 -57.73 -46.59
N PHE D 341 18.40 -57.70 -47.85
CA PHE D 341 18.77 -56.62 -48.78
C PHE D 341 17.65 -56.49 -49.82
N ARG D 342 17.23 -55.25 -50.07
CA ARG D 342 16.28 -54.91 -51.13
C ARG D 342 16.15 -55.98 -52.21
N GLY D 343 14.98 -56.63 -52.24
CA GLY D 343 14.78 -57.80 -53.10
C GLY D 343 14.66 -59.06 -52.27
N PHE D 344 15.51 -59.17 -51.23
CA PHE D 344 15.41 -60.21 -50.21
C PHE D 344 15.52 -61.62 -50.80
N GLY D 345 16.65 -61.90 -51.44
CA GLY D 345 16.89 -63.20 -52.10
C GLY D 345 16.18 -63.35 -53.43
N GLY D 346 15.09 -62.62 -53.60
CA GLY D 346 14.29 -62.62 -54.83
C GLY D 346 15.09 -62.46 -56.11
N PRO D 347 15.88 -61.37 -56.24
CA PRO D 347 16.67 -61.07 -57.44
C PRO D 347 17.61 -62.21 -57.83
N GLN D 348 18.30 -62.77 -56.85
CA GLN D 348 19.17 -63.92 -57.07
C GLN D 348 18.37 -65.04 -57.76
N GLY D 349 17.31 -65.49 -57.09
CA GLY D 349 16.43 -66.54 -57.63
C GLY D 349 15.90 -66.25 -59.02
N ALA D 350 15.45 -65.02 -59.23
CA ALA D 350 14.95 -64.59 -60.53
C ALA D 350 16.06 -64.53 -61.59
N LEU D 351 17.26 -64.13 -61.16
CA LEU D 351 18.41 -64.00 -62.06
C LEU D 351 18.89 -65.36 -62.55
N GLY D 352 18.61 -66.39 -61.76
CA GLY D 352 18.86 -67.76 -62.17
C GLY D 352 18.03 -68.11 -63.37
N MET D 353 16.75 -67.75 -63.33
CA MET D 353 15.82 -68.07 -64.41
C MET D 353 16.14 -67.26 -65.68
N GLU D 354 16.52 -66.01 -65.49
CA GLU D 354 16.81 -65.11 -66.61
C GLU D 354 18.09 -65.49 -67.36
N ARG D 355 19.10 -65.93 -66.62
CA ARG D 355 20.36 -66.41 -67.22
C ARG D 355 20.07 -67.70 -67.98
N ALA D 356 19.29 -68.57 -67.35
CA ALA D 356 18.89 -69.86 -67.93
C ALA D 356 18.14 -69.69 -69.26
N ILE D 357 17.10 -68.85 -69.24
CA ILE D 357 16.30 -68.60 -70.44
C ILE D 357 17.14 -67.90 -71.51
N GLU D 358 18.12 -67.10 -71.08
CA GLU D 358 19.04 -66.44 -71.99
C GLU D 358 19.93 -67.46 -72.69
N HIS D 359 20.50 -68.39 -71.92
CA HIS D 359 21.34 -69.44 -72.48
C HIS D 359 20.55 -70.30 -73.45
N LEU D 360 19.32 -70.64 -73.07
CA LEU D 360 18.41 -71.39 -73.92
C LEU D 360 18.14 -70.65 -75.23
N ALA D 361 17.94 -69.34 -75.14
CA ALA D 361 17.70 -68.50 -76.31
C ALA D 361 18.90 -68.51 -77.27
N ARG D 362 20.09 -68.28 -76.72
CA ARG D 362 21.32 -68.29 -77.52
C ARG D 362 21.58 -69.69 -78.08
N GLY D 363 21.15 -70.70 -77.32
CA GLY D 363 21.29 -72.09 -77.72
C GLY D 363 20.55 -72.43 -79.00
N MET D 364 19.30 -72.01 -79.09
CA MET D 364 18.47 -72.32 -80.25
C MET D 364 18.42 -71.19 -81.31
N GLY D 365 19.39 -70.29 -81.22
CA GLY D 365 19.56 -69.20 -82.18
C GLY D 365 18.37 -68.28 -82.34
N ARG D 366 17.69 -67.99 -81.23
CA ARG D 366 16.45 -67.22 -81.25
C ARG D 366 16.56 -65.93 -80.43
N ASP D 367 15.77 -64.93 -80.80
CA ASP D 367 15.71 -63.65 -80.08
C ASP D 367 15.18 -63.85 -78.65
N PRO D 368 16.01 -63.49 -77.64
CA PRO D 368 15.64 -63.68 -76.25
C PRO D 368 14.32 -63.00 -75.87
N ALA D 369 14.06 -61.84 -76.48
CA ALA D 369 12.82 -61.09 -76.22
C ALA D 369 11.60 -61.84 -76.73
N GLU D 370 11.78 -62.56 -77.83
CA GLU D 370 10.71 -63.31 -78.48
C GLU D 370 10.41 -64.59 -77.72
N LEU D 371 11.46 -65.26 -77.25
CA LEU D 371 11.33 -66.47 -76.42
C LEU D 371 10.66 -66.16 -75.08
N ARG D 372 11.00 -65.00 -74.50
CA ARG D 372 10.40 -64.56 -73.24
C ARG D 372 8.93 -64.18 -73.40
N ALA D 373 8.63 -63.41 -74.45
CA ALA D 373 7.28 -62.98 -74.75
C ALA D 373 6.35 -64.20 -74.87
N LEU D 374 6.89 -65.26 -75.44
CA LEU D 374 6.18 -66.52 -75.64
C LEU D 374 5.95 -67.30 -74.36
N ASN D 375 6.74 -67.02 -73.32
CA ASN D 375 6.74 -67.85 -72.11
C ASN D 375 6.26 -67.19 -70.82
N PHE D 376 5.76 -65.96 -70.91
CA PHE D 376 5.15 -65.30 -69.75
C PHE D 376 3.91 -66.08 -69.28
N TYR D 377 3.45 -65.78 -68.07
CA TYR D 377 2.14 -66.23 -67.62
C TYR D 377 1.04 -65.59 -68.48
N ASP D 378 -0.20 -66.03 -68.29
CA ASP D 378 -1.32 -65.57 -69.10
C ASP D 378 -1.98 -64.31 -68.53
N PRO D 379 -2.56 -63.47 -69.41
CA PRO D 379 -3.34 -62.30 -68.97
C PRO D 379 -4.60 -62.75 -68.23
N PRO D 380 -5.16 -61.89 -67.36
CA PRO D 380 -6.40 -62.19 -66.62
C PRO D 380 -7.54 -62.66 -67.53
N GLU D 381 -8.38 -63.56 -67.03
CA GLU D 381 -9.43 -64.25 -67.83
C GLU D 381 -8.83 -65.18 -68.88
N LYS D 398 -11.01 -71.48 -69.10
CA LYS D 398 -10.05 -72.46 -68.58
C LYS D 398 -9.56 -72.09 -67.18
N LYS D 399 -8.88 -73.03 -66.54
CA LYS D 399 -8.30 -72.79 -65.21
C LYS D 399 -6.97 -72.03 -65.31
N THR D 400 -6.74 -71.16 -64.34
CA THR D 400 -5.58 -70.27 -64.30
C THR D 400 -4.29 -71.04 -63.97
N GLN D 401 -3.22 -70.73 -64.70
CA GLN D 401 -1.89 -71.29 -64.45
C GLN D 401 -1.43 -70.99 -63.03
N THR D 402 -0.78 -71.96 -62.40
CA THR D 402 -0.21 -71.71 -61.09
C THR D 402 1.28 -71.48 -61.25
N THR D 403 1.91 -70.90 -60.22
CA THR D 403 3.36 -70.86 -60.13
C THR D 403 3.86 -72.23 -59.72
N HIS D 404 5.18 -72.40 -59.72
CA HIS D 404 5.79 -73.69 -59.35
C HIS D 404 5.49 -74.08 -57.91
N TYR D 405 5.00 -73.12 -57.12
CA TYR D 405 4.60 -73.39 -55.73
C TYR D 405 3.08 -73.44 -55.58
N GLY D 406 2.42 -73.73 -56.70
CA GLY D 406 0.98 -73.93 -56.74
C GLY D 406 0.15 -72.71 -56.40
N GLN D 407 0.50 -71.56 -56.98
CA GLN D 407 -0.27 -70.34 -56.78
C GLN D 407 -0.72 -69.70 -58.09
N GLU D 408 -2.03 -69.53 -58.22
CA GLU D 408 -2.66 -68.93 -59.40
C GLU D 408 -2.12 -67.52 -59.68
N VAL D 409 -1.95 -67.20 -60.96
CA VAL D 409 -1.47 -65.88 -61.39
C VAL D 409 -2.57 -65.16 -62.18
N ALA D 410 -3.44 -64.47 -61.45
CA ALA D 410 -4.62 -63.85 -62.02
C ALA D 410 -4.36 -62.42 -62.48
N ASP D 411 -3.18 -61.90 -62.19
CA ASP D 411 -2.88 -60.47 -62.40
C ASP D 411 -1.74 -60.17 -63.36
N CYS D 412 -1.28 -61.17 -64.10
CA CYS D 412 -0.12 -61.00 -64.96
C CYS D 412 -0.39 -60.09 -66.16
N VAL D 413 0.29 -58.95 -66.17
CA VAL D 413 0.08 -57.93 -67.19
C VAL D 413 1.28 -57.76 -68.14
N LEU D 414 2.30 -58.60 -67.96
CA LEU D 414 3.55 -58.50 -68.71
C LEU D 414 3.40 -58.55 -70.23
N GLY D 415 2.53 -59.43 -70.71
CA GLY D 415 2.28 -59.58 -72.14
C GLY D 415 2.08 -58.23 -72.81
N GLU D 416 1.07 -57.50 -72.36
CA GLU D 416 0.74 -56.18 -72.91
C GLU D 416 1.81 -55.14 -72.59
N LEU D 417 2.26 -55.13 -71.33
CA LEU D 417 3.21 -54.16 -70.80
C LEU D 417 4.55 -54.16 -71.56
N VAL D 418 5.10 -55.35 -71.78
CA VAL D 418 6.38 -55.51 -72.48
C VAL D 418 6.29 -55.00 -73.94
N THR D 419 5.16 -55.28 -74.59
CA THR D 419 4.94 -54.85 -75.96
C THR D 419 4.92 -53.32 -76.08
N ARG D 420 4.26 -52.66 -75.12
CA ARG D 420 4.20 -51.21 -75.11
C ARG D 420 5.59 -50.62 -74.92
N LEU D 421 6.35 -51.20 -73.99
CA LEU D 421 7.71 -50.74 -73.68
C LEU D 421 8.60 -50.81 -74.90
N GLN D 422 8.59 -51.96 -75.56
CA GLN D 422 9.41 -52.17 -76.75
C GLN D 422 9.18 -51.14 -77.86
N LYS D 423 7.91 -50.88 -78.17
CA LYS D 423 7.57 -49.96 -79.28
C LYS D 423 7.89 -48.53 -78.93
N SER D 424 7.59 -48.13 -77.70
CA SER D 424 7.86 -46.76 -77.24
C SER D 424 9.36 -46.52 -77.00
N ALA D 425 10.09 -47.60 -76.71
CA ALA D 425 11.54 -47.53 -76.55
C ALA D 425 12.25 -47.75 -77.88
N ASN D 426 11.46 -47.92 -78.94
CA ASN D 426 11.96 -48.11 -80.30
C ASN D 426 12.87 -49.33 -80.41
N PHE D 427 12.43 -50.43 -79.80
CA PHE D 427 13.28 -51.61 -79.56
C PHE D 427 13.84 -52.28 -80.80
N THR D 428 12.98 -52.64 -81.74
CA THR D 428 13.36 -53.41 -82.93
C THR D 428 14.29 -52.62 -83.88
N THR D 429 13.98 -51.34 -84.08
CA THR D 429 14.80 -50.44 -84.88
C THR D 429 16.18 -50.24 -84.25
N ARG D 430 16.20 -49.94 -82.95
CA ARG D 430 17.44 -49.74 -82.21
C ARG D 430 18.34 -50.99 -82.22
N ARG D 431 17.72 -52.16 -82.15
CA ARG D 431 18.43 -53.43 -82.19
C ARG D 431 19.13 -53.65 -83.52
N ALA D 432 18.47 -53.25 -84.61
CA ALA D 432 19.02 -53.34 -85.96
C ALA D 432 20.16 -52.36 -86.19
N GLU D 433 20.00 -51.13 -85.69
CA GLU D 433 21.04 -50.09 -85.77
C GLU D 433 22.32 -50.50 -85.04
N ILE D 434 22.15 -51.23 -83.94
CA ILE D 434 23.26 -51.75 -83.15
C ILE D 434 24.06 -52.79 -83.93
N ALA D 435 23.35 -53.70 -84.57
CA ALA D 435 23.95 -54.76 -85.37
C ALA D 435 24.90 -54.18 -86.41
N ALA D 436 24.39 -53.20 -87.16
CA ALA D 436 25.17 -52.46 -88.14
C ALA D 436 26.39 -51.78 -87.50
N TRP D 437 26.14 -51.06 -86.41
CA TRP D 437 27.18 -50.34 -85.68
C TRP D 437 28.30 -51.26 -85.18
N ASN D 438 27.94 -52.47 -84.78
CA ASN D 438 28.91 -53.44 -84.29
C ASN D 438 29.83 -53.99 -85.37
N SER D 439 29.33 -54.01 -86.61
CA SER D 439 30.13 -54.50 -87.75
C SER D 439 31.01 -53.40 -88.36
N THR D 440 30.95 -52.20 -87.79
CA THR D 440 31.76 -51.06 -88.22
C THR D 440 32.88 -50.79 -87.22
N ASN D 441 32.72 -51.30 -86.00
CA ASN D 441 33.72 -51.16 -84.95
C ASN D 441 34.35 -52.50 -84.62
N ARG D 442 35.53 -52.47 -84.00
CA ARG D 442 36.21 -53.69 -83.61
C ARG D 442 36.92 -53.55 -82.26
N THR D 443 36.80 -52.35 -81.67
CA THR D 443 37.32 -52.07 -80.35
C THR D 443 36.16 -51.76 -79.41
N LEU D 444 35.03 -51.40 -80.00
CA LEU D 444 33.82 -51.12 -79.25
C LEU D 444 32.66 -51.99 -79.74
N ALA D 445 31.79 -52.37 -78.82
CA ALA D 445 30.60 -53.16 -79.15
C ALA D 445 29.41 -52.70 -78.31
N ARG D 446 28.24 -52.66 -78.94
CA ARG D 446 27.01 -52.29 -78.24
C ARG D 446 26.17 -53.51 -77.88
N GLY D 447 25.48 -53.42 -76.75
CA GLY D 447 24.57 -54.47 -76.30
C GLY D 447 23.24 -53.93 -75.83
N ILE D 448 22.17 -54.60 -76.22
CA ILE D 448 20.82 -54.24 -75.78
C ILE D 448 20.04 -55.49 -75.35
N ALA D 449 19.23 -55.35 -74.31
CA ALA D 449 18.43 -56.45 -73.79
C ALA D 449 17.25 -55.97 -72.96
N LEU D 450 16.17 -56.74 -73.01
CA LEU D 450 14.96 -56.47 -72.24
C LEU D 450 14.75 -57.55 -71.18
N SER D 451 14.61 -57.12 -69.93
CA SER D 451 14.31 -58.06 -68.85
C SER D 451 13.03 -57.65 -68.11
N PRO D 452 12.18 -58.63 -67.78
CA PRO D 452 10.94 -58.37 -67.06
C PRO D 452 11.01 -58.74 -65.57
N VAL D 453 10.13 -58.12 -64.78
CA VAL D 453 10.01 -58.41 -63.35
C VAL D 453 8.64 -58.97 -63.00
N LYS D 454 8.64 -59.96 -62.11
CA LYS D 454 7.43 -60.43 -61.44
C LYS D 454 7.78 -60.63 -59.97
N PHE D 455 7.28 -59.77 -59.09
CA PHE D 455 7.65 -59.80 -57.67
C PHE D 455 6.44 -60.00 -56.76
N GLY D 456 6.45 -61.07 -55.97
CA GLY D 456 5.38 -61.36 -55.02
C GLY D 456 5.44 -60.48 -53.80
N ILE D 457 4.28 -60.00 -53.35
CA ILE D 457 4.19 -59.07 -52.23
C ILE D 457 3.53 -59.69 -50.99
N SER D 458 4.24 -59.61 -49.87
CA SER D 458 3.82 -60.11 -48.54
C SER D 458 4.98 -60.85 -47.88
N PHE D 459 5.09 -60.71 -46.55
CA PHE D 459 6.05 -61.48 -45.75
C PHE D 459 5.82 -62.97 -45.94
N THR D 460 6.81 -63.66 -46.50
CA THR D 460 6.73 -65.12 -46.65
C THR D 460 6.55 -65.79 -45.28
N LEU D 461 6.87 -65.06 -44.22
CA LEU D 461 6.54 -65.45 -42.86
C LEU D 461 5.23 -64.74 -42.52
N THR D 462 4.14 -65.49 -42.54
CA THR D 462 2.80 -64.93 -42.74
C THR D 462 2.17 -64.07 -41.63
N HIS D 463 2.51 -64.35 -40.37
CA HIS D 463 1.93 -63.58 -39.27
C HIS D 463 2.49 -62.15 -39.21
N LEU D 464 3.61 -61.92 -39.89
CA LEU D 464 4.24 -60.60 -39.93
C LEU D 464 3.44 -59.57 -40.73
N ASN D 465 2.55 -60.05 -41.59
CA ASN D 465 1.68 -59.21 -42.40
C ASN D 465 0.58 -58.51 -41.60
N GLN D 466 1.00 -57.72 -40.61
CA GLN D 466 0.08 -56.92 -39.80
C GLN D 466 0.65 -55.53 -39.54
N ALA D 467 -0.22 -54.53 -39.45
CA ALA D 467 0.22 -53.15 -39.23
C ALA D 467 -0.77 -52.38 -38.36
N GLY D 468 -0.30 -51.31 -37.73
CA GLY D 468 -1.11 -50.53 -36.82
C GLY D 468 -0.85 -49.03 -36.88
N ALA D 469 -1.87 -48.25 -36.54
CA ALA D 469 -1.78 -46.80 -36.51
C ALA D 469 -2.44 -46.21 -35.28
N LEU D 470 -2.07 -44.98 -34.95
CA LEU D 470 -2.70 -44.21 -33.90
C LEU D 470 -2.84 -42.77 -34.39
N VAL D 471 -4.08 -42.32 -34.55
CA VAL D 471 -4.36 -40.97 -35.06
C VAL D 471 -4.99 -40.08 -33.99
N GLN D 472 -4.57 -38.82 -33.96
CA GLN D 472 -5.01 -37.83 -32.98
C GLN D 472 -5.54 -36.60 -33.68
N ILE D 473 -6.71 -36.11 -33.23
CA ILE D 473 -7.22 -34.82 -33.69
C ILE D 473 -7.35 -33.84 -32.53
N TYR D 474 -6.72 -32.68 -32.67
CA TYR D 474 -6.76 -31.65 -31.63
C TYR D 474 -7.85 -30.60 -31.87
N THR D 475 -8.18 -29.83 -30.83
CA THR D 475 -9.32 -28.92 -30.86
C THR D 475 -9.17 -27.75 -31.84
N ASP D 476 -7.94 -27.48 -32.28
CA ASP D 476 -7.73 -26.48 -33.33
C ASP D 476 -8.01 -27.05 -34.72
N GLY D 477 -8.08 -28.38 -34.82
CA GLY D 477 -8.40 -29.06 -36.07
C GLY D 477 -7.21 -29.69 -36.76
N SER D 478 -6.04 -29.64 -36.12
CA SER D 478 -4.85 -30.29 -36.65
C SER D 478 -4.75 -31.77 -36.24
N VAL D 479 -4.03 -32.55 -37.04
CA VAL D 479 -3.98 -34.00 -36.90
C VAL D 479 -2.55 -34.51 -36.65
N ALA D 480 -2.43 -35.44 -35.70
CA ALA D 480 -1.16 -36.09 -35.38
C ALA D 480 -1.21 -37.58 -35.74
N LEU D 481 -0.55 -37.93 -36.83
CA LEU D 481 -0.55 -39.30 -37.35
C LEU D 481 0.69 -40.08 -36.93
N ASN D 482 0.46 -41.30 -36.43
CA ASN D 482 1.53 -42.19 -36.03
C ASN D 482 1.24 -43.62 -36.49
N HIS D 483 2.26 -44.28 -37.06
CA HIS D 483 2.10 -45.67 -37.50
C HIS D 483 3.37 -46.48 -37.27
N GLY D 484 3.29 -47.77 -37.56
CA GLY D 484 4.38 -48.70 -37.29
C GLY D 484 5.55 -48.60 -38.24
N GLY D 485 5.30 -48.09 -39.45
CA GLY D 485 6.31 -48.01 -40.51
C GLY D 485 7.45 -47.06 -40.22
N THR D 486 8.64 -47.43 -40.69
CA THR D 486 9.84 -46.60 -40.49
C THR D 486 10.26 -45.89 -41.79
N GLU D 487 10.60 -44.62 -41.66
CA GLU D 487 11.02 -43.82 -42.80
C GLU D 487 12.51 -43.99 -43.03
N MET D 488 12.86 -44.59 -44.17
CA MET D 488 14.25 -44.72 -44.55
C MET D 488 14.55 -43.97 -45.86
N GLY D 489 13.56 -43.22 -46.33
CA GLY D 489 13.71 -42.42 -47.54
C GLY D 489 12.77 -42.81 -48.65
N GLN D 490 12.06 -43.93 -48.44
CA GLN D 490 11.12 -44.47 -49.42
C GLN D 490 9.86 -43.61 -49.56
N GLY D 491 9.81 -42.53 -48.79
CA GLY D 491 8.69 -41.60 -48.83
C GLY D 491 7.43 -42.16 -48.21
N LEU D 492 7.61 -43.06 -47.23
CA LEU D 492 6.49 -43.72 -46.57
C LEU D 492 5.60 -42.75 -45.78
N HIS D 493 6.22 -41.82 -45.05
CA HIS D 493 5.47 -40.86 -44.24
C HIS D 493 4.59 -39.92 -45.06
N ALA D 494 5.11 -39.44 -46.18
CA ALA D 494 4.32 -38.59 -47.08
C ALA D 494 3.08 -39.33 -47.54
N LYS D 495 3.28 -40.59 -47.95
CA LYS D 495 2.19 -41.44 -48.41
C LYS D 495 1.13 -41.66 -47.33
N MET D 496 1.57 -41.93 -46.10
CA MET D 496 0.65 -42.12 -44.98
C MET D 496 -0.12 -40.85 -44.68
N VAL D 497 0.56 -39.71 -44.77
CA VAL D 497 -0.09 -38.40 -44.63
C VAL D 497 -1.19 -38.25 -45.71
N GLN D 498 -0.81 -38.46 -46.98
CA GLN D 498 -1.73 -38.39 -48.13
C GLN D 498 -3.00 -39.24 -47.97
N VAL D 499 -2.85 -40.41 -47.38
CA VAL D 499 -4.00 -41.30 -47.12
C VAL D 499 -4.88 -40.72 -46.02
N ALA D 500 -4.26 -40.34 -44.91
CA ALA D 500 -4.97 -39.73 -43.78
C ALA D 500 -5.75 -38.49 -44.23
N ALA D 501 -5.08 -37.62 -44.98
CA ALA D 501 -5.68 -36.38 -45.48
C ALA D 501 -6.88 -36.66 -46.40
N ALA D 502 -6.76 -37.71 -47.21
CA ALA D 502 -7.85 -38.16 -48.07
C ALA D 502 -9.04 -38.66 -47.26
N VAL D 503 -8.78 -39.58 -46.32
CA VAL D 503 -9.85 -40.19 -45.53
C VAL D 503 -10.58 -39.22 -44.58
N LEU D 504 -9.93 -38.10 -44.25
CA LEU D 504 -10.55 -37.08 -43.40
C LEU D 504 -11.07 -35.89 -44.18
N GLY D 505 -10.70 -35.82 -45.46
CA GLY D 505 -11.12 -34.73 -46.35
C GLY D 505 -10.53 -33.37 -46.02
N ILE D 506 -9.26 -33.36 -45.62
CA ILE D 506 -8.57 -32.14 -45.21
C ILE D 506 -7.27 -31.94 -45.99
N ASP D 507 -6.76 -30.71 -46.02
CA ASP D 507 -5.47 -30.42 -46.64
C ASP D 507 -4.38 -31.15 -45.85
N PRO D 508 -3.49 -31.88 -46.56
CA PRO D 508 -2.33 -32.58 -45.98
C PRO D 508 -1.52 -31.78 -44.95
N VAL D 509 -1.47 -30.46 -45.10
CA VAL D 509 -0.77 -29.57 -44.17
C VAL D 509 -1.33 -29.68 -42.75
N GLN D 510 -2.59 -30.12 -42.65
CA GLN D 510 -3.22 -30.32 -41.35
C GLN D 510 -2.75 -31.59 -40.64
N VAL D 511 -2.15 -32.52 -41.39
CA VAL D 511 -1.65 -33.78 -40.84
C VAL D 511 -0.16 -33.71 -40.56
N ARG D 512 0.23 -34.03 -39.33
CA ARG D 512 1.63 -34.03 -38.89
C ARG D 512 2.08 -35.43 -38.49
N ILE D 513 3.13 -35.93 -39.13
CA ILE D 513 3.67 -37.26 -38.82
C ILE D 513 4.58 -37.25 -37.59
N THR D 514 4.36 -38.19 -36.68
CA THR D 514 5.24 -38.35 -35.52
C THR D 514 6.23 -39.50 -35.73
N ALA D 515 7.27 -39.53 -34.89
CA ALA D 515 8.30 -40.56 -34.95
C ALA D 515 7.74 -41.94 -34.57
N THR D 516 8.30 -42.98 -35.18
CA THR D 516 7.89 -44.34 -34.89
C THR D 516 8.25 -44.66 -33.45
N ASP D 517 7.23 -44.72 -32.59
CA ASP D 517 7.39 -45.01 -31.17
C ASP D 517 6.72 -46.33 -30.88
N THR D 518 7.40 -47.22 -30.16
CA THR D 518 6.85 -48.54 -29.82
C THR D 518 5.79 -48.50 -28.71
N SER D 519 5.78 -47.44 -27.91
CA SER D 519 4.75 -47.28 -26.89
C SER D 519 3.52 -46.55 -27.47
N LYS D 520 3.60 -46.16 -28.74
CA LYS D 520 2.44 -45.60 -29.44
C LYS D 520 1.76 -46.64 -30.32
N VAL D 521 2.55 -47.39 -31.09
CA VAL D 521 2.04 -48.53 -31.85
C VAL D 521 2.92 -49.77 -31.58
N PRO D 522 2.33 -50.82 -30.97
CA PRO D 522 3.11 -51.97 -30.49
C PRO D 522 3.18 -53.13 -31.47
N ASN D 523 4.05 -54.09 -31.16
CA ASN D 523 4.10 -55.39 -31.84
C ASN D 523 4.19 -55.31 -33.37
N THR D 524 4.90 -54.29 -33.85
CA THR D 524 5.02 -54.03 -35.28
C THR D 524 6.07 -54.92 -35.94
N SER D 525 5.87 -55.22 -37.22
CA SER D 525 6.86 -55.94 -38.01
C SER D 525 7.89 -54.97 -38.57
N ALA D 526 9.01 -55.50 -39.04
CA ALA D 526 10.02 -54.70 -39.72
C ALA D 526 9.41 -53.99 -40.93
N THR D 527 9.90 -52.79 -41.22
CA THR D 527 9.51 -52.12 -42.45
C THR D 527 10.33 -52.74 -43.58
N ALA D 528 9.73 -53.74 -44.21
CA ALA D 528 10.41 -54.58 -45.19
C ALA D 528 9.37 -55.28 -46.06
N ALA D 529 9.84 -56.07 -47.01
CA ALA D 529 8.98 -56.81 -47.94
C ALA D 529 8.09 -55.90 -48.80
N SER D 530 8.47 -54.61 -48.85
CA SER D 530 7.70 -53.56 -49.53
C SER D 530 6.28 -53.39 -48.97
N SER D 531 6.06 -53.96 -47.80
CA SER D 531 4.73 -54.02 -47.20
C SER D 531 4.39 -52.79 -46.36
N GLY D 532 5.33 -51.85 -46.27
CA GLY D 532 5.21 -50.66 -45.43
C GLY D 532 4.01 -49.78 -45.76
N ALA D 533 3.91 -49.40 -47.02
CA ALA D 533 2.83 -48.54 -47.50
C ALA D 533 1.50 -49.26 -47.60
N ASP D 534 1.53 -50.52 -48.01
CA ASP D 534 0.33 -51.34 -48.17
C ASP D 534 -0.42 -51.49 -46.86
N MET D 535 0.26 -52.05 -45.86
CA MET D 535 -0.35 -52.45 -44.58
C MET D 535 -0.63 -51.29 -43.63
N ASN D 536 0.36 -50.43 -43.45
CA ASN D 536 0.18 -49.25 -42.61
C ASN D 536 -0.80 -48.28 -43.25
N GLY D 537 -0.82 -48.24 -44.58
CA GLY D 537 -1.77 -47.42 -45.33
C GLY D 537 -3.19 -47.76 -44.93
N MET D 538 -3.48 -49.05 -44.93
CA MET D 538 -4.78 -49.58 -44.51
C MET D 538 -5.05 -49.32 -43.04
N ALA D 539 -4.06 -49.62 -42.18
CA ALA D 539 -4.18 -49.38 -40.74
C ALA D 539 -4.47 -47.92 -40.42
N VAL D 540 -3.81 -47.02 -41.14
CA VAL D 540 -4.04 -45.57 -41.02
C VAL D 540 -5.46 -45.21 -41.47
N LYS D 541 -5.85 -45.72 -42.64
CA LYS D 541 -7.21 -45.57 -43.16
C LYS D 541 -8.28 -46.05 -42.17
N ASP D 542 -7.99 -47.15 -41.47
CA ASP D 542 -8.88 -47.72 -40.46
C ASP D 542 -9.12 -46.77 -39.28
N ALA D 543 -8.07 -46.11 -38.81
CA ALA D 543 -8.17 -45.17 -37.69
C ALA D 543 -8.88 -43.87 -38.06
N CYS D 544 -8.76 -43.47 -39.34
CA CYS D 544 -9.31 -42.22 -39.84
C CYS D 544 -10.80 -42.32 -40.14
N GLU D 545 -11.20 -43.45 -40.73
CA GLU D 545 -12.60 -43.76 -40.97
C GLU D 545 -13.37 -43.89 -39.66
N THR D 546 -12.68 -44.39 -38.62
CA THR D 546 -13.23 -44.42 -37.26
C THR D 546 -13.53 -43.02 -36.76
N LEU D 547 -12.57 -42.12 -36.92
CA LEU D 547 -12.68 -40.74 -36.48
C LEU D 547 -13.68 -39.96 -37.34
N ARG D 548 -13.58 -40.11 -38.66
CA ARG D 548 -14.54 -39.53 -39.60
C ARG D 548 -15.96 -39.99 -39.27
N GLY D 549 -16.09 -41.26 -38.87
CA GLY D 549 -17.35 -41.85 -38.49
C GLY D 549 -17.93 -41.25 -37.22
N ARG D 550 -17.08 -41.08 -36.21
CA ARG D 550 -17.50 -40.50 -34.93
C ARG D 550 -18.00 -39.07 -35.10
N LEU D 551 -17.30 -38.31 -35.95
CA LEU D 551 -17.67 -36.93 -36.24
C LEU D 551 -18.98 -36.86 -36.99
N ALA D 552 -19.10 -37.67 -38.05
CA ALA D 552 -20.30 -37.70 -38.90
C ALA D 552 -21.54 -38.10 -38.12
N GLY D 553 -21.39 -39.06 -37.22
CA GLY D 553 -22.47 -39.45 -36.31
C GLY D 553 -22.93 -38.28 -35.44
N PHE D 554 -21.97 -37.53 -34.92
CA PHE D 554 -22.24 -36.34 -34.12
C PHE D 554 -23.02 -35.32 -34.93
N VAL D 555 -22.49 -34.97 -36.10
CA VAL D 555 -23.15 -34.03 -37.01
C VAL D 555 -24.57 -34.48 -37.32
N ALA D 556 -24.71 -35.75 -37.71
CA ALA D 556 -26.00 -36.32 -38.10
C ALA D 556 -27.05 -36.25 -36.99
N ALA D 557 -26.64 -36.57 -35.76
CA ALA D 557 -27.51 -36.45 -34.59
C ALA D 557 -27.88 -34.98 -34.36
N ARG D 558 -26.87 -34.12 -34.31
CA ARG D 558 -27.03 -32.68 -34.07
C ARG D 558 -27.94 -32.01 -35.11
N GLU D 559 -27.86 -32.48 -36.35
CA GLU D 559 -28.67 -31.94 -37.46
C GLU D 559 -29.76 -32.91 -37.91
N GLY D 560 -29.99 -33.95 -37.10
CA GLY D 560 -31.05 -34.95 -37.32
C GLY D 560 -31.14 -35.47 -38.75
N CYS D 561 -30.25 -36.40 -39.09
CA CYS D 561 -30.26 -37.06 -40.40
C CYS D 561 -29.39 -38.29 -40.36
N ALA D 562 -29.21 -38.92 -41.53
CA ALA D 562 -28.31 -40.06 -41.65
C ALA D 562 -26.85 -39.62 -41.58
N ALA D 563 -26.00 -40.45 -40.97
CA ALA D 563 -24.57 -40.14 -40.84
C ALA D 563 -23.85 -40.20 -42.18
N ARG D 564 -24.35 -41.07 -43.07
CA ARG D 564 -23.78 -41.25 -44.40
C ARG D 564 -24.12 -40.10 -45.35
N ASP D 565 -24.72 -39.03 -44.82
CA ASP D 565 -25.02 -37.83 -45.58
C ASP D 565 -24.07 -36.69 -45.24
N VAL D 566 -23.24 -36.91 -44.23
CA VAL D 566 -22.23 -35.93 -43.82
C VAL D 566 -20.99 -36.08 -44.71
N ILE D 567 -20.71 -35.04 -45.49
CA ILE D 567 -19.61 -35.09 -46.45
C ILE D 567 -18.39 -34.34 -45.92
N PHE D 568 -17.25 -35.04 -45.91
CA PHE D 568 -15.97 -34.45 -45.58
C PHE D 568 -15.15 -34.33 -46.87
N ASP D 569 -14.81 -33.10 -47.25
CA ASP D 569 -14.02 -32.84 -48.45
C ASP D 569 -13.50 -31.41 -48.47
N ALA D 570 -12.22 -31.26 -48.83
CA ALA D 570 -11.59 -29.95 -49.00
C ALA D 570 -11.75 -29.00 -47.80
N GLY D 571 -11.51 -29.53 -46.60
CA GLY D 571 -11.54 -28.74 -45.37
C GLY D 571 -12.92 -28.31 -44.91
N GLN D 572 -13.95 -28.91 -45.52
CA GLN D 572 -15.35 -28.55 -45.26
C GLN D 572 -16.15 -29.77 -44.82
N VAL D 573 -17.14 -29.53 -43.97
CA VAL D 573 -18.04 -30.59 -43.52
C VAL D 573 -19.45 -30.19 -43.95
N GLN D 574 -20.16 -31.09 -44.62
CA GLN D 574 -21.47 -30.76 -45.21
C GLN D 574 -22.61 -31.72 -44.86
N ALA D 575 -23.67 -31.16 -44.30
CA ALA D 575 -24.91 -31.89 -44.00
C ALA D 575 -26.10 -30.93 -43.86
N SER D 576 -27.27 -31.35 -44.34
CA SER D 576 -28.50 -30.54 -44.36
C SER D 576 -28.36 -29.23 -45.14
N GLY D 577 -27.63 -29.30 -46.26
CA GLY D 577 -27.36 -28.12 -47.08
C GLY D 577 -26.63 -27.02 -46.30
N LYS D 578 -25.88 -27.42 -45.27
CA LYS D 578 -25.15 -26.50 -44.40
C LYS D 578 -23.70 -26.93 -44.31
N SER D 579 -22.78 -25.98 -44.48
CA SER D 579 -21.36 -26.29 -44.41
C SER D 579 -20.66 -25.54 -43.30
N TRP D 580 -19.75 -26.24 -42.62
CA TRP D 580 -18.89 -25.66 -41.61
C TRP D 580 -17.46 -25.98 -42.00
N ARG D 581 -16.51 -25.42 -41.27
CA ARG D 581 -15.12 -25.86 -41.39
C ARG D 581 -14.85 -27.11 -40.55
N PHE D 582 -13.91 -27.93 -41.01
CA PHE D 582 -13.52 -29.15 -40.29
C PHE D 582 -13.16 -28.82 -38.85
N ALA D 583 -12.35 -27.78 -38.67
CA ALA D 583 -11.94 -27.32 -37.34
C ALA D 583 -13.14 -27.00 -36.46
N GLU D 584 -14.16 -26.39 -37.05
CA GLU D 584 -15.39 -26.05 -36.33
C GLU D 584 -16.11 -27.30 -35.85
N ILE D 585 -16.29 -28.26 -36.76
CA ILE D 585 -16.97 -29.49 -36.44
C ILE D 585 -16.24 -30.28 -35.32
N VAL D 586 -14.90 -30.25 -35.34
CA VAL D 586 -14.10 -30.94 -34.33
C VAL D 586 -14.24 -30.28 -32.95
N ALA D 587 -14.03 -28.97 -32.91
CA ALA D 587 -14.20 -28.19 -31.69
C ALA D 587 -15.62 -28.37 -31.14
N ALA D 588 -16.59 -28.44 -32.04
CA ALA D 588 -17.97 -28.73 -31.68
C ALA D 588 -18.07 -30.10 -30.99
N ALA D 589 -17.47 -31.11 -31.62
CA ALA D 589 -17.47 -32.47 -31.09
C ALA D 589 -16.73 -32.57 -29.75
N TYR D 590 -15.68 -31.76 -29.57
CA TYR D 590 -14.97 -31.70 -28.31
C TYR D 590 -15.93 -31.32 -27.19
N MET D 591 -16.68 -30.24 -27.41
CA MET D 591 -17.71 -29.76 -26.48
C MET D 591 -18.77 -30.81 -26.22
N ALA D 592 -19.18 -31.50 -27.29
CA ALA D 592 -20.13 -32.60 -27.22
C ALA D 592 -19.58 -33.84 -26.50
N ARG D 593 -18.30 -33.79 -26.13
CA ARG D 593 -17.58 -34.87 -25.43
C ARG D 593 -17.47 -36.19 -26.21
N ILE D 594 -16.86 -36.09 -27.39
CA ILE D 594 -16.61 -37.25 -28.27
C ILE D 594 -15.11 -37.45 -28.46
N SER D 595 -14.68 -38.71 -28.41
CA SER D 595 -13.26 -39.05 -28.51
C SER D 595 -12.66 -38.78 -29.90
N LEU D 596 -11.57 -38.02 -29.92
CA LEU D 596 -10.88 -37.67 -31.16
C LEU D 596 -9.53 -38.40 -31.30
N SER D 597 -9.46 -39.56 -30.67
CA SER D 597 -8.29 -40.42 -30.72
C SER D 597 -8.77 -41.81 -31.12
N ALA D 598 -7.99 -42.47 -31.97
CA ALA D 598 -8.37 -43.78 -32.49
C ALA D 598 -7.20 -44.55 -33.07
N THR D 599 -7.11 -45.82 -32.69
CA THR D 599 -6.11 -46.72 -33.23
C THR D 599 -6.64 -47.39 -34.49
N GLY D 600 -5.74 -47.93 -35.30
CA GLY D 600 -6.12 -48.65 -36.51
C GLY D 600 -5.25 -49.87 -36.70
N PHE D 601 -5.84 -50.94 -37.21
CA PHE D 601 -5.13 -52.20 -37.39
C PHE D 601 -5.47 -52.85 -38.71
N TYR D 602 -4.51 -53.56 -39.27
CA TYR D 602 -4.71 -54.29 -40.52
C TYR D 602 -3.95 -55.60 -40.49
N ALA D 603 -4.52 -56.62 -41.14
CA ALA D 603 -3.86 -57.89 -41.37
C ALA D 603 -4.22 -58.39 -42.77
N THR D 604 -3.21 -58.76 -43.55
CA THR D 604 -3.42 -59.14 -44.94
C THR D 604 -4.11 -60.50 -45.05
N PRO D 605 -5.28 -60.55 -45.72
CA PRO D 605 -6.01 -61.80 -45.90
C PRO D 605 -5.49 -62.62 -47.08
N LYS D 606 -6.05 -63.83 -47.24
CA LYS D 606 -5.80 -64.73 -48.38
C LYS D 606 -4.47 -65.46 -48.34
N LEU D 607 -3.67 -65.23 -47.30
CA LEU D 607 -2.33 -65.81 -47.25
C LEU D 607 -2.28 -67.08 -46.43
N SER D 608 -1.85 -68.17 -47.07
CA SER D 608 -1.71 -69.48 -46.41
C SER D 608 -0.81 -70.36 -47.27
N TRP D 609 0.39 -70.65 -46.77
CA TRP D 609 1.32 -71.49 -47.54
C TRP D 609 2.23 -72.34 -46.68
N ASP D 610 2.50 -73.55 -47.16
CA ASP D 610 3.38 -74.50 -46.48
C ASP D 610 4.79 -74.33 -47.01
N ARG D 611 5.71 -74.04 -46.09
CA ARG D 611 7.09 -73.72 -46.43
C ARG D 611 7.87 -74.95 -46.90
N LEU D 612 7.74 -76.03 -46.15
CA LEU D 612 8.50 -77.25 -46.42
C LEU D 612 7.95 -78.02 -47.62
N ARG D 613 6.63 -78.03 -47.78
CA ARG D 613 6.03 -78.72 -48.91
C ARG D 613 6.07 -77.85 -50.16
N GLY D 614 6.42 -76.58 -50.00
CA GLY D 614 6.53 -75.63 -51.11
C GLY D 614 5.22 -75.39 -51.83
N GLN D 615 4.12 -75.35 -51.07
CA GLN D 615 2.77 -75.20 -51.62
C GLN D 615 2.02 -74.09 -50.87
N GLY D 616 1.05 -73.49 -51.54
CA GLY D 616 0.14 -72.52 -50.92
C GLY D 616 0.04 -71.18 -51.64
N ARG D 617 -0.37 -70.17 -50.88
CA ARG D 617 -0.43 -68.79 -51.36
C ARG D 617 0.33 -67.88 -50.39
N PRO D 618 1.61 -67.60 -50.68
CA PRO D 618 2.37 -66.71 -49.82
C PRO D 618 2.16 -65.23 -50.11
N PHE D 619 1.73 -64.90 -51.32
CA PHE D 619 1.62 -63.49 -51.74
C PHE D 619 0.20 -63.03 -52.06
N LEU D 620 -0.12 -61.79 -51.69
CA LEU D 620 -1.41 -61.19 -52.02
C LEU D 620 -1.51 -60.92 -53.51
N TYR D 621 -0.46 -60.34 -54.08
CA TYR D 621 -0.40 -60.03 -55.50
C TYR D 621 1.02 -60.04 -56.02
N PHE D 622 1.17 -59.77 -57.31
CA PHE D 622 2.48 -59.66 -57.93
C PHE D 622 2.68 -58.30 -58.57
N ALA D 623 3.83 -57.69 -58.31
CA ALA D 623 4.24 -56.47 -58.99
C ALA D 623 4.96 -56.83 -60.28
N TYR D 624 4.70 -56.06 -61.34
CA TYR D 624 5.28 -56.30 -62.66
C TYR D 624 6.01 -55.08 -63.21
N GLY D 625 6.87 -55.32 -64.20
CA GLY D 625 7.66 -54.25 -64.82
C GLY D 625 8.61 -54.78 -65.87
N ALA D 626 9.24 -53.88 -66.61
CA ALA D 626 10.18 -54.24 -67.66
C ALA D 626 11.18 -53.12 -67.95
N ALA D 627 12.38 -53.51 -68.36
CA ALA D 627 13.44 -52.56 -68.71
C ALA D 627 14.21 -52.97 -69.96
N ILE D 628 14.48 -51.99 -70.83
CA ILE D 628 15.37 -52.18 -71.96
C ILE D 628 16.61 -51.32 -71.72
N THR D 629 17.76 -51.98 -71.60
CA THR D 629 19.01 -51.29 -71.33
C THR D 629 19.97 -51.45 -72.50
N GLU D 630 20.59 -50.33 -72.90
CA GLU D 630 21.62 -50.32 -73.93
C GLU D 630 22.98 -50.00 -73.31
N VAL D 631 24.00 -50.78 -73.68
CA VAL D 631 25.36 -50.59 -73.16
C VAL D 631 26.44 -50.58 -74.24
N VAL D 632 27.60 -50.04 -73.90
CA VAL D 632 28.81 -50.13 -74.72
C VAL D 632 29.95 -50.68 -73.91
N ILE D 633 30.64 -51.68 -74.46
CA ILE D 633 31.79 -52.29 -73.80
C ILE D 633 33.08 -52.05 -74.59
N ASP D 634 34.20 -52.05 -73.90
CA ASP D 634 35.50 -51.93 -74.53
C ASP D 634 36.03 -53.32 -74.79
N ARG D 635 36.39 -53.59 -76.05
CA ARG D 635 36.90 -54.90 -76.44
C ARG D 635 38.35 -55.13 -76.05
N LEU D 636 38.99 -54.11 -75.48
CA LEU D 636 40.39 -54.23 -75.10
C LEU D 636 40.60 -54.33 -73.60
N THR D 637 39.80 -53.61 -72.83
CA THR D 637 40.00 -53.55 -71.37
C THR D 637 38.81 -54.09 -70.59
N GLY D 638 37.63 -54.05 -71.20
CA GLY D 638 36.40 -54.50 -70.56
C GLY D 638 35.58 -53.37 -70.00
N GLU D 639 36.11 -52.15 -70.08
CA GLU D 639 35.43 -50.95 -69.60
C GLU D 639 34.08 -50.77 -70.29
N ASN D 640 33.09 -50.25 -69.54
CA ASN D 640 31.72 -50.19 -70.05
C ASN D 640 30.85 -49.06 -69.48
N ARG D 641 29.80 -48.71 -70.22
CA ARG D 641 28.85 -47.70 -69.80
C ARG D 641 27.42 -48.03 -70.23
N ILE D 642 26.46 -47.75 -69.34
CA ILE D 642 25.03 -47.81 -69.69
C ILE D 642 24.65 -46.54 -70.45
N LEU D 643 24.29 -46.70 -71.72
CA LEU D 643 23.95 -45.58 -72.58
C LEU D 643 22.50 -45.11 -72.40
N ARG D 644 21.57 -46.07 -72.37
CA ARG D 644 20.15 -45.75 -72.28
C ARG D 644 19.36 -46.85 -71.58
N THR D 645 18.36 -46.45 -70.81
CA THR D 645 17.43 -47.37 -70.17
C THR D 645 15.98 -46.88 -70.36
N ASP D 646 15.09 -47.84 -70.59
CA ASP D 646 13.67 -47.56 -70.72
C ASP D 646 12.88 -48.49 -69.82
N ILE D 647 12.07 -47.92 -68.94
CA ILE D 647 11.31 -48.68 -67.95
C ILE D 647 9.81 -48.41 -68.01
N LEU D 648 9.04 -49.50 -68.01
CA LEU D 648 7.61 -49.43 -67.76
C LEU D 648 7.29 -50.34 -66.58
N HIS D 649 7.12 -49.74 -65.41
CA HIS D 649 6.87 -50.51 -64.20
C HIS D 649 5.45 -50.31 -63.68
N ASP D 650 4.89 -51.38 -63.12
CA ASP D 650 3.53 -51.41 -62.61
C ASP D 650 3.51 -51.11 -61.11
N ALA D 651 2.89 -49.98 -60.76
CA ALA D 651 2.75 -49.58 -59.38
C ALA D 651 1.27 -49.59 -58.97
N GLY D 652 0.44 -50.26 -59.77
CA GLY D 652 -0.99 -50.30 -59.58
C GLY D 652 -1.58 -48.93 -59.77
N ALA D 653 -2.53 -48.58 -58.89
CA ALA D 653 -3.02 -47.21 -58.79
C ALA D 653 -2.14 -46.51 -57.77
N SER D 654 -1.13 -45.80 -58.28
CA SER D 654 -0.12 -45.15 -57.45
C SER D 654 -0.70 -44.27 -56.35
N LEU D 655 -0.12 -44.36 -55.16
CA LEU D 655 -0.43 -43.46 -54.04
C LEU D 655 0.20 -42.08 -54.23
N ASN D 656 1.38 -42.07 -54.89
CA ASN D 656 2.12 -40.84 -55.16
C ASN D 656 3.09 -41.11 -56.31
N PRO D 657 2.74 -40.65 -57.53
CA PRO D 657 3.47 -41.00 -58.75
C PRO D 657 4.93 -40.54 -58.73
N ALA D 658 5.17 -39.35 -58.18
CA ALA D 658 6.51 -38.77 -58.07
C ALA D 658 7.46 -39.70 -57.32
N LEU D 659 7.08 -40.07 -56.10
CA LEU D 659 7.91 -40.91 -55.24
C LEU D 659 8.14 -42.29 -55.83
N ASP D 660 7.14 -42.79 -56.56
CA ASP D 660 7.20 -44.10 -57.19
C ASP D 660 8.26 -44.16 -58.30
N ILE D 661 8.24 -43.15 -59.16
CA ILE D 661 9.28 -42.99 -60.19
C ILE D 661 10.66 -42.86 -59.54
N GLY D 662 10.72 -42.13 -58.43
CA GLY D 662 11.97 -41.99 -57.67
C GLY D 662 12.51 -43.33 -57.21
N GLN D 663 11.62 -44.16 -56.67
CA GLN D 663 11.95 -45.52 -56.23
C GLN D 663 12.42 -46.39 -57.42
N ILE D 664 11.67 -46.33 -58.52
CA ILE D 664 12.00 -47.09 -59.73
C ILE D 664 13.36 -46.65 -60.29
N GLU D 665 13.59 -45.34 -60.34
CA GLU D 665 14.89 -44.82 -60.77
C GLU D 665 15.99 -45.35 -59.87
N GLY D 666 15.92 -45.01 -58.59
CA GLY D 666 16.91 -45.40 -57.60
C GLY D 666 17.21 -46.90 -57.60
N ALA D 667 16.15 -47.71 -57.46
CA ALA D 667 16.29 -49.17 -57.40
C ALA D 667 16.98 -49.73 -58.64
N TYR D 668 16.65 -49.19 -59.81
CA TYR D 668 17.30 -49.62 -61.05
C TYR D 668 18.80 -49.43 -60.95
N VAL D 669 19.22 -48.22 -60.57
CA VAL D 669 20.62 -47.85 -60.42
C VAL D 669 21.35 -48.78 -59.46
N GLN D 670 20.68 -49.11 -58.36
CA GLN D 670 21.22 -50.03 -57.35
C GLN D 670 21.25 -51.46 -57.88
N GLY D 671 20.24 -51.82 -58.68
CA GLY D 671 20.16 -53.16 -59.27
C GLY D 671 21.24 -53.38 -60.30
N ALA D 672 21.44 -52.38 -61.17
CA ALA D 672 22.48 -52.42 -62.18
C ALA D 672 23.86 -52.38 -61.52
N GLY D 673 24.00 -51.52 -60.51
CA GLY D 673 25.25 -51.39 -59.75
C GLY D 673 25.70 -52.70 -59.12
N TRP D 674 24.73 -53.51 -58.71
CA TRP D 674 24.95 -54.83 -58.12
C TRP D 674 25.56 -55.83 -59.10
N LEU D 675 25.24 -55.68 -60.39
CA LEU D 675 25.72 -56.60 -61.40
C LEU D 675 26.77 -55.99 -62.31
N THR D 676 27.29 -54.82 -61.93
CA THR D 676 28.39 -54.19 -62.68
C THR D 676 29.64 -53.95 -61.82
N THR D 677 29.67 -52.85 -61.08
CA THR D 677 30.91 -52.37 -60.46
C THR D 677 31.09 -52.76 -58.98
N GLU D 678 30.00 -53.15 -58.33
CA GLU D 678 30.05 -53.52 -56.92
C GLU D 678 30.54 -54.96 -56.76
N GLU D 679 31.69 -55.12 -56.11
CA GLU D 679 32.31 -56.44 -55.94
C GLU D 679 32.94 -56.59 -54.55
N LEU D 680 32.57 -57.67 -53.87
CA LEU D 680 33.07 -57.98 -52.54
C LEU D 680 34.21 -59.01 -52.57
N VAL D 681 35.35 -58.66 -51.97
CA VAL D 681 36.56 -59.49 -51.99
C VAL D 681 37.06 -59.82 -50.58
N TRP D 682 37.14 -61.12 -50.28
CA TRP D 682 37.80 -61.61 -49.06
C TRP D 682 39.14 -62.21 -49.46
N ASP D 683 40.15 -62.05 -48.60
CA ASP D 683 41.44 -62.69 -48.84
C ASP D 683 41.47 -64.15 -48.37
N HIS D 684 42.66 -64.75 -48.31
CA HIS D 684 42.84 -66.12 -47.87
C HIS D 684 42.48 -66.32 -46.39
N CYS D 685 42.57 -65.25 -45.62
CA CYS D 685 42.27 -65.26 -44.18
C CYS D 685 40.80 -65.12 -43.88
N GLY D 686 40.00 -64.78 -44.89
CA GLY D 686 38.59 -64.46 -44.69
C GLY D 686 38.42 -63.06 -44.12
N ARG D 687 39.39 -62.20 -44.43
CA ARG D 687 39.31 -60.78 -44.11
C ARG D 687 38.78 -60.05 -45.32
N LEU D 688 37.81 -59.18 -45.08
CA LEU D 688 37.20 -58.39 -46.15
C LEU D 688 38.17 -57.32 -46.63
N MET D 689 38.50 -57.39 -47.92
CA MET D 689 39.41 -56.42 -48.53
C MET D 689 38.66 -55.17 -48.92
N THR D 690 37.41 -55.33 -49.34
CA THR D 690 36.56 -54.24 -49.79
C THR D 690 35.71 -53.75 -48.61
N HIS D 691 36.29 -52.90 -47.77
CA HIS D 691 35.62 -52.44 -46.55
C HIS D 691 35.53 -50.91 -46.42
N ALA D 692 35.67 -50.23 -47.55
CA ALA D 692 35.63 -48.76 -47.61
C ALA D 692 35.09 -48.31 -48.97
N PRO D 693 34.62 -47.05 -49.07
CA PRO D 693 34.15 -46.53 -50.36
C PRO D 693 35.25 -46.48 -51.42
N SER D 694 36.51 -46.41 -50.99
CA SER D 694 37.66 -46.40 -51.92
C SER D 694 37.87 -47.75 -52.59
N THR D 695 37.37 -48.82 -51.97
CA THR D 695 37.57 -50.18 -52.45
C THR D 695 36.28 -50.87 -52.89
N TYR D 696 35.14 -50.38 -52.40
CA TYR D 696 33.83 -50.85 -52.82
C TYR D 696 33.15 -49.78 -53.68
N LYS D 697 32.77 -50.13 -54.91
CA LYS D 697 32.41 -49.14 -55.91
C LYS D 697 30.91 -49.10 -56.31
N ILE D 698 30.13 -48.35 -55.53
CA ILE D 698 28.72 -48.10 -55.84
C ILE D 698 28.58 -47.09 -56.99
N PRO D 699 27.41 -47.03 -57.65
CA PRO D 699 27.26 -46.13 -58.79
C PRO D 699 27.46 -44.65 -58.45
N ALA D 700 28.38 -44.01 -59.17
CA ALA D 700 28.66 -42.59 -59.03
C ALA D 700 27.78 -41.79 -59.98
N PHE D 701 27.66 -40.49 -59.73
CA PHE D 701 26.76 -39.63 -60.50
C PHE D 701 26.70 -40.01 -61.98
N SER D 702 27.83 -39.94 -62.67
CA SER D 702 27.88 -40.11 -64.12
C SER D 702 27.60 -41.53 -64.61
N ASP D 703 27.53 -42.49 -63.69
CA ASP D 703 27.21 -43.88 -64.03
C ASP D 703 25.75 -44.07 -64.42
N ARG D 704 24.92 -43.05 -64.16
CA ARG D 704 23.49 -43.07 -64.48
C ARG D 704 23.25 -43.25 -65.99
N PRO D 705 22.19 -43.97 -66.37
CA PRO D 705 21.87 -44.08 -67.80
C PRO D 705 21.81 -42.69 -68.42
N ARG D 706 22.52 -42.50 -69.55
CA ARG D 706 22.57 -41.20 -70.20
C ARG D 706 21.17 -40.75 -70.60
N ILE D 707 20.42 -41.66 -71.22
CA ILE D 707 19.00 -41.45 -71.47
C ILE D 707 18.25 -42.37 -70.51
N PHE D 708 17.57 -41.76 -69.54
CA PHE D 708 16.87 -42.48 -68.48
C PHE D 708 15.38 -42.22 -68.64
N ASN D 709 14.66 -43.21 -69.17
CA ASN D 709 13.21 -43.12 -69.31
C ASN D 709 12.49 -44.09 -68.39
N VAL D 710 11.75 -43.56 -67.43
CA VAL D 710 10.95 -44.35 -66.52
C VAL D 710 9.48 -43.94 -66.65
N ALA D 711 8.62 -44.91 -66.95
CA ALA D 711 7.21 -44.64 -67.12
C ALA D 711 6.36 -45.63 -66.33
N LEU D 712 5.27 -45.13 -65.75
CA LEU D 712 4.40 -45.93 -64.89
C LEU D 712 3.28 -46.60 -65.67
N TRP D 713 3.11 -47.90 -65.42
CA TRP D 713 1.96 -48.66 -65.90
C TRP D 713 0.81 -48.39 -64.93
N ASP D 714 -0.14 -47.57 -65.37
CA ASP D 714 -1.18 -47.03 -64.49
C ASP D 714 -2.48 -47.81 -64.60
N GLN D 715 -2.63 -48.82 -63.74
CA GLN D 715 -3.77 -49.73 -63.81
C GLN D 715 -4.06 -50.24 -62.41
N PRO D 716 -5.28 -49.96 -61.87
CA PRO D 716 -5.64 -50.34 -60.50
C PRO D 716 -5.37 -51.80 -60.20
N ASN D 717 -5.02 -52.09 -58.94
CA ASN D 717 -4.78 -53.47 -58.50
C ASN D 717 -6.07 -54.26 -58.35
N ARG D 718 -6.04 -55.52 -58.79
CA ARG D 718 -7.19 -56.43 -58.63
C ARG D 718 -7.49 -56.71 -57.16
N GLU D 719 -6.44 -56.79 -56.34
CA GLU D 719 -6.58 -57.00 -54.91
C GLU D 719 -6.95 -55.69 -54.20
N GLU D 720 -7.69 -55.80 -53.09
CA GLU D 720 -8.17 -54.62 -52.38
C GLU D 720 -7.09 -54.05 -51.48
N THR D 721 -6.11 -53.41 -52.11
CA THR D 721 -5.01 -52.77 -51.41
C THR D 721 -5.35 -51.30 -51.23
N ILE D 722 -4.73 -50.66 -50.25
CA ILE D 722 -4.91 -49.23 -50.02
C ILE D 722 -4.94 -48.45 -51.35
N PHE D 723 -6.12 -47.94 -51.67
CA PHE D 723 -6.39 -47.22 -52.94
C PHE D 723 -5.86 -47.93 -54.19
N ARG D 724 -6.08 -49.25 -54.24
CA ARG D 724 -5.73 -50.08 -55.39
C ARG D 724 -4.29 -49.92 -55.86
N SER D 725 -3.41 -49.61 -54.93
CA SER D 725 -1.99 -49.41 -55.21
C SER D 725 -1.22 -50.72 -55.25
N LYS D 726 0.02 -50.65 -55.70
CA LYS D 726 0.96 -51.77 -55.59
C LYS D 726 2.19 -51.30 -54.83
N ALA D 727 2.89 -52.26 -54.22
CA ALA D 727 4.18 -51.99 -53.61
C ALA D 727 5.21 -51.68 -54.69
N VAL D 728 6.12 -50.78 -54.39
CA VAL D 728 7.13 -50.34 -55.35
C VAL D 728 8.54 -50.31 -54.74
N GLY D 729 8.66 -50.80 -53.51
CA GLY D 729 9.92 -50.74 -52.75
C GLY D 729 11.04 -51.61 -53.30
N GLU D 730 10.71 -52.87 -53.61
CA GLU D 730 11.71 -53.86 -54.04
C GLU D 730 11.60 -54.34 -55.48
N PRO D 731 10.38 -54.40 -56.04
CA PRO D 731 10.23 -54.93 -57.40
C PRO D 731 11.11 -54.27 -58.49
N PRO D 732 11.33 -52.94 -58.42
CA PRO D 732 12.15 -52.31 -59.46
C PRO D 732 13.65 -52.60 -59.38
N PHE D 733 14.12 -53.09 -58.22
CA PHE D 733 15.53 -53.51 -58.09
C PHE D 733 15.87 -54.58 -59.13
N LEU D 734 14.88 -55.42 -59.46
CA LEU D 734 15.07 -56.51 -60.41
C LEU D 734 15.14 -56.02 -61.86
N LEU D 735 14.84 -54.74 -62.08
CA LEU D 735 14.96 -54.13 -63.40
C LEU D 735 16.41 -53.99 -63.83
N GLY D 736 17.31 -53.94 -62.85
CA GLY D 736 18.75 -53.85 -63.09
C GLY D 736 19.33 -55.05 -63.82
N ILE D 737 18.55 -56.13 -63.87
CA ILE D 737 18.97 -57.35 -64.55
C ILE D 737 19.18 -57.14 -66.05
N SER D 738 18.41 -56.23 -66.66
CA SER D 738 18.56 -55.94 -68.09
C SER D 738 19.92 -55.31 -68.40
N ALA D 739 20.55 -54.71 -67.39
CA ALA D 739 21.87 -54.13 -67.57
C ALA D 739 22.94 -55.21 -67.73
N PHE D 740 22.76 -56.31 -66.99
CA PHE D 740 23.63 -57.47 -67.06
C PHE D 740 23.40 -58.26 -68.36
N LEU D 741 22.15 -58.28 -68.82
CA LEU D 741 21.77 -58.99 -70.03
C LEU D 741 22.20 -58.24 -71.28
N ALA D 742 22.27 -56.92 -71.17
CA ALA D 742 22.79 -56.07 -72.23
C ALA D 742 24.30 -56.23 -72.33
N LEU D 743 24.96 -56.25 -71.17
CA LEU D 743 26.39 -56.51 -71.09
C LEU D 743 26.76 -57.88 -71.69
N HIS D 744 25.93 -58.89 -71.42
CA HIS D 744 26.10 -60.22 -71.99
C HIS D 744 25.93 -60.20 -73.51
N ASP D 745 24.90 -59.50 -73.98
CA ASP D 745 24.60 -59.37 -75.40
C ASP D 745 25.74 -58.67 -76.14
N ALA D 746 26.35 -57.69 -75.48
CA ALA D 746 27.50 -56.98 -76.02
C ALA D 746 28.64 -57.93 -76.35
N CYS D 747 28.84 -58.93 -75.49
CA CYS D 747 29.88 -59.95 -75.70
C CYS D 747 29.51 -60.88 -76.85
N ALA D 748 28.21 -61.17 -76.98
CA ALA D 748 27.70 -62.06 -78.01
C ALA D 748 27.95 -61.51 -79.41
N ALA D 749 28.41 -60.27 -79.48
CA ALA D 749 28.65 -59.60 -80.75
C ALA D 749 30.11 -59.72 -81.18
N CYS D 750 30.94 -60.29 -80.31
CA CYS D 750 32.38 -60.37 -80.56
C CYS D 750 32.83 -61.71 -81.12
N GLY D 751 32.08 -62.76 -80.81
CA GLY D 751 32.41 -64.10 -81.28
C GLY D 751 31.25 -65.08 -81.23
N PRO D 752 31.41 -66.24 -81.88
CA PRO D 752 30.33 -67.22 -81.97
C PRO D 752 30.10 -67.97 -80.66
N HIS D 753 31.11 -67.95 -79.79
CA HIS D 753 31.08 -68.74 -78.56
C HIS D 753 30.24 -68.11 -77.45
N TRP D 754 29.76 -68.97 -76.56
CA TRP D 754 29.03 -68.55 -75.37
C TRP D 754 30.01 -67.81 -74.47
N PRO D 755 29.70 -66.55 -74.13
CA PRO D 755 30.61 -65.70 -73.34
C PRO D 755 30.71 -66.13 -71.88
N ASP D 756 29.61 -66.65 -71.34
CA ASP D 756 29.52 -67.07 -69.94
C ASP D 756 29.95 -65.96 -68.96
N LEU D 757 29.27 -64.83 -69.03
CA LEU D 757 29.55 -63.68 -68.18
C LEU D 757 29.09 -63.93 -66.75
N GLN D 758 29.99 -63.67 -65.81
CA GLN D 758 29.70 -63.87 -64.39
C GLN D 758 29.22 -62.57 -63.72
N ALA D 759 28.64 -62.71 -62.54
CA ALA D 759 28.21 -61.55 -61.76
C ALA D 759 29.11 -61.41 -60.54
N PRO D 760 29.49 -60.16 -60.21
CA PRO D 760 29.21 -58.93 -60.95
C PRO D 760 30.09 -58.79 -62.20
N ALA D 761 29.54 -58.17 -63.23
CA ALA D 761 30.25 -57.94 -64.48
C ALA D 761 31.16 -56.71 -64.40
N THR D 762 32.16 -56.78 -63.53
CA THR D 762 33.20 -55.76 -63.45
C THR D 762 33.95 -55.74 -64.78
N PRO D 763 34.58 -54.60 -65.15
CA PRO D 763 35.32 -54.50 -66.40
C PRO D 763 36.18 -55.74 -66.72
N GLU D 764 36.88 -56.25 -65.71
CA GLU D 764 37.63 -57.51 -65.83
C GLU D 764 36.76 -58.70 -66.24
N ALA D 765 35.62 -58.87 -65.56
CA ALA D 765 34.66 -59.94 -65.88
C ALA D 765 34.08 -59.79 -67.29
N VAL D 766 33.87 -58.56 -67.73
CA VAL D 766 33.41 -58.27 -69.09
C VAL D 766 34.47 -58.68 -70.11
N LEU D 767 35.73 -58.32 -69.85
CA LEU D 767 36.84 -58.73 -70.72
C LEU D 767 36.99 -60.25 -70.75
N ALA D 768 36.81 -60.88 -69.59
CA ALA D 768 36.87 -62.33 -69.47
C ALA D 768 35.85 -63.02 -70.37
N ALA D 769 34.64 -62.46 -70.44
CA ALA D 769 33.57 -62.99 -71.28
C ALA D 769 33.83 -62.73 -72.76
N VAL D 770 34.24 -61.51 -73.09
CA VAL D 770 34.62 -61.14 -74.46
C VAL D 770 35.59 -62.17 -75.05
N ARG D 771 36.64 -62.46 -74.29
CA ARG D 771 37.68 -63.40 -74.73
C ARG D 771 37.13 -64.81 -74.97
N ARG D 772 36.20 -65.24 -74.12
CA ARG D 772 35.53 -66.53 -74.29
C ARG D 772 34.74 -66.58 -75.60
N ALA D 773 33.95 -65.53 -75.83
CA ALA D 773 33.16 -65.39 -77.05
C ALA D 773 34.07 -65.36 -78.27
N GLU D 774 35.19 -64.64 -78.16
CA GLU D 774 36.17 -64.53 -79.24
C GLU D 774 37.01 -65.81 -79.42
N GLY D 775 37.01 -66.66 -78.39
CA GLY D 775 37.77 -67.90 -78.44
C GLY D 775 39.22 -67.78 -78.03
N ARG D 776 39.55 -66.68 -77.33
CA ARG D 776 40.89 -66.47 -76.80
C ARG D 776 40.98 -66.94 -75.34
N ALA D 777 41.75 -68.00 -75.11
CA ALA D 777 41.97 -68.57 -73.77
C ALA D 777 40.72 -68.52 -72.87
N MET E 1 -37.76 39.67 54.27
CA MET E 1 -37.96 38.19 54.29
C MET E 1 -36.69 37.45 53.88
N GLU E 2 -36.54 36.24 54.40
CA GLU E 2 -35.40 35.39 54.09
C GLU E 2 -35.78 33.92 54.21
N ILE E 3 -35.41 33.12 53.21
CA ILE E 3 -35.63 31.67 53.23
C ILE E 3 -34.31 30.91 53.11
N ALA E 4 -34.38 29.63 53.47
CA ALA E 4 -33.23 28.72 53.33
C ALA E 4 -33.64 27.46 52.58
N PHE E 5 -32.73 26.98 51.74
CA PHE E 5 -32.95 25.77 50.95
C PHE E 5 -31.60 25.12 50.64
N LEU E 6 -31.63 23.84 50.28
CA LEU E 6 -30.42 23.11 49.94
C LEU E 6 -30.25 23.03 48.42
N LEU E 7 -29.36 23.85 47.89
CA LEU E 7 -29.06 23.87 46.46
C LEU E 7 -27.90 22.94 46.15
N ASN E 8 -28.18 21.88 45.40
CA ASN E 8 -27.18 20.90 44.98
C ASN E 8 -26.35 20.32 46.12
N GLY E 9 -27.01 20.03 47.23
CA GLY E 9 -26.35 19.46 48.41
C GLY E 9 -25.71 20.45 49.37
N GLU E 10 -25.84 21.74 49.07
CA GLU E 10 -25.28 22.79 49.93
C GLU E 10 -26.36 23.73 50.44
N THR E 11 -26.27 24.04 51.74
CA THR E 11 -27.23 24.94 52.39
C THR E 11 -27.12 26.37 51.85
N ARG E 12 -28.26 27.03 51.72
CA ARG E 12 -28.33 28.32 51.04
C ARG E 12 -29.42 29.20 51.64
N ARG E 13 -29.05 30.42 52.00
CA ARG E 13 -29.97 31.43 52.52
C ARG E 13 -30.07 32.60 51.55
N VAL E 14 -31.29 32.96 51.18
CA VAL E 14 -31.51 34.10 50.26
C VAL E 14 -32.53 35.07 50.82
N ARG E 15 -32.16 36.35 50.83
CA ARG E 15 -33.06 37.41 51.30
C ARG E 15 -34.02 37.79 50.18
N ILE E 16 -35.31 37.63 50.43
CA ILE E 16 -36.35 37.85 49.42
C ILE E 16 -36.83 39.31 49.39
N GLU E 17 -36.60 39.96 48.25
CA GLU E 17 -37.11 41.31 48.00
C GLU E 17 -38.15 41.28 46.88
N ASP E 18 -38.02 40.31 45.99
CA ASP E 18 -38.96 40.12 44.88
C ASP E 18 -39.63 38.74 44.96
N PRO E 19 -40.80 38.67 45.62
CA PRO E 19 -41.49 37.40 45.87
C PRO E 19 -42.04 36.74 44.62
N THR E 20 -42.14 37.52 43.53
CA THR E 20 -42.73 37.05 42.29
C THR E 20 -41.70 36.50 41.30
N GLN E 21 -40.42 36.76 41.59
CA GLN E 21 -39.33 36.30 40.73
C GLN E 21 -39.33 34.77 40.65
N SER E 22 -39.05 34.24 39.47
CA SER E 22 -39.09 32.80 39.25
C SER E 22 -37.75 32.12 39.54
N LEU E 23 -37.81 30.84 39.91
CA LEU E 23 -36.62 30.04 40.17
C LEU E 23 -35.65 30.02 38.99
N LEU E 24 -36.20 29.87 37.78
CA LEU E 24 -35.41 29.85 36.55
C LEU E 24 -34.63 31.16 36.38
N GLU E 25 -35.31 32.29 36.60
CA GLU E 25 -34.67 33.61 36.59
C GLU E 25 -33.53 33.67 37.60
N TRP E 26 -33.79 33.12 38.79
CA TRP E 26 -32.85 33.17 39.90
C TRP E 26 -31.58 32.32 39.68
N LEU E 27 -31.76 31.08 39.25
CA LEU E 27 -30.63 30.17 39.03
C LEU E 27 -29.66 30.70 37.97
N ARG E 28 -30.24 31.22 36.88
CA ARG E 28 -29.45 31.75 35.78
C ARG E 28 -28.79 33.06 36.15
N ALA E 29 -29.47 33.84 37.01
CA ALA E 29 -28.89 35.05 37.60
C ALA E 29 -27.70 34.70 38.48
N GLU E 30 -27.79 33.57 39.18
CA GLU E 30 -26.68 33.07 39.98
C GLU E 30 -25.47 32.73 39.11
N GLY E 31 -25.72 32.03 38.00
CA GLY E 31 -24.66 31.59 37.10
C GLY E 31 -24.77 30.11 36.79
N LEU E 32 -25.79 29.47 37.39
CA LEU E 32 -26.06 28.06 37.14
C LEU E 32 -26.79 27.91 35.81
N THR E 33 -26.06 28.20 34.74
CA THR E 33 -26.61 28.38 33.40
C THR E 33 -27.05 27.08 32.70
N GLY E 34 -27.05 25.98 33.44
CA GLY E 34 -27.48 24.68 32.91
C GLY E 34 -28.98 24.54 32.78
N THR E 35 -29.73 25.30 33.56
CA THR E 35 -31.19 25.25 33.52
C THR E 35 -31.68 26.19 32.41
N LYS E 36 -32.31 25.61 31.39
CA LYS E 36 -32.65 26.35 30.16
C LYS E 36 -34.00 27.07 30.18
N GLU E 37 -34.15 28.06 29.31
CA GLU E 37 -35.45 28.65 29.03
C GLU E 37 -35.85 28.31 27.60
N GLY E 38 -36.98 27.64 27.47
CA GLY E 38 -37.43 27.18 26.17
C GLY E 38 -38.72 27.83 25.72
N CYS E 39 -39.57 28.20 26.68
CA CYS E 39 -40.87 28.80 26.38
C CYS E 39 -41.28 29.81 27.46
N ASN E 40 -40.80 29.58 28.68
CA ASN E 40 -41.19 30.37 29.87
C ASN E 40 -42.69 30.27 30.15
N GLU E 41 -43.30 29.18 29.69
CA GLU E 41 -44.73 28.95 29.83
C GLU E 41 -45.06 27.64 30.56
N GLY E 42 -44.03 26.87 30.88
CA GLY E 42 -44.17 25.57 31.54
C GLY E 42 -44.49 24.42 30.60
N ASP E 43 -44.19 24.62 29.31
CA ASP E 43 -44.68 23.73 28.25
C ASP E 43 -43.64 22.73 27.76
N CYS E 44 -42.39 23.18 27.64
CA CYS E 44 -41.34 22.38 26.99
C CYS E 44 -40.52 21.47 27.92
N GLY E 45 -40.26 21.92 29.14
CA GLY E 45 -39.53 21.13 30.14
C GLY E 45 -38.04 21.42 30.26
N ALA E 46 -37.52 22.28 29.38
CA ALA E 46 -36.10 22.61 29.35
C ALA E 46 -35.56 23.16 30.68
N CYS E 47 -36.47 23.55 31.56
CA CYS E 47 -36.09 24.14 32.85
C CYS E 47 -36.47 23.24 34.02
N THR E 48 -36.62 21.94 33.76
CA THR E 48 -36.96 20.99 34.80
C THR E 48 -35.89 20.97 35.89
N VAL E 49 -36.34 21.21 37.12
CA VAL E 49 -35.49 21.06 38.30
C VAL E 49 -36.13 20.02 39.21
N MET E 50 -35.35 19.50 40.16
CA MET E 50 -35.86 18.50 41.10
C MET E 50 -35.90 19.06 42.52
N ILE E 51 -37.07 18.96 43.14
CA ILE E 51 -37.23 19.36 44.53
C ILE E 51 -37.49 18.17 45.44
N ARG E 52 -36.83 18.19 46.61
CA ARG E 52 -37.04 17.17 47.63
C ARG E 52 -37.44 17.84 48.95
N ASP E 53 -38.32 17.16 49.70
CA ASP E 53 -38.73 17.60 51.02
C ASP E 53 -39.21 16.39 51.84
N ALA E 54 -40.06 16.65 52.84
CA ALA E 54 -40.66 15.58 53.65
C ALA E 54 -41.56 14.67 52.82
N ALA E 55 -42.26 15.26 51.84
CA ALA E 55 -43.16 14.52 50.96
C ALA E 55 -42.43 13.66 49.93
N GLY E 56 -41.12 13.83 49.83
CA GLY E 56 -40.30 13.06 48.89
C GLY E 56 -39.66 13.93 47.84
N SER E 57 -39.54 13.39 46.63
CA SER E 57 -38.88 14.08 45.53
C SER E 57 -39.75 14.10 44.27
N ARG E 58 -39.62 15.16 43.49
CA ARG E 58 -40.36 15.32 42.24
C ARG E 58 -39.68 16.28 41.25
N ALA E 59 -40.03 16.13 39.98
CA ALA E 59 -39.55 17.01 38.91
C ALA E 59 -40.58 18.10 38.65
N VAL E 60 -40.11 19.35 38.61
CA VAL E 60 -40.99 20.51 38.43
C VAL E 60 -40.34 21.56 37.51
N ASN E 61 -41.19 22.38 36.89
CA ASN E 61 -40.73 23.47 36.03
C ASN E 61 -40.24 24.67 36.88
N ALA E 62 -38.99 25.06 36.67
CA ALA E 62 -38.39 26.18 37.41
C ALA E 62 -39.05 27.53 37.08
N CYS E 63 -39.57 27.65 35.85
CA CYS E 63 -40.23 28.87 35.41
C CYS E 63 -41.57 29.10 36.11
N LEU E 64 -42.33 28.02 36.29
CA LEU E 64 -43.64 28.09 36.94
C LEU E 64 -43.56 28.12 38.46
N MET E 65 -42.35 28.29 39.00
CA MET E 65 -42.14 28.31 40.44
C MET E 65 -41.42 29.55 40.91
N MET E 66 -41.89 30.12 42.02
CA MET E 66 -41.26 31.28 42.64
C MET E 66 -40.54 30.89 43.94
N LEU E 67 -39.53 31.68 44.30
CA LEU E 67 -38.60 31.34 45.39
C LEU E 67 -39.22 30.92 46.73
N PRO E 68 -40.17 31.72 47.28
CA PRO E 68 -40.74 31.35 48.60
C PRO E 68 -41.26 29.91 48.69
N GLN E 69 -41.64 29.32 47.55
CA GLN E 69 -42.18 27.96 47.49
C GLN E 69 -41.17 26.85 47.80
N ILE E 70 -39.88 27.15 47.65
CA ILE E 70 -38.83 26.14 47.90
C ILE E 70 -38.20 26.23 49.29
N ALA E 71 -38.84 26.99 50.18
CA ALA E 71 -38.34 27.17 51.54
C ALA E 71 -38.22 25.84 52.28
N GLY E 72 -37.05 25.60 52.86
CA GLY E 72 -36.78 24.38 53.62
C GLY E 72 -36.79 23.11 52.80
N LYS E 73 -36.55 23.23 51.50
CA LYS E 73 -36.59 22.09 50.59
C LYS E 73 -35.24 21.90 49.88
N ALA E 74 -34.99 20.66 49.46
CA ALA E 74 -33.74 20.30 48.80
C ALA E 74 -33.86 20.40 47.29
N LEU E 75 -33.24 21.44 46.73
CA LEU E 75 -33.32 21.72 45.30
C LEU E 75 -32.12 21.17 44.56
N ARG E 76 -32.39 20.40 43.52
CA ARG E 76 -31.34 19.79 42.72
C ARG E 76 -31.56 20.13 41.25
N THR E 77 -30.52 20.69 40.62
CA THR E 77 -30.57 21.07 39.21
C THR E 77 -29.69 20.13 38.39
N ILE E 78 -29.56 20.40 37.10
CA ILE E 78 -28.70 19.61 36.20
C ILE E 78 -27.22 19.63 36.64
N GLU E 79 -26.74 20.79 37.07
CA GLU E 79 -25.34 20.90 37.52
C GLU E 79 -25.05 20.11 38.81
N GLY E 80 -26.07 19.48 39.36
CA GLY E 80 -25.92 18.70 40.58
C GLY E 80 -26.31 17.25 40.44
N ILE E 81 -26.61 16.80 39.23
CA ILE E 81 -27.06 15.42 39.00
C ILE E 81 -25.87 14.44 39.00
N ALA E 82 -24.72 14.90 38.52
CA ALA E 82 -23.49 14.13 38.61
C ALA E 82 -23.00 14.09 40.07
N ALA E 83 -22.23 13.07 40.40
CA ALA E 83 -21.65 12.89 41.73
C ALA E 83 -20.60 13.98 42.03
N PRO E 84 -20.36 14.28 43.33
CA PRO E 84 -19.35 15.28 43.69
C PRO E 84 -17.94 14.87 43.24
N ASP E 85 -17.68 13.56 43.22
CA ASP E 85 -16.37 13.02 42.84
C ASP E 85 -16.17 12.97 41.32
N GLY E 86 -17.20 13.35 40.57
CA GLY E 86 -17.10 13.43 39.11
C GLY E 86 -17.84 12.35 38.34
N ARG E 87 -18.38 11.38 39.08
CA ARG E 87 -19.07 10.25 38.48
C ARG E 87 -20.44 10.67 37.93
N LEU E 88 -20.69 10.34 36.67
CA LEU E 88 -21.96 10.62 36.03
C LEU E 88 -23.07 9.79 36.64
N HIS E 89 -24.31 10.25 36.48
CA HIS E 89 -25.47 9.49 36.92
C HIS E 89 -25.70 8.32 35.95
N PRO E 90 -26.17 7.17 36.46
CA PRO E 90 -26.58 6.05 35.60
C PRO E 90 -27.35 6.53 34.39
N VAL E 91 -28.23 7.51 34.60
CA VAL E 91 -29.05 8.11 33.56
C VAL E 91 -28.19 8.90 32.55
N GLN E 92 -27.31 9.74 33.08
CA GLN E 92 -26.40 10.57 32.28
C GLN E 92 -25.50 9.74 31.36
N GLN E 93 -25.00 8.61 31.87
CA GLN E 93 -24.17 7.71 31.06
C GLN E 93 -25.01 7.00 30.00
N ALA E 94 -26.26 6.71 30.33
CA ALA E 94 -27.15 6.01 29.40
C ALA E 94 -27.44 6.87 28.16
N MET E 95 -27.61 8.16 28.38
CA MET E 95 -27.91 9.12 27.30
C MET E 95 -26.77 9.24 26.31
N ILE E 96 -25.54 9.16 26.82
CA ILE E 96 -24.35 9.18 25.96
C ILE E 96 -24.25 7.88 25.15
N ASP E 97 -24.38 6.75 25.84
CA ASP E 97 -24.39 5.42 25.20
C ASP E 97 -25.42 5.31 24.07
N HIS E 98 -26.65 5.74 24.37
CA HIS E 98 -27.79 5.53 23.48
C HIS E 98 -28.14 6.73 22.58
N HIS E 99 -27.28 7.75 22.59
CA HIS E 99 -27.40 8.92 21.73
C HIS E 99 -28.73 9.67 21.91
N GLY E 100 -29.12 9.88 23.17
CA GLY E 100 -30.37 10.55 23.51
C GLY E 100 -30.35 12.07 23.46
N SER E 101 -29.35 12.64 22.78
CA SER E 101 -29.25 14.08 22.59
C SER E 101 -28.55 14.40 21.27
N GLN E 102 -29.04 15.42 20.57
CA GLN E 102 -28.42 15.87 19.31
C GLN E 102 -27.90 17.31 19.42
N CYS E 103 -28.81 18.26 19.62
CA CYS E 103 -28.42 19.65 19.87
C CYS E 103 -28.11 19.89 21.34
N GLY E 104 -28.74 19.10 22.22
CA GLY E 104 -28.44 19.08 23.64
C GLY E 104 -29.16 20.06 24.56
N PHE E 105 -30.05 20.86 23.98
CA PHE E 105 -30.73 21.95 24.71
C PHE E 105 -31.84 21.46 25.65
N CYS E 106 -32.53 20.39 25.26
CA CYS E 106 -33.59 19.83 26.08
C CYS E 106 -33.05 18.78 27.05
N THR E 107 -31.80 18.38 26.82
CA THR E 107 -31.13 17.33 27.58
C THR E 107 -31.09 17.58 29.09
N PRO E 108 -30.61 18.76 29.53
CA PRO E 108 -30.62 19.04 30.97
C PRO E 108 -32.02 18.88 31.55
N GLY E 109 -33.02 19.33 30.79
CA GLY E 109 -34.42 19.15 31.16
C GLY E 109 -34.79 17.69 31.34
N PHE E 110 -34.43 16.86 30.36
CA PHE E 110 -34.73 15.43 30.40
C PHE E 110 -34.01 14.70 31.55
N ILE E 111 -32.69 14.92 31.65
CA ILE E 111 -31.87 14.26 32.68
C ILE E 111 -32.55 14.37 34.03
N VAL E 112 -32.86 15.60 34.44
CA VAL E 112 -33.51 15.87 35.72
C VAL E 112 -34.85 15.15 35.87
N SER E 113 -35.68 15.20 34.82
CA SER E 113 -36.97 14.50 34.80
C SER E 113 -36.79 12.99 34.96
N MET E 114 -35.71 12.48 34.35
CA MET E 114 -35.36 11.06 34.42
C MET E 114 -34.79 10.72 35.78
N ALA E 115 -33.80 11.48 36.23
CA ALA E 115 -33.17 11.29 37.54
C ALA E 115 -34.18 11.28 38.68
N ALA E 116 -35.17 12.19 38.61
CA ALA E 116 -36.25 12.22 39.59
C ALA E 116 -37.05 10.92 39.58
N ALA E 117 -37.32 10.40 38.38
CA ALA E 117 -38.06 9.16 38.22
C ALA E 117 -37.21 7.98 38.69
N HIS E 118 -35.92 8.03 38.40
CA HIS E 118 -34.96 6.98 38.78
C HIS E 118 -34.79 6.92 40.29
N ASP E 119 -34.92 8.08 40.93
CA ASP E 119 -34.85 8.20 42.37
C ASP E 119 -36.04 7.52 43.04
N ARG E 120 -37.22 7.66 42.44
CA ARG E 120 -38.43 7.01 42.96
C ARG E 120 -38.82 5.79 42.13
N ASP E 121 -37.84 5.23 41.43
CA ASP E 121 -37.99 4.02 40.62
C ASP E 121 -39.29 3.99 39.80
N ARG E 122 -39.62 5.13 39.21
CA ARG E 122 -40.81 5.28 38.37
C ARG E 122 -40.51 4.84 36.94
N LYS E 123 -41.50 4.21 36.29
CA LYS E 123 -41.25 3.57 35.00
C LYS E 123 -42.27 3.89 33.90
N ASP E 124 -43.24 4.76 34.19
CA ASP E 124 -44.19 5.21 33.16
C ASP E 124 -43.66 6.47 32.47
N TYR E 125 -42.69 6.25 31.58
CA TYR E 125 -41.91 7.31 30.96
C TYR E 125 -42.72 8.25 30.06
N ASP E 126 -43.70 7.68 29.37
CA ASP E 126 -44.56 8.46 28.47
C ASP E 126 -45.32 9.56 29.18
N ASP E 127 -45.64 9.34 30.45
CA ASP E 127 -46.30 10.34 31.26
C ASP E 127 -45.27 11.21 31.99
N LEU E 128 -44.22 10.56 32.48
CA LEU E 128 -43.13 11.25 33.19
C LEU E 128 -42.40 12.25 32.30
N LEU E 129 -42.20 11.88 31.04
CA LEU E 129 -41.40 12.69 30.13
C LEU E 129 -42.24 13.46 29.11
N ALA E 130 -43.57 13.34 29.21
CA ALA E 130 -44.49 14.07 28.32
C ALA E 130 -44.15 15.56 28.37
N GLY E 131 -44.00 16.08 29.59
CA GLY E 131 -43.65 17.48 29.81
C GLY E 131 -42.29 17.90 29.30
N ASN E 132 -41.52 16.96 28.76
CA ASN E 132 -40.25 17.29 28.13
C ASN E 132 -40.34 17.12 26.61
N LEU E 133 -40.03 18.20 25.89
CA LEU E 133 -40.11 18.20 24.42
C LEU E 133 -38.73 18.15 23.79
N CYS E 134 -38.57 17.28 22.79
CA CYS E 134 -37.35 17.25 22.00
C CYS E 134 -37.66 17.35 20.52
N ARG E 135 -37.02 18.29 19.85
CA ARG E 135 -37.25 18.52 18.43
C ARG E 135 -36.33 17.69 17.54
N CYS E 136 -35.19 17.27 18.09
CA CYS E 136 -34.11 16.63 17.31
C CYS E 136 -34.21 15.11 17.17
N THR E 137 -34.34 14.42 18.30
CA THR E 137 -34.08 12.98 18.37
C THR E 137 -35.21 12.10 17.85
N GLY E 138 -36.45 12.49 18.14
CA GLY E 138 -37.60 11.63 17.84
C GLY E 138 -37.95 10.74 19.01
N TYR E 139 -37.40 11.08 20.18
CA TYR E 139 -37.68 10.42 21.47
C TYR E 139 -37.15 9.01 21.64
N ALA E 140 -37.24 8.19 20.59
CA ALA E 140 -36.79 6.79 20.61
C ALA E 140 -35.47 6.52 21.36
N PRO E 141 -34.40 7.29 21.07
CA PRO E 141 -33.16 7.05 21.82
C PRO E 141 -33.29 7.33 23.30
N ILE E 142 -34.09 8.33 23.66
CA ILE E 142 -34.28 8.72 25.05
C ILE E 142 -34.98 7.62 25.84
N LEU E 143 -35.92 6.92 25.20
CA LEU E 143 -36.58 5.77 25.80
C LEU E 143 -35.58 4.67 26.14
N ARG E 144 -34.69 4.36 25.19
CA ARG E 144 -33.66 3.33 25.37
C ARG E 144 -32.74 3.63 26.55
N ALA E 145 -32.21 4.85 26.60
CA ALA E 145 -31.37 5.31 27.69
C ALA E 145 -32.10 5.23 29.04
N ALA E 146 -33.39 5.60 29.04
CA ALA E 146 -34.20 5.58 30.26
C ALA E 146 -34.35 4.18 30.83
N GLU E 147 -34.68 3.22 29.95
CA GLU E 147 -34.88 1.82 30.35
C GLU E 147 -33.57 1.15 30.77
N ALA E 148 -32.48 1.51 30.09
CA ALA E 148 -31.16 0.97 30.40
C ALA E 148 -30.70 1.39 31.80
N ALA E 149 -30.72 2.70 32.07
CA ALA E 149 -30.32 3.23 33.38
C ALA E 149 -31.25 2.80 34.51
N ALA E 150 -32.44 2.32 34.15
CA ALA E 150 -33.40 1.81 35.13
C ALA E 150 -32.85 0.57 35.82
N GLY E 151 -32.02 -0.19 35.10
CA GLY E 151 -31.32 -1.35 35.64
C GLY E 151 -30.39 -1.01 36.78
N GLU E 152 -29.65 0.10 36.63
CA GLU E 152 -28.66 0.54 37.62
C GLU E 152 -29.28 0.98 38.95
N PRO E 153 -28.50 0.90 40.06
CA PRO E 153 -28.97 1.34 41.38
C PRO E 153 -29.12 2.86 41.50
N PRO E 154 -30.07 3.34 42.34
CA PRO E 154 -30.23 4.77 42.59
C PRO E 154 -28.97 5.40 43.17
N ALA E 155 -28.76 6.68 42.88
CA ALA E 155 -27.60 7.39 43.41
C ALA E 155 -27.78 7.67 44.90
N ASP E 156 -26.69 7.50 45.65
CA ASP E 156 -26.70 7.73 47.08
C ASP E 156 -26.58 9.22 47.43
N TRP E 157 -25.84 9.96 46.59
CA TRP E 157 -25.61 11.38 46.83
C TRP E 157 -26.86 12.24 46.65
N LEU E 158 -27.75 11.82 45.75
CA LEU E 158 -29.01 12.51 45.53
C LEU E 158 -29.99 12.22 46.66
N GLN E 159 -29.95 11.00 47.18
CA GLN E 159 -30.82 10.60 48.29
C GLN E 159 -30.39 11.20 49.62
N ALA E 160 -29.11 11.54 49.74
CA ALA E 160 -28.56 12.18 50.93
C ALA E 160 -29.36 13.42 51.35
N ASP E 161 -29.93 14.11 50.36
CA ASP E 161 -30.70 15.33 50.56
C ASP E 161 -31.96 15.14 51.42
N ALA E 162 -32.29 13.87 51.70
CA ALA E 162 -33.47 13.52 52.50
C ALA E 162 -33.44 14.07 53.93
N ALA E 163 -32.25 14.06 54.54
CA ALA E 163 -32.09 14.49 55.93
C ALA E 163 -31.90 16.00 56.07
N PHE E 164 -32.73 16.78 55.38
CA PHE E 164 -32.67 18.25 55.47
C PHE E 164 -33.77 18.79 56.39
N THR E 165 -33.38 19.77 57.21
CA THR E 165 -34.22 20.44 58.23
C THR E 165 -35.10 19.49 59.09
N LEU E 166 -34.65 18.24 59.22
CA LEU E 166 -35.35 17.22 59.99
C LEU E 166 -34.91 17.21 61.45
N PRO E 179 -42.53 40.85 52.72
CA PRO E 179 -42.70 41.01 51.28
C PRO E 179 -43.85 40.15 50.74
N ALA E 180 -43.97 38.93 51.25
CA ALA E 180 -45.08 38.04 50.90
C ALA E 180 -45.46 37.15 52.08
N PHE E 181 -46.76 36.98 52.30
CA PHE E 181 -47.26 36.22 53.43
C PHE E 181 -47.32 34.72 53.14
N LEU E 182 -46.74 33.94 54.05
CA LEU E 182 -46.74 32.48 53.91
C LEU E 182 -47.40 31.81 55.12
N PRO E 183 -48.73 31.58 55.05
CA PRO E 183 -49.47 30.96 56.16
C PRO E 183 -49.01 29.54 56.47
N GLU E 184 -49.17 29.15 57.74
CA GLU E 184 -48.78 27.81 58.21
C GLU E 184 -50.01 26.91 58.24
N THR E 185 -51.15 27.49 58.63
CA THR E 185 -52.43 26.78 58.70
C THR E 185 -53.56 27.60 58.09
N SER E 186 -54.68 26.91 57.82
CA SER E 186 -55.88 27.54 57.27
C SER E 186 -56.45 28.64 58.16
N ASP E 187 -56.05 28.61 59.43
CA ASP E 187 -56.45 29.65 60.39
C ASP E 187 -55.68 30.94 60.13
N ALA E 188 -54.35 30.84 60.11
CA ALA E 188 -53.47 31.97 59.83
C ALA E 188 -53.83 32.64 58.50
N LEU E 189 -54.29 31.84 57.55
CA LEU E 189 -54.69 32.31 56.22
C LEU E 189 -56.05 33.00 56.25
N ALA E 190 -57.05 32.31 56.79
CA ALA E 190 -58.42 32.80 56.82
C ALA E 190 -58.52 34.18 57.47
N ASP E 191 -57.71 34.39 58.50
CA ASP E 191 -57.62 35.69 59.17
C ASP E 191 -57.03 36.74 58.23
N TRP E 192 -55.85 36.43 57.70
CA TRP E 192 -55.07 37.34 56.85
C TRP E 192 -55.82 37.74 55.58
N TYR E 193 -56.42 36.75 54.92
CA TYR E 193 -57.14 36.98 53.66
C TYR E 193 -58.53 37.58 53.88
N LEU E 194 -59.02 37.52 55.11
CA LEU E 194 -60.21 38.27 55.50
C LEU E 194 -59.87 39.75 55.57
N ALA E 195 -58.63 40.04 55.97
CA ALA E 195 -58.13 41.41 56.09
C ALA E 195 -57.69 42.01 54.75
N HIS E 196 -57.21 41.16 53.85
CA HIS E 196 -56.73 41.61 52.54
C HIS E 196 -57.47 40.89 51.40
N PRO E 197 -58.69 41.34 51.08
CA PRO E 197 -59.53 40.65 50.07
C PRO E 197 -58.98 40.78 48.65
N GLU E 198 -58.14 41.78 48.42
CA GLU E 198 -57.54 42.06 47.12
C GLU E 198 -56.21 41.32 46.92
N ALA E 199 -55.96 40.32 47.78
CA ALA E 199 -54.70 39.58 47.77
C ALA E 199 -54.57 38.61 46.60
N THR E 200 -53.37 38.58 46.03
CA THR E 200 -53.00 37.61 45.00
C THR E 200 -52.64 36.28 45.67
N LEU E 201 -53.63 35.40 45.81
CA LEU E 201 -53.40 34.08 46.38
C LEU E 201 -52.68 33.19 45.38
N ILE E 202 -51.63 32.49 45.84
CA ILE E 202 -50.85 31.61 44.97
C ILE E 202 -50.67 30.21 45.59
N ALA E 203 -51.18 29.20 44.91
CA ALA E 203 -50.99 27.82 45.33
C ALA E 203 -49.78 27.22 44.60
N GLY E 204 -50.03 26.54 43.49
CA GLY E 204 -48.96 25.97 42.67
C GLY E 204 -48.34 27.01 41.77
N GLY E 205 -49.13 28.04 41.44
CA GLY E 205 -48.67 29.15 40.62
C GLY E 205 -48.38 28.78 39.18
N THR E 206 -49.12 27.80 38.66
CA THR E 206 -48.97 27.38 37.27
C THR E 206 -49.94 28.13 36.35
N ASP E 207 -50.66 29.09 36.95
CA ASP E 207 -51.51 30.01 36.20
C ASP E 207 -51.14 31.46 36.50
N VAL E 208 -50.74 31.71 37.74
CA VAL E 208 -50.39 33.05 38.20
C VAL E 208 -49.11 33.54 37.54
N SER E 209 -48.11 32.65 37.44
CA SER E 209 -46.79 32.99 36.90
C SER E 209 -46.81 33.32 35.42
N LEU E 210 -47.87 32.90 34.72
CA LEU E 210 -48.05 33.26 33.31
C LEU E 210 -48.46 34.72 33.16
N TRP E 211 -49.03 35.29 34.23
CA TRP E 211 -49.35 36.71 34.27
C TRP E 211 -48.08 37.54 34.42
N VAL E 212 -47.14 37.03 35.22
CA VAL E 212 -45.89 37.76 35.46
C VAL E 212 -44.92 37.65 34.27
N THR E 213 -44.89 36.50 33.60
CA THR E 213 -43.92 36.25 32.53
C THR E 213 -44.41 36.66 31.14
N LYS E 214 -45.65 36.33 30.81
CA LYS E 214 -46.18 36.57 29.46
C LYS E 214 -47.02 37.83 29.37
N ALA E 215 -47.93 38.01 30.32
CA ALA E 215 -48.71 39.24 30.43
C ALA E 215 -47.89 40.37 31.04
N LEU E 216 -46.66 40.05 31.45
CA LEU E 216 -45.72 41.01 32.06
C LEU E 216 -46.34 41.87 33.17
N ARG E 217 -47.24 41.26 33.94
CA ARG E 217 -47.97 41.97 34.98
C ARG E 217 -47.23 41.97 36.32
N ASP E 218 -47.45 43.03 37.10
CA ASP E 218 -46.85 43.18 38.42
C ASP E 218 -47.93 43.00 39.48
N LEU E 219 -47.61 42.25 40.53
CA LEU E 219 -48.59 41.88 41.54
C LEU E 219 -48.21 42.36 42.94
N PRO E 220 -49.18 42.98 43.66
CA PRO E 220 -49.02 43.31 45.07
C PRO E 220 -49.80 42.33 45.97
N GLU E 221 -49.62 42.44 47.29
CA GLU E 221 -50.38 41.65 48.28
C GLU E 221 -50.40 40.15 47.94
N VAL E 222 -49.29 39.46 48.19
CA VAL E 222 -49.10 38.08 47.73
C VAL E 222 -49.03 37.08 48.88
N ALA E 223 -49.71 35.95 48.71
CA ALA E 223 -49.70 34.86 49.70
C ALA E 223 -49.51 33.50 49.05
N PHE E 224 -48.54 32.73 49.56
CA PHE E 224 -48.27 31.39 49.06
C PHE E 224 -48.89 30.32 49.95
N LEU E 225 -49.79 29.53 49.35
CA LEU E 225 -50.57 28.53 50.09
C LEU E 225 -49.87 27.18 50.21
N SER E 226 -48.85 26.97 49.38
CA SER E 226 -48.16 25.67 49.29
C SER E 226 -47.47 25.20 50.58
N HIS E 227 -47.45 26.05 51.61
CA HIS E 227 -46.88 25.69 52.92
C HIS E 227 -47.95 25.50 54.00
N CYS E 228 -49.08 24.88 53.64
CA CYS E 228 -50.17 24.61 54.58
C CYS E 228 -50.61 23.15 54.54
N LYS E 229 -50.09 22.36 55.47
CA LYS E 229 -50.39 20.92 55.54
C LYS E 229 -51.88 20.64 55.71
N ASP E 230 -52.56 21.45 56.51
CA ASP E 230 -53.98 21.25 56.81
C ASP E 230 -54.90 21.60 55.63
N LEU E 231 -54.41 22.43 54.71
CA LEU E 231 -55.19 22.83 53.54
C LEU E 231 -55.09 21.78 52.43
N ALA E 232 -53.96 21.09 52.38
CA ALA E 232 -53.74 20.00 51.42
C ALA E 232 -53.99 18.64 52.07
N GLN E 233 -55.27 18.29 52.23
CA GLN E 233 -55.63 17.04 52.91
C GLN E 233 -56.63 16.17 52.17
N ILE E 234 -56.28 14.89 52.01
CA ILE E 234 -57.24 13.90 51.54
C ILE E 234 -57.66 13.05 52.73
N ARG E 235 -58.89 13.26 53.19
CA ARG E 235 -59.43 12.57 54.36
C ARG E 235 -60.79 11.94 54.08
N GLU E 236 -61.09 10.87 54.79
CA GLU E 236 -62.34 10.14 54.59
C GLU E 236 -63.47 10.65 55.49
N THR E 237 -64.67 10.69 54.92
CA THR E 237 -65.88 11.13 55.61
C THR E 237 -67.06 10.23 55.20
N PRO E 238 -68.05 10.03 56.10
CA PRO E 238 -69.19 9.12 55.85
C PRO E 238 -69.90 9.38 54.52
N ASP E 239 -69.98 10.64 54.12
CA ASP E 239 -70.59 11.03 52.84
C ASP E 239 -69.70 10.69 51.63
N GLY E 240 -68.41 11.00 51.72
CA GLY E 240 -67.47 10.74 50.63
C GLY E 240 -66.02 10.99 51.01
N TYR E 241 -65.28 11.64 50.11
CA TYR E 241 -63.86 11.94 50.37
C TYR E 241 -63.61 13.44 50.43
N GLY E 242 -63.12 13.90 51.57
CA GLY E 242 -62.74 15.29 51.77
C GLY E 242 -61.36 15.57 51.20
N ILE E 243 -61.34 16.27 50.07
CA ILE E 243 -60.08 16.63 49.40
C ILE E 243 -59.87 18.13 49.46
N GLY E 244 -58.81 18.54 50.16
CA GLY E 244 -58.48 19.94 50.36
C GLY E 244 -58.05 20.63 49.10
N ALA E 245 -58.12 21.96 49.10
CA ALA E 245 -57.81 22.77 47.92
C ALA E 245 -56.31 22.76 47.58
N GLY E 246 -55.47 22.53 48.59
CA GLY E 246 -54.02 22.52 48.41
C GLY E 246 -53.44 21.21 47.89
N VAL E 247 -54.31 20.22 47.69
CA VAL E 247 -53.92 18.91 47.16
C VAL E 247 -53.54 19.04 45.68
N THR E 248 -52.36 18.55 45.34
CA THR E 248 -51.85 18.63 43.96
C THR E 248 -52.54 17.63 43.05
N ILE E 249 -52.63 17.98 41.76
CA ILE E 249 -53.27 17.12 40.76
C ILE E 249 -52.65 15.73 40.72
N ALA E 250 -51.31 15.67 40.78
CA ALA E 250 -50.60 14.41 40.82
C ALA E 250 -51.12 13.54 41.98
N ALA E 251 -51.22 14.14 43.16
CA ALA E 251 -51.70 13.46 44.37
C ALA E 251 -53.17 13.06 44.26
N LEU E 252 -54.00 13.94 43.68
CA LEU E 252 -55.41 13.66 43.47
C LEU E 252 -55.62 12.52 42.47
N ARG E 253 -54.77 12.48 41.44
CA ARG E 253 -54.77 11.40 40.48
C ARG E 253 -54.32 10.11 41.15
N ALA E 254 -53.28 10.21 41.97
CA ALA E 254 -52.74 9.08 42.73
C ALA E 254 -53.79 8.49 43.67
N PHE E 255 -54.50 9.36 44.38
CA PHE E 255 -55.59 8.94 45.26
C PHE E 255 -56.77 8.39 44.47
N ALA E 256 -57.04 8.99 43.30
CA ALA E 256 -58.15 8.57 42.45
C ALA E 256 -57.94 7.19 41.85
N GLU E 257 -56.68 6.75 41.79
CA GLU E 257 -56.29 5.46 41.21
C GLU E 257 -57.22 4.31 41.65
N GLY E 258 -57.62 4.33 42.93
CA GLY E 258 -58.51 3.32 43.49
C GLY E 258 -60.00 3.64 43.38
N PRO E 259 -60.49 4.59 44.20
CA PRO E 259 -61.93 4.87 44.30
C PRO E 259 -62.57 5.44 43.03
N HIS E 260 -61.80 6.23 42.26
CA HIS E 260 -62.32 6.89 41.07
C HIS E 260 -61.39 6.74 39.85
N PRO E 261 -61.42 5.57 39.20
CA PRO E 261 -60.55 5.26 38.06
C PRO E 261 -60.71 6.24 36.91
N ALA E 262 -61.95 6.68 36.67
CA ALA E 262 -62.26 7.64 35.62
C ALA E 262 -61.45 8.92 35.81
N LEU E 263 -61.51 9.49 37.02
CA LEU E 263 -60.78 10.71 37.34
C LEU E 263 -59.28 10.52 37.20
N ALA E 264 -58.79 9.36 37.64
CA ALA E 264 -57.38 9.01 37.52
C ALA E 264 -56.96 8.93 36.05
N GLY E 265 -57.83 8.34 35.22
CA GLY E 265 -57.62 8.23 33.79
C GLY E 265 -57.53 9.59 33.12
N LEU E 266 -58.50 10.45 33.41
CA LEU E 266 -58.51 11.82 32.91
C LEU E 266 -57.24 12.58 33.32
N LEU E 267 -57.03 12.70 34.63
CA LEU E 267 -55.94 13.52 35.17
C LEU E 267 -54.54 13.12 34.68
N ARG E 268 -54.43 11.97 34.02
CA ARG E 268 -53.17 11.55 33.40
C ARG E 268 -52.83 12.49 32.25
N ARG E 269 -53.87 12.89 31.51
CA ARG E 269 -53.75 13.84 30.40
C ARG E 269 -54.01 15.28 30.84
N PHE E 270 -53.88 15.53 32.13
CA PHE E 270 -53.97 16.89 32.67
C PHE E 270 -52.56 17.45 32.65
N ALA E 271 -52.27 18.30 31.67
CA ALA E 271 -50.99 18.98 31.57
C ALA E 271 -49.82 17.99 31.44
N SER E 272 -48.87 18.09 32.37
CA SER E 272 -47.69 17.23 32.39
C SER E 272 -47.40 16.74 33.80
N GLU E 273 -46.34 15.94 33.94
CA GLU E 273 -45.90 15.50 35.25
C GLU E 273 -45.38 16.69 36.06
N GLN E 274 -44.53 17.51 35.45
CA GLN E 274 -43.93 18.66 36.12
C GLN E 274 -44.95 19.72 36.54
N VAL E 275 -46.06 19.81 35.80
CA VAL E 275 -47.13 20.72 36.17
C VAL E 275 -47.99 20.07 37.26
N ARG E 276 -48.38 18.81 37.04
CA ARG E 276 -49.22 18.07 37.99
C ARG E 276 -48.63 17.98 39.41
N GLN E 277 -47.30 18.01 39.49
CA GLN E 277 -46.60 17.95 40.78
C GLN E 277 -46.88 19.15 41.68
N VAL E 278 -47.17 20.30 41.07
CA VAL E 278 -47.39 21.55 41.81
C VAL E 278 -48.79 22.13 41.70
N ALA E 279 -49.42 21.95 40.55
CA ALA E 279 -50.78 22.45 40.31
C ALA E 279 -51.79 21.84 41.28
N THR E 280 -52.66 22.68 41.83
CA THR E 280 -53.67 22.25 42.81
C THR E 280 -55.07 22.27 42.23
N ILE E 281 -56.01 21.57 42.86
CA ILE E 281 -57.41 21.56 42.43
C ILE E 281 -58.14 22.81 42.91
N GLY E 282 -57.70 23.33 44.06
CA GLY E 282 -58.18 24.62 44.56
C GLY E 282 -57.87 25.70 43.54
N GLY E 283 -56.59 25.81 43.17
CA GLY E 283 -56.15 26.72 42.12
C GLY E 283 -56.85 26.47 40.79
N ASN E 284 -57.11 25.20 40.49
CA ASN E 284 -57.78 24.84 39.25
C ASN E 284 -59.22 25.36 39.21
N ILE E 285 -59.99 25.05 40.25
CA ILE E 285 -61.40 25.46 40.37
C ILE E 285 -61.56 26.98 40.53
N ALA E 286 -60.70 27.59 41.34
CA ALA E 286 -60.74 29.04 41.59
C ALA E 286 -60.24 29.85 40.40
N ASN E 287 -59.72 29.18 39.39
CA ASN E 287 -59.32 29.86 38.16
C ASN E 287 -60.53 30.09 37.27
N GLY E 288 -61.54 29.25 37.41
CA GLY E 288 -62.81 29.39 36.71
C GLY E 288 -62.73 29.34 35.18
N SER E 289 -61.81 28.53 34.67
CA SER E 289 -61.67 28.38 33.23
C SER E 289 -62.75 27.48 32.64
N PRO E 290 -63.35 27.90 31.52
CA PRO E 290 -64.29 27.04 30.79
C PRO E 290 -63.58 25.85 30.16
N ILE E 291 -62.27 25.96 30.00
CA ILE E 291 -61.44 24.93 29.39
C ILE E 291 -60.83 24.04 30.47
N GLY E 292 -60.89 24.48 31.72
CA GLY E 292 -60.37 23.74 32.88
C GLY E 292 -60.92 22.33 32.95
N ASP E 293 -60.03 21.36 33.17
CA ASP E 293 -60.38 19.93 33.09
C ASP E 293 -60.85 19.33 34.42
N GLY E 294 -60.54 20.01 35.52
CA GLY E 294 -60.99 19.60 36.85
C GLY E 294 -62.50 19.64 37.02
N PRO E 295 -63.11 20.84 36.92
CA PRO E 295 -64.55 21.05 37.01
C PRO E 295 -65.45 19.97 36.37
N PRO E 296 -65.40 19.80 35.02
CA PRO E 296 -66.36 18.90 34.37
C PRO E 296 -66.42 17.51 35.00
N ALA E 297 -65.25 16.94 35.29
CA ALA E 297 -65.15 15.62 35.93
C ALA E 297 -65.88 15.59 37.26
N LEU E 298 -65.45 16.44 38.20
CA LEU E 298 -66.04 16.51 39.53
C LEU E 298 -67.54 16.81 39.47
N ILE E 299 -67.93 17.70 38.56
CA ILE E 299 -69.34 18.04 38.36
C ILE E 299 -70.12 16.81 37.90
N ALA E 300 -69.54 16.05 36.98
CA ALA E 300 -70.19 14.85 36.44
C ALA E 300 -70.48 13.81 37.52
N MET E 301 -69.58 13.68 38.50
CA MET E 301 -69.80 12.75 39.61
C MET E 301 -70.47 13.41 40.81
N GLY E 302 -70.93 14.65 40.63
CA GLY E 302 -71.67 15.39 41.66
C GLY E 302 -70.88 15.74 42.90
N ALA E 303 -69.70 16.32 42.70
CA ALA E 303 -68.88 16.77 43.82
C ALA E 303 -69.38 18.09 44.38
N SER E 304 -69.17 18.29 45.68
CA SER E 304 -69.55 19.54 46.35
C SER E 304 -68.33 20.35 46.76
N LEU E 305 -68.42 21.66 46.60
CA LEU E 305 -67.34 22.58 46.93
C LEU E 305 -67.55 23.23 48.30
N THR E 306 -66.44 23.57 48.96
CA THR E 306 -66.46 24.23 50.27
C THR E 306 -65.63 25.50 50.26
N LEU E 307 -66.31 26.65 50.39
CA LEU E 307 -65.65 27.94 50.48
C LEU E 307 -65.53 28.37 51.94
N ARG E 308 -64.47 29.09 52.27
CA ARG E 308 -64.27 29.61 53.61
C ARG E 308 -63.92 31.10 53.59
N ARG E 309 -64.63 31.88 54.40
CA ARG E 309 -64.45 33.33 54.47
C ARG E 309 -64.12 33.76 55.89
N GLY E 310 -62.85 33.61 56.29
CA GLY E 310 -62.41 33.94 57.64
C GLY E 310 -62.86 32.92 58.66
N GLN E 311 -64.18 32.84 58.86
CA GLN E 311 -64.76 31.82 59.72
C GLN E 311 -66.00 31.17 59.08
N GLU E 312 -66.72 31.94 58.27
CA GLU E 312 -67.86 31.45 57.50
C GLU E 312 -67.45 30.21 56.68
N ARG E 313 -68.40 29.31 56.45
CA ARG E 313 -68.13 28.13 55.62
C ARG E 313 -69.34 27.74 54.77
N ARG E 314 -69.30 28.14 53.50
CA ARG E 314 -70.35 27.81 52.54
C ARG E 314 -70.09 26.46 51.88
N ARG E 315 -71.17 25.85 51.38
CA ARG E 315 -71.08 24.56 50.71
C ARG E 315 -72.17 24.44 49.64
N MET E 316 -71.76 24.16 48.41
CA MET E 316 -72.71 23.94 47.31
C MET E 316 -72.14 22.97 46.26
N PRO E 317 -73.00 22.48 45.34
CA PRO E 317 -72.52 21.67 44.20
C PRO E 317 -71.57 22.47 43.32
N LEU E 318 -70.49 21.82 42.87
CA LEU E 318 -69.40 22.49 42.16
C LEU E 318 -69.86 23.39 41.01
N GLU E 319 -70.83 22.93 40.23
CA GLU E 319 -71.34 23.67 39.08
C GLU E 319 -71.98 25.03 39.42
N ASP E 320 -72.42 25.17 40.67
CA ASP E 320 -73.06 26.40 41.15
C ASP E 320 -72.05 27.46 41.62
N PHE E 321 -70.76 27.19 41.45
CA PHE E 321 -69.71 28.16 41.75
C PHE E 321 -69.32 28.95 40.51
N PHE E 322 -69.51 28.32 39.35
CA PHE E 322 -69.20 28.94 38.07
C PHE E 322 -70.47 29.59 37.50
N LEU E 323 -70.54 30.91 37.62
CA LEU E 323 -71.72 31.67 37.21
C LEU E 323 -71.66 32.01 35.72
N GLU E 324 -70.76 32.91 35.35
CA GLU E 324 -70.53 33.30 33.96
C GLU E 324 -69.02 33.32 33.68
N TYR E 325 -68.64 33.55 32.43
CA TYR E 325 -67.23 33.66 32.07
C TYR E 325 -66.57 34.81 32.82
N ARG E 326 -65.43 34.50 33.47
CA ARG E 326 -64.69 35.47 34.29
C ARG E 326 -65.46 35.87 35.55
N LYS E 327 -66.43 35.04 35.94
CA LYS E 327 -67.37 35.37 37.01
C LYS E 327 -67.60 34.17 37.94
N GLN E 328 -67.16 34.29 39.19
CA GLN E 328 -67.26 33.20 40.16
C GLN E 328 -68.11 33.54 41.37
N ASP E 329 -68.77 32.53 41.95
CA ASP E 329 -69.57 32.70 43.16
C ASP E 329 -68.67 32.74 44.39
N ARG E 330 -67.91 33.82 44.52
CA ARG E 330 -66.88 33.94 45.53
C ARG E 330 -66.92 35.34 46.15
N ARG E 331 -67.01 35.39 47.48
CA ARG E 331 -67.15 36.65 48.19
C ARG E 331 -65.80 37.34 48.37
N PRO E 332 -65.82 38.66 48.62
CA PRO E 332 -64.60 39.34 49.04
C PRO E 332 -64.10 38.79 50.38
N GLY E 333 -62.88 38.24 50.38
CA GLY E 333 -62.30 37.63 51.58
C GLY E 333 -62.47 36.13 51.64
N GLU E 334 -63.22 35.58 50.69
CA GLU E 334 -63.54 34.15 50.64
C GLU E 334 -62.56 33.39 49.75
N PHE E 335 -62.20 32.17 50.17
CA PHE E 335 -61.29 31.32 49.41
C PHE E 335 -61.79 29.87 49.28
N VAL E 336 -61.26 29.15 48.29
CA VAL E 336 -61.56 27.74 48.08
C VAL E 336 -60.78 26.91 49.10
N GLU E 337 -61.50 26.06 49.83
CA GLU E 337 -60.92 25.31 50.96
C GLU E 337 -60.82 23.80 50.70
N SER E 338 -61.89 23.23 50.16
CA SER E 338 -61.93 21.80 49.91
C SER E 338 -63.10 21.38 49.02
N VAL E 339 -62.92 20.26 48.32
CA VAL E 339 -64.00 19.62 47.59
C VAL E 339 -64.30 18.26 48.20
N THR E 340 -65.51 17.78 48.01
CA THR E 340 -65.90 16.45 48.48
C THR E 340 -66.56 15.66 47.36
N LEU E 341 -66.03 14.47 47.10
CA LEU E 341 -66.59 13.57 46.10
C LEU E 341 -67.40 12.49 46.81
N PRO E 342 -68.35 11.84 46.09
CA PRO E 342 -68.99 10.65 46.63
C PRO E 342 -67.99 9.50 46.72
N LYS E 343 -68.27 8.52 47.57
CA LYS E 343 -67.40 7.36 47.75
C LYS E 343 -67.22 6.57 46.46
N SER E 344 -68.32 6.43 45.71
CA SER E 344 -68.32 5.62 44.50
C SER E 344 -69.03 6.31 43.34
N ALA E 345 -68.45 6.17 42.15
CA ALA E 345 -69.01 6.73 40.92
C ALA E 345 -68.72 5.80 39.73
N PRO E 346 -69.27 4.56 39.75
CA PRO E 346 -68.94 3.54 38.76
C PRO E 346 -69.30 3.92 37.32
N GLY E 347 -70.36 4.70 37.14
CA GLY E 347 -70.82 5.08 35.81
C GLY E 347 -69.98 6.11 35.09
N LEU E 348 -69.14 6.82 35.85
CA LEU E 348 -68.39 7.97 35.33
C LEU E 348 -67.38 7.59 34.26
N ARG E 349 -67.41 8.33 33.15
CA ARG E 349 -66.37 8.30 32.13
C ARG E 349 -65.84 9.72 31.89
N CYS E 350 -64.61 9.82 31.37
CA CYS E 350 -63.97 11.11 31.13
C CYS E 350 -63.30 11.16 29.76
N TYR E 351 -63.82 12.00 28.88
CA TYR E 351 -63.29 12.13 27.53
C TYR E 351 -62.66 13.49 27.29
N LYS E 352 -61.37 13.47 26.93
CA LYS E 352 -60.64 14.70 26.58
C LYS E 352 -60.34 14.73 25.08
N LEU E 353 -60.63 15.85 24.45
CA LEU E 353 -60.40 16.01 23.02
C LEU E 353 -59.57 17.24 22.70
N SER E 354 -58.44 17.02 22.04
CA SER E 354 -57.53 18.07 21.62
C SER E 354 -56.75 17.65 20.36
N LYS E 355 -55.86 18.51 19.88
CA LYS E 355 -55.02 18.19 18.72
C LYS E 355 -54.04 17.06 19.02
N ARG E 356 -53.39 17.16 20.17
CA ARG E 356 -52.40 16.20 20.64
C ARG E 356 -52.88 15.60 21.97
N PHE E 357 -52.58 14.31 22.19
CA PHE E 357 -53.03 13.61 23.41
C PHE E 357 -52.41 14.17 24.70
N ASP E 358 -51.10 14.38 24.69
CA ASP E 358 -50.34 14.78 25.88
C ASP E 358 -50.04 16.29 25.93
N GLN E 359 -50.06 16.84 27.15
CA GLN E 359 -49.75 18.25 27.44
C GLN E 359 -50.75 19.29 26.91
N ASP E 360 -51.32 19.02 25.73
CA ASP E 360 -52.32 19.88 25.10
C ASP E 360 -53.58 20.03 25.96
N ILE E 361 -54.23 21.19 25.88
CA ILE E 361 -55.49 21.43 26.60
C ILE E 361 -56.72 21.17 25.72
N SER E 362 -57.87 21.00 26.37
CA SER E 362 -59.09 20.51 25.72
C SER E 362 -59.71 21.47 24.72
N ALA E 363 -60.33 20.91 23.69
CA ALA E 363 -61.24 21.63 22.83
C ALA E 363 -62.64 21.34 23.34
N VAL E 364 -62.98 20.05 23.37
CA VAL E 364 -64.19 19.59 24.05
C VAL E 364 -63.78 18.61 25.13
N CYS E 365 -64.41 18.71 26.29
CA CYS E 365 -64.12 17.82 27.40
C CYS E 365 -65.43 17.33 28.02
N GLY E 366 -65.88 16.17 27.58
CA GLY E 366 -67.17 15.63 28.00
C GLY E 366 -67.06 14.55 29.07
N CYS E 367 -67.72 14.78 30.20
CA CYS E 367 -67.82 13.79 31.25
C CYS E 367 -69.25 13.33 31.42
N LEU E 368 -69.49 12.04 31.22
CA LEU E 368 -70.82 11.48 31.37
C LEU E 368 -70.90 10.51 32.55
N ASN E 369 -72.01 10.58 33.26
CA ASN E 369 -72.27 9.73 34.42
C ASN E 369 -73.74 9.34 34.47
N LEU E 370 -74.03 8.10 34.08
CA LEU E 370 -75.40 7.59 34.11
C LEU E 370 -75.60 6.52 35.18
N THR E 371 -76.76 6.56 35.82
CA THR E 371 -77.19 5.52 36.75
C THR E 371 -78.29 4.72 36.07
N LEU E 372 -78.22 3.40 36.15
CA LEU E 372 -79.22 2.55 35.54
C LEU E 372 -80.06 1.79 36.56
N LYS E 373 -81.34 1.65 36.28
CA LYS E 373 -82.23 0.81 37.05
C LYS E 373 -82.63 -0.38 36.19
N GLY E 374 -81.63 -1.02 35.58
CA GLY E 374 -81.86 -2.15 34.68
C GLY E 374 -82.57 -1.75 33.40
N SER E 375 -81.80 -1.64 32.31
CA SER E 375 -82.32 -1.28 30.98
C SER E 375 -82.81 0.18 30.83
N LYS E 376 -83.04 0.85 31.96
CA LYS E 376 -83.54 2.23 31.95
C LYS E 376 -82.66 3.18 32.77
N ILE E 377 -82.51 4.40 32.27
CA ILE E 377 -81.62 5.40 32.86
C ILE E 377 -82.26 6.11 34.07
N GLU E 378 -81.63 5.93 35.23
CA GLU E 378 -82.06 6.57 36.48
C GLU E 378 -81.66 8.03 36.54
N THR E 379 -80.35 8.27 36.53
CA THR E 379 -79.79 9.61 36.64
C THR E 379 -78.86 9.91 35.47
N ALA E 380 -78.95 11.14 34.97
CA ALA E 380 -78.05 11.63 33.93
C ALA E 380 -77.22 12.78 34.49
N ARG E 381 -75.93 12.53 34.64
CA ARG E 381 -75.00 13.57 35.07
C ARG E 381 -73.95 13.80 33.98
N ILE E 382 -74.33 14.64 33.00
CA ILE E 382 -73.49 14.90 31.83
C ILE E 382 -73.02 16.36 31.82
N ALA E 383 -71.71 16.56 32.00
CA ALA E 383 -71.09 17.88 32.08
C ALA E 383 -70.06 18.10 30.99
N PHE E 384 -69.93 19.34 30.51
CA PHE E 384 -68.97 19.69 29.46
C PHE E 384 -68.02 20.82 29.83
N GLY E 385 -66.81 20.73 29.28
CA GLY E 385 -65.81 21.80 29.38
C GLY E 385 -65.43 22.30 27.99
N GLY E 386 -65.30 23.61 27.85
CA GLY E 386 -64.92 24.23 26.58
C GLY E 386 -66.06 24.37 25.59
N MET E 387 -67.29 24.19 26.06
CA MET E 387 -68.50 24.30 25.23
C MET E 387 -69.26 25.61 25.49
N ALA E 388 -68.88 26.32 26.55
CA ALA E 388 -69.45 27.63 26.88
C ALA E 388 -68.39 28.51 27.55
N GLY E 389 -68.81 29.57 28.24
CA GLY E 389 -67.91 30.42 29.01
C GLY E 389 -67.75 29.93 30.43
N VAL E 390 -68.39 28.80 30.72
CA VAL E 390 -68.50 28.26 32.07
C VAL E 390 -68.76 26.76 31.96
N PRO E 391 -68.12 25.94 32.83
CA PRO E 391 -68.40 24.50 32.86
C PRO E 391 -69.83 24.24 33.35
N LYS E 392 -70.64 23.59 32.52
CA LYS E 392 -72.05 23.34 32.85
C LYS E 392 -72.57 22.00 32.36
N ARG E 393 -73.61 21.49 33.04
CA ARG E 393 -74.24 20.22 32.68
C ARG E 393 -75.23 20.42 31.54
N ALA E 394 -75.36 19.40 30.69
CA ALA E 394 -76.26 19.45 29.53
C ALA E 394 -77.72 19.35 29.95
N ALA E 395 -78.32 20.49 30.28
CA ALA E 395 -79.68 20.58 30.84
C ALA E 395 -80.71 19.76 30.08
N ALA E 396 -80.96 20.12 28.82
CA ALA E 396 -81.98 19.46 27.99
C ALA E 396 -81.60 18.03 27.61
N PHE E 397 -80.31 17.77 27.45
CA PHE E 397 -79.81 16.44 27.10
C PHE E 397 -79.92 15.46 28.27
N GLU E 398 -79.57 15.92 29.47
CA GLU E 398 -79.75 15.14 30.69
C GLU E 398 -81.22 14.81 30.93
N ALA E 399 -82.08 15.81 30.79
CA ALA E 399 -83.51 15.69 31.08
C ALA E 399 -84.22 14.73 30.14
N ALA E 400 -84.08 14.95 28.83
CA ALA E 400 -84.79 14.15 27.82
C ALA E 400 -84.29 12.71 27.75
N LEU E 401 -83.48 12.32 28.73
CA LEU E 401 -82.83 11.02 28.76
C LEU E 401 -83.34 10.13 29.90
N ILE E 402 -83.89 10.77 30.93
CA ILE E 402 -84.31 10.08 32.16
C ILE E 402 -85.47 9.11 31.91
N GLY E 403 -85.30 7.86 32.35
CA GLY E 403 -86.31 6.82 32.21
C GLY E 403 -86.32 6.16 30.84
N GLN E 404 -85.41 6.59 29.96
CA GLN E 404 -85.32 6.06 28.61
C GLN E 404 -84.47 4.80 28.55
N ASP E 405 -84.66 4.02 27.48
CA ASP E 405 -83.88 2.82 27.24
C ASP E 405 -82.45 3.18 26.86
N PHE E 406 -81.49 2.61 27.60
CA PHE E 406 -80.07 2.88 27.35
C PHE E 406 -79.55 2.07 26.16
N ARG E 407 -79.73 2.63 24.97
CA ARG E 407 -79.18 2.07 23.74
C ARG E 407 -78.69 3.21 22.85
N GLU E 408 -77.89 2.90 21.84
CA GLU E 408 -77.34 3.91 20.94
C GLU E 408 -78.43 4.70 20.19
N ASP E 409 -79.41 3.98 19.63
CA ASP E 409 -80.47 4.60 18.83
C ASP E 409 -81.33 5.60 19.60
N THR E 410 -81.56 5.33 20.88
CA THR E 410 -82.30 6.25 21.75
C THR E 410 -81.48 7.52 22.00
N ILE E 411 -80.19 7.35 22.29
CA ILE E 411 -79.26 8.47 22.48
C ILE E 411 -79.16 9.31 21.20
N ALA E 412 -79.16 8.62 20.05
CA ALA E 412 -79.05 9.25 18.73
C ALA E 412 -80.14 10.28 18.46
N ALA E 413 -81.38 9.97 18.85
CA ALA E 413 -82.50 10.90 18.70
C ALA E 413 -82.38 12.08 19.68
N ALA E 414 -81.72 11.82 20.82
CA ALA E 414 -81.54 12.83 21.85
C ALA E 414 -80.43 13.82 21.51
N LEU E 415 -79.59 13.46 20.55
CA LEU E 415 -78.39 14.24 20.18
C LEU E 415 -78.61 15.72 19.86
N PRO E 416 -79.61 16.05 19.01
CA PRO E 416 -79.82 17.46 18.64
C PRO E 416 -80.04 18.41 19.82
N LEU E 417 -80.55 17.88 20.93
CA LEU E 417 -80.82 18.68 22.13
C LEU E 417 -79.58 19.34 22.71
N LEU E 418 -78.42 18.77 22.43
CA LEU E 418 -77.14 19.37 22.81
C LEU E 418 -76.88 20.71 22.11
N ALA E 419 -77.39 20.83 20.88
CA ALA E 419 -77.32 22.09 20.12
C ALA E 419 -78.22 23.16 20.72
N GLN E 420 -79.06 22.76 21.67
CA GLN E 420 -79.89 23.68 22.44
C GLN E 420 -79.26 23.98 23.79
N ASP E 421 -78.40 23.08 24.26
CA ASP E 421 -77.70 23.26 25.53
C ASP E 421 -76.44 24.11 25.41
N PHE E 422 -75.80 24.04 24.24
CA PHE E 422 -74.57 24.79 23.98
C PHE E 422 -74.56 25.41 22.59
N THR E 423 -74.04 26.62 22.51
CA THR E 423 -73.70 27.22 21.22
C THR E 423 -72.18 27.42 21.21
N PRO E 424 -71.43 26.39 20.78
CA PRO E 424 -69.97 26.37 20.84
C PRO E 424 -69.33 27.47 20.02
N LEU E 425 -68.08 27.78 20.37
CA LEU E 425 -67.35 28.89 19.79
C LEU E 425 -66.27 28.36 18.83
N SER E 426 -65.52 29.27 18.21
CA SER E 426 -64.39 28.87 17.38
C SER E 426 -63.12 29.56 17.86
N ASP E 427 -62.02 28.83 17.80
CA ASP E 427 -60.68 29.39 18.02
C ASP E 427 -59.65 28.61 17.21
N MET E 428 -58.37 28.80 17.52
CA MET E 428 -57.29 28.15 16.79
C MET E 428 -57.24 26.63 17.02
N ARG E 429 -57.80 26.20 18.15
CA ARG E 429 -57.79 24.79 18.53
C ARG E 429 -58.84 23.97 17.78
N ALA E 430 -60.03 24.55 17.60
CA ALA E 430 -61.13 23.87 16.91
C ALA E 430 -62.20 24.87 16.44
N SER E 431 -62.92 24.51 15.38
CA SER E 431 -64.08 25.27 14.93
C SER E 431 -65.31 24.90 15.77
N ALA E 432 -66.34 25.75 15.70
CA ALA E 432 -67.58 25.56 16.43
C ALA E 432 -68.31 24.30 16.00
N ALA E 433 -68.37 24.09 14.69
CA ALA E 433 -68.98 22.89 14.11
C ALA E 433 -68.36 21.62 14.69
N TYR E 434 -67.03 21.61 14.78
CA TYR E 434 -66.29 20.47 15.32
C TYR E 434 -66.60 20.23 16.81
N ARG E 435 -66.64 21.31 17.58
CA ARG E 435 -66.93 21.22 19.02
C ARG E 435 -68.32 20.65 19.31
N MET E 436 -69.33 21.15 18.58
CA MET E 436 -70.70 20.66 18.73
C MET E 436 -70.78 19.19 18.34
N ASN E 437 -70.26 18.85 17.16
CA ASN E 437 -70.26 17.47 16.70
C ASN E 437 -69.52 16.54 17.66
N ALA E 438 -68.41 17.03 18.20
CA ALA E 438 -67.56 16.26 19.10
C ALA E 438 -68.27 15.90 20.41
N ALA E 439 -69.03 16.86 20.94
CA ALA E 439 -69.78 16.66 22.18
C ALA E 439 -70.85 15.58 22.02
N GLN E 440 -71.47 15.56 20.84
CA GLN E 440 -72.46 14.54 20.51
C GLN E 440 -71.81 13.21 20.19
N ALA E 441 -70.58 13.24 19.69
CA ALA E 441 -69.80 12.02 19.43
C ALA E 441 -69.44 11.34 20.75
N MET E 442 -69.19 12.14 21.78
CA MET E 442 -68.89 11.66 23.13
C MET E 442 -70.10 10.99 23.79
N ALA E 443 -71.30 11.38 23.38
CA ALA E 443 -72.52 10.74 23.87
C ALA E 443 -72.58 9.30 23.37
N LEU E 444 -72.46 9.14 22.06
CA LEU E 444 -72.42 7.82 21.41
C LEU E 444 -71.28 6.95 21.95
N ARG E 445 -70.12 7.56 22.17
CA ARG E 445 -68.93 6.87 22.68
C ARG E 445 -69.19 6.22 24.05
N TYR E 446 -69.98 6.91 24.88
CA TYR E 446 -70.30 6.45 26.23
C TYR E 446 -71.20 5.21 26.25
N VAL E 447 -72.12 5.13 25.29
CA VAL E 447 -73.00 3.97 25.13
C VAL E 447 -72.17 2.76 24.71
N ARG E 448 -71.40 2.93 23.64
CA ARG E 448 -70.60 1.85 23.05
C ARG E 448 -69.56 1.28 24.02
N GLU E 449 -68.91 2.14 24.79
CA GLU E 449 -67.93 1.72 25.79
C GLU E 449 -68.58 0.90 26.90
N LEU E 450 -69.76 1.35 27.34
CA LEU E 450 -70.50 0.66 28.40
C LEU E 450 -71.09 -0.68 27.94
N SER E 451 -71.39 -0.80 26.65
CA SER E 451 -71.85 -2.06 26.08
C SER E 451 -70.68 -3.01 25.80
N GLY E 452 -69.46 -2.53 26.02
CA GLY E 452 -68.25 -3.34 25.87
C GLY E 452 -67.60 -3.31 24.49
N GLU E 453 -67.91 -2.27 23.71
CA GLU E 453 -67.37 -2.10 22.35
C GLU E 453 -66.05 -1.33 22.38
N ALA E 454 -65.22 -1.56 21.36
CA ALA E 454 -63.90 -0.93 21.26
C ALA E 454 -64.04 0.52 20.80
N VAL E 455 -63.49 1.44 21.58
CA VAL E 455 -63.65 2.88 21.33
C VAL E 455 -62.35 3.69 21.47
N ALA E 456 -61.59 3.42 22.53
CA ALA E 456 -60.37 4.20 22.84
C ALA E 456 -59.23 3.93 21.86
N VAL E 457 -58.69 5.00 21.30
CA VAL E 457 -57.55 4.93 20.36
C VAL E 457 -56.25 4.68 21.12
N LEU E 458 -56.22 5.09 22.38
CA LEU E 458 -55.02 4.99 23.22
C LEU E 458 -54.84 3.62 23.86
N GLU E 459 -55.85 2.77 23.72
CA GLU E 459 -55.82 1.41 24.29
C GLU E 459 -55.54 0.32 23.25
N VAL E 460 -54.99 0.72 22.10
CA VAL E 460 -54.78 -0.19 20.98
C VAL E 460 -53.34 -0.73 20.93
N MET E 461 -53.21 -2.04 20.75
CA MET E 461 -51.94 -2.75 20.61
C MET E 461 -51.16 -2.29 19.38
N PRO E 462 -49.84 -2.06 19.53
CA PRO E 462 -48.97 -1.66 18.41
C PRO E 462 -48.77 -2.77 17.38
N SER F 2 -11.38 7.53 11.66
CA SER F 2 -12.35 6.71 12.44
C SER F 2 -13.73 6.76 11.78
N VAL F 3 -13.72 7.03 10.47
CA VAL F 3 -14.92 7.05 9.64
C VAL F 3 -15.67 5.71 9.69
N GLY F 4 -16.98 5.76 9.88
CA GLY F 4 -17.80 4.55 9.87
C GLY F 4 -18.11 3.98 11.25
N LYS F 5 -17.38 4.46 12.25
CA LYS F 5 -17.63 4.07 13.63
C LYS F 5 -18.90 4.74 14.17
N PRO F 6 -19.69 4.01 14.99
CA PRO F 6 -20.88 4.57 15.63
C PRO F 6 -20.54 5.36 16.89
N LEU F 7 -19.68 6.37 16.74
CA LEU F 7 -19.24 7.22 17.85
C LEU F 7 -20.30 8.28 18.20
N PRO F 8 -20.36 8.71 19.49
CA PRO F 8 -21.35 9.69 19.94
C PRO F 8 -21.07 11.13 19.49
N HIS F 9 -22.01 12.02 19.77
CA HIS F 9 -21.90 13.46 19.49
C HIS F 9 -20.68 14.07 20.17
N ASP F 10 -20.07 15.06 19.51
CA ASP F 10 -18.85 15.69 20.03
C ASP F 10 -19.02 16.29 21.42
N SER F 11 -20.24 16.76 21.74
CA SER F 11 -20.49 17.43 23.01
C SER F 11 -21.50 16.69 23.90
N ALA F 12 -21.67 15.40 23.64
CA ALA F 12 -22.69 14.59 24.29
C ALA F 12 -22.58 14.51 25.83
N ARG F 13 -21.37 14.69 26.33
CA ARG F 13 -21.13 14.70 27.77
C ARG F 13 -21.51 16.05 28.36
N ALA F 14 -21.17 17.12 27.64
CA ALA F 14 -21.49 18.49 28.06
C ALA F 14 -23.00 18.73 28.04
N HIS F 15 -23.68 18.18 27.02
CA HIS F 15 -25.14 18.15 26.96
C HIS F 15 -25.70 17.50 28.23
N VAL F 16 -25.21 16.29 28.52
CA VAL F 16 -25.67 15.49 29.64
C VAL F 16 -25.44 16.10 31.03
N THR F 17 -24.33 16.84 31.17
CA THR F 17 -24.00 17.48 32.45
C THR F 17 -24.58 18.88 32.54
N GLY F 18 -25.09 19.38 31.41
CA GLY F 18 -25.55 20.76 31.32
C GLY F 18 -24.40 21.75 31.34
N GLN F 19 -23.27 21.34 30.79
CA GLN F 19 -22.08 22.19 30.77
C GLN F 19 -21.83 22.83 29.42
N ALA F 20 -22.55 22.36 28.40
CA ALA F 20 -22.49 22.96 27.06
C ALA F 20 -23.05 24.38 27.07
N ARG F 21 -22.35 25.28 26.37
CA ARG F 21 -22.72 26.68 26.36
C ARG F 21 -23.41 27.08 25.07
N TYR F 22 -24.60 27.64 25.23
CA TYR F 22 -25.34 28.28 24.15
C TYR F 22 -25.28 29.78 24.42
N LEU F 23 -25.53 30.60 23.40
CA LEU F 23 -25.30 32.05 23.46
C LEU F 23 -25.63 32.75 24.78
N ASP F 24 -26.82 32.47 25.33
CA ASP F 24 -27.26 33.08 26.58
C ASP F 24 -26.50 32.56 27.79
N ASP F 25 -25.86 31.40 27.65
CA ASP F 25 -25.06 30.82 28.73
C ASP F 25 -23.74 31.55 28.92
N LEU F 26 -23.19 32.07 27.83
CA LEU F 26 -21.87 32.71 27.81
C LEU F 26 -21.73 33.79 28.87
N PRO F 27 -20.54 33.90 29.49
CA PRO F 27 -20.27 35.02 30.38
C PRO F 27 -20.04 36.28 29.56
N CYS F 28 -20.46 37.43 30.09
CA CYS F 28 -20.22 38.72 29.43
C CYS F 28 -20.27 39.86 30.45
N PRO F 29 -19.61 41.00 30.15
CA PRO F 29 -19.37 42.08 31.13
C PRO F 29 -20.61 42.58 31.85
N ALA F 30 -20.40 43.24 32.99
CA ALA F 30 -21.47 43.75 33.83
C ALA F 30 -22.43 44.64 33.06
N ASN F 31 -21.88 45.47 32.18
CA ASN F 31 -22.67 46.46 31.44
C ASN F 31 -23.51 45.92 30.27
N THR F 32 -23.32 44.65 29.92
CA THR F 32 -24.03 44.06 28.79
C THR F 32 -25.52 44.34 28.87
N LEU F 33 -26.02 44.99 27.82
CA LEU F 33 -27.43 45.37 27.71
C LEU F 33 -28.29 44.24 27.12
N HIS F 34 -29.60 44.44 27.13
CA HIS F 34 -30.55 43.47 26.62
C HIS F 34 -31.58 44.17 25.75
N LEU F 35 -31.83 43.62 24.56
CA LEU F 35 -32.67 44.30 23.56
C LEU F 35 -34.04 43.66 23.35
N ALA F 36 -34.96 44.45 22.78
CA ALA F 36 -36.27 43.97 22.34
C ALA F 36 -36.76 44.83 21.17
N PHE F 37 -37.47 44.21 20.24
CA PHE F 37 -38.14 44.95 19.19
C PHE F 37 -39.50 45.40 19.70
N GLY F 38 -39.96 46.55 19.22
CA GLY F 38 -41.36 46.94 19.33
C GLY F 38 -42.04 46.53 18.04
N LEU F 39 -43.11 45.75 18.13
CA LEU F 39 -43.69 45.14 16.93
C LEU F 39 -44.93 45.85 16.38
N SER F 40 -45.16 45.69 15.08
CA SER F 40 -46.36 46.17 14.41
C SER F 40 -47.57 45.35 14.79
N THR F 41 -48.66 46.04 15.10
CA THR F 41 -49.94 45.41 15.37
C THR F 41 -50.78 45.36 14.10
N GLU F 42 -50.29 46.00 13.04
CA GLU F 42 -51.01 46.14 11.77
C GLU F 42 -50.41 45.29 10.66
N ALA F 43 -51.27 44.53 9.97
CA ALA F 43 -50.88 43.65 8.87
C ALA F 43 -50.42 44.43 7.63
N SER F 44 -50.92 45.65 7.46
CA SER F 44 -50.58 46.50 6.34
C SER F 44 -51.08 47.91 6.63
N ALA F 45 -50.15 48.84 6.84
CA ALA F 45 -50.49 50.22 7.19
C ALA F 45 -49.29 51.15 7.01
N ALA F 46 -49.58 52.44 6.90
CA ALA F 46 -48.53 53.47 7.00
C ALA F 46 -48.42 53.90 8.46
N ILE F 47 -47.25 54.37 8.86
CA ILE F 47 -47.06 54.86 10.22
C ILE F 47 -47.15 56.37 10.25
N THR F 48 -48.21 56.86 10.86
CA THR F 48 -48.51 58.29 10.94
C THR F 48 -47.70 58.97 12.04
N GLY F 49 -47.60 58.31 13.19
CA GLY F 49 -46.90 58.87 14.33
C GLY F 49 -46.22 57.81 15.17
N LEU F 50 -45.21 58.22 15.92
CA LEU F 50 -44.38 57.30 16.67
C LEU F 50 -43.87 57.94 17.97
N ASP F 51 -44.73 57.98 18.98
CA ASP F 51 -44.34 58.51 20.30
C ASP F 51 -43.62 57.43 21.09
N LEU F 52 -42.31 57.62 21.24
CA LEU F 52 -41.47 56.66 21.97
C LEU F 52 -41.08 57.19 23.34
N GLU F 53 -41.88 58.12 23.84
CA GLU F 53 -41.61 58.78 25.12
C GLU F 53 -41.88 57.91 26.35
N PRO F 54 -42.96 57.09 26.34
CA PRO F 54 -43.16 56.19 27.47
C PRO F 54 -42.23 54.98 27.42
N VAL F 55 -41.50 54.84 26.32
CA VAL F 55 -40.49 53.81 26.19
C VAL F 55 -39.19 54.29 26.84
N ARG F 56 -38.75 55.50 26.47
CA ARG F 56 -37.55 56.10 27.02
C ARG F 56 -37.63 56.29 28.53
N GLU F 57 -38.84 56.56 29.01
CA GLU F 57 -39.09 56.81 30.42
C GLU F 57 -39.24 55.54 31.25
N SER F 58 -39.41 54.40 30.56
CA SER F 58 -39.57 53.10 31.24
C SER F 58 -38.30 52.70 31.98
N PRO F 59 -38.46 52.08 33.17
CA PRO F 59 -37.33 51.63 34.00
C PRO F 59 -36.31 50.80 33.21
N GLY F 60 -35.03 51.15 33.37
CA GLY F 60 -33.93 50.37 32.79
C GLY F 60 -33.44 50.77 31.41
N VAL F 61 -34.27 51.47 30.63
CA VAL F 61 -33.92 51.78 29.25
C VAL F 61 -32.72 52.71 29.13
N ILE F 62 -31.83 52.38 28.20
CA ILE F 62 -30.61 53.16 27.96
C ILE F 62 -30.71 53.88 26.63
N ALA F 63 -31.19 53.18 25.60
CA ALA F 63 -31.36 53.76 24.26
C ALA F 63 -32.57 53.19 23.54
N VAL F 64 -33.12 53.96 22.61
CA VAL F 64 -34.28 53.55 21.81
C VAL F 64 -34.00 53.87 20.35
N PHE F 65 -34.20 52.90 19.47
CA PHE F 65 -33.77 53.03 18.08
C PHE F 65 -34.89 52.97 17.06
N THR F 66 -34.79 53.82 16.05
CA THR F 66 -35.71 53.83 14.91
C THR F 66 -34.91 53.64 13.63
N ALA F 67 -35.58 53.28 12.54
CA ALA F 67 -34.96 53.20 11.21
C ALA F 67 -34.24 54.50 10.86
N ALA F 68 -34.73 55.60 11.43
CA ALA F 68 -34.11 56.92 11.26
C ALA F 68 -32.74 56.98 11.94
N ASP F 69 -32.59 56.24 13.04
CA ASP F 69 -31.36 56.22 13.83
C ASP F 69 -30.29 55.32 13.23
N LEU F 70 -30.67 54.45 12.30
CA LEU F 70 -29.73 53.49 11.70
C LEU F 70 -28.68 54.16 10.82
N PRO F 71 -27.39 54.06 11.20
CA PRO F 71 -26.29 54.77 10.53
C PRO F 71 -26.14 54.46 9.03
N HIS F 72 -26.35 53.21 8.64
CA HIS F 72 -26.15 52.80 7.25
C HIS F 72 -27.28 51.91 6.74
N ASP F 73 -26.95 50.70 6.29
CA ASP F 73 -27.95 49.80 5.68
C ASP F 73 -29.03 49.33 6.65
N ASN F 74 -30.28 49.48 6.23
CA ASN F 74 -31.44 48.90 6.93
C ASN F 74 -31.95 47.71 6.12
N ASP F 75 -31.17 46.63 6.12
CA ASP F 75 -31.41 45.51 5.21
C ASP F 75 -30.93 44.17 5.81
N ALA F 76 -31.87 43.25 5.99
CA ALA F 76 -31.57 41.97 6.63
C ALA F 76 -31.87 40.75 5.74
N SER F 77 -32.27 41.01 4.49
CA SER F 77 -32.67 39.95 3.56
C SER F 77 -31.50 39.19 2.95
N PRO F 78 -31.63 37.85 2.85
CA PRO F 78 -30.65 37.07 2.10
C PRO F 78 -30.77 37.28 0.59
N ALA F 79 -31.93 37.78 0.17
CA ALA F 79 -32.23 38.05 -1.24
C ALA F 79 -31.75 39.45 -1.62
N PRO F 80 -31.54 39.71 -2.93
CA PRO F 80 -31.02 41.00 -3.41
C PRO F 80 -31.92 42.19 -3.05
N SER F 81 -33.23 41.99 -3.11
CA SER F 81 -34.22 43.02 -2.74
C SER F 81 -34.25 43.23 -1.22
N PRO F 82 -34.42 44.49 -0.78
CA PRO F 82 -34.23 44.82 0.64
C PRO F 82 -35.35 44.34 1.55
N GLU F 83 -35.00 44.03 2.79
CA GLU F 83 -35.96 43.72 3.84
C GLU F 83 -35.51 44.48 5.09
N PRO F 84 -36.29 45.50 5.50
CA PRO F 84 -35.82 46.37 6.58
C PRO F 84 -35.71 45.66 7.93
N VAL F 85 -34.67 45.99 8.68
CA VAL F 85 -34.53 45.52 10.06
C VAL F 85 -35.51 46.30 10.94
N LEU F 86 -35.58 47.60 10.71
CA LEU F 86 -36.59 48.44 11.35
C LEU F 86 -37.51 49.08 10.32
N ALA F 87 -38.81 49.02 10.57
CA ALA F 87 -39.84 49.48 9.62
C ALA F 87 -39.62 50.92 9.16
N THR F 88 -39.75 51.12 7.86
CA THR F 88 -39.49 52.42 7.23
C THR F 88 -40.79 53.07 6.78
N GLY F 89 -41.43 53.78 7.69
CA GLY F 89 -42.65 54.54 7.40
C GLY F 89 -43.93 53.70 7.31
N GLU F 90 -43.78 52.40 7.08
CA GLU F 90 -44.91 51.52 6.88
C GLU F 90 -44.65 50.13 7.45
N VAL F 91 -45.69 49.34 7.61
CA VAL F 91 -45.55 47.97 8.11
C VAL F 91 -46.20 46.96 7.14
N HIS F 92 -45.70 45.73 7.14
CA HIS F 92 -46.13 44.73 6.18
C HIS F 92 -46.70 43.43 6.76
N PHE F 93 -46.72 43.30 8.07
CA PHE F 93 -47.35 42.15 8.75
C PHE F 93 -47.38 42.38 10.26
N VAL F 94 -48.28 41.66 10.95
CA VAL F 94 -48.39 41.80 12.41
C VAL F 94 -47.21 41.09 13.07
N GLY F 95 -46.28 41.90 13.57
CA GLY F 95 -45.06 41.39 14.18
C GLY F 95 -43.81 42.06 13.63
N GLN F 96 -43.97 42.91 12.63
CA GLN F 96 -42.81 43.59 12.04
C GLN F 96 -42.19 44.55 13.03
N PRO F 97 -40.87 44.37 13.29
CA PRO F 97 -40.11 45.26 14.16
C PRO F 97 -40.14 46.71 13.66
N ILE F 98 -40.54 47.60 14.56
CA ILE F 98 -40.67 49.02 14.27
C ILE F 98 -39.52 49.80 14.93
N PHE F 99 -39.31 49.57 16.22
CA PHE F 99 -38.22 50.21 16.96
C PHE F 99 -37.43 49.21 17.81
N LEU F 100 -36.30 49.66 18.35
CA LEU F 100 -35.40 48.82 19.13
C LEU F 100 -35.15 49.42 20.51
N VAL F 101 -35.38 48.61 21.56
CA VAL F 101 -35.19 49.07 22.94
C VAL F 101 -33.95 48.43 23.55
N ALA F 102 -33.12 49.26 24.17
CA ALA F 102 -31.90 48.80 24.83
C ALA F 102 -31.97 49.05 26.34
N ALA F 103 -32.19 47.99 27.11
CA ALA F 103 -32.36 48.10 28.55
C ALA F 103 -31.33 47.32 29.35
N THR F 104 -31.32 47.51 30.66
CA THR F 104 -30.34 46.87 31.56
C THR F 104 -30.70 45.42 31.91
N SER F 105 -31.92 45.01 31.59
CA SER F 105 -32.33 43.63 31.78
C SER F 105 -33.30 43.19 30.67
N HIS F 106 -33.34 41.89 30.42
CA HIS F 106 -34.20 41.32 29.38
C HIS F 106 -35.65 41.73 29.59
N ARG F 107 -36.12 41.60 30.83
CA ARG F 107 -37.47 42.00 31.21
C ARG F 107 -37.75 43.47 30.94
N ALA F 108 -36.81 44.33 31.37
CA ALA F 108 -36.93 45.77 31.17
C ALA F 108 -37.16 46.19 29.71
N ALA F 109 -36.43 45.57 28.79
CA ALA F 109 -36.57 45.85 27.37
C ALA F 109 -37.91 45.37 26.84
N ARG F 110 -38.32 44.18 27.27
CA ARG F 110 -39.62 43.61 26.91
C ARG F 110 -40.75 44.53 27.36
N ILE F 111 -40.73 44.87 28.65
CA ILE F 111 -41.67 45.78 29.28
C ILE F 111 -41.77 47.11 28.53
N ALA F 112 -40.62 47.70 28.22
CA ALA F 112 -40.56 49.00 27.52
C ALA F 112 -41.04 48.95 26.06
N ALA F 113 -40.81 47.82 25.39
CA ALA F 113 -41.17 47.65 23.98
C ALA F 113 -42.68 47.80 23.76
N ARG F 114 -43.45 47.62 24.83
CA ARG F 114 -44.90 47.65 24.76
C ARG F 114 -45.50 49.04 25.01
N LYS F 115 -44.68 49.97 25.50
CA LYS F 115 -45.18 51.27 25.97
C LYS F 115 -45.25 52.36 24.91
N ALA F 116 -44.95 52.03 23.66
CA ALA F 116 -44.98 53.01 22.58
C ALA F 116 -46.41 53.46 22.21
N ARG F 117 -46.50 54.67 21.65
CA ARG F 117 -47.73 55.13 21.01
C ARG F 117 -47.48 55.22 19.51
N ILE F 118 -48.23 54.42 18.74
CA ILE F 118 -48.06 54.39 17.29
C ILE F 118 -49.41 54.55 16.60
N THR F 119 -49.49 55.52 15.70
CA THR F 119 -50.70 55.73 14.91
C THR F 119 -50.47 55.25 13.48
N TYR F 120 -51.39 54.43 12.99
CA TYR F 120 -51.25 53.79 11.68
C TYR F 120 -52.22 54.39 10.68
N ALA F 121 -51.96 54.13 9.41
CA ALA F 121 -52.92 54.40 8.35
C ALA F 121 -53.29 53.07 7.68
N PRO F 122 -54.24 52.33 8.29
CA PRO F 122 -54.60 51.00 7.83
C PRO F 122 -54.81 50.90 6.31
N ARG F 123 -54.25 49.85 5.73
CA ARG F 123 -54.41 49.52 4.31
C ARG F 123 -55.03 48.12 4.17
N PRO F 124 -55.58 47.79 2.99
CA PRO F 124 -56.07 46.45 2.71
C PRO F 124 -54.96 45.40 2.74
N ALA F 125 -55.03 44.49 3.71
CA ALA F 125 -54.06 43.41 3.82
C ALA F 125 -54.39 42.28 2.86
N ILE F 126 -53.34 41.61 2.38
CA ILE F 126 -53.47 40.46 1.49
C ILE F 126 -53.06 39.24 2.30
N LEU F 127 -54.03 38.45 2.74
CA LEU F 127 -53.78 37.44 3.77
C LEU F 127 -53.88 35.99 3.29
N THR F 128 -54.80 35.72 2.37
CA THR F 128 -54.96 34.37 1.81
C THR F 128 -54.26 34.30 0.46
N LEU F 129 -54.12 33.08 -0.07
CA LEU F 129 -53.50 32.88 -1.38
C LEU F 129 -54.40 33.38 -2.52
N ASP F 130 -55.71 33.19 -2.38
CA ASP F 130 -56.68 33.63 -3.38
C ASP F 130 -56.63 35.14 -3.49
N GLN F 131 -56.49 35.80 -2.34
CA GLN F 131 -56.39 37.25 -2.27
C GLN F 131 -55.16 37.73 -3.03
N ALA F 132 -54.02 37.11 -2.74
CA ALA F 132 -52.76 37.43 -3.40
C ALA F 132 -52.86 37.16 -4.89
N LEU F 133 -53.48 36.04 -5.24
CA LEU F 133 -53.62 35.65 -6.63
C LEU F 133 -54.52 36.63 -7.40
N ALA F 134 -55.59 37.09 -6.74
CA ALA F 134 -56.51 38.06 -7.32
C ALA F 134 -55.85 39.42 -7.50
N ALA F 135 -55.16 39.88 -6.45
CA ALA F 135 -54.51 41.19 -6.45
C ALA F 135 -53.21 41.17 -7.25
N ASP F 136 -52.80 39.98 -7.68
CA ASP F 136 -51.51 39.76 -8.34
C ASP F 136 -50.33 40.14 -7.43
N SER F 137 -50.52 39.97 -6.12
CA SER F 137 -49.45 40.17 -5.15
C SER F 137 -48.49 39.00 -5.19
N ARG F 138 -47.35 39.19 -5.84
CA ARG F 138 -46.40 38.10 -6.10
C ARG F 138 -44.95 38.55 -6.15
N PHE F 139 -44.05 37.59 -6.00
CA PHE F 139 -42.63 37.79 -6.19
C PHE F 139 -42.24 37.26 -7.56
N GLU F 140 -41.10 37.72 -8.08
CA GLU F 140 -40.56 37.31 -9.39
C GLU F 140 -41.44 37.73 -10.56
N GLY F 141 -42.40 38.63 -10.28
CA GLY F 141 -43.27 39.19 -11.30
C GLY F 141 -43.79 38.19 -12.32
N GLY F 142 -44.60 37.25 -11.85
CA GLY F 142 -45.16 36.22 -12.72
C GLY F 142 -44.89 34.83 -12.17
N PRO F 143 -45.63 33.82 -12.67
CA PRO F 143 -45.35 32.44 -12.26
C PRO F 143 -44.17 31.85 -13.03
N VAL F 144 -43.46 30.91 -12.41
CA VAL F 144 -42.40 30.17 -13.09
C VAL F 144 -43.01 28.91 -13.70
N ILE F 145 -42.79 28.69 -14.99
CA ILE F 145 -43.39 27.54 -15.68
C ILE F 145 -42.35 26.63 -16.33
N TRP F 146 -42.27 25.39 -15.85
CA TRP F 146 -41.45 24.35 -16.46
C TRP F 146 -42.34 23.29 -17.09
N ALA F 147 -41.89 22.73 -18.22
CA ALA F 147 -42.62 21.67 -18.92
C ALA F 147 -41.69 20.73 -19.68
N ARG F 148 -41.90 19.43 -19.50
CA ARG F 148 -41.19 18.40 -20.26
C ARG F 148 -42.23 17.64 -21.07
N GLY F 149 -42.01 17.54 -22.38
CA GLY F 149 -42.94 16.86 -23.29
C GLY F 149 -44.23 17.63 -23.48
N ASP F 150 -45.31 16.90 -23.75
CA ASP F 150 -46.63 17.50 -23.89
C ASP F 150 -47.64 16.87 -22.93
N VAL F 151 -47.94 17.59 -21.85
CA VAL F 151 -48.90 17.16 -20.85
C VAL F 151 -50.33 17.09 -21.39
N GLU F 152 -50.75 18.14 -22.09
CA GLU F 152 -52.09 18.25 -22.61
C GLU F 152 -52.43 17.09 -23.53
N THR F 153 -51.49 16.73 -24.40
CA THR F 153 -51.67 15.62 -25.33
C THR F 153 -51.72 14.28 -24.61
N ALA F 154 -50.77 14.04 -23.71
CA ALA F 154 -50.67 12.80 -22.95
C ALA F 154 -51.90 12.52 -22.11
N LEU F 155 -52.34 13.53 -21.35
CA LEU F 155 -53.51 13.40 -20.49
C LEU F 155 -54.77 13.12 -21.31
N ALA F 156 -54.88 13.76 -22.47
CA ALA F 156 -56.02 13.59 -23.37
C ALA F 156 -56.26 12.13 -23.77
N GLY F 157 -55.18 11.41 -24.08
CA GLY F 157 -55.28 10.01 -24.46
C GLY F 157 -55.03 9.02 -23.33
N ALA F 158 -55.00 9.52 -22.08
CA ALA F 158 -54.71 8.69 -20.92
C ALA F 158 -55.90 7.78 -20.57
N ALA F 159 -55.63 6.48 -20.54
CA ALA F 159 -56.65 5.48 -20.18
C ALA F 159 -57.25 5.77 -18.82
N HIS F 160 -56.42 6.32 -17.92
CA HIS F 160 -56.82 6.69 -16.57
C HIS F 160 -56.33 8.08 -16.21
N LEU F 161 -57.12 8.81 -15.44
CA LEU F 161 -56.81 10.20 -15.10
C LEU F 161 -57.31 10.57 -13.71
N ALA F 162 -56.55 11.41 -13.01
CA ALA F 162 -56.97 11.94 -11.71
C ALA F 162 -56.69 13.44 -11.59
N GLU F 163 -57.75 14.20 -11.38
CA GLU F 163 -57.66 15.62 -11.10
C GLU F 163 -58.02 15.84 -9.64
N GLY F 164 -57.37 16.82 -9.01
CA GLY F 164 -57.59 17.11 -7.60
C GLY F 164 -56.89 18.35 -7.11
N CYS F 165 -57.08 18.63 -5.83
CA CYS F 165 -56.63 19.88 -5.24
C CYS F 165 -56.68 19.76 -3.71
N PHE F 166 -55.57 20.09 -3.05
CA PHE F 166 -55.50 20.05 -1.59
C PHE F 166 -54.58 21.10 -0.97
N GLU F 167 -54.80 21.36 0.31
CA GLU F 167 -54.02 22.35 1.05
C GLU F 167 -52.89 21.70 1.83
N ILE F 168 -51.72 22.33 1.80
CA ILE F 168 -50.60 21.91 2.64
C ILE F 168 -50.24 23.05 3.57
N GLY F 169 -50.42 22.83 4.87
CA GLY F 169 -50.08 23.82 5.87
C GLY F 169 -48.58 23.98 6.02
N GLY F 170 -48.15 25.15 6.46
CA GLY F 170 -46.74 25.42 6.72
C GLY F 170 -46.30 24.75 8.00
N GLN F 171 -45.16 25.17 8.51
CA GLN F 171 -44.57 24.57 9.71
C GLN F 171 -43.64 25.54 10.44
N GLU F 172 -43.82 25.62 11.75
CA GLU F 172 -42.92 26.37 12.62
C GLU F 172 -41.77 25.47 13.10
N HIS F 173 -40.55 25.99 12.99
CA HIS F 173 -39.33 25.24 13.33
C HIS F 173 -39.34 24.72 14.77
N PHE F 174 -39.68 25.59 15.71
CA PHE F 174 -39.67 25.30 17.14
C PHE F 174 -38.39 24.64 17.63
N TYR F 175 -37.25 25.23 17.26
CA TYR F 175 -35.96 24.93 17.87
C TYR F 175 -36.04 25.25 19.37
N LEU F 176 -35.51 24.35 20.20
CA LEU F 176 -35.60 24.54 21.65
C LEU F 176 -34.85 25.78 22.14
N GLU F 177 -33.70 26.07 21.54
CA GLU F 177 -33.01 27.34 21.76
C GLU F 177 -33.56 28.36 20.76
N GLY F 178 -34.03 29.49 21.28
CA GLY F 178 -34.57 30.55 20.42
C GLY F 178 -33.51 31.28 19.61
N GLN F 179 -33.94 32.31 18.89
CA GLN F 179 -33.03 33.16 18.13
C GLN F 179 -32.29 34.05 19.12
N ALA F 180 -30.98 34.20 18.93
CA ALA F 180 -30.15 34.98 19.87
C ALA F 180 -28.84 35.51 19.26
N ALA F 181 -28.43 36.68 19.72
CA ALA F 181 -27.16 37.30 19.32
C ALA F 181 -26.52 38.09 20.47
N LEU F 182 -25.21 38.36 20.34
CA LEU F 182 -24.45 39.10 21.33
C LEU F 182 -23.28 39.82 20.67
N ALA F 183 -23.39 41.14 20.54
CA ALA F 183 -22.36 41.95 19.91
C ALA F 183 -21.40 42.54 20.93
N LEU F 184 -20.10 42.37 20.68
CA LEU F 184 -19.07 42.92 21.54
C LEU F 184 -18.24 43.95 20.78
N PRO F 185 -18.38 45.23 21.16
CA PRO F 185 -17.54 46.28 20.61
C PRO F 185 -16.08 45.96 20.88
N ALA F 186 -15.37 45.62 19.82
CA ALA F 186 -13.94 45.30 19.90
C ALA F 186 -13.15 46.33 19.10
N GLU F 187 -12.62 47.31 19.80
CA GLU F 187 -11.85 48.44 19.25
C GLU F 187 -11.77 48.52 17.72
N GLY F 188 -12.60 49.38 17.14
CA GLY F 188 -12.64 49.59 15.70
C GLY F 188 -13.67 48.77 14.96
N GLY F 189 -13.99 47.58 15.48
CA GLY F 189 -14.95 46.70 14.86
C GLY F 189 -15.83 46.02 15.89
N VAL F 190 -16.44 44.90 15.51
CA VAL F 190 -17.28 44.15 16.44
C VAL F 190 -17.03 42.64 16.37
N VAL F 191 -17.34 41.97 17.48
CA VAL F 191 -17.34 40.52 17.52
C VAL F 191 -18.75 40.02 17.80
N ILE F 192 -19.30 39.29 16.85
CA ILE F 192 -20.66 38.74 16.96
C ILE F 192 -20.65 37.29 17.40
N HIS F 193 -21.17 37.03 18.59
CA HIS F 193 -21.56 35.69 19.00
C HIS F 193 -23.05 35.60 18.73
N CYS F 194 -23.50 34.53 18.08
CA CYS F 194 -24.91 34.38 17.68
C CYS F 194 -25.29 32.94 17.41
N SER F 195 -26.60 32.68 17.46
CA SER F 195 -27.14 31.36 17.19
C SER F 195 -27.58 31.30 15.72
N SER F 196 -26.62 31.13 14.82
CA SER F 196 -26.87 31.19 13.38
C SER F 196 -26.33 29.99 12.61
N GLN F 197 -27.00 29.66 11.50
CA GLN F 197 -26.55 28.64 10.57
C GLN F 197 -25.67 29.24 9.47
N HIS F 198 -25.45 30.55 9.51
CA HIS F 198 -24.73 31.24 8.45
C HIS F 198 -23.96 32.45 9.00
N PRO F 199 -22.82 32.21 9.67
CA PRO F 199 -22.01 33.27 10.27
C PRO F 199 -21.38 34.22 9.23
N SER F 200 -21.06 33.70 8.05
CA SER F 200 -20.46 34.50 6.98
C SER F 200 -21.43 35.57 6.49
N GLU F 201 -22.72 35.24 6.51
CA GLU F 201 -23.77 36.19 6.18
C GLU F 201 -23.97 37.16 7.34
N ILE F 202 -24.11 36.62 8.56
CA ILE F 202 -24.21 37.45 9.76
C ILE F 202 -23.13 38.53 9.71
N GLN F 203 -21.93 38.15 9.26
CA GLN F 203 -20.82 39.08 9.03
C GLN F 203 -21.16 40.14 7.99
N HIS F 204 -21.54 39.68 6.80
CA HIS F 204 -21.85 40.54 5.65
C HIS F 204 -22.87 41.62 5.98
N LYS F 205 -23.89 41.25 6.74
CA LYS F 205 -24.97 42.15 7.10
C LYS F 205 -24.53 43.14 8.15
N VAL F 206 -23.95 42.61 9.23
CA VAL F 206 -23.48 43.44 10.34
C VAL F 206 -22.47 44.47 9.83
N ALA F 207 -21.60 44.05 8.92
CA ALA F 207 -20.67 44.96 8.24
C ALA F 207 -21.38 46.14 7.58
N HIS F 208 -22.36 45.85 6.73
CA HIS F 208 -23.12 46.88 6.03
C HIS F 208 -23.99 47.72 6.97
N ALA F 209 -24.40 47.11 8.08
CA ALA F 209 -25.21 47.79 9.08
C ALA F 209 -24.42 48.85 9.84
N LEU F 210 -23.10 48.64 9.90
CA LEU F 210 -22.22 49.54 10.64
C LEU F 210 -21.31 50.36 9.72
N GLY F 211 -21.47 50.17 8.42
CA GLY F 211 -20.63 50.86 7.43
C GLY F 211 -19.17 50.46 7.58
N LEU F 212 -18.95 49.19 7.88
CA LEU F 212 -17.60 48.65 8.10
C LEU F 212 -17.25 47.65 7.01
N ALA F 213 -15.95 47.56 6.73
CA ALA F 213 -15.42 46.52 5.84
C ALA F 213 -15.51 45.16 6.52
N PHE F 214 -15.64 44.12 5.72
CA PHE F 214 -15.85 42.76 6.20
C PHE F 214 -14.83 42.30 7.24
N HIS F 215 -13.56 42.69 7.05
CA HIS F 215 -12.49 42.33 7.97
C HIS F 215 -12.57 43.00 9.36
N ASP F 216 -13.58 43.86 9.55
CA ASP F 216 -13.81 44.48 10.86
C ASP F 216 -14.95 43.83 11.63
N VAL F 217 -15.54 42.79 11.02
CA VAL F 217 -16.65 42.10 11.64
C VAL F 217 -16.34 40.61 11.75
N ARG F 218 -16.29 40.14 13.00
CA ARG F 218 -15.96 38.77 13.32
C ARG F 218 -17.16 38.06 13.94
N VAL F 219 -17.51 36.91 13.38
CA VAL F 219 -18.65 36.14 13.85
C VAL F 219 -18.15 34.79 14.33
N GLU F 220 -18.37 34.52 15.62
CA GLU F 220 -17.95 33.26 16.22
C GLU F 220 -19.18 32.50 16.68
N MET F 221 -19.38 31.31 16.11
CA MET F 221 -20.55 30.50 16.37
C MET F 221 -20.11 29.08 16.73
N ARG F 222 -20.33 28.69 17.99
CA ARG F 222 -19.92 27.38 18.50
C ARG F 222 -20.97 26.29 18.29
N ARG F 223 -22.17 26.50 18.80
CA ARG F 223 -23.26 25.52 18.67
C ARG F 223 -24.63 26.20 18.62
N MET F 224 -25.64 25.44 18.20
CA MET F 224 -27.05 25.86 18.20
C MET F 224 -27.94 24.85 18.90
N GLY F 225 -28.89 25.33 19.70
CA GLY F 225 -29.91 24.47 20.30
C GLY F 225 -31.00 24.11 19.30
N GLY F 226 -30.61 23.94 18.04
CA GLY F 226 -31.54 23.65 16.97
C GLY F 226 -31.50 24.74 15.92
N GLY F 227 -31.51 24.32 14.66
CA GLY F 227 -31.54 25.24 13.52
C GLY F 227 -32.72 24.91 12.63
N PHE F 228 -32.68 23.71 12.02
CA PHE F 228 -33.76 23.18 11.17
C PHE F 228 -34.10 24.01 9.93
N GLY F 229 -33.22 24.95 9.58
CA GLY F 229 -33.48 25.89 8.50
C GLY F 229 -33.89 27.24 9.07
N GLY F 230 -34.37 27.21 10.31
CA GLY F 230 -34.89 28.38 11.01
C GLY F 230 -33.87 29.45 11.38
N LYS F 231 -32.59 29.17 11.14
CA LYS F 231 -31.53 30.13 11.46
C LYS F 231 -30.61 30.39 10.27
N GLU F 232 -31.08 30.05 9.07
CA GLU F 232 -30.32 30.30 7.83
C GLU F 232 -30.29 31.78 7.46
N SER F 233 -31.34 32.51 7.84
CA SER F 233 -31.47 33.93 7.49
C SER F 233 -32.13 34.77 8.59
N GLN F 234 -32.91 34.12 9.45
CA GLN F 234 -33.65 34.80 10.51
C GLN F 234 -32.74 35.41 11.57
N GLY F 235 -31.53 34.87 11.69
CA GLY F 235 -30.54 35.40 12.63
C GLY F 235 -30.05 36.80 12.29
N ASN F 236 -30.21 37.20 11.03
CA ASN F 236 -29.77 38.51 10.55
C ASN F 236 -30.30 39.69 11.36
N HIS F 237 -31.54 39.60 11.83
CA HIS F 237 -32.20 40.73 12.51
C HIS F 237 -31.66 41.00 13.91
N LEU F 238 -31.32 39.94 14.64
CA LEU F 238 -30.80 40.07 15.99
C LEU F 238 -29.35 40.52 15.97
N ALA F 239 -28.62 40.04 14.96
CA ALA F 239 -27.22 40.42 14.77
C ALA F 239 -27.03 41.91 14.42
N ILE F 240 -27.91 42.45 13.59
CA ILE F 240 -27.85 43.87 13.22
C ILE F 240 -28.28 44.73 14.42
N ALA F 241 -29.37 44.31 15.07
CA ALA F 241 -29.88 44.97 16.26
C ALA F 241 -28.82 45.05 17.36
N CYS F 242 -28.13 43.94 17.62
CA CYS F 242 -27.08 43.92 18.63
C CYS F 242 -25.88 44.78 18.27
N ALA F 243 -25.49 44.73 16.99
CA ALA F 243 -24.35 45.49 16.49
C ALA F 243 -24.58 47.00 16.58
N VAL F 244 -25.68 47.48 16.02
CA VAL F 244 -25.98 48.92 15.98
C VAL F 244 -26.14 49.50 17.38
N ALA F 245 -26.84 48.77 18.26
CA ALA F 245 -27.04 49.17 19.65
C ALA F 245 -25.71 49.30 20.39
N ALA F 246 -24.84 48.30 20.21
CA ALA F 246 -23.49 48.30 20.77
C ALA F 246 -22.66 49.47 20.25
N ARG F 247 -22.65 49.65 18.93
CA ARG F 247 -21.94 50.75 18.30
C ARG F 247 -22.36 52.07 18.94
N ALA F 248 -23.66 52.25 19.14
CA ALA F 248 -24.24 53.50 19.64
C ALA F 248 -23.97 53.72 21.13
N THR F 249 -24.26 52.71 21.94
CA THR F 249 -24.09 52.80 23.39
C THR F 249 -22.63 52.64 23.83
N GLY F 250 -21.85 51.90 23.05
CA GLY F 250 -20.47 51.56 23.42
C GLY F 250 -20.39 50.31 24.28
N ARG F 251 -21.54 49.87 24.78
CA ARG F 251 -21.65 48.69 25.65
C ARG F 251 -21.87 47.40 24.85
N PRO F 252 -21.52 46.23 25.43
CA PRO F 252 -21.95 44.93 24.90
C PRO F 252 -23.47 44.82 24.86
N CYS F 253 -24.00 44.28 23.77
CA CYS F 253 -25.44 44.18 23.57
C CYS F 253 -25.88 42.77 23.22
N LYS F 254 -26.82 42.26 24.02
CA LYS F 254 -27.35 40.92 23.84
C LYS F 254 -28.82 40.97 23.49
N MET F 255 -29.25 40.07 22.60
CA MET F 255 -30.66 39.97 22.23
C MET F 255 -31.08 38.52 22.03
N ARG F 256 -32.12 38.11 22.75
CA ARG F 256 -32.71 36.81 22.53
C ARG F 256 -34.23 36.93 22.51
N TYR F 257 -34.85 36.33 21.49
CA TYR F 257 -36.31 36.38 21.37
C TYR F 257 -36.97 35.55 22.45
N ASP F 258 -38.01 36.11 23.03
CA ASP F 258 -38.93 35.34 23.85
C ASP F 258 -39.61 34.36 22.91
N ARG F 259 -40.17 33.27 23.44
CA ARG F 259 -40.83 32.30 22.58
C ARG F 259 -41.92 32.94 21.70
N ASP F 260 -42.70 33.84 22.30
CA ASP F 260 -43.79 34.55 21.62
C ASP F 260 -43.29 35.37 20.43
N ASP F 261 -42.33 36.26 20.72
CA ASP F 261 -41.70 37.10 19.70
C ASP F 261 -41.13 36.24 18.59
N ASP F 262 -40.41 35.19 18.99
CA ASP F 262 -39.79 34.27 18.05
C ASP F 262 -40.82 33.77 17.04
N MET F 263 -41.93 33.24 17.55
CA MET F 263 -42.98 32.67 16.71
C MET F 263 -43.74 33.70 15.86
N VAL F 264 -43.77 34.94 16.30
CA VAL F 264 -44.46 36.00 15.56
C VAL F 264 -43.52 36.71 14.55
N ILE F 265 -42.30 37.04 14.98
CA ILE F 265 -41.37 37.74 14.10
C ILE F 265 -40.85 36.88 12.96
N THR F 266 -40.40 35.66 13.29
CA THR F 266 -39.68 34.82 12.33
C THR F 266 -40.57 34.09 11.32
N GLY F 267 -39.93 33.55 10.28
CA GLY F 267 -40.63 32.87 9.20
C GLY F 267 -41.00 31.43 9.52
N LYS F 268 -41.62 30.77 8.55
CA LYS F 268 -42.06 29.38 8.68
C LYS F 268 -41.86 28.63 7.38
N ARG F 269 -42.21 27.34 7.35
CA ARG F 269 -42.15 26.58 6.12
C ARG F 269 -43.26 27.09 5.22
N HIS F 270 -42.93 27.33 3.96
CA HIS F 270 -43.90 27.80 2.96
C HIS F 270 -45.07 26.82 2.88
N ASP F 271 -46.28 27.32 3.13
CA ASP F 271 -47.49 26.52 2.92
C ASP F 271 -47.86 26.54 1.45
N PHE F 272 -48.52 25.48 1.01
CA PHE F 272 -48.78 25.27 -0.40
C PHE F 272 -50.24 24.89 -0.67
N ARG F 273 -50.74 25.32 -1.83
CA ARG F 273 -51.95 24.76 -2.40
C ARG F 273 -51.53 24.12 -3.71
N ILE F 274 -51.82 22.83 -3.85
CA ILE F 274 -51.38 22.11 -5.03
C ILE F 274 -52.56 21.57 -5.83
N ARG F 275 -52.65 22.04 -7.08
CA ARG F 275 -53.62 21.58 -8.06
C ARG F 275 -52.91 20.60 -8.98
N TYR F 276 -53.56 19.47 -9.28
CA TYR F 276 -52.91 18.41 -10.07
C TYR F 276 -53.81 17.70 -11.08
N ARG F 277 -53.20 17.27 -12.19
CA ARG F 277 -53.83 16.34 -13.11
C ARG F 277 -52.80 15.27 -13.45
N ILE F 278 -53.10 14.03 -13.10
CA ILE F 278 -52.17 12.92 -13.33
C ILE F 278 -52.79 11.83 -14.20
N GLY F 279 -52.07 11.44 -15.24
CA GLY F 279 -52.56 10.45 -16.22
C GLY F 279 -51.74 9.17 -16.25
N ALA F 280 -52.38 8.08 -16.64
CA ALA F 280 -51.74 6.76 -16.63
C ALA F 280 -52.06 5.91 -17.86
N ASP F 281 -51.22 4.89 -18.05
CA ASP F 281 -51.38 3.86 -19.06
C ASP F 281 -52.49 2.90 -18.65
N ALA F 282 -52.93 2.06 -19.57
CA ALA F 282 -53.84 0.96 -19.25
C ALA F 282 -53.12 -0.07 -18.39
N SER F 283 -51.79 -0.09 -18.50
CA SER F 283 -50.92 -0.96 -17.70
C SER F 283 -50.58 -0.33 -16.34
N GLY F 284 -50.79 0.98 -16.22
CA GLY F 284 -50.51 1.70 -14.98
C GLY F 284 -49.33 2.66 -15.06
N LYS F 285 -48.56 2.55 -16.14
CA LYS F 285 -47.41 3.44 -16.39
C LYS F 285 -47.85 4.89 -16.55
N LEU F 286 -47.06 5.82 -16.04
CA LEU F 286 -47.41 7.24 -16.11
C LEU F 286 -47.23 7.79 -17.53
N LEU F 287 -48.18 8.61 -17.95
CA LEU F 287 -48.15 9.27 -19.25
C LEU F 287 -47.81 10.75 -19.15
N GLY F 288 -48.37 11.41 -18.13
CA GLY F 288 -48.14 12.84 -17.91
C GLY F 288 -48.71 13.33 -16.60
N ALA F 289 -48.04 14.30 -15.99
CA ALA F 289 -48.54 14.93 -14.77
C ALA F 289 -48.41 16.44 -14.84
N ASP F 290 -49.53 17.13 -14.65
CA ASP F 290 -49.55 18.59 -14.66
C ASP F 290 -49.80 19.12 -13.26
N PHE F 291 -48.90 19.99 -12.80
CA PHE F 291 -48.97 20.54 -11.44
C PHE F 291 -49.06 22.06 -11.43
N VAL F 292 -49.82 22.59 -10.46
CA VAL F 292 -49.86 24.02 -10.17
C VAL F 292 -49.54 24.27 -8.69
N HIS F 293 -48.41 24.92 -8.44
CA HIS F 293 -47.98 25.24 -7.08
C HIS F 293 -48.29 26.69 -6.75
N LEU F 294 -49.09 26.89 -5.70
CA LEU F 294 -49.30 28.23 -5.14
C LEU F 294 -48.69 28.26 -3.74
N ALA F 295 -47.60 28.99 -3.59
CA ALA F 295 -46.89 29.04 -2.32
C ALA F 295 -47.09 30.38 -1.62
N ARG F 296 -47.33 30.32 -0.31
CA ARG F 296 -47.40 31.53 0.51
C ARG F 296 -45.98 31.92 0.94
N CYS F 297 -45.49 33.03 0.39
CA CYS F 297 -44.10 33.44 0.63
C CYS F 297 -43.94 34.47 1.74
N GLY F 298 -44.99 35.24 2.00
CA GLY F 298 -44.93 36.30 3.00
C GLY F 298 -44.61 37.66 2.43
N TRP F 299 -44.31 38.61 3.31
CA TRP F 299 -44.14 40.00 2.93
C TRP F 299 -42.79 40.28 2.26
N SER F 300 -41.82 39.40 2.50
CA SER F 300 -40.47 39.58 2.02
C SER F 300 -39.97 38.35 1.28
N ALA F 301 -39.12 38.58 0.28
CA ALA F 301 -38.55 37.51 -0.53
C ALA F 301 -37.89 36.39 0.30
N ASP F 302 -36.88 36.78 1.10
CA ASP F 302 -36.06 35.83 1.86
C ASP F 302 -35.44 34.78 0.95
N LEU F 303 -35.84 33.52 1.14
CA LEU F 303 -35.32 32.40 0.36
C LEU F 303 -36.42 31.71 -0.45
N SER F 304 -37.53 32.42 -0.68
CA SER F 304 -38.69 31.84 -1.35
C SER F 304 -38.38 31.38 -2.76
N LEU F 305 -37.53 32.13 -3.45
CA LEU F 305 -37.12 31.81 -4.81
C LEU F 305 -36.43 30.44 -4.87
N PRO F 306 -35.29 30.27 -4.16
CA PRO F 306 -34.69 28.93 -4.16
C PRO F 306 -35.58 27.84 -3.55
N VAL F 307 -36.42 28.18 -2.57
CA VAL F 307 -37.31 27.20 -1.93
C VAL F 307 -38.27 26.59 -2.97
N CYS F 308 -38.92 27.46 -3.74
CA CYS F 308 -39.93 27.03 -4.70
C CYS F 308 -39.34 26.36 -5.94
N ASP F 309 -38.11 26.75 -6.29
CA ASP F 309 -37.32 26.01 -7.26
C ASP F 309 -37.21 24.55 -6.86
N ARG F 310 -36.83 24.34 -5.60
CA ARG F 310 -36.66 22.99 -5.06
C ARG F 310 -37.98 22.20 -4.97
N ALA F 311 -39.09 22.90 -4.78
CA ALA F 311 -40.43 22.29 -4.82
C ALA F 311 -40.76 21.76 -6.22
N MET F 312 -40.40 22.55 -7.24
CA MET F 312 -40.61 22.15 -8.64
C MET F 312 -39.71 20.97 -8.96
N LEU F 313 -38.46 21.08 -8.54
CA LEU F 313 -37.44 20.04 -8.77
C LEU F 313 -37.88 18.66 -8.30
N HIS F 314 -38.65 18.64 -7.21
CA HIS F 314 -39.05 17.41 -6.54
C HIS F 314 -40.51 17.04 -6.81
N ALA F 315 -41.15 17.78 -7.71
CA ALA F 315 -42.53 17.52 -8.12
C ALA F 315 -42.69 16.24 -8.95
N ASP F 316 -41.58 15.65 -9.38
CA ASP F 316 -41.60 14.34 -10.04
C ASP F 316 -41.68 13.22 -9.01
N GLY F 317 -41.33 13.54 -7.77
CA GLY F 317 -41.25 12.55 -6.71
C GLY F 317 -40.22 11.48 -7.01
N SER F 318 -40.60 10.23 -6.76
CA SER F 318 -39.73 9.08 -6.98
C SER F 318 -39.98 8.43 -8.34
N TYR F 319 -40.68 9.15 -9.23
CA TYR F 319 -41.28 8.54 -10.40
C TYR F 319 -40.84 9.16 -11.72
N PHE F 320 -40.62 8.30 -12.70
CA PHE F 320 -40.37 8.75 -14.06
C PHE F 320 -41.68 9.13 -14.73
N VAL F 321 -41.72 10.35 -15.27
CA VAL F 321 -42.90 10.87 -15.95
C VAL F 321 -42.50 11.45 -17.32
N PRO F 322 -43.00 10.83 -18.41
CA PRO F 322 -42.64 11.21 -19.78
C PRO F 322 -43.08 12.62 -20.12
N ALA F 323 -44.19 13.06 -19.52
CA ALA F 323 -44.68 14.43 -19.68
C ALA F 323 -45.00 15.02 -18.32
N LEU F 324 -44.35 16.14 -17.99
CA LEU F 324 -44.55 16.78 -16.70
C LEU F 324 -44.35 18.29 -16.78
N ARG F 325 -45.37 19.03 -16.33
CA ARG F 325 -45.34 20.48 -16.28
C ARG F 325 -45.61 20.99 -14.87
N ILE F 326 -44.91 22.05 -14.47
CA ILE F 326 -45.15 22.72 -13.19
C ILE F 326 -45.30 24.22 -13.39
N GLU F 327 -46.36 24.78 -12.80
CA GLU F 327 -46.60 26.23 -12.80
C GLU F 327 -46.57 26.73 -11.35
N SER F 328 -45.49 27.43 -11.01
CA SER F 328 -45.23 27.83 -9.63
C SER F 328 -45.54 29.30 -9.38
N HIS F 329 -46.46 29.55 -8.46
CA HIS F 329 -46.81 30.92 -8.08
C HIS F 329 -46.23 31.21 -6.71
N ARG F 330 -45.26 32.13 -6.69
CA ARG F 330 -44.65 32.57 -5.45
C ARG F 330 -45.34 33.84 -5.01
N LEU F 331 -46.44 33.66 -4.26
CA LEU F 331 -47.36 34.73 -3.91
C LEU F 331 -46.94 35.50 -2.67
N ARG F 332 -47.04 36.83 -2.75
CA ARG F 332 -46.75 37.72 -1.62
C ARG F 332 -47.98 37.96 -0.77
N THR F 333 -47.84 37.80 0.55
CA THR F 333 -48.94 38.01 1.49
C THR F 333 -48.45 38.75 2.74
N ASN F 334 -49.32 39.58 3.32
CA ASN F 334 -48.96 40.37 4.50
C ASN F 334 -48.89 39.56 5.80
N THR F 335 -48.19 38.42 5.72
CA THR F 335 -47.88 37.57 6.89
C THR F 335 -46.37 37.38 6.94
N GLN F 336 -45.92 36.56 7.90
CA GLN F 336 -44.50 36.31 8.13
C GLN F 336 -43.78 35.85 6.87
N SER F 337 -42.59 36.41 6.65
CA SER F 337 -41.79 36.06 5.49
C SER F 337 -41.27 34.62 5.63
N ASN F 338 -41.94 33.71 4.94
CA ASN F 338 -41.59 32.30 4.97
C ASN F 338 -40.19 32.03 4.46
N THR F 339 -39.53 31.06 5.08
CA THR F 339 -38.08 30.87 4.96
C THR F 339 -37.69 29.41 4.69
N ALA F 340 -36.40 29.10 4.87
CA ALA F 340 -35.90 27.73 4.81
C ALA F 340 -36.44 26.87 5.96
N PHE F 341 -36.65 25.59 5.68
CA PHE F 341 -37.03 24.60 6.70
C PHE F 341 -36.72 23.20 6.18
N ARG F 342 -35.80 22.51 6.86
CA ARG F 342 -35.47 21.10 6.62
C ARG F 342 -36.31 20.45 5.51
N GLY F 343 -35.76 20.44 4.30
CA GLY F 343 -36.50 19.97 3.14
C GLY F 343 -36.50 21.07 2.09
N PHE F 344 -36.63 22.31 2.55
CA PHE F 344 -36.45 23.48 1.70
C PHE F 344 -37.34 23.41 0.47
N GLY F 345 -38.65 23.41 0.70
CA GLY F 345 -39.64 23.34 -0.39
C GLY F 345 -39.78 21.98 -1.03
N GLY F 346 -38.71 21.18 -0.94
CA GLY F 346 -38.68 19.80 -1.43
C GLY F 346 -39.86 18.91 -1.06
N PRO F 347 -40.16 18.75 0.26
CA PRO F 347 -41.24 17.86 0.69
C PRO F 347 -42.60 18.26 0.13
N GLN F 348 -42.88 19.57 0.12
CA GLN F 348 -44.12 20.08 -0.44
C GLN F 348 -44.30 19.58 -1.87
N GLY F 349 -43.28 19.78 -2.71
CA GLY F 349 -43.30 19.34 -4.10
C GLY F 349 -43.44 17.84 -4.28
N ALA F 350 -42.79 17.08 -3.40
CA ALA F 350 -42.84 15.62 -3.44
C ALA F 350 -44.20 15.11 -2.97
N LEU F 351 -44.75 15.73 -1.93
CA LEU F 351 -46.07 15.40 -1.41
C LEU F 351 -47.14 15.63 -2.47
N GLY F 352 -46.95 16.68 -3.27
CA GLY F 352 -47.81 16.95 -4.41
C GLY F 352 -47.95 15.73 -5.30
N MET F 353 -46.81 15.15 -5.67
CA MET F 353 -46.78 13.96 -6.54
C MET F 353 -47.36 12.71 -5.86
N GLU F 354 -47.12 12.57 -4.56
CA GLU F 354 -47.61 11.43 -3.80
C GLU F 354 -49.13 11.43 -3.65
N ARG F 355 -49.71 12.61 -3.49
CA ARG F 355 -51.16 12.76 -3.34
C ARG F 355 -51.84 12.44 -4.66
N ALA F 356 -51.24 12.89 -5.75
CA ALA F 356 -51.75 12.65 -7.10
C ALA F 356 -51.71 11.17 -7.48
N ILE F 357 -50.57 10.53 -7.24
CA ILE F 357 -50.41 9.11 -7.55
C ILE F 357 -51.31 8.26 -6.68
N GLU F 358 -51.57 8.74 -5.46
CA GLU F 358 -52.50 8.08 -4.56
C GLU F 358 -53.94 8.20 -5.10
N HIS F 359 -54.31 9.39 -5.54
CA HIS F 359 -55.62 9.64 -6.14
C HIS F 359 -55.80 8.79 -7.38
N LEU F 360 -54.74 8.73 -8.19
CA LEU F 360 -54.72 7.92 -9.40
C LEU F 360 -54.87 6.43 -9.08
N ALA F 361 -54.20 5.96 -8.03
CA ALA F 361 -54.31 4.56 -7.60
C ALA F 361 -55.72 4.23 -7.13
N ARG F 362 -56.29 5.12 -6.29
CA ARG F 362 -57.63 4.93 -5.74
C ARG F 362 -58.71 5.03 -6.81
N GLY F 363 -58.42 5.79 -7.86
CA GLY F 363 -59.34 5.97 -8.98
C GLY F 363 -59.51 4.71 -9.82
N MET F 364 -58.43 3.95 -10.00
CA MET F 364 -58.45 2.76 -10.85
C MET F 364 -58.47 1.43 -10.06
N GLY F 365 -58.81 1.53 -8.77
CA GLY F 365 -58.96 0.36 -7.90
C GLY F 365 -57.70 -0.48 -7.76
N ARG F 366 -56.55 0.19 -7.74
CA ARG F 366 -55.27 -0.50 -7.74
C ARG F 366 -54.47 -0.17 -6.49
N ASP F 367 -53.80 -1.19 -5.95
CA ASP F 367 -52.96 -1.05 -4.75
C ASP F 367 -51.88 0.01 -4.96
N PRO F 368 -51.86 1.04 -4.09
CA PRO F 368 -50.97 2.20 -4.25
C PRO F 368 -49.49 1.80 -4.32
N ALA F 369 -49.08 0.85 -3.50
CA ALA F 369 -47.69 0.38 -3.46
C ALA F 369 -47.26 -0.24 -4.78
N GLU F 370 -48.16 -0.99 -5.40
CA GLU F 370 -47.90 -1.67 -6.67
C GLU F 370 -47.78 -0.65 -7.81
N LEU F 371 -48.58 0.40 -7.77
CA LEU F 371 -48.54 1.45 -8.79
C LEU F 371 -47.27 2.30 -8.69
N ARG F 372 -46.80 2.50 -7.46
CA ARG F 372 -45.55 3.21 -7.21
C ARG F 372 -44.34 2.42 -7.68
N ALA F 373 -44.28 1.15 -7.25
CA ALA F 373 -43.22 0.23 -7.64
C ALA F 373 -43.10 0.11 -9.16
N LEU F 374 -44.23 0.22 -9.84
CA LEU F 374 -44.31 0.16 -11.30
C LEU F 374 -43.75 1.43 -11.95
N ASN F 375 -43.73 2.52 -11.19
CA ASN F 375 -43.40 3.82 -11.74
C ASN F 375 -42.15 4.48 -11.18
N PHE F 376 -41.32 3.69 -10.49
CA PHE F 376 -40.01 4.16 -10.05
C PHE F 376 -39.06 4.30 -11.24
N TYR F 377 -38.07 5.18 -11.09
CA TYR F 377 -36.94 5.24 -12.02
C TYR F 377 -36.23 3.89 -12.01
N ASP F 378 -35.58 3.54 -13.12
CA ASP F 378 -34.89 2.27 -13.26
C ASP F 378 -33.65 2.18 -12.37
N PRO F 379 -33.18 0.95 -12.08
CA PRO F 379 -31.86 0.76 -11.47
C PRO F 379 -30.76 1.13 -12.46
N PRO F 380 -29.52 1.35 -11.97
CA PRO F 380 -28.37 1.61 -12.86
C PRO F 380 -28.09 0.44 -13.82
N GLU F 381 -27.64 0.76 -15.05
CA GLU F 381 -27.51 -0.19 -16.17
C GLU F 381 -28.86 -0.56 -16.80
N LYS F 398 -28.88 1.24 -23.93
CA LYS F 398 -29.99 2.17 -23.86
C LYS F 398 -29.63 3.45 -23.09
N LYS F 399 -30.38 4.51 -23.36
CA LYS F 399 -30.20 5.78 -22.66
C LYS F 399 -30.90 5.77 -21.30
N THR F 400 -30.25 6.40 -20.32
CA THR F 400 -30.75 6.50 -18.95
C THR F 400 -31.86 7.56 -18.90
N GLN F 401 -32.94 7.23 -18.20
CA GLN F 401 -34.05 8.17 -17.98
C GLN F 401 -33.56 9.47 -17.37
N THR F 402 -34.26 10.56 -17.65
CA THR F 402 -33.99 11.84 -17.01
C THR F 402 -35.16 12.24 -16.12
N THR F 403 -34.88 13.14 -15.19
CA THR F 403 -35.93 13.85 -14.45
C THR F 403 -36.59 14.85 -15.38
N HIS F 404 -37.72 15.42 -14.96
CA HIS F 404 -38.44 16.41 -15.77
C HIS F 404 -37.57 17.63 -16.09
N TYR F 405 -36.57 17.90 -15.25
CA TYR F 405 -35.60 18.98 -15.50
C TYR F 405 -34.38 18.49 -16.30
N GLY F 406 -34.49 17.28 -16.84
CA GLY F 406 -33.51 16.73 -17.77
C GLY F 406 -32.21 16.25 -17.16
N GLN F 407 -32.29 15.60 -16.00
CA GLN F 407 -31.09 15.06 -15.36
C GLN F 407 -31.17 13.54 -15.21
N GLU F 408 -30.12 12.86 -15.66
CA GLU F 408 -30.06 11.40 -15.62
C GLU F 408 -30.12 10.87 -14.19
N VAL F 409 -30.90 9.81 -13.99
CA VAL F 409 -30.96 9.13 -12.68
C VAL F 409 -30.26 7.78 -12.77
N ALA F 410 -28.95 7.80 -12.54
CA ALA F 410 -28.13 6.61 -12.68
C ALA F 410 -27.83 5.97 -11.33
N ASP F 411 -28.50 6.45 -10.29
CA ASP F 411 -28.23 6.00 -8.93
C ASP F 411 -29.50 5.56 -8.17
N CYS F 412 -30.57 5.31 -8.90
CA CYS F 412 -31.84 4.92 -8.28
C CYS F 412 -31.85 3.47 -7.82
N VAL F 413 -32.11 3.27 -6.54
CA VAL F 413 -32.10 1.95 -5.93
C VAL F 413 -33.43 1.62 -5.23
N LEU F 414 -34.44 2.44 -5.48
CA LEU F 414 -35.73 2.33 -4.79
C LEU F 414 -36.43 0.97 -4.98
N GLY F 415 -36.36 0.43 -6.19
CA GLY F 415 -36.95 -0.89 -6.47
C GLY F 415 -36.50 -1.95 -5.47
N GLU F 416 -35.19 -2.15 -5.39
CA GLU F 416 -34.60 -3.17 -4.51
C GLU F 416 -34.74 -2.82 -3.04
N LEU F 417 -34.72 -1.52 -2.74
CA LEU F 417 -34.84 -0.99 -1.39
C LEU F 417 -36.27 -1.16 -0.84
N VAL F 418 -37.26 -0.77 -1.64
CA VAL F 418 -38.66 -0.86 -1.24
C VAL F 418 -39.06 -2.33 -1.02
N THR F 419 -38.65 -3.20 -1.95
CA THR F 419 -38.91 -4.64 -1.85
C THR F 419 -38.32 -5.20 -0.56
N ARG F 420 -37.09 -4.82 -0.25
CA ARG F 420 -36.45 -5.27 0.99
C ARG F 420 -37.20 -4.76 2.21
N LEU F 421 -37.71 -3.52 2.13
CA LEU F 421 -38.43 -2.90 3.24
C LEU F 421 -39.78 -3.57 3.52
N GLN F 422 -40.55 -3.79 2.46
CA GLN F 422 -41.88 -4.39 2.58
C GLN F 422 -41.86 -5.77 3.23
N LYS F 423 -40.86 -6.57 2.86
CA LYS F 423 -40.73 -7.93 3.37
C LYS F 423 -40.26 -7.95 4.82
N SER F 424 -39.35 -7.04 5.18
CA SER F 424 -38.85 -6.96 6.54
C SER F 424 -39.87 -6.34 7.50
N ALA F 425 -40.78 -5.52 6.96
CA ALA F 425 -41.82 -4.89 7.77
C ALA F 425 -43.06 -5.76 7.86
N ASN F 426 -43.03 -6.90 7.14
CA ASN F 426 -44.15 -7.84 7.06
C ASN F 426 -45.37 -7.14 6.45
N PHE F 427 -45.19 -6.61 5.25
CA PHE F 427 -46.17 -5.71 4.65
C PHE F 427 -47.50 -6.38 4.33
N THR F 428 -47.49 -7.32 3.39
CA THR F 428 -48.71 -7.91 2.84
C THR F 428 -49.61 -8.55 3.89
N THR F 429 -49.01 -9.30 4.81
CA THR F 429 -49.75 -9.98 5.88
C THR F 429 -50.42 -8.96 6.80
N ARG F 430 -49.62 -8.01 7.30
CA ARG F 430 -50.14 -6.94 8.14
C ARG F 430 -51.23 -6.14 7.43
N ARG F 431 -51.03 -5.91 6.13
CA ARG F 431 -51.99 -5.19 5.29
C ARG F 431 -53.33 -5.92 5.23
N ALA F 432 -53.26 -7.25 5.06
CA ALA F 432 -54.45 -8.09 5.02
C ALA F 432 -55.13 -8.17 6.39
N GLU F 433 -54.33 -8.32 7.45
CA GLU F 433 -54.82 -8.33 8.83
C GLU F 433 -55.63 -7.09 9.17
N ILE F 434 -55.20 -5.94 8.64
CA ILE F 434 -55.88 -4.67 8.84
C ILE F 434 -57.28 -4.66 8.23
N ALA F 435 -57.42 -5.23 7.04
CA ALA F 435 -58.70 -5.34 6.34
C ALA F 435 -59.70 -6.13 7.18
N ALA F 436 -59.24 -7.27 7.69
CA ALA F 436 -60.03 -8.10 8.59
C ALA F 436 -60.42 -7.34 9.84
N TRP F 437 -59.42 -6.70 10.47
CA TRP F 437 -59.61 -5.96 11.72
C TRP F 437 -60.56 -4.78 11.55
N ASN F 438 -60.56 -4.18 10.37
CA ASN F 438 -61.46 -3.07 10.08
C ASN F 438 -62.92 -3.50 10.03
N SER F 439 -63.18 -4.66 9.43
CA SER F 439 -64.54 -5.21 9.35
C SER F 439 -65.08 -5.72 10.70
N THR F 440 -64.21 -5.77 11.71
CA THR F 440 -64.59 -6.14 13.07
C THR F 440 -64.97 -4.89 13.89
N ASN F 441 -64.36 -3.76 13.56
CA ASN F 441 -64.62 -2.52 14.28
C ASN F 441 -65.50 -1.55 13.51
N ARG F 442 -66.15 -0.65 14.24
CA ARG F 442 -67.01 0.37 13.63
C ARG F 442 -66.84 1.74 14.30
N THR F 443 -65.91 1.80 15.25
CA THR F 443 -65.53 3.05 15.91
C THR F 443 -64.05 3.34 15.68
N LEU F 444 -63.31 2.29 15.30
CA LEU F 444 -61.88 2.42 15.03
C LEU F 444 -61.54 1.91 13.64
N ALA F 445 -60.48 2.46 13.07
CA ALA F 445 -60.00 2.06 11.75
C ALA F 445 -58.48 2.11 11.69
N ARG F 446 -57.89 1.13 11.03
CA ARG F 446 -56.44 1.10 10.85
C ARG F 446 -56.08 1.42 9.41
N GLY F 447 -54.95 2.11 9.23
CA GLY F 447 -54.45 2.43 7.90
C GLY F 447 -52.96 2.16 7.78
N ILE F 448 -52.57 1.54 6.67
CA ILE F 448 -51.16 1.28 6.37
C ILE F 448 -50.78 1.81 4.98
N ALA F 449 -49.63 2.48 4.89
CA ALA F 449 -49.15 3.00 3.61
C ALA F 449 -47.64 3.14 3.56
N LEU F 450 -47.10 2.95 2.36
CA LEU F 450 -45.66 3.10 2.10
C LEU F 450 -45.40 4.28 1.18
N SER F 451 -44.45 5.14 1.57
CA SER F 451 -44.03 6.24 0.71
C SER F 451 -42.53 6.20 0.44
N PRO F 452 -42.12 6.54 -0.79
CA PRO F 452 -40.72 6.62 -1.18
C PRO F 452 -40.17 8.04 -1.16
N VAL F 453 -38.85 8.15 -1.02
CA VAL F 453 -38.16 9.44 -1.01
C VAL F 453 -37.13 9.50 -2.11
N LYS F 454 -37.03 10.64 -2.78
CA LYS F 454 -35.96 10.91 -3.70
C LYS F 454 -35.56 12.37 -3.57
N PHE F 455 -34.43 12.62 -2.92
CA PHE F 455 -33.98 13.96 -2.59
C PHE F 455 -32.63 14.27 -3.23
N GLY F 456 -32.58 15.34 -4.01
CA GLY F 456 -31.34 15.76 -4.69
C GLY F 456 -30.46 16.59 -3.78
N ILE F 457 -29.15 16.36 -3.84
CA ILE F 457 -28.20 16.99 -2.91
C ILE F 457 -27.29 18.03 -3.57
N SER F 458 -27.38 19.27 -3.10
CA SER F 458 -26.57 20.43 -3.54
C SER F 458 -27.36 21.73 -3.42
N PHE F 459 -26.65 22.85 -3.31
CA PHE F 459 -27.29 24.16 -3.41
C PHE F 459 -27.73 24.40 -4.86
N THR F 460 -29.01 24.68 -5.05
CA THR F 460 -29.54 25.02 -6.38
C THR F 460 -28.90 26.31 -6.89
N LEU F 461 -28.59 27.22 -5.97
CA LEU F 461 -27.66 28.30 -6.27
C LEU F 461 -26.25 27.70 -6.31
N THR F 462 -25.81 27.38 -7.51
CA THR F 462 -24.65 26.50 -7.72
C THR F 462 -23.34 26.94 -7.06
N HIS F 463 -23.05 28.25 -7.08
CA HIS F 463 -21.79 28.75 -6.54
C HIS F 463 -21.70 28.66 -5.01
N LEU F 464 -22.79 28.24 -4.37
CA LEU F 464 -22.82 28.06 -2.92
C LEU F 464 -22.30 26.68 -2.49
N ASN F 465 -22.00 25.84 -3.49
CA ASN F 465 -21.43 24.53 -3.25
C ASN F 465 -19.91 24.59 -3.09
N GLN F 466 -19.48 25.20 -1.99
CA GLN F 466 -18.06 25.29 -1.63
C GLN F 466 -17.91 25.23 -0.10
N ALA F 467 -16.77 24.72 0.38
CA ALA F 467 -16.50 24.62 1.81
C ALA F 467 -15.00 24.69 2.11
N GLY F 468 -14.67 25.07 3.35
CA GLY F 468 -13.28 25.29 3.73
C GLY F 468 -12.96 24.80 5.14
N ALA F 469 -11.67 24.57 5.39
CA ALA F 469 -11.19 24.07 6.68
C ALA F 469 -9.81 24.62 7.01
N LEU F 470 -9.49 24.65 8.30
CA LEU F 470 -8.16 25.05 8.78
C LEU F 470 -7.74 24.09 9.89
N VAL F 471 -6.60 23.41 9.69
CA VAL F 471 -6.15 22.38 10.64
C VAL F 471 -4.84 22.76 11.34
N GLN F 472 -4.81 22.54 12.66
CA GLN F 472 -3.65 22.85 13.48
C GLN F 472 -3.14 21.59 14.17
N ILE F 473 -1.84 21.35 14.05
CA ILE F 473 -1.20 20.29 14.84
C ILE F 473 -0.13 20.92 15.71
N TYR F 474 -0.21 20.69 17.01
CA TYR F 474 0.76 21.24 17.94
C TYR F 474 1.89 20.25 18.22
N THR F 475 2.92 20.69 18.94
CA THR F 475 4.14 19.89 19.14
C THR F 475 3.94 18.71 20.08
N ASP F 476 2.86 18.72 20.86
CA ASP F 476 2.57 17.59 21.74
C ASP F 476 1.85 16.48 20.97
N GLY F 477 1.47 16.76 19.73
CA GLY F 477 0.83 15.76 18.88
C GLY F 477 -0.69 15.80 18.90
N SER F 478 -1.24 16.83 19.55
CA SER F 478 -2.67 17.07 19.53
C SER F 478 -3.04 17.90 18.32
N VAL F 479 -4.32 17.87 17.95
CA VAL F 479 -4.82 18.53 16.75
C VAL F 479 -6.06 19.38 17.04
N ALA F 480 -6.07 20.59 16.50
CA ALA F 480 -7.23 21.48 16.54
C ALA F 480 -7.83 21.57 15.14
N LEU F 481 -9.13 21.30 15.05
CA LEU F 481 -9.84 21.25 13.78
C LEU F 481 -10.85 22.38 13.66
N ASN F 482 -10.86 23.03 12.50
CA ASN F 482 -11.80 24.12 12.23
C ASN F 482 -12.31 24.12 10.80
N HIS F 483 -13.62 24.25 10.65
CA HIS F 483 -14.26 24.28 9.34
C HIS F 483 -15.45 25.25 9.31
N GLY F 484 -16.01 25.46 8.12
CA GLY F 484 -17.11 26.40 7.93
C GLY F 484 -18.48 25.95 8.39
N GLY F 485 -18.64 24.66 8.71
CA GLY F 485 -19.92 24.12 9.12
C GLY F 485 -20.31 24.47 10.55
N THR F 486 -21.61 24.63 10.79
CA THR F 486 -22.09 24.94 12.14
C THR F 486 -22.80 23.74 12.77
N GLU F 487 -22.60 23.55 14.07
CA GLU F 487 -23.25 22.47 14.78
C GLU F 487 -24.60 22.92 15.29
N MET F 488 -25.67 22.41 14.69
CA MET F 488 -27.03 22.67 15.11
C MET F 488 -27.64 21.44 15.79
N GLY F 489 -26.85 20.38 15.93
CA GLY F 489 -27.32 19.15 16.53
C GLY F 489 -27.21 17.92 15.65
N GLN F 490 -26.93 18.14 14.36
CA GLN F 490 -26.86 17.04 13.38
C GLN F 490 -25.64 16.14 13.59
N GLY F 491 -24.76 16.52 14.51
CA GLY F 491 -23.54 15.78 14.79
C GLY F 491 -22.50 15.99 13.73
N LEU F 492 -22.51 17.18 13.12
CA LEU F 492 -21.58 17.53 12.07
C LEU F 492 -20.13 17.51 12.55
N HIS F 493 -19.92 17.96 13.78
CA HIS F 493 -18.60 18.07 14.36
C HIS F 493 -17.91 16.73 14.56
N ALA F 494 -18.61 15.81 15.21
CA ALA F 494 -18.09 14.44 15.40
C ALA F 494 -17.65 13.88 14.05
N LYS F 495 -18.57 13.90 13.08
CA LYS F 495 -18.28 13.45 11.73
C LYS F 495 -16.98 14.05 11.20
N MET F 496 -16.86 15.38 11.26
CA MET F 496 -15.65 16.06 10.78
C MET F 496 -14.37 15.62 11.50
N VAL F 497 -14.49 15.35 12.80
CA VAL F 497 -13.39 14.85 13.60
C VAL F 497 -12.98 13.46 13.07
N GLN F 498 -13.96 12.57 12.93
CA GLN F 498 -13.73 11.24 12.40
C GLN F 498 -12.99 11.24 11.07
N VAL F 499 -13.40 12.12 10.16
CA VAL F 499 -12.71 12.31 8.88
C VAL F 499 -11.25 12.65 9.11
N ALA F 500 -10.99 13.62 9.98
CA ALA F 500 -9.63 14.08 10.29
C ALA F 500 -8.79 12.97 10.91
N ALA F 501 -9.36 12.29 11.90
CA ALA F 501 -8.69 11.18 12.61
C ALA F 501 -8.33 10.03 11.65
N ALA F 502 -9.20 9.75 10.70
CA ALA F 502 -8.95 8.73 9.68
C ALA F 502 -7.81 9.13 8.77
N VAL F 503 -7.88 10.34 8.22
CA VAL F 503 -6.88 10.83 7.27
C VAL F 503 -5.51 11.05 7.93
N LEU F 504 -5.50 11.20 9.25
CA LEU F 504 -4.24 11.38 9.98
C LEU F 504 -3.74 10.11 10.66
N GLY F 505 -4.62 9.12 10.79
CA GLY F 505 -4.28 7.83 11.39
C GLY F 505 -4.06 7.89 12.89
N ILE F 506 -4.88 8.69 13.56
CA ILE F 506 -4.78 8.89 15.02
C ILE F 506 -6.12 8.66 15.72
N ASP F 507 -6.08 8.51 17.04
CA ASP F 507 -7.31 8.39 17.82
C ASP F 507 -8.08 9.71 17.77
N PRO F 508 -9.41 9.65 17.49
CA PRO F 508 -10.33 10.79 17.56
C PRO F 508 -10.09 11.71 18.77
N VAL F 509 -9.58 11.15 19.86
CA VAL F 509 -9.31 11.92 21.09
C VAL F 509 -8.22 12.97 20.87
N GLN F 510 -7.41 12.76 19.84
CA GLN F 510 -6.34 13.70 19.51
C GLN F 510 -6.83 14.89 18.70
N VAL F 511 -8.06 14.83 18.22
CA VAL F 511 -8.65 15.89 17.39
C VAL F 511 -9.72 16.65 18.18
N ARG F 512 -9.47 17.94 18.40
CA ARG F 512 -10.38 18.82 19.13
C ARG F 512 -11.04 19.81 18.18
N ILE F 513 -12.37 19.91 18.26
CA ILE F 513 -13.14 20.86 17.45
C ILE F 513 -13.17 22.28 18.04
N THR F 514 -12.81 23.25 17.21
CA THR F 514 -12.94 24.65 17.58
C THR F 514 -14.20 25.23 16.92
N ALA F 515 -14.74 26.28 17.52
CA ALA F 515 -15.98 26.89 17.04
C ALA F 515 -15.85 27.47 15.62
N THR F 516 -16.98 27.61 14.93
CA THR F 516 -16.99 28.22 13.61
C THR F 516 -16.60 29.69 13.78
N ASP F 517 -15.65 30.14 12.97
CA ASP F 517 -15.06 31.46 13.12
C ASP F 517 -14.72 32.05 11.76
N THR F 518 -15.42 33.11 11.39
CA THR F 518 -15.27 33.74 10.07
C THR F 518 -13.87 34.30 9.78
N SER F 519 -13.04 34.44 10.83
CA SER F 519 -11.67 34.93 10.71
C SER F 519 -10.68 33.77 10.59
N LYS F 520 -11.21 32.55 10.71
CA LYS F 520 -10.43 31.34 10.51
C LYS F 520 -10.79 30.73 9.15
N VAL F 521 -12.08 30.49 8.92
CA VAL F 521 -12.56 30.02 7.61
C VAL F 521 -13.54 31.05 7.03
N PRO F 522 -13.12 31.74 5.94
CA PRO F 522 -13.87 32.86 5.35
C PRO F 522 -14.79 32.47 4.20
N ASN F 523 -15.74 33.36 3.89
CA ASN F 523 -16.60 33.26 2.72
C ASN F 523 -17.37 31.96 2.63
N THR F 524 -17.90 31.49 3.75
CA THR F 524 -18.59 30.21 3.80
C THR F 524 -20.08 30.33 3.48
N SER F 525 -20.64 29.31 2.83
CA SER F 525 -22.07 29.24 2.58
C SER F 525 -22.76 28.73 3.83
N ALA F 526 -24.08 28.90 3.90
CA ALA F 526 -24.83 28.43 5.05
C ALA F 526 -24.66 26.92 5.27
N THR F 527 -24.73 26.49 6.52
CA THR F 527 -24.86 25.07 6.80
C THR F 527 -26.29 24.72 6.49
N ALA F 528 -26.51 24.29 5.26
CA ALA F 528 -27.84 23.98 4.74
C ALA F 528 -27.76 22.91 3.67
N ALA F 529 -28.91 22.54 3.11
CA ALA F 529 -28.99 21.60 1.99
C ALA F 529 -28.48 20.18 2.30
N SER F 530 -28.37 19.90 3.61
CA SER F 530 -27.76 18.65 4.12
C SER F 530 -26.29 18.49 3.70
N SER F 531 -25.74 19.53 3.09
CA SER F 531 -24.42 19.44 2.46
C SER F 531 -23.26 19.89 3.37
N GLY F 532 -23.52 19.93 4.68
CA GLY F 532 -22.50 20.30 5.67
C GLY F 532 -21.41 19.26 5.83
N ALA F 533 -21.80 17.99 5.88
CA ALA F 533 -20.86 16.89 5.97
C ALA F 533 -20.15 16.66 4.64
N ASP F 534 -20.94 16.60 3.57
CA ASP F 534 -20.44 16.35 2.22
C ASP F 534 -19.20 17.19 1.89
N MET F 535 -19.33 18.50 2.03
CA MET F 535 -18.33 19.45 1.52
C MET F 535 -17.23 19.79 2.52
N ASN F 536 -17.61 20.09 3.76
CA ASN F 536 -16.62 20.36 4.81
C ASN F 536 -15.83 19.09 5.10
N GLY F 537 -16.49 17.94 5.03
CA GLY F 537 -15.83 16.64 5.10
C GLY F 537 -14.67 16.56 4.13
N MET F 538 -14.94 16.88 2.87
CA MET F 538 -13.91 16.91 1.83
C MET F 538 -12.87 17.99 2.11
N ALA F 539 -13.34 19.17 2.52
CA ALA F 539 -12.47 20.30 2.83
C ALA F 539 -11.52 19.97 3.97
N VAL F 540 -12.02 19.27 4.98
CA VAL F 540 -11.20 18.78 6.08
C VAL F 540 -10.16 17.78 5.56
N LYS F 541 -10.61 16.81 4.76
CA LYS F 541 -9.74 15.80 4.15
C LYS F 541 -8.57 16.43 3.40
N ASP F 542 -8.88 17.40 2.54
CA ASP F 542 -7.87 18.14 1.80
C ASP F 542 -6.77 18.67 2.73
N ALA F 543 -7.17 19.40 3.77
CA ALA F 543 -6.22 19.99 4.73
C ALA F 543 -5.37 18.93 5.42
N CYS F 544 -6.02 17.86 5.86
CA CYS F 544 -5.36 16.77 6.60
C CYS F 544 -4.36 15.97 5.75
N GLU F 545 -4.72 15.76 4.49
CA GLU F 545 -3.84 15.10 3.54
C GLU F 545 -2.58 15.92 3.25
N THR F 546 -2.72 17.25 3.21
CA THR F 546 -1.57 18.16 3.02
C THR F 546 -0.59 18.05 4.18
N LEU F 547 -1.13 17.98 5.40
CA LEU F 547 -0.30 17.80 6.59
C LEU F 547 0.34 16.42 6.60
N ARG F 548 -0.47 15.38 6.33
CA ARG F 548 0.05 14.02 6.19
C ARG F 548 1.12 13.98 5.11
N GLY F 549 0.94 14.77 4.05
CA GLY F 549 1.92 14.89 2.98
C GLY F 549 3.24 15.46 3.47
N ARG F 550 3.19 16.59 4.16
CA ARG F 550 4.38 17.23 4.71
C ARG F 550 5.15 16.31 5.66
N LEU F 551 4.42 15.61 6.53
CA LEU F 551 5.03 14.71 7.51
C LEU F 551 5.70 13.51 6.84
N ALA F 552 5.00 12.90 5.88
CA ALA F 552 5.52 11.75 5.13
C ALA F 552 6.82 12.09 4.42
N GLY F 553 6.83 13.19 3.66
CA GLY F 553 8.02 13.67 2.98
C GLY F 553 9.21 13.91 3.90
N PHE F 554 8.91 14.42 5.10
CA PHE F 554 9.93 14.61 6.14
C PHE F 554 10.52 13.26 6.59
N VAL F 555 9.65 12.29 6.88
CA VAL F 555 10.11 10.95 7.25
C VAL F 555 10.82 10.28 6.08
N ALA F 556 10.30 10.50 4.87
CA ALA F 556 10.88 9.98 3.63
C ALA F 556 12.33 10.43 3.44
N ALA F 557 12.57 11.73 3.60
CA ALA F 557 13.92 12.29 3.52
C ALA F 557 14.80 11.75 4.65
N ARG F 558 14.32 11.91 5.88
CA ARG F 558 15.05 11.51 7.08
C ARG F 558 15.45 10.04 7.09
N GLU F 559 14.64 9.19 6.45
CA GLU F 559 14.91 7.76 6.39
C GLU F 559 15.24 7.29 4.97
N GLY F 560 15.41 8.24 4.06
CA GLY F 560 15.79 7.95 2.66
C GLY F 560 14.96 6.87 2.00
N CYS F 561 13.72 7.23 1.61
CA CYS F 561 12.82 6.34 0.88
C CYS F 561 11.65 7.15 0.37
N ALA F 562 10.81 6.54 -0.45
CA ALA F 562 9.63 7.21 -1.00
C ALA F 562 8.62 7.59 0.11
N ALA F 563 7.93 8.72 -0.10
CA ALA F 563 6.97 9.23 0.88
C ALA F 563 5.74 8.34 0.99
N ARG F 564 5.30 7.79 -0.14
CA ARG F 564 4.12 6.90 -0.19
C ARG F 564 4.32 5.61 0.59
N ASP F 565 5.54 5.42 1.12
CA ASP F 565 5.87 4.25 1.92
C ASP F 565 5.75 4.53 3.42
N VAL F 566 5.33 5.74 3.76
CA VAL F 566 5.18 6.15 5.16
C VAL F 566 3.74 5.93 5.65
N ILE F 567 3.53 4.83 6.37
CA ILE F 567 2.20 4.49 6.86
C ILE F 567 1.89 5.29 8.13
N PHE F 568 0.74 5.96 8.10
CA PHE F 568 0.15 6.55 9.30
C PHE F 568 -1.09 5.72 9.65
N ASP F 569 -1.11 5.18 10.86
CA ASP F 569 -2.25 4.37 11.34
C ASP F 569 -2.17 4.08 12.83
N ALA F 570 -3.32 4.18 13.50
CA ALA F 570 -3.47 3.82 14.93
C ALA F 570 -2.48 4.53 15.85
N GLY F 571 -2.25 5.82 15.61
CA GLY F 571 -1.36 6.62 16.43
C GLY F 571 0.12 6.30 16.24
N GLN F 572 0.42 5.60 15.15
CA GLN F 572 1.77 5.16 14.83
C GLN F 572 2.19 5.61 13.44
N VAL F 573 3.47 5.95 13.30
CA VAL F 573 4.04 6.30 12.00
C VAL F 573 5.07 5.24 11.64
N GLN F 574 4.96 4.66 10.44
CA GLN F 574 5.87 3.58 10.02
C GLN F 574 6.53 3.79 8.68
N ALA F 575 7.84 3.51 8.64
CA ALA F 575 8.66 3.55 7.42
C ALA F 575 9.96 2.81 7.67
N SER F 576 10.49 2.18 6.61
CA SER F 576 11.78 1.47 6.66
C SER F 576 11.92 0.47 7.81
N GLY F 577 10.88 -0.33 8.03
CA GLY F 577 10.83 -1.29 9.13
C GLY F 577 10.98 -0.69 10.52
N LYS F 578 10.64 0.60 10.65
CA LYS F 578 10.75 1.32 11.92
C LYS F 578 9.44 2.02 12.28
N SER F 579 9.11 2.01 13.57
CA SER F 579 7.91 2.68 14.07
C SER F 579 8.23 3.73 15.13
N TRP F 580 7.48 4.83 15.09
CA TRP F 580 7.58 5.89 16.08
C TRP F 580 6.14 6.22 16.45
N ARG F 581 5.98 6.93 17.57
CA ARG F 581 4.68 7.50 17.88
C ARG F 581 4.41 8.72 17.00
N PHE F 582 3.12 9.04 16.81
CA PHE F 582 2.73 10.19 16.00
C PHE F 582 3.34 11.48 16.56
N ALA F 583 3.18 11.67 17.87
CA ALA F 583 3.72 12.83 18.57
C ALA F 583 5.22 12.98 18.33
N GLU F 584 5.90 11.84 18.22
CA GLU F 584 7.35 11.84 18.01
C GLU F 584 7.75 12.32 16.62
N ILE F 585 7.00 11.90 15.60
CA ILE F 585 7.26 12.34 14.23
C ILE F 585 6.93 13.82 14.09
N VAL F 586 5.87 14.25 14.75
CA VAL F 586 5.46 15.66 14.75
C VAL F 586 6.51 16.55 15.40
N ALA F 587 6.90 16.21 16.63
CA ALA F 587 7.92 16.94 17.39
C ALA F 587 9.24 17.02 16.62
N ALA F 588 9.59 15.91 15.97
CA ALA F 588 10.78 15.86 15.12
C ALA F 588 10.64 16.80 13.92
N ALA F 589 9.46 16.82 13.31
CA ALA F 589 9.19 17.67 12.15
C ALA F 589 9.18 19.15 12.52
N TYR F 590 8.73 19.46 13.75
CA TYR F 590 8.78 20.82 14.26
C TYR F 590 10.22 21.34 14.29
N MET F 591 11.12 20.49 14.79
CA MET F 591 12.55 20.79 14.83
C MET F 591 13.13 20.97 13.43
N ALA F 592 12.64 20.15 12.51
CA ALA F 592 13.05 20.23 11.10
C ALA F 592 12.57 21.52 10.45
N ARG F 593 11.62 22.18 11.10
CA ARG F 593 10.96 23.41 10.63
C ARG F 593 10.07 23.19 9.42
N ILE F 594 9.01 22.41 9.64
CA ILE F 594 7.97 22.19 8.64
C ILE F 594 6.63 22.71 9.18
N SER F 595 5.94 23.50 8.35
CA SER F 595 4.63 24.05 8.70
C SER F 595 3.64 22.96 9.15
N LEU F 596 3.10 23.11 10.35
CA LEU F 596 2.06 22.20 10.84
C LEU F 596 0.67 22.88 10.88
N SER F 597 0.51 23.86 9.99
CA SER F 597 -0.75 24.55 9.79
C SER F 597 -1.09 24.49 8.30
N ALA F 598 -2.32 24.09 7.99
CA ALA F 598 -2.77 23.97 6.60
C ALA F 598 -4.27 24.17 6.45
N THR F 599 -4.65 24.74 5.31
CA THR F 599 -6.05 24.94 4.96
C THR F 599 -6.50 23.88 3.97
N GLY F 600 -7.82 23.71 3.87
CA GLY F 600 -8.43 22.79 2.92
C GLY F 600 -9.67 23.42 2.33
N PHE F 601 -9.93 23.10 1.06
CA PHE F 601 -11.02 23.72 0.33
C PHE F 601 -11.69 22.71 -0.60
N TYR F 602 -13.00 22.83 -0.75
CA TYR F 602 -13.77 21.96 -1.66
C TYR F 602 -14.78 22.74 -2.50
N ALA F 603 -15.05 22.22 -3.69
CA ALA F 603 -16.09 22.72 -4.59
C ALA F 603 -16.75 21.53 -5.28
N THR F 604 -18.07 21.52 -5.32
CA THR F 604 -18.81 20.39 -5.90
C THR F 604 -18.79 20.43 -7.44
N PRO F 605 -18.16 19.40 -8.07
CA PRO F 605 -18.07 19.31 -9.53
C PRO F 605 -19.37 18.86 -10.19
N LYS F 606 -19.43 18.97 -11.52
CA LYS F 606 -20.53 18.45 -12.35
C LYS F 606 -21.84 19.25 -12.30
N LEU F 607 -21.90 20.27 -11.44
CA LEU F 607 -23.12 21.04 -11.26
C LEU F 607 -23.23 22.19 -12.25
N SER F 608 -24.28 22.14 -13.07
CA SER F 608 -24.57 23.17 -14.06
C SER F 608 -26.04 23.06 -14.44
N TRP F 609 -26.79 24.16 -14.33
CA TRP F 609 -28.20 24.13 -14.69
C TRP F 609 -28.82 25.52 -14.88
N ASP F 610 -29.78 25.59 -15.81
CA ASP F 610 -30.50 26.82 -16.09
C ASP F 610 -31.78 26.89 -15.24
N ARG F 611 -31.84 27.91 -14.38
CA ARG F 611 -32.96 28.07 -13.47
C ARG F 611 -34.26 28.35 -14.20
N LEU F 612 -34.22 29.34 -15.09
CA LEU F 612 -35.43 29.80 -15.78
C LEU F 612 -36.02 28.73 -16.70
N ARG F 613 -35.18 28.15 -17.56
CA ARG F 613 -35.64 27.14 -18.52
C ARG F 613 -35.89 25.78 -17.86
N GLY F 614 -35.28 25.54 -16.71
CA GLY F 614 -35.43 24.28 -15.99
C GLY F 614 -34.69 23.14 -16.67
N GLN F 615 -33.40 23.33 -16.88
CA GLN F 615 -32.56 22.40 -17.65
C GLN F 615 -31.15 22.26 -17.08
N GLY F 616 -30.70 21.02 -16.91
CA GLY F 616 -29.31 20.74 -16.51
C GLY F 616 -29.17 19.75 -15.37
N ARG F 617 -28.02 19.81 -14.70
CA ARG F 617 -27.80 19.05 -13.48
C ARG F 617 -27.63 19.99 -12.28
N PRO F 618 -28.66 20.08 -11.43
CA PRO F 618 -28.51 20.85 -10.20
C PRO F 618 -27.94 20.05 -9.02
N PHE F 619 -28.01 18.72 -9.10
CA PHE F 619 -27.59 17.89 -7.97
C PHE F 619 -26.48 16.89 -8.27
N LEU F 620 -25.54 16.73 -7.34
CA LEU F 620 -24.46 15.75 -7.51
C LEU F 620 -25.00 14.34 -7.54
N TYR F 621 -25.93 14.05 -6.62
CA TYR F 621 -26.56 12.74 -6.53
C TYR F 621 -27.94 12.87 -5.90
N PHE F 622 -28.63 11.75 -5.76
CA PHE F 622 -29.92 11.69 -5.08
C PHE F 622 -29.82 10.73 -3.91
N ALA F 623 -30.47 11.09 -2.80
CA ALA F 623 -30.64 10.19 -1.67
C ALA F 623 -32.00 9.50 -1.78
N TYR F 624 -32.10 8.29 -1.25
CA TYR F 624 -33.31 7.48 -1.38
C TYR F 624 -33.71 6.89 -0.04
N GLY F 625 -34.93 6.38 0.01
CA GLY F 625 -35.46 5.77 1.23
C GLY F 625 -36.94 5.47 1.09
N ALA F 626 -37.46 4.70 2.04
CA ALA F 626 -38.88 4.37 2.07
C ALA F 626 -39.36 4.18 3.51
N ALA F 627 -40.65 4.41 3.74
CA ALA F 627 -41.24 4.17 5.06
C ALA F 627 -42.63 3.57 4.97
N ILE F 628 -42.89 2.57 5.80
CA ILE F 628 -44.23 2.02 5.96
C ILE F 628 -44.70 2.47 7.32
N THR F 629 -45.87 3.11 7.35
CA THR F 629 -46.45 3.59 8.60
C THR F 629 -47.83 2.98 8.82
N GLU F 630 -48.12 2.64 10.07
CA GLU F 630 -49.44 2.17 10.45
C GLU F 630 -50.06 3.07 11.53
N VAL F 631 -51.35 3.38 11.37
CA VAL F 631 -52.07 4.29 12.27
C VAL F 631 -53.44 3.75 12.69
N VAL F 632 -53.97 4.31 13.78
CA VAL F 632 -55.37 4.11 14.17
C VAL F 632 -56.09 5.45 14.24
N ILE F 633 -57.34 5.47 13.79
CA ILE F 633 -58.15 6.68 13.84
C ILE F 633 -59.50 6.43 14.51
N ASP F 634 -59.96 7.43 15.26
CA ASP F 634 -61.26 7.38 15.90
C ASP F 634 -62.34 7.80 14.90
N ARG F 635 -63.29 6.91 14.65
CA ARG F 635 -64.37 7.17 13.70
C ARG F 635 -65.39 8.20 14.19
N LEU F 636 -65.18 8.74 15.39
CA LEU F 636 -66.13 9.68 15.99
C LEU F 636 -65.58 11.09 16.12
N THR F 637 -64.34 11.22 16.60
CA THR F 637 -63.74 12.52 16.87
C THR F 637 -62.61 12.87 15.90
N GLY F 638 -61.88 11.86 15.44
CA GLY F 638 -60.77 12.06 14.53
C GLY F 638 -59.40 11.88 15.17
N GLU F 639 -59.40 11.65 16.49
CA GLU F 639 -58.18 11.35 17.24
C GLU F 639 -57.44 10.16 16.64
N ASN F 640 -56.10 10.19 16.68
CA ASN F 640 -55.28 9.21 15.98
C ASN F 640 -53.91 8.98 16.60
N ARG F 641 -53.37 7.79 16.38
CA ARG F 641 -52.03 7.44 16.85
C ARG F 641 -51.24 6.63 15.81
N ILE F 642 -49.99 7.02 15.59
CA ILE F 642 -49.06 6.24 14.78
C ILE F 642 -48.63 5.03 15.59
N LEU F 643 -48.90 3.83 15.07
CA LEU F 643 -48.64 2.60 15.78
C LEU F 643 -47.24 2.07 15.52
N ARG F 644 -46.89 1.93 14.26
CA ARG F 644 -45.61 1.35 13.88
C ARG F 644 -45.05 2.00 12.63
N THR F 645 -43.73 2.18 12.64
CA THR F 645 -43.01 2.68 11.48
C THR F 645 -41.79 1.79 11.20
N ASP F 646 -41.63 1.44 9.93
CA ASP F 646 -40.47 0.70 9.46
C ASP F 646 -39.79 1.50 8.36
N ILE F 647 -38.52 1.83 8.56
CA ILE F 647 -37.77 2.66 7.61
C ILE F 647 -36.50 1.97 7.10
N LEU F 648 -36.30 2.03 5.78
CA LEU F 648 -35.02 1.66 5.18
C LEU F 648 -34.52 2.85 4.38
N HIS F 649 -33.45 3.46 4.87
CA HIS F 649 -32.96 4.72 4.28
C HIS F 649 -31.53 4.62 3.77
N ASP F 650 -31.27 5.32 2.67
CA ASP F 650 -29.97 5.30 2.00
C ASP F 650 -29.06 6.45 2.46
N ALA F 651 -28.14 6.11 3.36
CA ALA F 651 -27.10 7.03 3.81
C ALA F 651 -25.81 6.85 3.03
N GLY F 652 -25.86 5.99 2.01
CA GLY F 652 -24.69 5.60 1.25
C GLY F 652 -23.77 4.76 2.10
N ALA F 653 -22.48 5.05 2.03
CA ALA F 653 -21.51 4.49 2.96
C ALA F 653 -21.38 5.42 4.17
N SER F 654 -22.21 5.19 5.18
CA SER F 654 -22.34 6.07 6.35
C SER F 654 -20.99 6.46 6.97
N LEU F 655 -20.89 7.72 7.40
CA LEU F 655 -19.72 8.23 8.15
C LEU F 655 -19.82 7.87 9.63
N ASN F 656 -21.06 7.80 10.10
CA ASN F 656 -21.36 7.47 11.48
C ASN F 656 -22.79 6.94 11.57
N PRO F 657 -22.96 5.61 11.50
CA PRO F 657 -24.26 4.94 11.49
C PRO F 657 -25.17 5.34 12.64
N ALA F 658 -24.58 5.59 13.81
CA ALA F 658 -25.33 5.95 15.01
C ALA F 658 -26.01 7.31 14.85
N LEU F 659 -25.27 8.27 14.30
CA LEU F 659 -25.76 9.63 14.15
C LEU F 659 -26.79 9.75 13.02
N ASP F 660 -26.63 8.93 11.98
CA ASP F 660 -27.53 8.95 10.84
C ASP F 660 -28.87 8.30 11.15
N ILE F 661 -28.85 7.26 11.98
CA ILE F 661 -30.07 6.65 12.48
C ILE F 661 -30.82 7.66 13.36
N GLY F 662 -30.09 8.41 14.17
CA GLY F 662 -30.66 9.50 14.97
C GLY F 662 -31.29 10.58 14.10
N GLN F 663 -30.58 10.97 13.05
CA GLN F 663 -31.10 11.92 12.06
C GLN F 663 -32.42 11.44 11.45
N ILE F 664 -32.48 10.17 11.07
CA ILE F 664 -33.68 9.60 10.44
C ILE F 664 -34.83 9.48 11.44
N GLU F 665 -34.53 8.97 12.63
CA GLU F 665 -35.51 8.91 13.71
C GLU F 665 -36.12 10.29 13.99
N GLY F 666 -35.28 11.32 14.02
CA GLY F 666 -35.74 12.68 14.26
C GLY F 666 -36.52 13.26 13.11
N ALA F 667 -35.99 13.12 11.89
CA ALA F 667 -36.62 13.70 10.72
C ALA F 667 -37.98 13.07 10.42
N TYR F 668 -38.13 11.77 10.71
CA TYR F 668 -39.42 11.13 10.51
C TYR F 668 -40.48 11.71 11.45
N VAL F 669 -40.11 11.89 12.72
CA VAL F 669 -41.00 12.48 13.71
C VAL F 669 -41.36 13.92 13.36
N GLN F 670 -40.36 14.71 12.97
CA GLN F 670 -40.57 16.09 12.53
C GLN F 670 -41.35 16.12 11.21
N GLY F 671 -41.17 15.10 10.37
CA GLY F 671 -41.90 14.97 9.12
C GLY F 671 -43.38 14.67 9.31
N ALA F 672 -43.68 13.68 10.16
CA ALA F 672 -45.05 13.31 10.47
C ALA F 672 -45.76 14.41 11.27
N GLY F 673 -45.02 15.03 12.20
CA GLY F 673 -45.51 16.16 12.98
C GLY F 673 -46.10 17.24 12.08
N TRP F 674 -45.35 17.60 11.04
CA TRP F 674 -45.76 18.55 10.01
C TRP F 674 -47.15 18.26 9.43
N LEU F 675 -47.48 16.99 9.24
CA LEU F 675 -48.73 16.61 8.57
C LEU F 675 -49.76 16.00 9.53
N THR F 676 -49.58 16.23 10.83
CA THR F 676 -50.55 15.76 11.83
C THR F 676 -51.05 16.87 12.76
N THR F 677 -50.35 17.07 13.88
CA THR F 677 -50.84 17.97 14.93
C THR F 677 -50.39 19.42 14.76
N GLU F 678 -49.31 19.62 14.02
CA GLU F 678 -48.76 20.96 13.79
C GLU F 678 -49.60 21.73 12.78
N GLU F 679 -50.24 22.80 13.26
CA GLU F 679 -51.11 23.65 12.45
C GLU F 679 -50.98 25.12 12.83
N LEU F 680 -50.71 25.95 11.83
CA LEU F 680 -50.60 27.40 12.04
C LEU F 680 -51.91 28.11 11.71
N VAL F 681 -52.37 28.97 12.62
CA VAL F 681 -53.65 29.67 12.44
C VAL F 681 -53.48 31.19 12.55
N TRP F 682 -54.00 31.92 11.56
CA TRP F 682 -54.09 33.37 11.59
C TRP F 682 -55.56 33.77 11.68
N ASP F 683 -55.85 34.88 12.35
CA ASP F 683 -57.22 35.39 12.36
C ASP F 683 -57.47 36.42 11.25
N HIS F 684 -58.63 37.09 11.33
CA HIS F 684 -59.07 38.06 10.32
C HIS F 684 -58.13 39.28 10.20
N CYS F 685 -57.40 39.57 11.26
CA CYS F 685 -56.39 40.63 11.26
C CYS F 685 -55.07 40.22 10.61
N GLY F 686 -54.84 38.91 10.48
CA GLY F 686 -53.54 38.41 10.04
C GLY F 686 -52.57 38.29 11.20
N ARG F 687 -53.09 38.30 12.43
CA ARG F 687 -52.31 38.05 13.62
C ARG F 687 -52.17 36.56 13.80
N LEU F 688 -50.95 36.11 14.06
CA LEU F 688 -50.68 34.70 14.27
C LEU F 688 -51.30 34.27 15.60
N MET F 689 -52.22 33.31 15.51
CA MET F 689 -53.00 32.88 16.67
C MET F 689 -52.31 31.77 17.44
N THR F 690 -51.56 30.95 16.71
CA THR F 690 -50.73 29.91 17.29
C THR F 690 -49.31 30.44 17.35
N HIS F 691 -48.94 31.01 18.50
CA HIS F 691 -47.64 31.67 18.66
C HIS F 691 -46.90 31.25 19.94
N ALA F 692 -47.31 30.13 20.51
CA ALA F 692 -46.71 29.59 21.73
C ALA F 692 -46.85 28.07 21.70
N PRO F 693 -46.10 27.36 22.58
CA PRO F 693 -46.17 25.91 22.57
C PRO F 693 -47.49 25.34 23.10
N SER F 694 -48.33 26.20 23.70
CA SER F 694 -49.64 25.76 24.17
C SER F 694 -50.70 25.81 23.07
N THR F 695 -50.36 26.38 21.91
CA THR F 695 -51.30 26.43 20.80
C THR F 695 -50.72 25.77 19.53
N TYR F 696 -49.40 25.73 19.44
CA TYR F 696 -48.72 24.99 18.39
C TYR F 696 -48.20 23.69 18.99
N LYS F 697 -48.65 22.56 18.44
CA LYS F 697 -48.40 21.25 19.03
C LYS F 697 -47.45 20.36 18.24
N ILE F 698 -46.16 20.46 18.55
CA ILE F 698 -45.13 19.57 18.00
C ILE F 698 -45.27 18.19 18.66
N PRO F 699 -44.68 17.14 18.05
CA PRO F 699 -44.79 15.81 18.65
C PRO F 699 -44.19 15.73 20.07
N ALA F 700 -45.00 15.27 21.02
CA ALA F 700 -44.57 15.08 22.41
C ALA F 700 -44.13 13.62 22.56
N PHE F 701 -43.38 13.33 23.64
CA PHE F 701 -42.79 12.01 23.83
C PHE F 701 -43.64 10.86 23.29
N SER F 702 -44.84 10.69 23.85
CA SER F 702 -45.70 9.54 23.54
C SER F 702 -46.09 9.43 22.06
N ASP F 703 -46.04 10.53 21.32
CA ASP F 703 -46.43 10.57 19.92
C ASP F 703 -45.52 9.73 19.01
N ARG F 704 -44.35 9.36 19.51
CA ARG F 704 -43.41 8.50 18.78
C ARG F 704 -44.07 7.16 18.42
N PRO F 705 -43.72 6.60 17.23
CA PRO F 705 -44.28 5.30 16.84
C PRO F 705 -44.03 4.26 17.93
N ARG F 706 -45.08 3.56 18.33
CA ARG F 706 -44.96 2.53 19.37
C ARG F 706 -43.93 1.48 19.01
N ILE F 707 -43.94 1.06 17.75
CA ILE F 707 -42.86 0.23 17.21
C ILE F 707 -42.10 1.07 16.19
N PHE F 708 -40.81 1.26 16.44
CA PHE F 708 -39.99 2.17 15.65
C PHE F 708 -38.74 1.48 15.12
N ASN F 709 -38.79 1.04 13.87
CA ASN F 709 -37.67 0.34 13.25
C ASN F 709 -37.04 1.15 12.14
N VAL F 710 -35.80 1.59 12.36
CA VAL F 710 -35.05 2.31 11.35
C VAL F 710 -33.81 1.50 10.95
N ALA F 711 -33.62 1.34 9.65
CA ALA F 711 -32.51 0.54 9.14
C ALA F 711 -31.83 1.24 7.96
N LEU F 712 -30.50 1.20 7.95
CA LEU F 712 -29.71 1.85 6.89
C LEU F 712 -29.48 0.93 5.69
N TRP F 713 -29.55 1.53 4.51
CA TRP F 713 -29.22 0.87 3.26
C TRP F 713 -27.73 1.09 3.02
N ASP F 714 -26.93 0.14 3.49
CA ASP F 714 -25.48 0.25 3.47
C ASP F 714 -24.91 -0.13 2.09
N GLN F 715 -24.59 0.90 1.30
CA GLN F 715 -24.13 0.72 -0.07
C GLN F 715 -23.45 2.00 -0.53
N PRO F 716 -22.17 1.90 -0.94
CA PRO F 716 -21.35 3.06 -1.33
C PRO F 716 -22.01 3.98 -2.34
N ASN F 717 -21.75 5.28 -2.23
CA ASN F 717 -22.19 6.27 -3.22
C ASN F 717 -21.46 6.07 -4.54
N ARG F 718 -22.19 6.18 -5.64
CA ARG F 718 -21.62 6.12 -6.98
C ARG F 718 -20.68 7.31 -7.21
N GLU F 719 -21.07 8.47 -6.69
CA GLU F 719 -20.28 9.69 -6.83
C GLU F 719 -19.20 9.76 -5.75
N GLU F 720 -18.09 10.41 -6.09
CA GLU F 720 -16.94 10.46 -5.18
C GLU F 720 -17.14 11.50 -4.08
N THR F 721 -18.05 11.19 -3.16
CA THR F 721 -18.29 12.03 -2.00
C THR F 721 -17.32 11.60 -0.91
N ILE F 722 -17.22 12.41 0.14
CA ILE F 722 -16.39 12.05 1.29
C ILE F 722 -16.73 10.64 1.76
N PHE F 723 -15.73 9.75 1.68
CA PHE F 723 -15.86 8.33 2.04
C PHE F 723 -17.15 7.65 1.51
N ARG F 724 -17.51 7.99 0.27
CA ARG F 724 -18.70 7.47 -0.41
C ARG F 724 -19.98 7.54 0.44
N SER F 725 -20.05 8.55 1.30
CA SER F 725 -21.22 8.75 2.14
C SER F 725 -22.29 9.52 1.38
N LYS F 726 -23.51 9.52 1.93
CA LYS F 726 -24.59 10.33 1.39
C LYS F 726 -25.07 11.27 2.48
N ALA F 727 -25.60 12.42 2.05
CA ALA F 727 -26.23 13.37 2.96
C ALA F 727 -27.51 12.78 3.55
N VAL F 728 -27.71 13.00 4.85
CA VAL F 728 -28.83 12.39 5.56
C VAL F 728 -29.59 13.43 6.43
N GLY F 729 -29.26 14.71 6.24
CA GLY F 729 -29.83 15.79 7.04
C GLY F 729 -31.30 16.05 6.77
N GLU F 730 -31.65 16.18 5.49
CA GLU F 730 -33.01 16.51 5.06
C GLU F 730 -33.81 15.33 4.51
N PRO F 731 -33.20 14.52 3.60
CA PRO F 731 -33.98 13.49 2.90
C PRO F 731 -34.95 12.68 3.79
N PRO F 732 -34.54 12.24 4.99
CA PRO F 732 -35.44 11.45 5.81
C PRO F 732 -36.71 12.17 6.29
N PHE F 733 -36.70 13.51 6.31
CA PHE F 733 -37.90 14.26 6.68
C PHE F 733 -39.10 13.81 5.85
N LEU F 734 -38.85 13.54 4.57
CA LEU F 734 -39.89 13.19 3.60
C LEU F 734 -40.51 11.83 3.86
N LEU F 735 -39.87 11.02 4.69
CA LEU F 735 -40.44 9.73 5.11
C LEU F 735 -41.69 9.92 5.95
N GLY F 736 -41.89 11.14 6.46
CA GLY F 736 -43.07 11.50 7.23
C GLY F 736 -44.35 11.50 6.41
N ILE F 737 -44.19 11.48 5.08
CA ILE F 737 -45.33 11.45 4.16
C ILE F 737 -46.14 10.15 4.25
N SER F 738 -45.48 9.07 4.62
CA SER F 738 -46.16 7.78 4.80
C SER F 738 -47.12 7.78 6.00
N ALA F 739 -46.96 8.73 6.91
CA ALA F 739 -47.88 8.86 8.04
C ALA F 739 -49.19 9.50 7.60
N PHE F 740 -49.09 10.48 6.71
CA PHE F 740 -50.24 11.16 6.12
C PHE F 740 -51.00 10.23 5.17
N LEU F 741 -50.25 9.39 4.45
CA LEU F 741 -50.85 8.45 3.50
C LEU F 741 -51.50 7.26 4.20
N ALA F 742 -50.94 6.87 5.34
CA ALA F 742 -51.55 5.87 6.21
C ALA F 742 -52.85 6.41 6.76
N LEU F 743 -52.80 7.64 7.30
CA LEU F 743 -53.97 8.35 7.79
C LEU F 743 -55.08 8.43 6.73
N HIS F 744 -54.70 8.76 5.50
CA HIS F 744 -55.64 8.78 4.38
C HIS F 744 -56.23 7.39 4.13
N ASP F 745 -55.37 6.37 4.12
CA ASP F 745 -55.78 4.99 3.89
C ASP F 745 -56.81 4.55 4.92
N ALA F 746 -56.64 5.01 6.16
CA ALA F 746 -57.56 4.73 7.24
C ALA F 746 -58.94 5.35 6.99
N CYS F 747 -58.95 6.54 6.38
CA CYS F 747 -60.20 7.20 5.99
C CYS F 747 -60.93 6.40 4.93
N ALA F 748 -60.20 6.00 3.88
CA ALA F 748 -60.76 5.28 2.75
C ALA F 748 -61.35 3.93 3.13
N ALA F 749 -61.12 3.52 4.38
CA ALA F 749 -61.63 2.26 4.91
C ALA F 749 -63.03 2.42 5.55
N CYS F 750 -63.57 3.64 5.49
CA CYS F 750 -64.83 3.94 6.15
C CYS F 750 -66.02 4.03 5.19
N GLY F 751 -65.71 4.12 3.90
CA GLY F 751 -66.73 4.23 2.86
C GLY F 751 -66.12 4.35 1.48
N PRO F 752 -66.97 4.27 0.43
CA PRO F 752 -66.51 4.20 -0.95
C PRO F 752 -66.10 5.56 -1.54
N HIS F 753 -66.28 6.63 -0.77
CA HIS F 753 -66.03 7.98 -1.27
C HIS F 753 -64.61 8.48 -0.99
N TRP F 754 -64.07 9.21 -1.96
CA TRP F 754 -62.78 9.88 -1.84
C TRP F 754 -62.77 10.79 -0.61
N PRO F 755 -61.92 10.49 0.38
CA PRO F 755 -61.91 11.21 1.65
C PRO F 755 -61.41 12.65 1.53
N ASP F 756 -60.57 12.89 0.52
CA ASP F 756 -59.89 14.17 0.33
C ASP F 756 -59.41 14.77 1.65
N LEU F 757 -58.48 14.06 2.30
CA LEU F 757 -57.86 14.53 3.52
C LEU F 757 -56.89 15.66 3.20
N GLN F 758 -56.86 16.67 4.07
CA GLN F 758 -56.00 17.83 3.89
C GLN F 758 -54.82 17.80 4.84
N ALA F 759 -53.82 18.62 4.56
CA ALA F 759 -52.66 18.76 5.43
C ALA F 759 -52.72 20.10 6.18
N PRO F 760 -52.46 20.08 7.49
CA PRO F 760 -52.17 18.93 8.33
C PRO F 760 -53.41 18.12 8.68
N ALA F 761 -53.22 16.81 8.84
CA ALA F 761 -54.29 15.91 9.25
C ALA F 761 -54.47 15.94 10.78
N THR F 762 -55.02 17.04 11.27
CA THR F 762 -55.39 17.19 12.67
C THR F 762 -56.65 16.36 12.93
N PRO F 763 -56.93 16.03 14.21
CA PRO F 763 -58.16 15.29 14.54
C PRO F 763 -59.39 15.77 13.76
N GLU F 764 -59.55 17.09 13.69
CA GLU F 764 -60.62 17.73 12.92
C GLU F 764 -60.54 17.36 11.43
N ALA F 765 -59.38 17.56 10.82
CA ALA F 765 -59.16 17.27 9.40
C ALA F 765 -59.39 15.79 9.09
N VAL F 766 -59.05 14.93 10.05
CA VAL F 766 -59.22 13.49 9.93
C VAL F 766 -60.71 13.13 9.91
N LEU F 767 -61.44 13.64 10.89
CA LEU F 767 -62.89 13.43 10.98
C LEU F 767 -63.63 13.97 9.76
N ALA F 768 -63.15 15.10 9.23
CA ALA F 768 -63.70 15.68 8.02
C ALA F 768 -63.60 14.72 6.84
N ALA F 769 -62.42 14.13 6.67
CA ALA F 769 -62.17 13.15 5.61
C ALA F 769 -62.91 11.83 5.84
N VAL F 770 -63.05 11.44 7.11
CA VAL F 770 -63.83 10.27 7.49
C VAL F 770 -65.29 10.43 7.04
N ARG F 771 -65.86 11.61 7.30
CA ARG F 771 -67.24 11.91 6.95
C ARG F 771 -67.47 12.05 5.44
N ARG F 772 -66.45 12.51 4.72
CA ARG F 772 -66.51 12.55 3.25
C ARG F 772 -66.55 11.14 2.70
N ALA F 773 -65.67 10.28 3.21
CA ALA F 773 -65.61 8.87 2.81
C ALA F 773 -66.91 8.15 3.18
N GLU F 774 -67.42 8.45 4.38
CA GLU F 774 -68.70 7.91 4.84
C GLU F 774 -69.89 8.54 4.12
N GLY F 775 -69.63 9.58 3.32
CA GLY F 775 -70.68 10.26 2.56
C GLY F 775 -71.63 11.08 3.40
N ARG F 776 -71.19 11.47 4.59
CA ARG F 776 -71.99 12.30 5.49
C ARG F 776 -71.64 13.78 5.36
N ALA F 777 -72.45 14.51 4.60
CA ALA F 777 -72.26 15.95 4.35
C ALA F 777 -70.83 16.30 3.98
N MET G 1 -21.27 60.55 53.06
CA MET G 1 -20.68 61.76 52.44
C MET G 1 -20.96 61.78 50.94
N GLU G 2 -21.30 62.97 50.42
CA GLU G 2 -21.51 63.14 48.97
C GLU G 2 -20.78 64.34 48.39
N ILE G 3 -19.91 64.08 47.41
CA ILE G 3 -19.27 65.15 46.64
C ILE G 3 -19.79 65.15 45.20
N ALA G 4 -19.47 66.23 44.48
CA ALA G 4 -19.83 66.37 43.07
C ALA G 4 -18.69 67.03 42.33
N PHE G 5 -18.57 66.70 41.05
CA PHE G 5 -17.51 67.24 40.18
C PHE G 5 -17.87 67.10 38.71
N LEU G 6 -17.15 67.83 37.87
CA LEU G 6 -17.34 67.79 36.43
C LEU G 6 -16.40 66.77 35.79
N LEU G 7 -16.93 65.58 35.51
CA LEU G 7 -16.17 64.52 34.87
C LEU G 7 -16.37 64.56 33.36
N ASN G 8 -15.28 64.81 32.65
CA ASN G 8 -15.28 64.94 31.19
C ASN G 8 -16.38 65.86 30.66
N GLY G 9 -16.54 67.00 31.34
CA GLY G 9 -17.53 67.99 30.95
C GLY G 9 -18.97 67.65 31.30
N GLU G 10 -19.16 66.66 32.18
CA GLU G 10 -20.49 66.30 32.64
C GLU G 10 -20.54 66.10 34.15
N THR G 11 -21.48 66.78 34.80
CA THR G 11 -21.61 66.80 36.25
C THR G 11 -21.98 65.44 36.84
N ARG G 12 -21.20 65.00 37.83
CA ARG G 12 -21.41 63.70 38.46
C ARG G 12 -21.38 63.78 39.99
N ARG G 13 -22.40 63.21 40.63
CA ARG G 13 -22.44 63.12 42.09
C ARG G 13 -22.07 61.73 42.55
N VAL G 14 -21.16 61.65 43.52
CA VAL G 14 -20.66 60.38 44.05
C VAL G 14 -20.84 60.31 45.57
N ARG G 15 -21.24 59.14 46.05
CA ARG G 15 -21.51 58.93 47.47
C ARG G 15 -20.30 58.31 48.18
N ILE G 16 -19.46 59.16 48.77
CA ILE G 16 -18.23 58.73 49.43
C ILE G 16 -18.49 57.91 50.70
N GLU G 17 -18.01 56.67 50.69
CA GLU G 17 -18.04 55.79 51.85
C GLU G 17 -16.63 55.31 52.22
N ASP G 18 -15.78 55.18 51.21
CA ASP G 18 -14.36 54.88 51.39
C ASP G 18 -13.55 56.14 51.08
N PRO G 19 -13.24 56.93 52.12
CA PRO G 19 -12.62 58.25 51.92
C PRO G 19 -11.18 58.16 51.42
N THR G 20 -10.60 56.97 51.47
CA THR G 20 -9.20 56.78 51.08
C THR G 20 -9.01 56.32 49.63
N GLN G 21 -10.10 55.89 48.99
CA GLN G 21 -10.07 55.42 47.59
C GLN G 21 -9.44 56.44 46.67
N SER G 22 -8.44 56.01 45.90
CA SER G 22 -7.73 56.90 44.99
C SER G 22 -8.61 57.26 43.79
N LEU G 23 -8.20 58.29 43.06
CA LEU G 23 -8.90 58.71 41.85
C LEU G 23 -8.71 57.70 40.71
N LEU G 24 -7.48 57.20 40.56
CA LEU G 24 -7.18 56.15 39.60
C LEU G 24 -8.08 54.92 39.81
N GLU G 25 -8.20 54.48 41.06
CA GLU G 25 -9.07 53.36 41.44
C GLU G 25 -10.48 53.58 40.93
N TRP G 26 -11.13 54.59 41.50
CA TRP G 26 -12.50 54.96 41.17
C TRP G 26 -12.79 54.99 39.67
N LEU G 27 -11.98 55.73 38.91
CA LEU G 27 -12.18 55.89 37.46
C LEU G 27 -12.16 54.55 36.72
N ARG G 28 -11.10 53.77 36.92
CA ARG G 28 -10.97 52.48 36.24
C ARG G 28 -12.13 51.57 36.59
N ALA G 29 -12.57 51.61 37.84
CA ALA G 29 -13.71 50.81 38.31
C ALA G 29 -15.03 51.29 37.68
N GLU G 30 -15.04 52.53 37.22
CA GLU G 30 -16.21 53.08 36.51
C GLU G 30 -16.26 52.54 35.10
N GLY G 31 -15.13 52.05 34.60
CA GLY G 31 -15.04 51.52 33.25
C GLY G 31 -14.16 52.40 32.39
N LEU G 32 -13.71 53.51 32.96
CA LEU G 32 -12.81 54.43 32.26
C LEU G 32 -11.41 53.84 32.26
N THR G 33 -11.24 52.82 31.44
CA THR G 33 -10.00 52.06 31.33
C THR G 33 -8.84 52.89 30.77
N GLY G 34 -9.15 54.05 30.22
CA GLY G 34 -8.17 54.92 29.57
C GLY G 34 -6.98 55.32 30.45
N THR G 35 -7.27 55.68 31.69
CA THR G 35 -6.23 56.05 32.66
C THR G 35 -5.50 54.79 33.13
N LYS G 36 -4.19 54.75 32.90
CA LYS G 36 -3.37 53.56 33.16
C LYS G 36 -2.72 53.56 34.54
N GLU G 37 -2.43 52.36 35.07
CA GLU G 37 -1.62 52.21 36.27
C GLU G 37 -0.26 51.61 35.91
N GLY G 38 0.80 52.33 36.26
CA GLY G 38 2.16 51.93 35.97
C GLY G 38 3.04 51.73 37.19
N CYS G 39 2.57 52.16 38.37
CA CYS G 39 3.34 52.03 39.61
C CYS G 39 2.54 52.14 40.90
N ASN G 40 1.63 53.13 40.96
CA ASN G 40 0.96 53.54 42.21
C ASN G 40 1.88 54.30 43.17
N GLU G 41 2.87 55.00 42.60
CA GLU G 41 3.88 55.72 43.38
C GLU G 41 4.06 57.19 43.00
N GLY G 42 3.28 57.66 42.02
CA GLY G 42 3.38 59.03 41.51
C GLY G 42 4.66 59.30 40.74
N ASP G 43 5.31 58.24 40.30
CA ASP G 43 6.65 58.31 39.75
C ASP G 43 6.74 58.27 38.22
N CYS G 44 5.75 57.66 37.56
CA CYS G 44 5.84 57.44 36.11
C CYS G 44 4.91 58.29 35.22
N GLY G 45 3.81 58.77 35.78
CA GLY G 45 2.88 59.66 35.07
C GLY G 45 1.84 59.00 34.20
N ALA G 46 1.82 57.67 34.17
CA ALA G 46 0.89 56.90 33.34
C ALA G 46 -0.57 57.06 33.77
N CYS G 47 -0.80 57.74 34.89
CA CYS G 47 -2.16 58.02 35.36
C CYS G 47 -2.50 59.51 35.39
N THR G 48 -1.69 60.32 34.71
CA THR G 48 -1.88 61.77 34.69
C THR G 48 -3.31 62.15 34.28
N VAL G 49 -4.01 62.83 35.18
CA VAL G 49 -5.31 63.41 34.89
C VAL G 49 -5.21 64.95 34.95
N MET G 50 -6.24 65.63 34.46
CA MET G 50 -6.29 67.09 34.46
C MET G 50 -7.49 67.61 35.25
N ILE G 51 -7.19 68.26 36.37
CA ILE G 51 -8.23 68.91 37.19
C ILE G 51 -8.29 70.42 36.92
N ARG G 52 -9.46 71.00 37.16
CA ARG G 52 -9.68 72.44 36.97
C ARG G 52 -10.52 73.02 38.10
N ASP G 53 -10.13 74.22 38.54
CA ASP G 53 -10.92 75.02 39.49
C ASP G 53 -10.62 76.51 39.28
N ALA G 54 -10.98 77.33 40.26
CA ALA G 54 -10.78 78.78 40.21
C ALA G 54 -9.32 79.17 39.97
N ALA G 55 -8.39 78.39 40.53
CA ALA G 55 -6.96 78.63 40.37
C ALA G 55 -6.50 78.40 38.92
N GLY G 56 -7.12 77.43 38.25
CA GLY G 56 -6.75 77.09 36.89
C GLY G 56 -6.82 75.60 36.62
N SER G 57 -6.03 75.14 35.65
CA SER G 57 -5.98 73.73 35.28
C SER G 57 -4.56 73.19 35.33
N ARG G 58 -4.39 72.01 35.92
CA ARG G 58 -3.08 71.43 36.14
C ARG G 58 -3.06 69.92 35.92
N ALA G 59 -1.87 69.38 35.65
CA ALA G 59 -1.67 67.94 35.47
C ALA G 59 -1.31 67.28 36.81
N VAL G 60 -2.04 66.23 37.16
CA VAL G 60 -1.83 65.53 38.44
C VAL G 60 -1.80 64.02 38.27
N ASN G 61 -1.31 63.32 39.31
CA ASN G 61 -1.30 61.86 39.35
C ASN G 61 -2.55 61.29 40.00
N ALA G 62 -3.41 60.68 39.18
CA ALA G 62 -4.69 60.13 39.64
C ALA G 62 -4.56 59.14 40.79
N CYS G 63 -3.41 58.46 40.88
CA CYS G 63 -3.20 57.43 41.90
C CYS G 63 -2.90 58.00 43.29
N LEU G 64 -2.20 59.13 43.34
CA LEU G 64 -1.92 59.82 44.61
C LEU G 64 -3.16 60.48 45.18
N MET G 65 -3.98 61.04 44.29
CA MET G 65 -5.16 61.82 44.68
C MET G 65 -6.34 60.95 45.10
N MET G 66 -7.03 61.40 46.15
CA MET G 66 -8.23 60.71 46.66
C MET G 66 -9.49 61.53 46.36
N LEU G 67 -10.64 60.85 46.38
CA LEU G 67 -11.91 61.43 45.91
C LEU G 67 -12.32 62.80 46.49
N PRO G 68 -12.38 62.94 47.83
CA PRO G 68 -12.84 64.21 48.41
C PRO G 68 -12.08 65.44 47.91
N GLN G 69 -10.91 65.22 47.32
CA GLN G 69 -10.08 66.32 46.84
C GLN G 69 -10.58 66.96 45.54
N ILE G 70 -11.24 66.19 44.69
CA ILE G 70 -11.77 66.75 43.43
C ILE G 70 -13.18 67.31 43.59
N ALA G 71 -13.67 67.35 44.83
CA ALA G 71 -14.98 67.94 45.12
C ALA G 71 -15.03 69.37 44.60
N GLY G 72 -16.07 69.68 43.81
CA GLY G 72 -16.26 71.00 43.23
C GLY G 72 -15.24 71.40 42.17
N LYS G 73 -14.45 70.43 41.69
CA LYS G 73 -13.46 70.68 40.64
C LYS G 73 -13.93 70.05 39.33
N ALA G 74 -13.20 70.34 38.25
CA ALA G 74 -13.53 69.81 36.93
C ALA G 74 -12.45 68.86 36.44
N LEU G 75 -12.79 67.57 36.41
CA LEU G 75 -11.84 66.54 36.05
C LEU G 75 -11.93 66.18 34.56
N ARG G 76 -10.78 66.08 33.92
CA ARG G 76 -10.72 65.78 32.50
C ARG G 76 -9.66 64.71 32.20
N THR G 77 -10.11 63.47 32.05
CA THR G 77 -9.24 62.33 31.75
C THR G 77 -8.99 62.18 30.25
N ILE G 78 -8.08 61.28 29.88
CA ILE G 78 -7.71 61.04 28.48
C ILE G 78 -8.91 60.86 27.53
N GLU G 79 -9.88 60.04 27.93
CA GLU G 79 -11.09 59.80 27.12
C GLU G 79 -11.97 61.05 26.92
N GLY G 80 -11.54 62.17 27.49
CA GLY G 80 -12.24 63.45 27.33
C GLY G 80 -11.39 64.57 26.77
N ILE G 81 -10.23 64.25 26.22
CA ILE G 81 -9.32 65.25 25.66
C ILE G 81 -9.73 65.62 24.22
N ALA G 82 -10.22 64.63 23.47
CA ALA G 82 -10.79 64.89 22.15
C ALA G 82 -12.16 65.56 22.31
N ALA G 83 -12.57 66.28 21.26
CA ALA G 83 -13.82 67.04 21.27
C ALA G 83 -15.06 66.12 21.26
N PRO G 84 -16.17 66.60 21.85
CA PRO G 84 -17.45 65.87 21.84
C PRO G 84 -17.88 65.40 20.45
N ASP G 85 -17.64 66.22 19.42
CA ASP G 85 -17.93 65.84 18.04
C ASP G 85 -17.06 64.68 17.56
N GLY G 86 -15.84 64.59 18.12
CA GLY G 86 -14.92 63.50 17.81
C GLY G 86 -13.56 63.96 17.32
N ARG G 87 -13.43 65.25 17.02
CA ARG G 87 -12.18 65.84 16.56
C ARG G 87 -11.10 65.69 17.63
N LEU G 88 -9.94 65.17 17.22
CA LEU G 88 -8.79 65.05 18.12
C LEU G 88 -8.25 66.42 18.51
N HIS G 89 -7.94 66.56 19.79
CA HIS G 89 -7.18 67.70 20.29
C HIS G 89 -5.87 67.79 19.47
N PRO G 90 -5.48 69.02 19.07
CA PRO G 90 -4.24 69.24 18.31
C PRO G 90 -3.02 68.49 18.85
N VAL G 91 -3.03 68.25 20.17
CA VAL G 91 -2.01 67.46 20.86
C VAL G 91 -2.03 65.97 20.43
N GLN G 92 -3.23 65.38 20.38
CA GLN G 92 -3.41 64.00 19.96
C GLN G 92 -2.98 63.78 18.49
N GLN G 93 -3.39 64.68 17.62
CA GLN G 93 -3.02 64.64 16.21
C GLN G 93 -1.51 64.81 16.00
N ALA G 94 -0.93 65.83 16.63
CA ALA G 94 0.50 66.11 16.51
C ALA G 94 1.34 64.92 16.95
N MET G 95 0.83 64.18 17.94
CA MET G 95 1.48 62.97 18.44
C MET G 95 1.45 61.83 17.40
N ILE G 96 0.33 61.68 16.72
CA ILE G 96 0.20 60.68 15.66
C ILE G 96 1.17 60.98 14.53
N ASP G 97 1.18 62.23 14.07
CA ASP G 97 2.04 62.63 12.95
C ASP G 97 3.51 62.50 13.29
N HIS G 98 3.86 62.72 14.56
CA HIS G 98 5.25 62.67 15.00
C HIS G 98 5.68 61.35 15.63
N HIS G 99 4.79 60.36 15.59
CA HIS G 99 5.07 59.04 16.12
C HIS G 99 5.44 59.12 17.61
N GLY G 100 4.65 59.88 18.36
CA GLY G 100 4.89 60.07 19.79
C GLY G 100 4.64 58.83 20.62
N SER G 101 4.15 57.77 19.99
CA SER G 101 3.93 56.50 20.68
C SER G 101 4.56 55.31 19.96
N GLN G 102 4.80 54.24 20.73
CA GLN G 102 5.19 52.94 20.20
C GLN G 102 4.31 51.85 20.84
N CYS G 103 4.56 51.53 22.10
CA CYS G 103 3.74 50.54 22.82
C CYS G 103 2.39 51.15 23.23
N GLY G 104 2.40 52.47 23.41
CA GLY G 104 1.19 53.23 23.65
C GLY G 104 0.78 53.39 25.10
N PHE G 105 1.34 52.56 25.98
CA PHE G 105 0.89 52.48 27.36
C PHE G 105 1.05 53.77 28.16
N CYS G 106 2.13 54.50 27.91
CA CYS G 106 2.38 55.76 28.59
C CYS G 106 1.65 56.92 27.93
N THR G 107 1.04 56.65 26.77
CA THR G 107 0.48 57.71 25.92
C THR G 107 -0.78 58.42 26.44
N PRO G 108 -1.70 57.73 27.14
CA PRO G 108 -2.81 58.47 27.75
C PRO G 108 -2.33 59.52 28.78
N GLY G 109 -1.30 59.17 29.56
CA GLY G 109 -0.72 60.10 30.53
C GLY G 109 -0.04 61.31 29.91
N PHE G 110 0.76 61.07 28.88
CA PHE G 110 1.42 62.16 28.14
C PHE G 110 0.42 63.14 27.55
N ILE G 111 -0.62 62.62 26.89
CA ILE G 111 -1.65 63.44 26.26
C ILE G 111 -2.28 64.42 27.25
N VAL G 112 -2.74 63.89 28.37
CA VAL G 112 -3.27 64.73 29.45
C VAL G 112 -2.23 65.77 29.88
N SER G 113 -1.00 65.32 30.12
CA SER G 113 0.10 66.21 30.51
C SER G 113 0.42 67.27 29.45
N MET G 114 0.25 66.91 28.18
CA MET G 114 0.50 67.85 27.10
C MET G 114 -0.70 68.75 26.84
N ALA G 115 -1.90 68.22 27.07
CA ALA G 115 -3.14 68.98 26.88
C ALA G 115 -3.30 70.07 27.94
N ALA G 116 -3.01 69.72 29.20
CA ALA G 116 -3.10 70.66 30.30
C ALA G 116 -2.06 71.78 30.16
N ALA G 117 -0.91 71.45 29.58
CA ALA G 117 0.13 72.44 29.28
C ALA G 117 -0.34 73.37 28.17
N HIS G 118 -0.98 72.77 27.17
CA HIS G 118 -1.51 73.48 26.01
C HIS G 118 -2.65 74.42 26.40
N ASP G 119 -3.36 74.05 27.46
CA ASP G 119 -4.48 74.83 27.99
C ASP G 119 -4.00 76.15 28.65
N ARG G 120 -2.80 76.11 29.23
CA ARG G 120 -2.22 77.28 29.87
C ARG G 120 -0.97 77.75 29.13
N ASP G 121 -0.92 77.47 27.82
CA ASP G 121 0.21 77.83 26.95
C ASP G 121 1.57 77.70 27.64
N ARG G 122 1.86 76.52 28.18
CA ARG G 122 3.13 76.26 28.84
C ARG G 122 4.07 75.49 27.91
N LYS G 123 5.34 75.91 27.89
CA LYS G 123 6.30 75.41 26.90
C LYS G 123 7.60 74.81 27.47
N ASP G 124 7.73 74.74 28.80
CA ASP G 124 8.87 74.07 29.43
C ASP G 124 8.61 72.55 29.57
N TYR G 125 8.66 71.87 28.43
CA TYR G 125 8.28 70.45 28.33
C TYR G 125 9.21 69.56 29.14
N ASP G 126 10.52 69.81 29.05
CA ASP G 126 11.51 69.08 29.84
C ASP G 126 11.12 69.00 31.31
N ASP G 127 10.67 70.14 31.84
CA ASP G 127 10.20 70.24 33.22
C ASP G 127 8.75 69.77 33.39
N LEU G 128 7.95 69.95 32.33
CA LEU G 128 6.52 69.60 32.36
C LEU G 128 6.27 68.10 32.30
N LEU G 129 7.02 67.42 31.44
CA LEU G 129 6.81 66.00 31.17
C LEU G 129 7.81 65.12 31.91
N ALA G 130 8.52 65.72 32.87
CA ALA G 130 9.42 64.99 33.74
C ALA G 130 8.65 63.93 34.51
N GLY G 131 7.39 64.23 34.83
CA GLY G 131 6.47 63.30 35.47
C GLY G 131 6.11 62.08 34.64
N ASN G 132 6.16 62.22 33.32
CA ASN G 132 5.83 61.12 32.41
C ASN G 132 7.06 60.32 31.95
N LEU G 133 7.03 59.01 32.21
CA LEU G 133 8.12 58.12 31.81
C LEU G 133 7.76 57.35 30.56
N CYS G 134 8.73 57.25 29.64
CA CYS G 134 8.60 56.40 28.48
C CYS G 134 9.82 55.50 28.38
N ARG G 135 9.58 54.22 28.17
CA ARG G 135 10.64 53.23 27.99
C ARG G 135 10.90 52.96 26.49
N CYS G 136 10.02 53.49 25.63
CA CYS G 136 9.99 53.11 24.21
C CYS G 136 10.67 54.05 23.23
N THR G 137 10.30 55.33 23.26
CA THR G 137 10.58 56.23 22.15
C THR G 137 11.85 57.08 22.28
N GLY G 138 12.27 57.35 23.50
CA GLY G 138 13.44 58.19 23.74
C GLY G 138 13.06 59.66 23.83
N TYR G 139 11.77 59.91 24.03
CA TYR G 139 11.20 61.25 24.26
C TYR G 139 11.30 62.22 23.08
N ALA G 140 12.36 62.11 22.29
CA ALA G 140 12.59 62.96 21.11
C ALA G 140 11.33 63.23 20.24
N PRO G 141 10.60 62.16 19.85
CA PRO G 141 9.37 62.39 19.06
C PRO G 141 8.24 63.05 19.85
N ILE G 142 8.26 62.91 21.17
CA ILE G 142 7.24 63.54 22.03
C ILE G 142 7.48 65.05 22.11
N LEU G 143 8.73 65.47 21.99
CA LEU G 143 9.06 66.90 21.97
C LEU G 143 8.56 67.56 20.67
N ARG G 144 8.95 66.99 19.53
CA ARG G 144 8.48 67.46 18.23
C ARG G 144 6.96 67.62 18.21
N ALA G 145 6.24 66.64 18.76
CA ALA G 145 4.78 66.65 18.79
C ALA G 145 4.24 67.76 19.66
N ALA G 146 4.89 67.99 20.81
CA ALA G 146 4.48 69.03 21.75
C ALA G 146 4.71 70.42 21.17
N GLU G 147 5.78 70.55 20.39
CA GLU G 147 6.13 71.81 19.75
C GLU G 147 5.24 72.11 18.53
N ALA G 148 4.89 71.07 17.76
CA ALA G 148 4.06 71.23 16.56
C ALA G 148 2.62 71.58 16.88
N ALA G 149 2.11 71.05 18.00
CA ALA G 149 0.76 71.35 18.45
C ALA G 149 0.71 72.67 19.21
N ALA G 150 1.88 73.22 19.53
CA ALA G 150 1.97 74.51 20.23
C ALA G 150 1.49 75.66 19.35
N GLY G 151 1.69 75.53 18.04
CA GLY G 151 1.22 76.52 17.07
C GLY G 151 -0.25 76.36 16.72
N GLU G 152 -1.03 75.81 17.65
CA GLU G 152 -2.45 75.60 17.45
C GLU G 152 -3.28 76.29 18.54
N PRO G 153 -4.45 76.85 18.17
CA PRO G 153 -5.35 77.50 19.13
C PRO G 153 -5.84 76.52 20.21
N PRO G 154 -5.80 76.95 21.49
CA PRO G 154 -6.19 76.13 22.64
C PRO G 154 -7.60 75.55 22.51
N ALA G 155 -7.76 74.29 22.92
CA ALA G 155 -9.06 73.62 22.84
C ALA G 155 -10.13 74.35 23.63
N ASP G 156 -11.21 74.67 22.94
CA ASP G 156 -12.33 75.40 23.54
C ASP G 156 -13.19 74.51 24.45
N TRP G 157 -13.43 73.27 24.02
CA TRP G 157 -14.26 72.33 24.78
C TRP G 157 -13.67 71.96 26.14
N LEU G 158 -12.34 72.00 26.24
CA LEU G 158 -11.66 71.81 27.52
C LEU G 158 -11.82 73.04 28.41
N GLN G 159 -11.85 74.21 27.78
CA GLN G 159 -11.96 75.48 28.49
C GLN G 159 -13.38 75.84 28.91
N ALA G 160 -14.36 75.14 28.34
CA ALA G 160 -15.76 75.28 28.73
C ALA G 160 -15.99 74.81 30.17
N ASP G 161 -15.02 74.08 30.73
CA ASP G 161 -15.09 73.56 32.09
C ASP G 161 -14.80 74.63 33.14
N ALA G 162 -14.35 75.81 32.69
CA ALA G 162 -14.08 76.95 33.57
C ALA G 162 -15.35 77.48 34.24
N ALA G 163 -16.47 77.37 33.54
CA ALA G 163 -17.76 77.83 34.05
C ALA G 163 -18.45 76.80 34.93
N PHE G 164 -17.70 76.16 35.84
CA PHE G 164 -18.27 75.16 36.73
C PHE G 164 -18.45 75.66 38.16
N THR G 165 -19.64 75.40 38.71
CA THR G 165 -20.12 75.92 40.01
C THR G 165 -19.75 77.39 40.28
N LEU G 166 -19.95 78.23 39.27
CA LEU G 166 -19.68 79.66 39.35
C LEU G 166 -20.94 80.49 39.09
N PRO G 179 -17.72 60.92 57.24
CA PRO G 179 -16.77 59.88 56.86
C PRO G 179 -15.32 60.37 56.87
N ALA G 180 -15.11 61.59 56.38
CA ALA G 180 -13.80 62.24 56.41
C ALA G 180 -14.01 63.74 56.50
N PHE G 181 -13.30 64.38 57.44
CA PHE G 181 -13.49 65.80 57.70
C PHE G 181 -12.82 66.69 56.66
N LEU G 182 -13.60 67.61 56.13
CA LEU G 182 -13.13 68.59 55.15
C LEU G 182 -13.37 70.01 55.68
N PRO G 183 -12.33 70.62 56.29
CA PRO G 183 -12.46 72.00 56.80
C PRO G 183 -12.55 73.04 55.69
N GLU G 184 -13.39 74.06 55.93
CA GLU G 184 -13.53 75.21 55.04
C GLU G 184 -12.47 76.25 55.39
N THR G 185 -12.28 76.45 56.69
CA THR G 185 -11.35 77.47 57.22
C THR G 185 -10.47 76.93 58.35
N SER G 186 -9.34 77.61 58.58
CA SER G 186 -8.33 77.19 59.55
C SER G 186 -8.86 77.06 60.98
N ASP G 187 -9.81 77.92 61.35
CA ASP G 187 -10.45 77.86 62.66
C ASP G 187 -11.22 76.55 62.86
N ALA G 188 -12.02 76.19 61.86
CA ALA G 188 -12.80 74.95 61.88
C ALA G 188 -11.88 73.73 62.02
N LEU G 189 -10.70 73.80 61.40
CA LEU G 189 -9.70 72.74 61.48
C LEU G 189 -9.06 72.66 62.86
N ALA G 190 -8.74 73.83 63.41
CA ALA G 190 -8.10 73.92 64.72
C ALA G 190 -8.98 73.38 65.85
N ASP G 191 -10.28 73.70 65.79
CA ASP G 191 -11.27 73.18 66.73
C ASP G 191 -11.39 71.67 66.65
N TRP G 192 -11.36 71.16 65.41
CA TRP G 192 -11.53 69.74 65.14
C TRP G 192 -10.31 68.91 65.53
N TYR G 193 -9.13 69.33 65.07
CA TYR G 193 -7.89 68.57 65.31
C TYR G 193 -7.48 68.57 66.79
N LEU G 194 -7.89 69.61 67.51
CA LEU G 194 -7.68 69.70 68.95
C LEU G 194 -8.49 68.62 69.68
N ALA G 195 -9.64 68.27 69.11
CA ALA G 195 -10.50 67.21 69.66
C ALA G 195 -10.14 65.83 69.11
N HIS G 196 -9.44 65.80 67.98
CA HIS G 196 -9.01 64.55 67.35
C HIS G 196 -7.50 64.52 67.12
N PRO G 197 -6.71 64.35 68.20
CA PRO G 197 -5.25 64.41 68.05
C PRO G 197 -4.65 63.21 67.31
N GLU G 198 -5.39 62.09 67.29
CA GLU G 198 -4.93 60.84 66.67
C GLU G 198 -5.33 60.74 65.19
N ALA G 199 -5.96 61.80 64.67
CA ALA G 199 -6.45 61.82 63.31
C ALA G 199 -5.33 61.94 62.28
N THR G 200 -5.48 61.21 61.18
CA THR G 200 -4.52 61.25 60.08
C THR G 200 -4.84 62.45 59.18
N LEU G 201 -3.94 63.43 59.15
CA LEU G 201 -4.14 64.64 58.36
C LEU G 201 -3.62 64.44 56.94
N ILE G 202 -4.44 64.82 55.95
CA ILE G 202 -4.05 64.69 54.53
C ILE G 202 -4.09 66.03 53.80
N ALA G 203 -2.91 66.49 53.38
CA ALA G 203 -2.80 67.69 52.58
C ALA G 203 -2.97 67.32 51.10
N GLY G 204 -1.85 67.23 50.38
CA GLY G 204 -1.87 66.78 48.99
C GLY G 204 -2.01 65.27 48.90
N GLY G 205 -1.50 64.59 49.92
CA GLY G 205 -1.59 63.14 50.01
C GLY G 205 -0.54 62.39 49.22
N THR G 206 0.52 63.08 48.80
CA THR G 206 1.59 62.47 47.99
C THR G 206 2.53 61.59 48.83
N ASP G 207 2.27 61.53 50.13
CA ASP G 207 2.99 60.66 51.04
C ASP G 207 2.02 59.69 51.71
N VAL G 208 0.88 60.23 52.14
CA VAL G 208 -0.14 59.45 52.85
C VAL G 208 -0.69 58.34 51.96
N SER G 209 -0.92 58.65 50.68
CA SER G 209 -1.47 57.68 49.74
C SER G 209 -0.50 56.53 49.46
N LEU G 210 0.81 56.79 49.55
CA LEU G 210 1.81 55.73 49.45
C LEU G 210 1.71 54.70 50.57
N TRP G 211 1.18 55.11 51.72
CA TRP G 211 0.95 54.18 52.84
C TRP G 211 -0.16 53.21 52.51
N VAL G 212 -1.11 53.64 51.67
CA VAL G 212 -2.26 52.80 51.32
C VAL G 212 -2.00 51.97 50.05
N THR G 213 -1.29 52.55 49.07
CA THR G 213 -1.03 51.88 47.80
C THR G 213 0.16 50.91 47.86
N LYS G 214 0.99 51.04 48.90
CA LYS G 214 2.19 50.21 49.03
C LYS G 214 2.24 49.47 50.38
N ALA G 215 2.29 50.23 51.47
CA ALA G 215 2.29 49.66 52.82
C ALA G 215 0.93 49.07 53.18
N LEU G 216 -0.02 49.19 52.25
CA LEU G 216 -1.38 48.65 52.37
C LEU G 216 -1.98 48.91 53.75
N ARG G 217 -2.02 50.19 54.13
CA ARG G 217 -2.47 50.58 55.46
C ARG G 217 -3.89 51.15 55.48
N ASP G 218 -4.61 50.81 56.53
CA ASP G 218 -5.95 51.33 56.75
C ASP G 218 -5.85 52.56 57.65
N LEU G 219 -6.48 53.65 57.23
CA LEU G 219 -6.37 54.92 57.94
C LEU G 219 -7.70 55.37 58.52
N PRO G 220 -7.88 55.20 59.84
CA PRO G 220 -9.08 55.75 60.48
C PRO G 220 -8.91 57.24 60.74
N GLU G 221 -10.03 57.94 60.90
CA GLU G 221 -10.06 59.37 61.20
C GLU G 221 -9.16 60.21 60.27
N VAL G 222 -9.77 60.74 59.22
CA VAL G 222 -9.07 61.46 58.16
C VAL G 222 -9.64 62.86 57.97
N ALA G 223 -8.74 63.82 57.79
CA ALA G 223 -9.12 65.18 57.41
C ALA G 223 -8.37 65.61 56.16
N PHE G 224 -9.09 66.26 55.25
CA PHE G 224 -8.49 66.80 54.03
C PHE G 224 -8.30 68.31 54.16
N LEU G 225 -7.04 68.74 54.09
CA LEU G 225 -6.69 70.13 54.34
C LEU G 225 -6.64 70.99 53.06
N SER G 226 -6.83 70.35 51.90
CA SER G 226 -6.70 71.03 50.61
C SER G 226 -7.88 71.95 50.26
N HIS G 227 -8.96 71.85 51.03
CA HIS G 227 -10.12 72.72 50.86
C HIS G 227 -10.10 73.94 51.79
N CYS G 228 -8.90 74.40 52.13
CA CYS G 228 -8.72 75.58 52.96
C CYS G 228 -7.95 76.68 52.25
N LYS G 229 -8.69 77.67 51.76
CA LYS G 229 -8.12 78.81 51.04
C LYS G 229 -7.20 79.63 51.95
N ASP G 230 -7.61 79.78 53.22
CA ASP G 230 -6.88 80.58 54.21
C ASP G 230 -5.57 79.93 54.69
N LEU G 231 -5.44 78.63 54.45
CA LEU G 231 -4.25 77.89 54.82
C LEU G 231 -3.23 77.93 53.70
N ALA G 232 -3.72 78.05 52.47
CA ALA G 232 -2.87 78.11 51.29
C ALA G 232 -2.65 79.56 50.85
N GLN G 233 -1.99 80.32 51.72
CA GLN G 233 -1.78 81.75 51.47
C GLN G 233 -0.30 82.14 51.46
N ILE G 234 0.09 82.91 50.45
CA ILE G 234 1.38 83.59 50.46
C ILE G 234 1.11 85.08 50.63
N ARG G 235 1.40 85.58 51.82
CA ARG G 235 1.16 86.98 52.16
C ARG G 235 2.44 87.66 52.64
N GLU G 236 2.45 88.99 52.59
CA GLU G 236 3.63 89.78 52.97
C GLU G 236 3.55 90.28 54.41
N THR G 237 4.67 90.14 55.12
CA THR G 237 4.84 90.69 56.46
C THR G 237 6.05 91.64 56.49
N PRO G 238 6.01 92.69 57.34
CA PRO G 238 7.14 93.63 57.45
C PRO G 238 8.50 92.94 57.59
N ASP G 239 8.51 91.72 58.12
CA ASP G 239 9.76 90.98 58.33
C ASP G 239 10.07 89.97 57.20
N GLY G 240 9.19 89.87 56.20
CA GLY G 240 9.44 89.02 55.04
C GLY G 240 8.19 88.53 54.33
N TYR G 241 8.12 87.21 54.14
CA TYR G 241 6.95 86.57 53.53
C TYR G 241 6.48 85.39 54.37
N GLY G 242 5.24 85.48 54.84
CA GLY G 242 4.61 84.39 55.57
C GLY G 242 3.91 83.48 54.59
N ILE G 243 4.43 82.27 54.45
CA ILE G 243 3.90 81.33 53.47
C ILE G 243 3.17 80.19 54.16
N GLY G 244 1.86 80.14 53.93
CA GLY G 244 0.97 79.17 54.55
C GLY G 244 1.33 77.73 54.25
N ALA G 245 0.96 76.85 55.16
CA ALA G 245 1.29 75.42 55.05
C ALA G 245 0.65 74.77 53.83
N GLY G 246 -0.59 75.17 53.54
CA GLY G 246 -1.37 74.61 52.43
C GLY G 246 -0.93 75.00 51.03
N VAL G 247 0.04 75.91 50.94
CA VAL G 247 0.64 76.33 49.67
C VAL G 247 1.37 75.14 49.04
N THR G 248 1.09 74.91 47.75
CA THR G 248 1.72 73.81 47.01
C THR G 248 3.16 74.15 46.66
N ILE G 249 3.98 73.11 46.52
CA ILE G 249 5.40 73.27 46.16
C ILE G 249 5.51 74.00 44.81
N ALA G 250 4.61 73.66 43.88
CA ALA G 250 4.53 74.32 42.58
C ALA G 250 4.34 75.83 42.76
N ALA G 251 3.39 76.20 43.61
CA ALA G 251 3.13 77.61 43.93
C ALA G 251 4.33 78.27 44.60
N LEU G 252 4.91 77.59 45.59
CA LEU G 252 6.06 78.09 46.34
C LEU G 252 7.28 78.30 45.44
N ARG G 253 7.38 77.52 44.37
CA ARG G 253 8.46 77.69 43.40
C ARG G 253 8.23 78.95 42.56
N ALA G 254 6.98 79.16 42.13
CA ALA G 254 6.61 80.28 41.26
C ALA G 254 6.73 81.62 41.98
N PHE G 255 6.39 81.64 43.26
CA PHE G 255 6.51 82.84 44.08
C PHE G 255 7.97 83.17 44.38
N ALA G 256 8.81 82.13 44.46
CA ALA G 256 10.24 82.29 44.71
C ALA G 256 10.99 82.76 43.47
N GLU G 257 10.35 82.70 42.30
CA GLU G 257 10.97 83.08 41.02
C GLU G 257 11.63 84.47 41.07
N GLY G 258 11.05 85.36 41.89
CA GLY G 258 11.58 86.70 42.12
C GLY G 258 12.42 86.80 43.39
N PRO G 259 11.74 86.87 44.56
CA PRO G 259 12.38 87.02 45.88
C PRO G 259 13.55 86.05 46.17
N HIS G 260 13.33 84.75 45.97
CA HIS G 260 14.35 83.74 46.28
C HIS G 260 14.58 82.75 45.13
N PRO G 261 15.39 83.14 44.12
CA PRO G 261 15.67 82.32 42.94
C PRO G 261 16.35 80.99 43.25
N ALA G 262 17.14 80.95 44.33
CA ALA G 262 17.83 79.73 44.75
C ALA G 262 16.84 78.65 45.24
N LEU G 263 15.72 79.09 45.81
CA LEU G 263 14.65 78.17 46.20
C LEU G 263 13.89 77.69 44.97
N ALA G 264 13.62 78.62 44.05
CA ALA G 264 12.94 78.30 42.80
C ALA G 264 13.77 77.38 41.91
N GLY G 265 15.09 77.51 42.01
CA GLY G 265 16.02 76.64 41.31
C GLY G 265 16.01 75.22 41.86
N LEU G 266 15.90 75.12 43.18
CA LEU G 266 15.84 73.82 43.86
C LEU G 266 14.47 73.16 43.68
N LEU G 267 13.40 73.92 43.91
CA LEU G 267 12.05 73.36 43.84
C LEU G 267 11.66 72.93 42.43
N ARG G 268 12.49 73.29 41.44
CA ARG G 268 12.33 72.80 40.09
C ARG G 268 12.50 71.28 40.09
N ARG G 269 13.59 70.82 40.71
CA ARG G 269 13.90 69.39 40.82
C ARG G 269 13.24 68.69 42.01
N PHE G 270 12.30 69.38 42.66
CA PHE G 270 11.47 68.78 43.70
C PHE G 270 10.42 67.93 43.01
N ALA G 271 10.52 66.61 43.17
CA ALA G 271 9.61 65.65 42.54
C ALA G 271 9.39 65.92 41.04
N SER G 272 8.14 66.13 40.65
CA SER G 272 7.76 66.47 39.28
C SER G 272 6.64 67.50 39.29
N GLU G 273 6.31 68.02 38.10
CA GLU G 273 5.21 68.95 37.95
C GLU G 273 3.88 68.33 38.40
N GLN G 274 3.71 67.03 38.15
CA GLN G 274 2.50 66.30 38.57
C GLN G 274 2.35 66.22 40.09
N VAL G 275 3.48 66.06 40.79
CA VAL G 275 3.48 65.97 42.25
C VAL G 275 3.34 67.37 42.87
N ARG G 276 4.13 68.31 42.36
CA ARG G 276 4.20 69.67 42.89
C ARG G 276 2.86 70.41 42.92
N GLN G 277 1.93 70.02 42.05
CA GLN G 277 0.62 70.67 41.96
C GLN G 277 -0.29 70.40 43.16
N VAL G 278 0.04 69.37 43.95
CA VAL G 278 -0.76 69.01 45.14
C VAL G 278 0.05 68.83 46.43
N ALA G 279 1.36 68.59 46.29
CA ALA G 279 2.25 68.48 47.45
C ALA G 279 2.43 69.83 48.14
N THR G 280 2.36 69.84 49.47
CA THR G 280 2.46 71.09 50.24
C THR G 280 3.77 71.21 51.04
N ILE G 281 4.11 72.44 51.43
CA ILE G 281 5.27 72.70 52.30
C ILE G 281 4.96 72.29 53.73
N GLY G 282 3.71 72.49 54.13
CA GLY G 282 3.21 72.03 55.42
C GLY G 282 3.39 70.54 55.58
N GLY G 283 3.01 69.80 54.53
CA GLY G 283 3.20 68.35 54.47
C GLY G 283 4.65 67.93 54.37
N ASN G 284 5.42 68.65 53.56
CA ASN G 284 6.86 68.37 53.39
C ASN G 284 7.65 68.54 54.68
N ILE G 285 7.26 69.52 55.50
CA ILE G 285 7.89 69.76 56.80
C ILE G 285 7.31 68.82 57.87
N ALA G 286 5.98 68.68 57.88
CA ALA G 286 5.30 67.80 58.83
C ALA G 286 5.62 66.31 58.64
N ASN G 287 6.05 65.96 57.44
CA ASN G 287 6.54 64.62 57.16
C ASN G 287 7.91 64.40 57.80
N GLY G 288 8.70 65.46 57.86
CA GLY G 288 10.01 65.44 58.52
C GLY G 288 10.97 64.42 57.97
N SER G 289 11.14 64.42 56.65
CA SER G 289 12.09 63.52 55.99
C SER G 289 13.51 64.06 56.08
N PRO G 290 14.50 63.19 56.38
CA PRO G 290 15.90 63.58 56.32
C PRO G 290 16.33 63.84 54.88
N ILE G 291 15.53 63.33 53.94
CA ILE G 291 15.80 63.50 52.51
C ILE G 291 14.86 64.54 51.89
N GLY G 292 13.93 65.06 52.70
CA GLY G 292 13.03 66.13 52.27
C GLY G 292 13.82 67.38 51.91
N ASP G 293 13.52 67.96 50.75
CA ASP G 293 14.36 69.02 50.15
C ASP G 293 13.95 70.45 50.53
N GLY G 294 12.72 70.61 51.01
CA GLY G 294 12.28 71.88 51.57
C GLY G 294 13.13 72.36 52.74
N PRO G 295 13.14 71.60 53.85
CA PRO G 295 13.87 72.00 55.07
C PRO G 295 15.33 72.44 54.90
N PRO G 296 16.17 71.68 54.16
CA PRO G 296 17.56 72.13 53.98
C PRO G 296 17.67 73.55 53.42
N ALA G 297 16.79 73.91 52.50
CA ALA G 297 16.76 75.24 51.92
C ALA G 297 16.27 76.27 52.93
N LEU G 298 15.15 75.99 53.57
CA LEU G 298 14.48 76.92 54.48
C LEU G 298 15.22 77.13 55.82
N ILE G 299 15.99 76.14 56.25
CA ILE G 299 16.87 76.30 57.41
C ILE G 299 18.06 77.19 57.03
N ALA G 300 18.73 76.85 55.93
CA ALA G 300 19.86 77.62 55.41
C ALA G 300 19.57 79.10 55.15
N MET G 301 18.30 79.44 54.87
CA MET G 301 17.92 80.85 54.69
C MET G 301 17.21 81.43 55.91
N GLY G 302 17.32 80.72 57.04
CA GLY G 302 16.83 81.19 58.34
C GLY G 302 15.36 81.56 58.38
N ALA G 303 14.52 80.65 57.88
CA ALA G 303 13.08 80.83 57.94
C ALA G 303 12.52 80.27 59.26
N SER G 304 11.44 80.87 59.73
CA SER G 304 10.84 80.46 61.00
C SER G 304 9.56 79.66 60.75
N LEU G 305 9.44 78.53 61.44
CA LEU G 305 8.22 77.72 61.40
C LEU G 305 7.16 78.31 62.32
N THR G 306 5.89 78.04 62.00
CA THR G 306 4.77 78.43 62.85
C THR G 306 3.80 77.26 63.00
N LEU G 307 3.53 76.90 64.26
CA LEU G 307 2.59 75.82 64.58
C LEU G 307 1.33 76.39 65.22
N ARG G 308 0.23 75.64 65.14
CA ARG G 308 -1.02 76.04 65.77
C ARG G 308 -1.72 74.88 66.47
N ARG G 309 -2.02 75.06 67.75
CA ARG G 309 -2.68 74.05 68.56
C ARG G 309 -4.03 74.59 69.07
N GLY G 310 -5.06 74.45 68.24
CA GLY G 310 -6.37 75.03 68.52
C GLY G 310 -6.32 76.54 68.44
N GLN G 311 -6.01 77.17 69.56
CA GLN G 311 -5.76 78.61 69.59
C GLN G 311 -4.27 78.90 69.72
N GLU G 312 -3.57 78.02 70.45
CA GLU G 312 -2.13 78.14 70.70
C GLU G 312 -1.33 78.33 69.42
N ARG G 313 -0.33 79.20 69.48
CA ARG G 313 0.57 79.43 68.35
C ARG G 313 2.02 79.42 68.80
N ARG G 314 2.79 78.50 68.23
CA ARG G 314 4.21 78.38 68.54
C ARG G 314 5.05 78.77 67.32
N ARG G 315 6.10 79.54 67.57
CA ARG G 315 7.04 79.94 66.53
C ARG G 315 8.45 79.52 66.92
N MET G 316 9.21 79.02 65.94
CA MET G 316 10.58 78.58 66.18
C MET G 316 11.41 78.60 64.89
N PRO G 317 12.75 78.58 65.01
CA PRO G 317 13.58 78.36 63.83
C PRO G 317 13.37 76.94 63.32
N LEU G 318 13.25 76.80 62.00
CA LEU G 318 12.84 75.53 61.38
C LEU G 318 13.61 74.30 61.89
N GLU G 319 14.94 74.42 61.94
CA GLU G 319 15.80 73.32 62.38
C GLU G 319 15.42 72.76 63.75
N ASP G 320 14.94 73.63 64.64
CA ASP G 320 14.56 73.25 65.99
C ASP G 320 13.30 72.39 66.03
N PHE G 321 12.61 72.28 64.89
CA PHE G 321 11.41 71.46 64.77
C PHE G 321 11.73 69.97 64.70
N PHE G 322 12.82 69.64 64.04
CA PHE G 322 13.23 68.25 63.82
C PHE G 322 14.18 67.77 64.94
N LEU G 323 13.59 67.11 65.95
CA LEU G 323 14.35 66.60 67.09
C LEU G 323 15.19 65.38 66.71
N GLU G 324 14.53 64.29 66.33
CA GLU G 324 15.20 63.06 65.92
C GLU G 324 14.53 62.46 64.69
N TYR G 325 15.00 61.29 64.24
CA TYR G 325 14.33 60.54 63.17
C TYR G 325 12.96 60.08 63.63
N ARG G 326 11.94 60.40 62.83
CA ARG G 326 10.52 60.15 63.17
C ARG G 326 10.10 60.80 64.48
N LYS G 327 10.77 61.89 64.84
CA LYS G 327 10.55 62.60 66.10
C LYS G 327 10.66 64.10 65.89
N GLN G 328 9.52 64.77 65.83
CA GLN G 328 9.49 66.23 65.67
C GLN G 328 8.85 66.90 66.88
N ASP G 329 9.17 68.18 67.06
CA ASP G 329 8.63 68.98 68.15
C ASP G 329 7.18 69.36 67.87
N ARG G 330 6.29 68.36 67.98
CA ARG G 330 4.89 68.53 67.63
C ARG G 330 3.99 68.08 68.78
N ARG G 331 3.12 68.98 69.23
CA ARG G 331 2.17 68.70 70.30
C ARG G 331 0.93 68.00 69.74
N PRO G 332 0.26 67.17 70.56
CA PRO G 332 -1.05 66.63 70.19
C PRO G 332 -2.09 67.75 70.05
N GLY G 333 -2.84 67.73 68.94
CA GLY G 333 -3.79 68.80 68.61
C GLY G 333 -3.16 69.98 67.87
N GLU G 334 -1.85 69.88 67.63
CA GLU G 334 -1.10 70.93 66.95
C GLU G 334 -0.71 70.54 65.52
N PHE G 335 -0.91 71.48 64.59
CA PHE G 335 -0.53 71.30 63.19
C PHE G 335 0.43 72.39 62.72
N VAL G 336 1.16 72.08 61.64
CA VAL G 336 1.97 73.09 60.95
C VAL G 336 1.01 74.06 60.26
N GLU G 337 1.18 75.34 60.58
CA GLU G 337 0.28 76.37 60.04
C GLU G 337 0.94 77.15 58.91
N SER G 338 2.21 77.52 59.10
CA SER G 338 2.94 78.30 58.10
C SER G 338 4.45 78.35 58.36
N VAL G 339 5.17 78.91 57.39
CA VAL G 339 6.57 79.28 57.55
C VAL G 339 6.73 80.77 57.22
N THR G 340 7.87 81.35 57.60
CA THR G 340 8.13 82.76 57.34
C THR G 340 9.53 82.97 56.78
N LEU G 341 9.60 83.21 55.48
CA LEU G 341 10.88 83.47 54.82
C LEU G 341 11.23 84.95 54.98
N PRO G 342 12.53 85.28 55.00
CA PRO G 342 12.96 86.68 54.99
C PRO G 342 12.71 87.32 53.64
N LYS G 343 12.74 88.66 53.60
CA LYS G 343 12.57 89.41 52.36
C LYS G 343 13.61 89.07 51.28
N SER G 344 14.83 88.77 51.71
CA SER G 344 15.91 88.44 50.78
C SER G 344 16.99 87.57 51.42
N ALA G 345 17.72 86.85 50.57
CA ALA G 345 18.85 86.00 50.97
C ALA G 345 19.76 85.75 49.77
N PRO G 346 20.58 86.76 49.40
CA PRO G 346 21.39 86.71 48.18
C PRO G 346 22.48 85.63 48.20
N GLY G 347 22.87 85.18 49.39
CA GLY G 347 23.93 84.20 49.53
C GLY G 347 23.48 82.76 49.47
N LEU G 348 22.18 82.55 49.31
CA LEU G 348 21.61 81.21 49.30
C LEU G 348 21.91 80.48 47.99
N ARG G 349 22.46 79.28 48.13
CA ARG G 349 22.60 78.33 47.02
C ARG G 349 22.02 76.99 47.46
N CYS G 350 21.52 76.21 46.51
CA CYS G 350 20.94 74.92 46.81
C CYS G 350 21.44 73.85 45.88
N TYR G 351 22.00 72.79 46.46
CA TYR G 351 22.54 71.69 45.67
C TYR G 351 21.84 70.37 45.98
N LYS G 352 21.11 69.87 44.99
CA LYS G 352 20.52 68.55 45.04
C LYS G 352 21.45 67.58 44.32
N LEU G 353 21.66 66.42 44.92
CA LEU G 353 22.50 65.38 44.31
C LEU G 353 21.84 64.01 44.35
N SER G 354 21.72 63.41 43.17
CA SER G 354 21.08 62.11 42.98
C SER G 354 21.64 61.42 41.72
N LYS G 355 21.13 60.23 41.40
CA LYS G 355 21.56 59.49 40.21
C LYS G 355 21.07 60.16 38.93
N ARG G 356 19.81 60.58 38.96
CA ARG G 356 19.15 61.28 37.88
C ARG G 356 18.76 62.67 38.40
N PHE G 357 18.70 63.66 37.51
CA PHE G 357 18.36 65.03 37.92
C PHE G 357 16.89 65.17 38.33
N ASP G 358 15.99 64.74 37.44
CA ASP G 358 14.54 64.91 37.65
C ASP G 358 13.92 63.72 38.38
N GLN G 359 12.77 63.97 39.01
CA GLN G 359 11.93 62.95 39.64
C GLN G 359 12.73 61.86 40.40
N ASP G 360 13.82 62.29 41.04
CA ASP G 360 14.71 61.42 41.81
C ASP G 360 15.02 62.14 43.11
N ILE G 361 14.80 61.45 44.23
CA ILE G 361 15.03 62.07 45.54
C ILE G 361 16.52 62.08 45.89
N SER G 362 16.92 63.09 46.67
CA SER G 362 18.33 63.39 46.97
C SER G 362 19.06 62.24 47.67
N ALA G 363 20.36 62.14 47.40
CA ALA G 363 21.24 61.36 48.25
C ALA G 363 21.86 62.36 49.21
N VAL G 364 22.47 63.39 48.64
CA VAL G 364 23.09 64.48 49.40
C VAL G 364 22.43 65.77 48.95
N CYS G 365 22.16 66.66 49.90
CA CYS G 365 21.53 67.93 49.59
C CYS G 365 22.14 69.06 50.42
N GLY G 366 22.95 69.90 49.75
CA GLY G 366 23.68 70.98 50.42
C GLY G 366 23.14 72.37 50.16
N CYS G 367 22.74 73.05 51.24
CA CYS G 367 22.27 74.43 51.16
C CYS G 367 23.21 75.36 51.91
N LEU G 368 23.95 76.17 51.15
CA LEU G 368 24.94 77.08 51.72
C LEU G 368 24.55 78.54 51.55
N ASN G 369 24.77 79.32 52.61
CA ASN G 369 24.37 80.71 52.67
C ASN G 369 25.28 81.47 53.62
N LEU G 370 26.33 82.07 53.04
CA LEU G 370 27.31 82.82 53.83
C LEU G 370 27.10 84.32 53.73
N THR G 371 27.19 84.99 54.88
CA THR G 371 27.18 86.45 54.94
C THR G 371 28.63 86.94 54.83
N LEU G 372 28.86 87.98 54.03
CA LEU G 372 30.21 88.53 53.86
C LEU G 372 30.34 89.99 54.33
N LYS G 373 31.34 90.23 55.16
CA LYS G 373 31.75 91.58 55.53
C LYS G 373 33.06 91.89 54.82
N GLY G 374 32.96 92.30 53.55
CA GLY G 374 34.11 92.63 52.71
C GLY G 374 35.27 91.67 52.86
N SER G 375 35.13 90.48 52.27
CA SER G 375 36.14 89.41 52.31
C SER G 375 35.96 88.44 53.50
N LYS G 376 35.67 89.01 54.67
CA LYS G 376 35.59 88.22 55.90
C LYS G 376 34.20 87.60 56.10
N ILE G 377 34.19 86.29 56.37
CA ILE G 377 32.95 85.53 56.50
C ILE G 377 32.21 85.90 57.80
N GLU G 378 31.09 86.61 57.64
CA GLU G 378 30.24 87.02 58.76
C GLU G 378 29.49 85.84 59.37
N THR G 379 28.26 85.62 58.90
CA THR G 379 27.41 84.54 59.37
C THR G 379 27.53 83.34 58.44
N ALA G 380 27.43 82.15 59.01
CA ALA G 380 27.47 80.90 58.25
C ALA G 380 26.18 80.10 58.44
N ARG G 381 25.41 79.96 57.35
CA ARG G 381 24.22 79.13 57.34
C ARG G 381 24.30 78.02 56.30
N ILE G 382 24.83 76.87 56.74
CA ILE G 382 25.06 75.71 55.89
C ILE G 382 24.25 74.51 56.40
N ALA G 383 23.27 74.08 55.61
CA ALA G 383 22.36 72.98 56.01
C ALA G 383 22.41 71.81 55.02
N PHE G 384 22.28 70.59 55.56
CA PHE G 384 22.36 69.36 54.75
C PHE G 384 21.16 68.41 54.88
N GLY G 385 20.87 67.70 53.79
CA GLY G 385 19.84 66.66 53.76
C GLY G 385 20.45 65.30 53.47
N GLY G 386 19.86 64.27 54.05
CA GLY G 386 20.31 62.88 53.87
C GLY G 386 21.61 62.52 54.58
N MET G 387 22.20 63.50 55.26
CA MET G 387 23.51 63.38 55.93
C MET G 387 23.38 62.90 57.38
N ALA G 388 22.15 62.91 57.88
CA ALA G 388 21.84 62.46 59.23
C ALA G 388 20.41 61.96 59.25
N GLY G 389 20.02 61.30 60.34
CA GLY G 389 18.63 60.85 60.52
C GLY G 389 17.67 62.00 60.71
N VAL G 390 18.15 63.20 60.40
CA VAL G 390 17.41 64.45 60.61
C VAL G 390 18.12 65.53 59.79
N PRO G 391 17.38 66.55 59.29
CA PRO G 391 18.06 67.66 58.60
C PRO G 391 18.65 68.69 59.58
N LYS G 392 19.96 68.88 59.54
CA LYS G 392 20.63 69.77 60.50
C LYS G 392 21.75 70.60 59.90
N ARG G 393 22.10 71.68 60.60
CA ARG G 393 23.19 72.59 60.22
C ARG G 393 24.54 71.97 60.57
N ALA G 394 25.52 72.15 59.69
CA ALA G 394 26.88 71.66 59.92
C ALA G 394 27.59 72.51 60.97
N ALA G 395 27.37 72.16 62.24
CA ALA G 395 27.82 72.96 63.39
C ALA G 395 29.33 73.26 63.40
N ALA G 396 30.14 72.21 63.43
CA ALA G 396 31.60 72.34 63.47
C ALA G 396 32.18 73.03 62.23
N PHE G 397 31.57 72.80 61.08
CA PHE G 397 32.00 73.45 59.83
C PHE G 397 31.58 74.92 59.79
N GLU G 398 30.35 75.21 60.25
CA GLU G 398 29.85 76.59 60.32
C GLU G 398 30.70 77.44 61.27
N ALA G 399 30.89 76.93 62.49
CA ALA G 399 31.65 77.64 63.52
C ALA G 399 33.07 77.95 63.06
N ALA G 400 33.80 76.91 62.64
CA ALA G 400 35.19 77.06 62.19
C ALA G 400 35.29 77.68 60.79
N LEU G 401 34.40 78.64 60.52
CA LEU G 401 34.35 79.33 59.24
C LEU G 401 34.08 80.82 59.49
N ILE G 402 33.67 81.15 60.72
CA ILE G 402 33.29 82.51 61.09
C ILE G 402 34.52 83.44 61.22
N GLY G 403 34.53 84.48 60.39
CA GLY G 403 35.61 85.47 60.41
C GLY G 403 36.76 85.15 59.48
N GLN G 404 36.56 84.14 58.64
CA GLN G 404 37.61 83.68 57.73
C GLN G 404 37.57 84.39 56.37
N ASP G 405 38.69 84.34 55.66
CA ASP G 405 38.76 84.86 54.29
C ASP G 405 38.01 83.94 53.33
N PHE G 406 37.10 84.51 52.54
CA PHE G 406 36.33 83.73 51.58
C PHE G 406 37.18 83.35 50.36
N ARG G 407 37.95 82.27 50.51
CA ARG G 407 38.76 81.69 49.44
C ARG G 407 38.72 80.17 49.50
N GLU G 408 38.99 79.54 48.35
CA GLU G 408 38.89 78.09 48.20
C GLU G 408 39.81 77.30 49.14
N ASP G 409 41.09 77.67 49.17
CA ASP G 409 42.10 76.98 49.99
C ASP G 409 41.81 77.02 51.49
N THR G 410 41.22 78.11 51.94
CA THR G 410 40.86 78.27 53.35
C THR G 410 39.64 77.44 53.72
N ILE G 411 38.65 77.38 52.83
CA ILE G 411 37.48 76.51 52.99
C ILE G 411 37.92 75.05 52.91
N ALA G 412 38.90 74.78 52.05
CA ALA G 412 39.50 73.45 51.88
C ALA G 412 40.08 72.91 53.19
N ALA G 413 40.61 73.80 54.02
CA ALA G 413 41.19 73.43 55.31
C ALA G 413 40.15 72.99 56.36
N ALA G 414 38.94 73.54 56.28
CA ALA G 414 37.89 73.25 57.28
C ALA G 414 37.01 72.05 56.93
N LEU G 415 37.22 71.50 55.72
CA LEU G 415 36.39 70.42 55.19
C LEU G 415 36.27 69.13 56.02
N PRO G 416 37.36 68.72 56.71
CA PRO G 416 37.27 67.53 57.56
C PRO G 416 36.26 67.61 58.72
N LEU G 417 35.92 68.83 59.14
CA LEU G 417 35.01 69.03 60.28
C LEU G 417 33.61 68.46 60.06
N LEU G 418 33.18 68.42 58.81
CA LEU G 418 31.90 67.84 58.41
C LEU G 418 31.80 66.35 58.79
N ALA G 419 32.94 65.66 58.78
CA ALA G 419 33.03 64.25 59.16
C ALA G 419 32.86 64.05 60.67
N GLN G 420 32.99 65.15 61.42
CA GLN G 420 32.67 65.17 62.84
C GLN G 420 31.26 65.74 63.03
N ASP G 421 30.82 66.55 62.07
CA ASP G 421 29.45 67.05 62.00
C ASP G 421 28.45 65.95 61.63
N PHE G 422 28.91 64.97 60.84
CA PHE G 422 28.05 63.91 60.33
C PHE G 422 28.70 62.53 60.30
N THR G 423 27.87 61.50 60.31
CA THR G 423 28.30 60.12 60.05
C THR G 423 27.36 59.52 58.98
N PRO G 424 27.66 59.77 57.69
CA PRO G 424 26.79 59.34 56.59
C PRO G 424 26.44 57.85 56.60
N LEU G 425 25.35 57.49 55.91
CA LEU G 425 24.79 56.15 55.92
C LEU G 425 24.71 55.57 54.51
N SER G 426 25.18 54.33 54.35
CA SER G 426 25.18 53.65 53.05
C SER G 426 23.84 53.02 52.70
N ASP G 427 23.32 53.38 51.52
CA ASP G 427 22.11 52.75 50.97
C ASP G 427 22.20 52.69 49.44
N MET G 428 21.11 52.27 48.80
CA MET G 428 21.10 52.06 47.34
C MET G 428 21.28 53.34 46.53
N ARG G 429 21.08 54.48 47.18
CA ARG G 429 21.21 55.78 46.52
C ARG G 429 22.65 56.28 46.44
N ALA G 430 23.41 56.00 47.51
CA ALA G 430 24.83 56.36 47.59
C ALA G 430 25.52 55.69 48.77
N SER G 431 26.81 55.44 48.60
CA SER G 431 27.67 54.98 49.68
C SER G 431 27.93 56.13 50.65
N ALA G 432 28.17 55.78 51.91
CA ALA G 432 28.48 56.77 52.94
C ALA G 432 29.71 57.60 52.57
N ALA G 433 30.73 56.95 52.02
CA ALA G 433 31.96 57.62 51.57
C ALA G 433 31.63 58.72 50.58
N TYR G 434 30.77 58.39 49.61
CA TYR G 434 30.34 59.33 48.59
C TYR G 434 29.54 60.49 49.19
N ARG G 435 28.56 60.18 50.04
CA ARG G 435 27.71 61.19 50.70
C ARG G 435 28.54 62.19 51.50
N MET G 436 29.64 61.71 52.08
CA MET G 436 30.60 62.58 52.75
C MET G 436 31.40 63.39 51.74
N ASN G 437 32.01 62.68 50.78
CA ASN G 437 32.78 63.32 49.71
C ASN G 437 31.96 64.36 48.95
N ALA G 438 30.65 64.17 48.93
CA ALA G 438 29.72 65.04 48.22
C ALA G 438 29.28 66.24 49.05
N ALA G 439 29.20 66.04 50.36
CA ALA G 439 28.92 67.14 51.28
C ALA G 439 30.06 68.16 51.26
N GLN G 440 31.29 67.64 51.19
CA GLN G 440 32.50 68.46 51.10
C GLN G 440 32.73 69.02 49.70
N ALA G 441 32.12 68.39 48.70
CA ALA G 441 32.17 68.88 47.33
C ALA G 441 31.36 70.15 47.17
N MET G 442 30.21 70.20 47.83
CA MET G 442 29.26 71.31 47.74
C MET G 442 29.79 72.62 48.31
N ALA G 443 30.67 72.52 49.30
CA ALA G 443 31.31 73.70 49.89
C ALA G 443 32.26 74.37 48.89
N LEU G 444 33.10 73.57 48.24
CA LEU G 444 34.00 74.06 47.17
C LEU G 444 33.21 74.60 45.99
N ARG G 445 32.04 74.01 45.74
CA ARG G 445 31.09 74.48 44.72
C ARG G 445 30.60 75.89 45.04
N TYR G 446 30.24 76.11 46.30
CA TYR G 446 29.70 77.37 46.77
C TYR G 446 30.72 78.51 46.70
N VAL G 447 32.00 78.17 46.83
CA VAL G 447 33.08 79.14 46.68
C VAL G 447 33.27 79.47 45.19
N ARG G 448 33.50 78.43 44.39
CA ARG G 448 33.77 78.57 42.95
C ARG G 448 32.66 79.32 42.20
N GLU G 449 31.41 79.04 42.55
CA GLU G 449 30.26 79.70 41.95
C GLU G 449 30.25 81.19 42.30
N LEU G 450 30.52 81.50 43.56
CA LEU G 450 30.55 82.89 44.03
C LEU G 450 31.74 83.69 43.51
N SER G 451 32.76 82.99 43.02
CA SER G 451 33.88 83.62 42.33
C SER G 451 33.63 83.71 40.82
N GLY G 452 32.46 83.22 40.40
CA GLY G 452 32.02 83.30 39.01
C GLY G 452 32.58 82.24 38.08
N GLU G 453 32.74 81.02 38.61
CA GLU G 453 33.33 79.92 37.85
C GLU G 453 32.26 79.04 37.23
N ALA G 454 32.59 78.40 36.11
CA ALA G 454 31.69 77.44 35.45
C ALA G 454 31.66 76.13 36.24
N VAL G 455 30.52 75.86 36.88
CA VAL G 455 30.39 74.76 37.84
C VAL G 455 29.19 73.85 37.55
N ALA G 456 28.10 74.43 37.05
CA ALA G 456 26.85 73.68 36.83
C ALA G 456 26.84 72.93 35.50
N VAL G 457 26.49 71.65 35.57
CA VAL G 457 26.45 70.76 34.40
C VAL G 457 25.19 71.01 33.58
N LEU G 458 24.10 71.38 34.25
CA LEU G 458 22.82 71.63 33.60
C LEU G 458 22.77 72.97 32.86
N GLU G 459 23.71 73.84 33.18
CA GLU G 459 23.81 75.14 32.52
C GLU G 459 24.75 75.12 31.31
N VAL G 460 25.26 73.94 30.98
CA VAL G 460 26.19 73.79 29.85
C VAL G 460 25.46 73.73 28.52
N MET G 461 25.75 74.70 27.66
CA MET G 461 25.20 74.75 26.32
C MET G 461 25.74 73.59 25.48
N PRO G 462 24.84 72.78 24.90
CA PRO G 462 25.16 71.59 24.09
C PRO G 462 26.24 71.81 23.02
N SER H 2 3.38 48.92 -0.27
CA SER H 2 3.35 49.96 0.79
C SER H 2 4.67 50.01 1.56
N VAL H 3 5.50 49.00 1.29
CA VAL H 3 6.82 48.85 1.90
C VAL H 3 7.73 50.02 1.54
N GLY H 4 8.40 50.57 2.56
CA GLY H 4 9.31 51.70 2.35
C GLY H 4 8.69 53.05 2.68
N LYS H 5 7.36 53.11 2.71
CA LYS H 5 6.65 54.31 3.16
C LYS H 5 6.80 54.49 4.68
N PRO H 6 7.03 55.74 5.12
CA PRO H 6 7.10 56.03 6.55
C PRO H 6 5.71 56.18 7.18
N LEU H 7 4.99 55.06 7.29
CA LEU H 7 3.62 55.07 7.79
C LEU H 7 3.57 54.90 9.32
N PRO H 8 2.50 55.40 9.96
CA PRO H 8 2.38 55.35 11.42
C PRO H 8 2.11 53.96 11.99
N HIS H 9 2.25 53.83 13.31
CA HIS H 9 1.94 52.61 14.06
C HIS H 9 0.46 52.22 13.89
N ASP H 10 0.19 50.92 13.78
CA ASP H 10 -1.17 50.43 13.52
C ASP H 10 -2.23 50.89 14.52
N SER H 11 -1.83 51.10 15.77
CA SER H 11 -2.76 51.47 16.83
C SER H 11 -2.47 52.87 17.37
N ALA H 12 -1.73 53.67 16.59
CA ALA H 12 -1.32 55.02 16.97
C ALA H 12 -2.47 55.92 17.45
N ARG H 13 -3.55 55.96 16.67
CA ARG H 13 -4.70 56.76 17.04
C ARG H 13 -5.32 56.22 18.33
N ALA H 14 -5.49 54.90 18.38
CA ALA H 14 -6.07 54.21 19.54
C ALA H 14 -5.26 54.45 20.82
N HIS H 15 -3.93 54.48 20.67
CA HIS H 15 -3.05 54.88 21.76
C HIS H 15 -3.45 56.28 22.21
N VAL H 16 -3.39 57.21 21.27
CA VAL H 16 -3.58 58.63 21.50
C VAL H 16 -4.96 59.00 22.08
N THR H 17 -5.99 58.26 21.69
CA THR H 17 -7.35 58.45 22.23
C THR H 17 -7.58 57.67 23.54
N GLY H 18 -6.66 56.77 23.86
CA GLY H 18 -6.78 55.92 25.04
C GLY H 18 -7.79 54.79 24.89
N GLN H 19 -8.01 54.38 23.64
CA GLN H 19 -8.97 53.33 23.34
C GLN H 19 -8.29 51.97 23.11
N ALA H 20 -6.97 51.99 22.92
CA ALA H 20 -6.18 50.77 22.81
C ALA H 20 -6.24 49.98 24.12
N ARG H 21 -6.56 48.70 24.00
CA ARG H 21 -6.71 47.84 25.18
C ARG H 21 -5.46 47.03 25.46
N TYR H 22 -5.14 46.91 26.74
CA TYR H 22 -4.09 46.04 27.24
C TYR H 22 -4.75 45.13 28.27
N LEU H 23 -4.04 44.13 28.79
CA LEU H 23 -4.72 43.09 29.55
C LEU H 23 -5.74 43.62 30.55
N ASP H 24 -5.31 44.51 31.43
CA ASP H 24 -6.17 44.98 32.51
C ASP H 24 -7.33 45.85 32.00
N ASP H 25 -7.19 46.38 30.79
CA ASP H 25 -8.23 47.15 30.12
C ASP H 25 -9.43 46.30 29.69
N LEU H 26 -9.21 45.01 29.44
CA LEU H 26 -10.24 44.12 28.90
C LEU H 26 -11.42 43.93 29.85
N PRO H 27 -12.64 43.87 29.31
CA PRO H 27 -13.79 43.57 30.14
C PRO H 27 -13.85 42.08 30.41
N CYS H 28 -14.50 41.69 31.51
CA CYS H 28 -14.59 40.29 31.92
C CYS H 28 -15.65 40.12 33.01
N PRO H 29 -16.18 38.89 33.17
CA PRO H 29 -17.31 38.61 34.05
C PRO H 29 -17.16 39.21 35.45
N ALA H 30 -18.28 39.66 36.02
CA ALA H 30 -18.31 40.21 37.38
C ALA H 30 -17.91 39.20 38.46
N ASN H 31 -17.69 37.95 38.07
CA ASN H 31 -17.17 36.94 39.00
C ASN H 31 -15.67 36.67 38.84
N THR H 32 -15.01 37.50 38.04
CA THR H 32 -13.56 37.41 37.88
C THR H 32 -12.89 37.53 39.25
N LEU H 33 -12.07 36.55 39.59
CA LEU H 33 -11.24 36.60 40.79
C LEU H 33 -9.88 37.21 40.47
N HIS H 34 -9.15 37.59 41.52
CA HIS H 34 -7.86 38.28 41.37
C HIS H 34 -6.78 37.64 42.21
N LEU H 35 -5.59 37.50 41.62
CA LEU H 35 -4.52 36.70 42.20
C LEU H 35 -3.34 37.52 42.74
N ALA H 36 -2.66 36.96 43.73
CA ALA H 36 -1.45 37.55 44.31
C ALA H 36 -0.54 36.47 44.89
N PHE H 37 0.76 36.58 44.62
CA PHE H 37 1.75 35.63 45.15
C PHE H 37 2.22 35.99 46.57
N GLY H 38 2.24 35.00 47.45
CA GLY H 38 2.89 35.13 48.76
C GLY H 38 4.37 34.80 48.62
N LEU H 39 5.21 35.81 48.83
CA LEU H 39 6.63 35.71 48.49
C LEU H 39 7.56 35.29 49.63
N SER H 40 8.69 34.70 49.24
CA SER H 40 9.79 34.35 50.12
C SER H 40 10.50 35.60 50.63
N THR H 41 10.85 35.60 51.92
CA THR H 41 11.65 36.68 52.50
C THR H 41 13.11 36.24 52.70
N GLU H 42 13.42 35.04 52.22
CA GLU H 42 14.74 34.42 52.41
C GLU H 42 15.43 34.07 51.09
N ALA H 43 16.76 34.09 51.10
CA ALA H 43 17.54 33.84 49.90
C ALA H 43 17.86 32.36 49.68
N SER H 44 17.91 31.60 50.77
CA SER H 44 18.22 30.18 50.72
C SER H 44 17.85 29.55 52.04
N ALA H 45 16.69 28.89 52.08
CA ALA H 45 16.17 28.28 53.30
C ALA H 45 15.22 27.12 53.02
N ALA H 46 15.15 26.19 53.96
CA ALA H 46 14.06 25.22 53.98
C ALA H 46 12.87 25.90 54.64
N ILE H 47 11.66 25.49 54.28
CA ILE H 47 10.46 26.01 54.91
C ILE H 47 10.02 25.03 56.00
N THR H 48 10.17 25.45 57.26
CA THR H 48 9.89 24.60 58.41
C THR H 48 8.39 24.53 58.68
N GLY H 49 7.72 25.65 58.50
CA GLY H 49 6.28 25.75 58.74
C GLY H 49 5.64 26.79 57.84
N LEU H 50 4.40 26.50 57.44
CA LEU H 50 3.63 27.38 56.57
C LEU H 50 2.19 27.46 57.06
N ASP H 51 1.93 28.46 57.89
CA ASP H 51 0.59 28.70 58.41
C ASP H 51 -0.13 29.69 57.51
N LEU H 52 -1.20 29.24 56.87
CA LEU H 52 -1.96 30.08 55.95
C LEU H 52 -3.38 30.35 56.48
N GLU H 53 -3.49 30.43 57.80
CA GLU H 53 -4.77 30.66 58.44
C GLU H 53 -5.28 32.11 58.32
N PRO H 54 -4.41 33.10 58.63
CA PRO H 54 -4.89 34.48 58.52
C PRO H 54 -5.00 34.96 57.06
N VAL H 55 -4.41 34.20 56.14
CA VAL H 55 -4.56 34.44 54.71
C VAL H 55 -5.98 34.09 54.28
N ARG H 56 -6.37 32.83 54.51
CA ARG H 56 -7.70 32.32 54.19
C ARG H 56 -8.81 33.13 54.84
N GLU H 57 -8.53 33.64 56.03
CA GLU H 57 -9.49 34.37 56.84
C GLU H 57 -9.47 35.89 56.61
N SER H 58 -8.58 36.34 55.72
CA SER H 58 -8.54 37.74 55.29
C SER H 58 -9.75 38.03 54.40
N PRO H 59 -10.35 39.24 54.53
CA PRO H 59 -11.60 39.57 53.84
C PRO H 59 -11.59 39.27 52.34
N GLY H 60 -12.72 38.77 51.83
CA GLY H 60 -12.93 38.56 50.40
C GLY H 60 -11.97 37.61 49.71
N VAL H 61 -11.43 36.65 50.46
CA VAL H 61 -10.55 35.62 49.91
C VAL H 61 -11.36 34.37 49.59
N ILE H 62 -11.19 33.86 48.37
CA ILE H 62 -11.97 32.71 47.90
C ILE H 62 -11.17 31.40 47.93
N ALA H 63 -9.89 31.46 47.55
CA ALA H 63 -9.02 30.28 47.58
C ALA H 63 -7.55 30.64 47.88
N VAL H 64 -6.82 29.68 48.46
CA VAL H 64 -5.39 29.83 48.72
C VAL H 64 -4.64 28.55 48.29
N PHE H 65 -3.61 28.72 47.47
CA PHE H 65 -2.94 27.58 46.85
C PHE H 65 -1.50 27.41 47.31
N THR H 66 -0.98 26.20 47.15
CA THR H 66 0.38 25.84 47.58
C THR H 66 0.93 24.79 46.61
N ALA H 67 2.25 24.63 46.56
CA ALA H 67 2.90 23.64 45.69
C ALA H 67 2.19 22.29 45.70
N ALA H 68 1.64 21.90 46.85
CA ALA H 68 0.89 20.66 46.98
C ALA H 68 -0.40 20.67 46.14
N ASP H 69 -1.10 21.79 46.17
CA ASP H 69 -2.43 21.92 45.57
C ASP H 69 -2.44 21.99 44.05
N LEU H 70 -1.26 21.99 43.44
CA LEU H 70 -1.13 21.99 41.98
C LEU H 70 -1.46 20.61 41.41
N PRO H 71 -2.43 20.55 40.46
CA PRO H 71 -2.91 19.27 39.96
C PRO H 71 -1.88 18.46 39.18
N HIS H 72 -1.01 19.14 38.44
CA HIS H 72 -0.03 18.46 37.59
C HIS H 72 1.35 19.10 37.69
N ASP H 73 1.89 19.55 36.56
CA ASP H 73 3.23 20.16 36.51
C ASP H 73 3.38 21.36 37.46
N ASN H 74 4.59 21.54 37.96
CA ASN H 74 4.97 22.75 38.72
C ASN H 74 6.24 23.36 38.12
N ASP H 75 6.21 23.55 36.81
CA ASP H 75 7.37 24.07 36.07
C ASP H 75 6.96 25.25 35.18
N ALA H 76 7.79 26.29 35.19
CA ALA H 76 7.54 27.51 34.43
C ALA H 76 8.78 27.95 33.67
N SER H 77 9.80 27.10 33.65
CA SER H 77 11.08 27.41 33.01
C SER H 77 11.06 27.14 31.51
N PRO H 78 11.60 28.09 30.71
CA PRO H 78 11.77 27.86 29.27
C PRO H 78 12.85 26.82 28.97
N ALA H 79 13.77 26.63 29.90
CA ALA H 79 14.82 25.62 29.80
C ALA H 79 14.28 24.25 30.20
N PRO H 80 14.91 23.17 29.71
CA PRO H 80 14.58 21.80 30.13
C PRO H 80 14.64 21.58 31.65
N SER H 81 15.54 22.27 32.33
CA SER H 81 15.63 22.19 33.79
C SER H 81 14.45 22.92 34.44
N PRO H 82 13.69 22.21 35.31
CA PRO H 82 12.48 22.73 35.92
C PRO H 82 12.72 23.86 36.91
N GLU H 83 11.75 24.76 36.99
CA GLU H 83 11.76 25.88 37.92
C GLU H 83 10.35 25.96 38.50
N PRO H 84 10.21 25.73 39.83
CA PRO H 84 8.87 25.63 40.41
C PRO H 84 8.11 26.96 40.32
N VAL H 85 6.81 26.88 40.06
CA VAL H 85 5.97 28.09 40.03
C VAL H 85 5.68 28.49 41.46
N LEU H 86 5.35 27.50 42.29
CA LEU H 86 5.27 27.70 43.72
C LEU H 86 6.35 26.88 44.44
N ALA H 87 6.91 27.45 45.50
CA ALA H 87 8.03 26.86 46.25
C ALA H 87 7.76 25.44 46.76
N THR H 88 8.67 24.53 46.43
CA THR H 88 8.53 23.12 46.79
C THR H 88 9.33 22.77 48.05
N GLY H 89 8.96 23.38 49.17
CA GLY H 89 9.58 23.08 50.47
C GLY H 89 10.80 23.91 50.81
N GLU H 90 11.34 24.61 49.81
CA GLU H 90 12.55 25.42 49.99
C GLU H 90 12.61 26.61 49.03
N VAL H 91 13.26 27.69 49.47
CA VAL H 91 13.32 28.94 48.69
C VAL H 91 14.73 29.25 48.23
N HIS H 92 14.84 29.96 47.10
CA HIS H 92 16.13 30.17 46.41
C HIS H 92 16.43 31.63 46.06
N PHE H 93 15.58 32.54 46.51
CA PHE H 93 15.81 33.98 46.37
C PHE H 93 14.69 34.77 47.03
N VAL H 94 15.02 35.92 47.60
CA VAL H 94 14.01 36.76 48.24
C VAL H 94 12.99 37.17 47.18
N GLY H 95 11.76 36.73 47.36
CA GLY H 95 10.68 37.03 46.45
C GLY H 95 10.25 35.86 45.59
N GLN H 96 10.66 34.65 45.97
CA GLN H 96 10.18 33.44 45.31
C GLN H 96 8.76 33.14 45.79
N PRO H 97 7.80 33.04 44.85
CA PRO H 97 6.41 32.77 45.17
C PRO H 97 6.27 31.45 45.89
N ILE H 98 5.84 31.52 47.15
CA ILE H 98 5.59 30.32 47.95
C ILE H 98 4.15 29.85 47.73
N PHE H 99 3.19 30.76 47.88
CA PHE H 99 1.78 30.45 47.69
C PHE H 99 1.04 31.42 46.77
N LEU H 100 -0.19 31.05 46.39
CA LEU H 100 -1.05 31.87 45.55
C LEU H 100 -2.37 32.17 46.25
N VAL H 101 -2.86 33.41 46.10
CA VAL H 101 -4.13 33.82 46.70
C VAL H 101 -5.19 34.15 45.65
N ALA H 102 -6.38 33.60 45.82
CA ALA H 102 -7.54 33.95 45.00
C ALA H 102 -8.49 34.78 45.87
N ALA H 103 -8.76 36.01 45.41
CA ALA H 103 -9.64 36.91 46.12
C ALA H 103 -10.58 37.65 45.18
N THR H 104 -11.65 38.20 45.75
CA THR H 104 -12.65 38.96 44.99
C THR H 104 -12.15 40.33 44.51
N SER H 105 -10.91 40.68 44.85
CA SER H 105 -10.29 41.92 44.36
C SER H 105 -8.77 41.90 44.43
N HIS H 106 -8.15 42.67 43.54
CA HIS H 106 -6.69 42.78 43.44
C HIS H 106 -6.10 43.21 44.79
N ARG H 107 -6.69 44.23 45.41
CA ARG H 107 -6.26 44.72 46.71
C ARG H 107 -6.33 43.62 47.77
N ALA H 108 -7.52 43.06 47.96
CA ALA H 108 -7.77 42.01 48.97
C ALA H 108 -6.81 40.84 48.82
N ALA H 109 -6.45 40.52 47.58
CA ALA H 109 -5.46 39.48 47.29
C ALA H 109 -4.08 39.86 47.82
N ARG H 110 -3.63 41.08 47.52
CA ARG H 110 -2.30 41.55 47.93
C ARG H 110 -2.22 41.72 49.45
N ILE H 111 -3.30 42.21 50.05
CA ILE H 111 -3.42 42.29 51.50
C ILE H 111 -3.23 40.91 52.14
N ALA H 112 -3.95 39.91 51.65
CA ALA H 112 -3.91 38.56 52.20
C ALA H 112 -2.56 37.87 52.00
N ALA H 113 -1.87 38.23 50.92
CA ALA H 113 -0.57 37.65 50.58
C ALA H 113 0.54 38.13 51.52
N ARG H 114 0.14 38.82 52.59
CA ARG H 114 1.08 39.30 53.60
C ARG H 114 0.75 38.80 55.01
N LYS H 115 -0.38 38.11 55.15
CA LYS H 115 -0.85 37.64 56.47
C LYS H 115 -0.44 36.21 56.83
N ALA H 116 0.50 35.64 56.07
CA ALA H 116 1.00 34.29 56.32
C ALA H 116 1.89 34.23 57.58
N ARG H 117 2.21 33.01 58.02
CA ARG H 117 3.20 32.80 59.07
C ARG H 117 4.15 31.71 58.60
N ILE H 118 5.32 32.13 58.13
CA ILE H 118 6.29 31.20 57.52
C ILE H 118 7.56 31.09 58.36
N THR H 119 7.87 29.87 58.79
CA THR H 119 9.11 29.57 59.49
C THR H 119 10.15 28.96 58.54
N TYR H 120 11.38 29.44 58.65
CA TYR H 120 12.46 29.01 57.77
C TYR H 120 13.61 28.36 58.54
N ALA H 121 14.28 27.41 57.89
CA ALA H 121 15.56 26.88 58.35
C ALA H 121 16.66 27.38 57.40
N PRO H 122 17.18 28.61 57.65
CA PRO H 122 18.10 29.30 56.73
C PRO H 122 19.38 28.53 56.41
N ARG H 123 19.76 28.54 55.13
CA ARG H 123 21.02 27.99 54.64
C ARG H 123 21.89 29.17 54.18
N PRO H 124 23.18 28.91 53.88
CA PRO H 124 23.99 30.01 53.40
C PRO H 124 23.67 30.37 51.95
N ALA H 125 23.37 31.64 51.71
CA ALA H 125 23.08 32.15 50.36
C ALA H 125 24.37 32.28 49.56
N ILE H 126 24.23 32.37 48.23
CA ILE H 126 25.40 32.55 47.36
C ILE H 126 25.25 33.82 46.51
N LEU H 127 25.37 34.97 47.15
CA LEU H 127 24.94 36.24 46.55
C LEU H 127 25.90 36.86 45.53
N THR H 128 27.20 36.93 45.86
CA THR H 128 28.17 37.52 44.92
C THR H 128 28.74 36.47 43.98
N LEU H 129 29.33 36.92 42.88
CA LEU H 129 29.93 36.02 41.89
C LEU H 129 31.11 35.23 42.48
N ASP H 130 31.94 35.93 43.25
CA ASP H 130 33.08 35.35 43.95
C ASP H 130 32.65 34.12 44.74
N GLN H 131 31.55 34.27 45.47
CA GLN H 131 31.00 33.19 46.29
C GLN H 131 30.62 31.99 45.43
N ALA H 132 29.91 32.24 44.33
CA ALA H 132 29.47 31.17 43.44
C ALA H 132 30.65 30.49 42.75
N LEU H 133 31.58 31.31 42.29
CA LEU H 133 32.78 30.81 41.62
C LEU H 133 33.62 29.97 42.58
N ALA H 134 33.73 30.41 43.82
CA ALA H 134 34.44 29.66 44.86
C ALA H 134 33.65 28.41 45.28
N ALA H 135 32.35 28.55 45.50
CA ALA H 135 31.49 27.44 45.96
C ALA H 135 31.00 26.55 44.82
N ASP H 136 31.57 26.73 43.63
CA ASP H 136 31.19 26.00 42.42
C ASP H 136 29.68 25.96 42.20
N SER H 137 29.06 27.15 42.27
CA SER H 137 27.62 27.31 42.04
C SER H 137 27.40 27.86 40.63
N ARG H 138 27.04 26.96 39.72
CA ARG H 138 26.96 27.30 38.30
C ARG H 138 25.94 26.43 37.55
N PHE H 139 25.62 26.84 36.34
CA PHE H 139 24.81 26.01 35.43
C PHE H 139 25.68 25.41 34.35
N GLU H 140 25.18 24.35 33.71
CA GLU H 140 25.86 23.66 32.60
C GLU H 140 27.06 22.85 33.05
N GLY H 141 27.33 22.86 34.36
CA GLY H 141 28.41 22.09 34.98
C GLY H 141 29.80 22.37 34.43
N GLY H 142 30.30 23.58 34.68
CA GLY H 142 31.63 23.99 34.18
C GLY H 142 31.52 25.09 33.15
N PRO H 143 32.60 25.91 33.00
CA PRO H 143 32.59 27.05 32.07
C PRO H 143 32.67 26.67 30.60
N VAL H 144 31.83 27.30 29.77
CA VAL H 144 31.89 27.08 28.33
C VAL H 144 33.05 27.89 27.72
N ILE H 145 33.96 27.19 27.05
CA ILE H 145 35.19 27.80 26.53
C ILE H 145 35.34 27.57 25.03
N TRP H 146 35.41 28.68 24.27
CA TRP H 146 35.76 28.63 22.86
C TRP H 146 37.10 29.29 22.62
N ALA H 147 37.81 28.83 21.60
CA ALA H 147 39.13 29.33 21.28
C ALA H 147 39.42 29.29 19.78
N ARG H 148 39.92 30.40 19.26
CA ARG H 148 40.35 30.48 17.87
C ARG H 148 41.82 30.85 17.80
N GLY H 149 42.63 29.94 17.26
CA GLY H 149 44.08 30.12 17.22
C GLY H 149 44.70 30.07 18.60
N ASP H 150 45.82 30.75 18.76
CA ASP H 150 46.58 30.70 20.00
C ASP H 150 46.80 32.11 20.54
N VAL H 151 45.93 32.53 21.46
CA VAL H 151 46.05 33.83 22.12
C VAL H 151 47.27 33.86 23.03
N GLU H 152 47.49 32.75 23.74
CA GLU H 152 48.55 32.65 24.71
C GLU H 152 49.90 32.94 24.06
N THR H 153 50.08 32.44 22.83
CA THR H 153 51.27 32.72 22.05
C THR H 153 51.25 34.15 21.50
N ALA H 154 50.12 34.56 20.92
CA ALA H 154 49.98 35.88 20.31
C ALA H 154 50.29 37.02 21.30
N LEU H 155 49.74 36.89 22.50
CA LEU H 155 49.91 37.91 23.54
C LEU H 155 51.34 37.96 24.08
N ALA H 156 52.05 36.84 23.98
CA ALA H 156 53.44 36.76 24.41
C ALA H 156 54.36 37.66 23.57
N GLY H 157 54.12 37.70 22.26
CA GLY H 157 54.93 38.50 21.35
C GLY H 157 54.20 39.74 20.85
N ALA H 158 53.32 40.29 21.68
CA ALA H 158 52.52 41.45 21.29
C ALA H 158 53.27 42.75 21.57
N ALA H 159 53.50 43.53 20.51
CA ALA H 159 54.12 44.85 20.64
C ALA H 159 53.50 45.61 21.80
N HIS H 160 52.18 45.84 21.70
CA HIS H 160 51.43 46.45 22.79
C HIS H 160 50.46 45.44 23.40
N LEU H 161 50.18 45.61 24.69
CA LEU H 161 49.26 44.75 25.41
C LEU H 161 48.58 45.52 26.52
N ALA H 162 47.26 45.38 26.60
CA ALA H 162 46.48 45.96 27.68
C ALA H 162 45.69 44.88 28.41
N GLU H 163 45.73 44.94 29.73
CA GLU H 163 44.99 44.03 30.58
C GLU H 163 44.04 44.84 31.45
N GLY H 164 43.05 44.16 32.03
CA GLY H 164 42.09 44.82 32.89
C GLY H 164 40.86 43.96 33.14
N CYS H 165 39.94 44.54 33.91
CA CYS H 165 38.76 43.84 34.35
C CYS H 165 37.77 44.83 34.96
N PHE H 166 36.51 44.75 34.56
CA PHE H 166 35.48 45.66 35.06
C PHE H 166 34.10 45.03 35.22
N GLU H 167 33.29 45.65 36.07
CA GLU H 167 31.94 45.19 36.36
C GLU H 167 30.93 45.81 35.40
N ILE H 168 29.94 45.01 35.01
CA ILE H 168 28.80 45.48 34.21
C ILE H 168 27.50 45.08 34.92
N GLY H 169 26.80 46.07 35.46
CA GLY H 169 25.56 45.86 36.23
C GLY H 169 24.40 45.39 35.38
N GLY H 170 23.35 44.88 36.03
CA GLY H 170 22.16 44.39 35.34
C GLY H 170 21.28 45.52 34.80
N GLN H 171 20.05 45.17 34.42
CA GLN H 171 19.07 46.16 33.96
C GLN H 171 17.65 45.65 34.12
N GLU H 172 16.83 46.41 34.84
CA GLU H 172 15.41 46.13 34.95
C GLU H 172 14.70 46.56 33.66
N HIS H 173 13.75 45.75 33.20
CA HIS H 173 13.06 46.00 31.94
C HIS H 173 12.26 47.30 31.97
N PHE H 174 11.50 47.47 33.04
CA PHE H 174 10.62 48.62 33.21
C PHE H 174 9.69 48.93 32.05
N TYR H 175 9.13 47.86 31.48
CA TYR H 175 7.96 47.95 30.61
C TYR H 175 6.85 48.67 31.38
N LEU H 176 6.28 49.72 30.80
CA LEU H 176 5.25 50.50 31.49
C LEU H 176 4.06 49.64 31.94
N GLU H 177 3.71 48.65 31.10
CA GLU H 177 2.66 47.69 31.45
C GLU H 177 3.27 46.50 32.18
N GLY H 178 2.75 46.23 33.38
CA GLY H 178 3.24 45.12 34.20
C GLY H 178 2.94 43.76 33.59
N GLN H 179 3.43 42.71 34.24
CA GLN H 179 3.10 41.34 33.84
C GLN H 179 1.67 41.07 34.27
N ALA H 180 0.88 40.48 33.38
CA ALA H 180 -0.53 40.26 33.61
C ALA H 180 -1.11 39.16 32.73
N ALA H 181 -2.08 38.43 33.27
CA ALA H 181 -2.71 37.32 32.56
C ALA H 181 -4.18 37.17 32.92
N LEU H 182 -4.94 36.56 32.02
CA LEU H 182 -6.36 36.30 32.25
C LEU H 182 -6.71 34.90 31.75
N ALA H 183 -7.25 34.08 32.65
CA ALA H 183 -7.64 32.71 32.32
C ALA H 183 -9.16 32.58 32.33
N LEU H 184 -9.72 32.28 31.16
CA LEU H 184 -11.14 32.10 31.00
C LEU H 184 -11.45 30.63 30.75
N PRO H 185 -12.02 29.94 31.77
CA PRO H 185 -12.42 28.54 31.63
C PRO H 185 -13.48 28.37 30.55
N ALA H 186 -13.05 27.90 29.38
CA ALA H 186 -13.95 27.68 28.26
C ALA H 186 -14.27 26.20 28.13
N GLU H 187 -15.28 25.78 28.90
CA GLU H 187 -15.83 24.42 28.88
C GLU H 187 -14.86 23.32 28.43
N GLY H 188 -14.20 22.71 29.41
CA GLY H 188 -13.24 21.65 29.12
C GLY H 188 -11.81 22.16 29.02
N GLY H 189 -11.58 23.11 28.10
CA GLY H 189 -10.26 23.73 27.93
C GLY H 189 -10.15 25.06 28.64
N VAL H 190 -9.16 25.86 28.26
CA VAL H 190 -9.03 27.24 28.74
C VAL H 190 -8.58 28.22 27.65
N VAL H 191 -9.00 29.47 27.79
CA VAL H 191 -8.53 30.54 26.91
C VAL H 191 -7.69 31.50 27.75
N ILE H 192 -6.56 31.92 27.20
CA ILE H 192 -5.62 32.77 27.90
C ILE H 192 -5.44 34.09 27.17
N HIS H 193 -5.74 35.19 27.87
CA HIS H 193 -5.32 36.52 27.46
C HIS H 193 -4.19 36.93 28.39
N CYS H 194 -3.08 37.42 27.85
CA CYS H 194 -1.92 37.83 28.67
C CYS H 194 -0.92 38.72 27.95
N SER H 195 -0.08 39.43 28.71
CA SER H 195 0.95 40.30 28.16
C SER H 195 2.24 39.51 27.85
N SER H 196 2.23 38.79 26.73
CA SER H 196 3.29 37.83 26.44
C SER H 196 4.02 38.09 25.11
N GLN H 197 5.32 37.81 25.09
CA GLN H 197 6.08 37.78 23.85
C GLN H 197 6.06 36.39 23.24
N HIS H 198 5.58 35.41 23.99
CA HIS H 198 5.60 34.01 23.53
C HIS H 198 4.33 33.20 23.90
N PRO H 199 3.20 33.45 23.20
CA PRO H 199 1.93 32.79 23.50
C PRO H 199 1.98 31.27 23.30
N SER H 200 2.75 30.82 22.30
CA SER H 200 2.94 29.39 22.01
C SER H 200 3.56 28.65 23.21
N GLU H 201 4.43 29.35 23.93
CA GLU H 201 5.04 28.82 25.16
C GLU H 201 4.03 28.84 26.31
N ILE H 202 3.28 29.93 26.43
CA ILE H 202 2.25 30.07 27.45
C ILE H 202 1.26 28.91 27.32
N GLN H 203 0.86 28.61 26.08
CA GLN H 203 0.00 27.47 25.78
C GLN H 203 0.63 26.20 26.34
N HIS H 204 1.87 25.96 25.93
CA HIS H 204 2.66 24.80 26.35
C HIS H 204 2.67 24.66 27.87
N LYS H 205 2.99 25.76 28.55
CA LYS H 205 3.15 25.74 30.01
C LYS H 205 1.84 25.62 30.77
N VAL H 206 0.79 26.27 30.27
CA VAL H 206 -0.52 26.19 30.90
C VAL H 206 -1.09 24.77 30.79
N ALA H 207 -0.90 24.15 29.62
CA ALA H 207 -1.44 22.83 29.35
C ALA H 207 -0.93 21.78 30.34
N HIS H 208 0.40 21.69 30.47
CA HIS H 208 1.04 20.80 31.43
C HIS H 208 0.58 21.08 32.86
N ALA H 209 0.41 22.37 33.17
CA ALA H 209 -0.04 22.81 34.49
C ALA H 209 -1.47 22.35 34.80
N LEU H 210 -2.26 22.09 33.75
CA LEU H 210 -3.65 21.67 33.92
C LEU H 210 -3.92 20.22 33.49
N GLY H 211 -2.90 19.55 32.96
CA GLY H 211 -3.03 18.16 32.53
C GLY H 211 -3.84 17.98 31.25
N LEU H 212 -3.89 19.03 30.43
CA LEU H 212 -4.63 19.01 29.16
C LEU H 212 -3.67 18.88 27.98
N ALA H 213 -4.17 18.34 26.88
CA ALA H 213 -3.45 18.36 25.59
C ALA H 213 -3.38 19.80 25.07
N PHE H 214 -2.33 20.08 24.29
CA PHE H 214 -2.08 21.43 23.78
C PHE H 214 -3.26 22.03 23.03
N HIS H 215 -4.03 21.18 22.36
CA HIS H 215 -5.21 21.62 21.60
C HIS H 215 -6.40 22.04 22.49
N ASP H 216 -6.23 21.98 23.80
CA ASP H 216 -7.26 22.43 24.74
C ASP H 216 -6.91 23.77 25.38
N VAL H 217 -5.81 24.37 24.94
CA VAL H 217 -5.34 25.64 25.48
C VAL H 217 -5.10 26.65 24.36
N ARG H 218 -5.77 27.79 24.48
CA ARG H 218 -5.72 28.84 23.46
C ARG H 218 -5.21 30.13 24.08
N VAL H 219 -4.25 30.78 23.43
CA VAL H 219 -3.73 32.04 23.93
C VAL H 219 -3.98 33.16 22.91
N GLU H 220 -4.68 34.20 23.36
CA GLU H 220 -4.98 35.38 22.55
C GLU H 220 -4.18 36.54 23.08
N MET H 221 -3.54 37.27 22.17
CA MET H 221 -2.60 38.33 22.53
C MET H 221 -2.58 39.44 21.47
N ARG H 222 -3.16 40.59 21.82
CA ARG H 222 -3.35 41.71 20.88
C ARG H 222 -2.19 42.72 20.88
N ARG H 223 -1.78 43.16 22.07
CA ARG H 223 -0.65 44.10 22.23
C ARG H 223 -0.07 44.07 23.65
N MET H 224 1.22 44.42 23.75
CA MET H 224 1.92 44.59 25.02
C MET H 224 2.30 46.05 25.21
N GLY H 225 2.05 46.59 26.40
CA GLY H 225 2.61 47.89 26.78
C GLY H 225 4.09 47.75 27.08
N GLY H 226 4.85 47.31 26.08
CA GLY H 226 6.29 47.06 26.20
C GLY H 226 6.60 45.66 26.72
N GLY H 227 7.75 45.12 26.31
CA GLY H 227 8.19 43.81 26.76
C GLY H 227 9.70 43.73 26.92
N PHE H 228 10.41 44.18 25.89
CA PHE H 228 11.87 44.34 25.86
C PHE H 228 12.69 43.05 26.08
N GLY H 229 12.04 41.91 25.95
CA GLY H 229 12.67 40.62 26.24
C GLY H 229 12.19 40.07 27.58
N GLY H 230 11.72 40.97 28.44
CA GLY H 230 11.26 40.60 29.78
C GLY H 230 9.90 39.94 29.83
N LYS H 231 9.27 39.79 28.66
CA LYS H 231 7.99 39.07 28.56
C LYS H 231 8.12 37.87 27.64
N GLU H 232 9.36 37.42 27.45
CA GLU H 232 9.68 36.22 26.66
C GLU H 232 9.43 34.95 27.47
N SER H 233 9.65 35.03 28.79
CA SER H 233 9.50 33.87 29.65
C SER H 233 8.79 34.20 30.96
N GLN H 234 8.98 35.43 31.45
CA GLN H 234 8.44 35.86 32.75
C GLN H 234 6.90 36.01 32.75
N GLY H 235 6.24 35.38 31.79
CA GLY H 235 4.78 35.36 31.76
C GLY H 235 4.22 34.06 32.28
N ASN H 236 4.98 32.98 32.10
CA ASN H 236 4.55 31.63 32.48
C ASN H 236 3.93 31.56 33.87
N HIS H 237 4.57 32.19 34.84
CA HIS H 237 4.12 32.15 36.25
C HIS H 237 2.70 32.65 36.49
N LEU H 238 2.35 33.80 35.92
CA LEU H 238 0.99 34.35 36.07
C LEU H 238 -0.06 33.50 35.35
N ALA H 239 0.27 33.07 34.13
CA ALA H 239 -0.62 32.28 33.29
C ALA H 239 -0.87 30.90 33.89
N ILE H 240 0.19 30.29 34.40
CA ILE H 240 0.06 29.04 35.15
C ILE H 240 -0.79 29.30 36.40
N ALA H 241 -0.48 30.38 37.13
CA ALA H 241 -1.23 30.76 38.33
C ALA H 241 -2.70 30.98 38.03
N CYS H 242 -2.97 31.64 36.91
CA CYS H 242 -4.33 31.99 36.51
C CYS H 242 -5.14 30.76 36.13
N ALA H 243 -4.56 29.92 35.27
CA ALA H 243 -5.22 28.72 34.77
C ALA H 243 -5.54 27.74 35.89
N VAL H 244 -4.54 27.49 36.73
CA VAL H 244 -4.68 26.61 37.89
C VAL H 244 -5.79 27.08 38.85
N ALA H 245 -5.76 28.36 39.20
CA ALA H 245 -6.80 28.95 40.06
C ALA H 245 -8.17 28.88 39.40
N ALA H 246 -8.22 29.19 38.11
CA ALA H 246 -9.45 29.09 37.32
C ALA H 246 -10.01 27.68 37.34
N ARG H 247 -9.13 26.70 37.10
CA ARG H 247 -9.50 25.29 37.16
C ARG H 247 -10.23 24.97 38.47
N ALA H 248 -9.63 25.37 39.59
CA ALA H 248 -10.13 24.99 40.91
C ALA H 248 -11.36 25.79 41.34
N THR H 249 -11.33 27.10 41.14
CA THR H 249 -12.42 27.97 41.61
C THR H 249 -13.69 27.80 40.78
N GLY H 250 -13.50 27.47 39.50
CA GLY H 250 -14.59 27.45 38.52
C GLY H 250 -14.80 28.81 37.92
N ARG H 251 -14.05 29.80 38.38
CA ARG H 251 -14.24 31.20 38.00
C ARG H 251 -13.15 31.70 37.04
N PRO H 252 -13.40 32.83 36.33
CA PRO H 252 -12.30 33.45 35.60
C PRO H 252 -11.31 34.12 36.56
N CYS H 253 -10.01 33.96 36.31
CA CYS H 253 -8.98 34.56 37.15
C CYS H 253 -8.06 35.50 36.40
N LYS H 254 -7.91 36.70 36.93
CA LYS H 254 -6.94 37.66 36.41
C LYS H 254 -5.82 37.85 37.42
N MET H 255 -4.60 38.03 36.92
CA MET H 255 -3.47 38.34 37.77
C MET H 255 -2.55 39.37 37.12
N ARG H 256 -2.19 40.37 37.90
CA ARG H 256 -1.19 41.36 37.50
C ARG H 256 -0.30 41.72 38.67
N TYR H 257 0.99 41.88 38.39
CA TYR H 257 1.95 42.27 39.41
C TYR H 257 1.90 43.77 39.68
N ASP H 258 1.58 44.14 40.92
CA ASP H 258 1.87 45.49 41.39
C ASP H 258 3.37 45.69 41.20
N ARG H 259 3.77 46.92 40.84
CA ARG H 259 5.14 47.18 40.43
C ARG H 259 6.21 46.60 41.35
N ASP H 260 6.04 46.77 42.66
CA ASP H 260 7.01 46.25 43.64
C ASP H 260 7.17 44.73 43.55
N ASP H 261 6.06 44.00 43.46
CA ASP H 261 6.10 42.56 43.23
C ASP H 261 6.86 42.24 41.94
N ASP H 262 6.44 42.90 40.86
CA ASP H 262 7.03 42.70 39.54
C ASP H 262 8.56 42.77 39.59
N MET H 263 9.08 43.82 40.23
CA MET H 263 10.53 44.04 40.30
C MET H 263 11.26 42.99 41.13
N VAL H 264 10.63 42.57 42.22
CA VAL H 264 11.20 41.57 43.11
C VAL H 264 11.14 40.17 42.46
N ILE H 265 9.97 39.81 41.92
CA ILE H 265 9.76 38.48 41.33
C ILE H 265 10.54 38.28 40.03
N THR H 266 10.23 39.10 39.01
CA THR H 266 10.75 38.89 37.66
C THR H 266 12.26 39.10 37.58
N GLY H 267 12.88 38.50 36.58
CA GLY H 267 14.31 38.62 36.34
C GLY H 267 14.74 39.94 35.73
N LYS H 268 16.04 40.10 35.52
CA LYS H 268 16.60 41.29 34.87
C LYS H 268 17.70 40.86 33.90
N ARG H 269 18.44 41.85 33.39
CA ARG H 269 19.57 41.57 32.50
C ARG H 269 20.69 40.87 33.28
N HIS H 270 21.24 39.82 32.67
CA HIS H 270 22.41 39.14 33.20
C HIS H 270 23.56 40.14 33.32
N ASP H 271 23.94 40.46 34.56
CA ASP H 271 25.08 41.32 34.85
C ASP H 271 26.39 40.54 34.75
N PHE H 272 27.41 41.20 34.22
CA PHE H 272 28.68 40.55 33.91
C PHE H 272 29.86 41.19 34.66
N ARG H 273 30.91 40.39 34.84
CA ARG H 273 32.25 40.89 35.14
C ARG H 273 33.15 40.29 34.07
N ILE H 274 33.83 41.15 33.32
CA ILE H 274 34.66 40.69 32.22
C ILE H 274 36.14 40.96 32.50
N ARG H 275 36.95 39.92 32.33
CA ARG H 275 38.40 40.04 32.42
C ARG H 275 38.94 39.99 31.00
N TYR H 276 39.84 40.92 30.68
CA TYR H 276 40.40 41.00 29.32
C TYR H 276 41.93 41.10 29.24
N ARG H 277 42.49 40.45 28.22
CA ARG H 277 43.87 40.64 27.82
C ARG H 277 43.87 40.83 26.31
N ILE H 278 44.24 42.02 25.87
CA ILE H 278 44.21 42.36 24.46
C ILE H 278 45.60 42.75 23.96
N GLY H 279 45.97 42.29 22.77
CA GLY H 279 47.31 42.54 22.21
C GLY H 279 47.30 43.13 20.81
N ALA H 280 48.18 44.10 20.57
CA ALA H 280 48.24 44.78 19.28
C ALA H 280 49.58 44.62 18.53
N ASP H 281 49.76 45.45 17.52
CA ASP H 281 50.86 45.35 16.55
C ASP H 281 51.60 46.68 16.51
N ALA H 282 52.84 46.65 15.98
CA ALA H 282 53.59 47.88 15.68
C ALA H 282 52.79 48.78 14.75
N SER H 283 52.15 48.17 13.75
CA SER H 283 51.22 48.86 12.86
C SER H 283 49.93 49.28 13.59
N GLY H 284 49.52 48.46 14.56
CA GLY H 284 48.29 48.71 15.32
C GLY H 284 47.26 47.61 15.20
N LYS H 285 47.51 46.64 14.33
CA LYS H 285 46.61 45.52 14.10
C LYS H 285 46.52 44.63 15.33
N LEU H 286 45.30 44.19 15.66
CA LEU H 286 45.09 43.31 16.80
C LEU H 286 45.76 41.96 16.56
N LEU H 287 46.33 41.41 17.63
CA LEU H 287 46.96 40.11 17.58
C LEU H 287 46.10 39.07 18.27
N GLY H 288 45.65 39.39 19.49
CA GLY H 288 44.88 38.45 20.29
C GLY H 288 43.98 39.12 21.30
N ALA H 289 42.90 38.42 21.65
CA ALA H 289 41.97 38.86 22.68
C ALA H 289 41.59 37.68 23.57
N ASP H 290 41.83 37.81 24.87
CA ASP H 290 41.50 36.74 25.80
C ASP H 290 40.44 37.23 26.79
N PHE H 291 39.24 36.67 26.68
CA PHE H 291 38.11 37.09 27.52
C PHE H 291 37.67 36.02 28.51
N VAL H 292 37.35 36.48 29.73
CA VAL H 292 36.72 35.63 30.72
C VAL H 292 35.39 36.27 31.15
N HIS H 293 34.30 35.57 30.89
CA HIS H 293 32.95 36.06 31.20
C HIS H 293 32.42 35.46 32.49
N LEU H 294 32.16 36.32 33.47
CA LEU H 294 31.50 35.89 34.70
C LEU H 294 30.10 36.48 34.74
N ALA H 295 29.11 35.61 34.50
CA ALA H 295 27.72 36.04 34.33
C ALA H 295 26.83 35.58 35.48
N ARG H 296 26.10 36.53 36.06
CA ARG H 296 25.14 36.23 37.12
C ARG H 296 23.80 35.82 36.51
N CYS H 297 23.46 34.54 36.68
CA CYS H 297 22.22 33.99 36.11
C CYS H 297 21.05 33.99 37.09
N GLY H 298 21.35 33.89 38.38
CA GLY H 298 20.31 33.75 39.39
C GLY H 298 19.93 32.30 39.62
N TRP H 299 18.90 32.10 40.43
CA TRP H 299 18.55 30.78 40.98
C TRP H 299 18.10 29.75 39.95
N SER H 300 17.47 30.21 38.88
CA SER H 300 17.01 29.32 37.82
C SER H 300 17.76 29.57 36.51
N ALA H 301 17.68 28.60 35.60
CA ALA H 301 18.35 28.68 34.30
C ALA H 301 17.71 29.73 33.40
N ASP H 302 16.38 29.66 33.25
CA ASP H 302 15.62 30.55 32.35
C ASP H 302 16.19 30.53 30.93
N LEU H 303 16.70 31.68 30.47
CA LEU H 303 17.30 31.77 29.14
C LEU H 303 18.79 32.08 29.24
N SER H 304 19.41 31.66 30.35
CA SER H 304 20.82 31.93 30.61
C SER H 304 21.74 31.24 29.61
N LEU H 305 21.44 29.99 29.24
CA LEU H 305 22.25 29.27 28.26
C LEU H 305 22.40 30.04 26.94
N PRO H 306 21.27 30.47 26.32
CA PRO H 306 21.49 31.20 25.08
C PRO H 306 22.01 32.64 25.30
N VAL H 307 21.68 33.25 26.43
CA VAL H 307 22.11 34.63 26.70
C VAL H 307 23.64 34.74 26.66
N CYS H 308 24.32 33.91 27.46
CA CYS H 308 25.78 33.90 27.50
C CYS H 308 26.41 33.38 26.21
N ASP H 309 25.71 32.48 25.52
CA ASP H 309 26.13 32.02 24.20
C ASP H 309 26.25 33.18 23.21
N ARG H 310 25.30 34.11 23.30
CA ARG H 310 25.30 35.30 22.44
C ARG H 310 26.36 36.29 22.91
N ALA H 311 26.64 36.30 24.22
CA ALA H 311 27.69 37.14 24.78
C ALA H 311 29.04 36.73 24.19
N MET H 312 29.33 35.44 24.24
CA MET H 312 30.52 34.89 23.63
C MET H 312 30.54 35.22 22.13
N LEU H 313 29.41 34.97 21.47
CA LEU H 313 29.25 35.24 20.04
C LEU H 313 29.65 36.67 19.61
N HIS H 314 29.40 37.65 20.49
CA HIS H 314 29.65 39.05 20.17
C HIS H 314 30.90 39.63 20.84
N ALA H 315 31.71 38.76 21.43
CA ALA H 315 32.93 39.16 22.12
C ALA H 315 34.00 39.72 21.16
N ASP H 316 33.80 39.53 19.86
CA ASP H 316 34.70 40.04 18.84
C ASP H 316 34.48 41.53 18.58
N GLY H 317 33.29 42.02 18.96
CA GLY H 317 32.86 43.36 18.63
C GLY H 317 32.82 43.52 17.12
N SER H 318 33.29 44.68 16.65
CA SER H 318 33.30 44.97 15.22
C SER H 318 34.66 44.70 14.59
N TYR H 319 35.41 43.76 15.16
CA TYR H 319 36.84 43.63 14.85
C TYR H 319 37.29 42.22 14.52
N PHE H 320 38.15 42.10 13.50
CA PHE H 320 38.79 40.83 13.16
C PHE H 320 40.00 40.60 14.07
N VAL H 321 39.97 39.48 14.80
CA VAL H 321 41.07 39.13 15.69
C VAL H 321 41.64 37.76 15.28
N PRO H 322 42.91 37.74 14.85
CA PRO H 322 43.59 36.53 14.38
C PRO H 322 43.48 35.36 15.36
N ALA H 323 43.47 35.67 16.66
CA ALA H 323 43.33 34.67 17.70
C ALA H 323 42.44 35.20 18.83
N LEU H 324 41.51 34.38 19.30
CA LEU H 324 40.53 34.80 20.30
C LEU H 324 39.99 33.63 21.13
N ARG H 325 39.96 33.82 22.45
CA ARG H 325 39.47 32.80 23.38
C ARG H 325 38.52 33.41 24.42
N ILE H 326 37.39 32.74 24.63
CA ILE H 326 36.45 33.16 25.67
C ILE H 326 36.22 32.01 26.66
N GLU H 327 36.20 32.36 27.94
CA GLU H 327 35.92 31.40 29.00
C GLU H 327 34.69 31.89 29.76
N SER H 328 33.57 31.22 29.51
CA SER H 328 32.25 31.72 29.97
C SER H 328 31.68 30.95 31.16
N HIS H 329 31.65 31.62 32.31
CA HIS H 329 31.11 31.04 33.53
C HIS H 329 29.69 31.53 33.79
N ARG H 330 28.72 30.69 33.46
CA ARG H 330 27.33 30.96 33.77
C ARG H 330 27.06 30.47 35.19
N LEU H 331 27.05 31.42 36.13
CA LEU H 331 27.06 31.11 37.56
C LEU H 331 25.68 31.24 38.21
N ARG H 332 25.36 30.32 39.11
CA ARG H 332 24.10 30.34 39.87
C ARG H 332 24.23 31.17 41.13
N THR H 333 23.26 32.03 41.39
CA THR H 333 23.21 32.81 42.62
C THR H 333 21.80 32.81 43.18
N ASN H 334 21.68 32.91 44.49
CA ASN H 334 20.37 32.96 45.14
C ASN H 334 19.68 34.31 44.95
N THR H 335 19.65 34.77 43.71
CA THR H 335 18.95 36.00 43.33
C THR H 335 18.02 35.74 42.14
N GLN H 336 17.34 36.79 41.68
CA GLN H 336 16.37 36.69 40.60
C GLN H 336 16.93 35.96 39.39
N SER H 337 16.15 35.05 38.83
CA SER H 337 16.56 34.32 37.63
C SER H 337 16.58 35.25 36.43
N ASN H 338 17.77 35.74 36.12
CA ASN H 338 17.96 36.66 35.00
C ASN H 338 17.55 36.05 33.66
N THR H 339 17.15 36.92 32.72
CA THR H 339 16.49 36.49 31.50
C THR H 339 16.90 37.29 30.26
N ALA H 340 16.04 37.28 29.24
CA ALA H 340 16.23 38.03 28.01
C ALA H 340 16.02 39.52 28.23
N PHE H 341 16.80 40.33 27.52
CA PHE H 341 16.65 41.78 27.51
C PHE H 341 17.31 42.40 26.28
N ARG H 342 16.48 42.95 25.40
CA ARG H 342 16.91 43.68 24.19
C ARG H 342 18.43 43.69 23.98
N GLY H 343 18.92 42.72 23.23
CA GLY H 343 20.35 42.56 23.02
C GLY H 343 20.78 41.15 23.38
N PHE H 344 20.13 40.59 24.41
CA PHE H 344 20.22 39.17 24.75
C PHE H 344 21.68 38.71 24.96
N GLY H 345 22.40 39.41 25.84
CA GLY H 345 23.81 39.07 26.12
C GLY H 345 24.80 39.67 25.13
N GLY H 346 24.32 40.05 23.96
CA GLY H 346 25.13 40.70 22.93
C GLY H 346 25.82 41.99 23.36
N PRO H 347 25.10 42.90 24.08
CA PRO H 347 25.69 44.15 24.53
C PRO H 347 26.86 43.95 25.50
N GLN H 348 26.68 43.06 26.47
CA GLN H 348 27.73 42.75 27.45
C GLN H 348 28.99 42.22 26.76
N GLY H 349 28.81 41.20 25.92
CA GLY H 349 29.91 40.60 25.15
C GLY H 349 30.67 41.61 24.32
N ALA H 350 29.94 42.53 23.68
CA ALA H 350 30.52 43.55 22.82
C ALA H 350 31.18 44.68 23.60
N LEU H 351 30.57 45.05 24.74
CA LEU H 351 31.13 46.07 25.64
C LEU H 351 32.48 45.62 26.19
N GLY H 352 32.63 44.32 26.42
CA GLY H 352 33.90 43.73 26.82
C GLY H 352 35.00 44.06 25.83
N MET H 353 34.72 43.84 24.54
CA MET H 353 35.67 44.15 23.48
C MET H 353 35.91 45.65 23.34
N GLU H 354 34.85 46.44 23.54
CA GLU H 354 34.96 47.89 23.43
C GLU H 354 35.82 48.50 24.53
N ARG H 355 35.69 47.99 25.75
CA ARG H 355 36.46 48.49 26.88
C ARG H 355 37.90 47.98 26.79
N ALA H 356 38.08 46.78 26.24
CA ALA H 356 39.41 46.23 26.03
C ALA H 356 40.17 47.06 25.00
N ILE H 357 39.52 47.36 23.87
CA ILE H 357 40.18 48.08 22.79
C ILE H 357 40.40 49.56 23.13
N GLU H 358 39.54 50.10 24.00
CA GLU H 358 39.73 51.46 24.51
C GLU H 358 41.02 51.51 25.35
N HIS H 359 41.11 50.59 26.32
CA HIS H 359 42.29 50.47 27.18
C HIS H 359 43.57 50.35 26.34
N LEU H 360 43.50 49.54 25.28
CA LEU H 360 44.62 49.33 24.37
C LEU H 360 45.01 50.61 23.62
N ALA H 361 44.01 51.38 23.22
CA ALA H 361 44.23 52.64 22.51
C ALA H 361 44.87 53.68 23.42
N ARG H 362 44.33 53.82 24.62
CA ARG H 362 44.84 54.76 25.61
C ARG H 362 46.23 54.33 26.10
N GLY H 363 46.40 53.03 26.29
CA GLY H 363 47.66 52.44 26.76
C GLY H 363 48.83 52.66 25.83
N MET H 364 48.55 52.74 24.53
CA MET H 364 49.59 53.02 23.55
C MET H 364 49.55 54.44 23.03
N GLY H 365 48.68 55.26 23.63
CA GLY H 365 48.56 56.67 23.31
C GLY H 365 48.21 56.92 21.85
N ARG H 366 47.12 56.30 21.41
CA ARG H 366 46.65 56.48 20.04
C ARG H 366 45.18 56.91 20.07
N ASP H 367 44.64 57.31 18.92
CA ASP H 367 43.23 57.64 18.82
C ASP H 367 42.40 56.34 18.82
N PRO H 368 41.47 56.20 19.78
CA PRO H 368 40.65 55.00 19.84
C PRO H 368 39.93 54.75 18.51
N ALA H 369 39.24 55.77 18.01
CA ALA H 369 38.52 55.70 16.72
C ALA H 369 39.44 55.24 15.59
N GLU H 370 40.65 55.80 15.55
CA GLU H 370 41.63 55.46 14.53
C GLU H 370 42.06 53.99 14.64
N LEU H 371 42.22 53.51 15.87
CA LEU H 371 42.58 52.13 16.13
C LEU H 371 41.44 51.16 15.79
N ARG H 372 40.20 51.60 16.03
CA ARG H 372 39.00 50.82 15.70
C ARG H 372 38.80 50.72 14.19
N ALA H 373 38.92 51.86 13.51
CA ALA H 373 38.81 51.93 12.06
C ALA H 373 39.78 50.96 11.39
N LEU H 374 41.00 50.91 11.92
CA LEU H 374 42.04 50.03 11.41
C LEU H 374 41.68 48.55 11.63
N ASN H 375 40.81 48.29 12.60
CA ASN H 375 40.54 46.92 13.01
C ASN H 375 39.11 46.42 12.75
N PHE H 376 38.36 47.15 11.93
CA PHE H 376 37.06 46.65 11.44
C PHE H 376 37.28 45.47 10.51
N TYR H 377 36.24 44.65 10.35
CA TYR H 377 36.23 43.61 9.31
C TYR H 377 36.31 44.27 7.93
N ASP H 378 36.80 43.50 6.95
CA ASP H 378 36.97 44.01 5.59
C ASP H 378 35.63 44.25 4.90
N PRO H 379 35.58 45.24 3.98
CA PRO H 379 34.38 45.42 3.16
C PRO H 379 34.24 44.30 2.12
N PRO H 380 33.01 44.02 1.65
CA PRO H 380 32.83 42.97 0.64
C PRO H 380 33.71 43.19 -0.60
N GLU H 381 34.35 42.12 -1.07
CA GLU H 381 35.46 42.15 -2.05
C GLU H 381 36.69 42.87 -1.49
N LYS H 398 40.86 37.17 -3.04
CA LYS H 398 41.29 36.65 -1.74
C LYS H 398 40.14 36.00 -0.96
N LYS H 399 40.50 35.12 -0.03
CA LYS H 399 39.52 34.44 0.84
C LYS H 399 39.00 35.37 1.94
N THR H 400 37.73 35.18 2.31
CA THR H 400 37.02 36.06 3.25
C THR H 400 37.50 35.89 4.69
N GLN H 401 37.38 36.96 5.47
CA GLN H 401 37.65 36.91 6.91
C GLN H 401 36.53 36.19 7.66
N THR H 402 36.84 35.65 8.83
CA THR H 402 35.84 34.99 9.66
C THR H 402 35.83 35.53 11.09
N THR H 403 34.72 35.30 11.78
CA THR H 403 34.61 35.56 13.21
C THR H 403 35.36 34.49 13.99
N HIS H 404 35.49 34.68 15.30
CA HIS H 404 36.14 33.70 16.17
C HIS H 404 35.45 32.32 16.11
N TYR H 405 34.15 32.33 15.86
CA TYR H 405 33.38 31.09 15.71
C TYR H 405 33.31 30.61 14.25
N GLY H 406 34.08 31.27 13.38
CA GLY H 406 34.30 30.80 12.01
C GLY H 406 33.24 31.13 10.97
N GLN H 407 32.48 32.20 11.19
CA GLN H 407 31.48 32.65 10.22
C GLN H 407 32.01 33.78 9.36
N GLU H 408 31.97 33.58 8.04
CA GLU H 408 32.45 34.59 7.09
C GLU H 408 31.63 35.87 7.16
N VAL H 409 32.34 37.00 7.13
CA VAL H 409 31.72 38.32 7.18
C VAL H 409 31.98 39.02 5.85
N ALA H 410 31.01 38.88 4.93
CA ALA H 410 31.11 39.49 3.61
C ALA H 410 29.99 40.50 3.37
N ASP H 411 29.66 41.26 4.41
CA ASP H 411 28.59 42.26 4.35
C ASP H 411 28.93 43.47 5.23
N CYS H 412 30.21 43.63 5.51
CA CYS H 412 30.66 44.57 6.54
C CYS H 412 31.00 45.93 5.97
N VAL H 413 30.14 46.91 6.27
CA VAL H 413 30.21 48.24 5.67
C VAL H 413 30.72 49.30 6.63
N LEU H 414 31.15 48.89 7.82
CA LEU H 414 31.52 49.81 8.90
C LEU H 414 32.61 50.81 8.54
N GLY H 415 33.56 50.39 7.71
CA GLY H 415 34.63 51.28 7.23
C GLY H 415 34.09 52.52 6.55
N GLU H 416 33.14 52.32 5.62
CA GLU H 416 32.49 53.42 4.93
C GLU H 416 31.49 54.14 5.85
N LEU H 417 30.67 53.35 6.54
CA LEU H 417 29.64 53.88 7.44
C LEU H 417 30.18 54.86 8.48
N VAL H 418 31.20 54.42 9.23
CA VAL H 418 31.80 55.25 10.27
C VAL H 418 32.34 56.56 9.69
N THR H 419 33.11 56.45 8.61
CA THR H 419 33.62 57.62 7.88
C THR H 419 32.50 58.62 7.60
N ARG H 420 31.39 58.13 7.06
CA ARG H 420 30.23 58.97 6.75
C ARG H 420 29.66 59.66 7.99
N LEU H 421 29.50 58.90 9.06
CA LEU H 421 28.99 59.45 10.33
C LEU H 421 29.94 60.51 10.90
N GLN H 422 31.25 60.25 10.79
CA GLN H 422 32.26 61.16 11.31
C GLN H 422 32.26 62.52 10.60
N LYS H 423 32.15 62.48 9.27
CA LYS H 423 32.16 63.71 8.48
C LYS H 423 30.88 64.51 8.69
N SER H 424 29.75 63.81 8.77
CA SER H 424 28.46 64.46 9.02
C SER H 424 28.33 65.03 10.43
N ALA H 425 28.76 64.28 11.43
CA ALA H 425 28.69 64.71 12.83
C ALA H 425 29.77 65.73 13.20
N ASN H 426 30.67 66.00 12.24
CA ASN H 426 31.78 66.94 12.41
C ASN H 426 32.65 66.52 13.61
N PHE H 427 33.27 65.35 13.47
CA PHE H 427 33.98 64.68 14.56
C PHE H 427 35.27 65.39 14.96
N THR H 428 36.27 65.34 14.08
CA THR H 428 37.59 65.92 14.34
C THR H 428 37.53 67.37 14.80
N THR H 429 36.64 68.15 14.18
CA THR H 429 36.46 69.56 14.53
C THR H 429 35.96 69.71 15.96
N ARG H 430 34.94 68.92 16.33
CA ARG H 430 34.37 68.93 17.68
C ARG H 430 35.34 68.38 18.73
N ARG H 431 36.08 67.34 18.33
CA ARG H 431 37.07 66.70 19.17
C ARG H 431 38.13 67.72 19.61
N ALA H 432 38.60 68.51 18.64
CA ALA H 432 39.55 69.58 18.87
C ALA H 432 38.97 70.69 19.74
N GLU H 433 37.70 71.02 19.50
CA GLU H 433 36.98 72.04 20.27
C GLU H 433 36.78 71.65 21.74
N ILE H 434 36.64 70.36 22.00
CA ILE H 434 36.54 69.83 23.36
C ILE H 434 37.91 69.84 24.04
N ALA H 435 38.95 69.48 23.28
CA ALA H 435 40.34 69.54 23.76
C ALA H 435 40.69 70.92 24.30
N ALA H 436 40.24 71.95 23.58
CA ALA H 436 40.45 73.33 23.98
C ALA H 436 39.57 73.71 25.18
N TRP H 437 38.27 73.42 25.08
CA TRP H 437 37.28 73.74 26.11
C TRP H 437 37.70 73.22 27.48
N ASN H 438 38.23 71.99 27.51
CA ASN H 438 38.65 71.35 28.75
C ASN H 438 39.76 72.12 29.47
N SER H 439 40.82 72.45 28.72
CA SER H 439 41.99 73.17 29.27
C SER H 439 41.64 74.55 29.85
N THR H 440 40.45 75.05 29.52
CA THR H 440 39.94 76.30 30.07
C THR H 440 39.15 76.05 31.37
N ASN H 441 38.54 74.87 31.48
CA ASN H 441 37.77 74.50 32.67
C ASN H 441 38.55 73.65 33.66
N ARG H 442 38.12 73.68 34.92
CA ARG H 442 38.71 72.81 35.95
C ARG H 442 37.63 72.14 36.82
N THR H 443 36.41 72.67 36.78
CA THR H 443 35.28 72.07 37.49
C THR H 443 34.50 71.11 36.57
N LEU H 444 34.33 71.50 35.32
CA LEU H 444 33.58 70.68 34.36
C LEU H 444 34.47 70.09 33.28
N ALA H 445 34.16 68.87 32.85
CA ALA H 445 34.90 68.21 31.77
C ALA H 445 33.97 67.63 30.70
N ARG H 446 34.37 67.81 29.43
CA ARG H 446 33.62 67.28 28.29
C ARG H 446 34.28 66.02 27.70
N GLY H 447 33.47 65.10 27.22
CA GLY H 447 33.97 63.87 26.60
C GLY H 447 33.25 63.46 25.33
N ILE H 448 33.98 62.90 24.38
CA ILE H 448 33.42 62.47 23.10
C ILE H 448 34.01 61.15 22.59
N ALA H 449 33.15 60.19 22.26
CA ALA H 449 33.59 58.89 21.79
C ALA H 449 32.67 58.29 20.73
N LEU H 450 33.26 57.46 19.86
CA LEU H 450 32.53 56.74 18.82
C LEU H 450 32.64 55.22 19.00
N SER H 451 31.50 54.53 18.98
CA SER H 451 31.48 53.06 19.09
C SER H 451 30.63 52.44 17.98
N PRO H 452 31.15 51.37 17.35
CA PRO H 452 30.44 50.72 16.25
C PRO H 452 29.50 49.60 16.74
N VAL H 453 28.72 49.02 15.82
CA VAL H 453 27.87 47.87 16.12
C VAL H 453 28.05 46.78 15.07
N LYS H 454 28.11 45.53 15.53
CA LYS H 454 27.99 44.38 14.65
C LYS H 454 27.19 43.31 15.38
N PHE H 455 25.87 43.32 15.16
CA PHE H 455 24.94 42.43 15.84
C PHE H 455 24.37 41.40 14.85
N GLY H 456 24.68 40.13 15.08
CA GLY H 456 24.20 39.03 14.22
C GLY H 456 22.72 38.70 14.40
N ILE H 457 22.05 38.39 13.28
CA ILE H 457 20.60 38.17 13.29
C ILE H 457 20.18 36.72 13.06
N SER H 458 19.41 36.19 14.01
CA SER H 458 18.84 34.83 14.02
C SER H 458 19.01 34.17 15.39
N PHE H 459 18.04 33.34 15.76
CA PHE H 459 18.10 32.55 16.99
C PHE H 459 19.31 31.62 16.97
N THR H 460 20.15 31.72 18.01
CA THR H 460 21.30 30.83 18.16
C THR H 460 20.80 29.42 18.40
N LEU H 461 19.59 29.32 18.98
CA LEU H 461 18.83 28.10 19.03
C LEU H 461 18.11 27.98 17.69
N THR H 462 18.83 27.43 16.70
CA THR H 462 18.48 27.55 15.26
C THR H 462 17.07 27.17 14.81
N HIS H 463 16.52 26.08 15.35
CA HIS H 463 15.22 25.59 14.90
C HIS H 463 14.09 26.58 15.17
N LEU H 464 14.35 27.53 16.07
CA LEU H 464 13.40 28.62 16.36
C LEU H 464 13.28 29.64 15.23
N ASN H 465 14.12 29.52 14.21
CA ASN H 465 14.07 30.45 13.09
C ASN H 465 13.00 30.08 12.05
N GLN H 466 11.77 29.94 12.52
CA GLN H 466 10.58 29.66 11.70
C GLN H 466 9.45 30.62 12.08
N ALA H 467 8.52 30.85 11.14
CA ALA H 467 7.34 31.71 11.40
C ALA H 467 6.12 31.29 10.58
N GLY H 468 4.94 31.64 11.07
CA GLY H 468 3.69 31.31 10.39
C GLY H 468 2.73 32.49 10.29
N ALA H 469 2.02 32.56 9.16
CA ALA H 469 0.99 33.57 8.94
C ALA H 469 -0.29 32.94 8.40
N LEU H 470 -1.38 33.71 8.44
CA LEU H 470 -2.68 33.30 7.90
C LEU H 470 -3.36 34.53 7.28
N VAL H 471 -3.75 34.44 6.02
CA VAL H 471 -4.43 35.57 5.34
C VAL H 471 -5.80 35.19 4.78
N GLN H 472 -6.77 36.08 5.00
CA GLN H 472 -8.13 35.90 4.51
C GLN H 472 -8.49 37.04 3.58
N ILE H 473 -9.16 36.72 2.48
CA ILE H 473 -9.76 37.74 1.62
C ILE H 473 -11.27 37.55 1.58
N TYR H 474 -11.99 38.53 2.10
CA TYR H 474 -13.45 38.51 2.08
C TYR H 474 -14.02 39.08 0.78
N THR H 475 -15.27 38.76 0.50
CA THR H 475 -15.92 39.10 -0.78
C THR H 475 -15.98 40.60 -1.08
N ASP H 476 -16.00 41.43 -0.03
CA ASP H 476 -16.00 42.88 -0.21
C ASP H 476 -14.62 43.42 -0.63
N GLY H 477 -13.64 42.52 -0.72
CA GLY H 477 -12.28 42.90 -1.08
C GLY H 477 -11.34 43.13 0.09
N SER H 478 -11.90 43.37 1.28
CA SER H 478 -11.10 43.62 2.49
C SER H 478 -10.37 42.37 2.97
N VAL H 479 -9.25 42.59 3.66
CA VAL H 479 -8.29 41.55 3.99
C VAL H 479 -8.05 41.47 5.50
N ALA H 480 -8.16 40.25 6.05
CA ALA H 480 -7.77 39.94 7.43
C ALA H 480 -6.39 39.28 7.46
N LEU H 481 -5.44 39.93 8.13
CA LEU H 481 -4.07 39.43 8.24
C LEU H 481 -3.78 38.95 9.66
N ASN H 482 -3.16 37.77 9.74
CA ASN H 482 -2.77 37.19 11.03
C ASN H 482 -1.43 36.48 10.92
N HIS H 483 -0.58 36.65 11.94
CA HIS H 483 0.74 36.02 11.95
C HIS H 483 1.15 35.49 13.33
N GLY H 484 2.44 35.22 13.50
CA GLY H 484 2.97 34.62 14.73
C GLY H 484 3.59 35.62 15.69
N GLY H 485 4.05 36.75 15.16
CA GLY H 485 4.71 37.78 15.94
C GLY H 485 3.77 38.53 16.85
N THR H 486 4.33 39.25 17.81
CA THR H 486 3.54 39.98 18.81
C THR H 486 3.93 41.45 18.90
N GLU H 487 2.91 42.29 19.10
CA GLU H 487 3.10 43.73 19.20
C GLU H 487 3.42 44.17 20.62
N MET H 488 4.68 44.53 20.83
CA MET H 488 5.15 45.10 22.08
C MET H 488 5.51 46.57 21.87
N GLY H 489 5.15 47.10 20.69
CA GLY H 489 5.39 48.50 20.37
C GLY H 489 6.37 48.74 19.24
N GLN H 490 7.04 47.68 18.81
CA GLN H 490 8.07 47.77 17.75
C GLN H 490 7.48 48.12 16.39
N GLY H 491 6.15 48.13 16.31
CA GLY H 491 5.43 48.46 15.08
C GLY H 491 5.47 47.31 14.09
N LEU H 492 5.50 46.09 14.63
CA LEU H 492 5.59 44.89 13.83
C LEU H 492 4.37 44.74 12.93
N HIS H 493 3.19 44.95 13.51
CA HIS H 493 1.92 44.85 12.77
C HIS H 493 1.89 45.79 11.57
N ALA H 494 2.14 47.08 11.80
CA ALA H 494 2.21 48.07 10.73
C ALA H 494 3.11 47.60 9.60
N LYS H 495 4.28 47.07 9.95
CA LYS H 495 5.22 46.55 8.97
C LYS H 495 4.61 45.38 8.19
N MET H 496 3.91 44.49 8.90
CA MET H 496 3.31 43.29 8.28
C MET H 496 2.23 43.67 7.27
N VAL H 497 1.42 44.67 7.60
CA VAL H 497 0.40 45.19 6.70
C VAL H 497 1.06 45.70 5.39
N GLN H 498 2.09 46.53 5.54
CA GLN H 498 2.78 47.10 4.39
C GLN H 498 3.31 46.04 3.44
N VAL H 499 3.77 44.92 3.99
CA VAL H 499 4.22 43.80 3.17
C VAL H 499 3.04 43.22 2.40
N ALA H 500 2.00 42.83 3.14
CA ALA H 500 0.79 42.24 2.55
C ALA H 500 0.18 43.15 1.47
N ALA H 501 0.03 44.43 1.79
CA ALA H 501 -0.50 45.43 0.87
C ALA H 501 0.35 45.52 -0.41
N ALA H 502 1.67 45.47 -0.25
CA ALA H 502 2.58 45.52 -1.39
C ALA H 502 2.48 44.28 -2.28
N VAL H 503 2.32 43.12 -1.64
CA VAL H 503 2.28 41.83 -2.33
C VAL H 503 0.99 41.61 -3.13
N LEU H 504 -0.08 42.25 -2.70
CA LEU H 504 -1.39 42.11 -3.33
C LEU H 504 -1.73 43.32 -4.23
N GLY H 505 -0.96 44.39 -4.09
CA GLY H 505 -1.18 45.60 -4.87
C GLY H 505 -2.38 46.39 -4.42
N ILE H 506 -2.64 46.38 -3.11
CA ILE H 506 -3.78 47.11 -2.55
C ILE H 506 -3.35 48.13 -1.51
N ASP H 507 -4.26 49.04 -1.16
CA ASP H 507 -4.03 50.01 -0.10
C ASP H 507 -3.93 49.28 1.24
N PRO H 508 -2.96 49.67 2.10
CA PRO H 508 -2.87 49.18 3.47
C PRO H 508 -4.19 49.25 4.23
N VAL H 509 -5.01 50.25 3.89
CA VAL H 509 -6.33 50.41 4.48
C VAL H 509 -7.17 49.14 4.29
N GLN H 510 -6.98 48.49 3.14
CA GLN H 510 -7.67 47.24 2.83
C GLN H 510 -7.25 46.06 3.74
N VAL H 511 -6.16 46.24 4.49
CA VAL H 511 -5.65 45.18 5.37
C VAL H 511 -5.90 45.50 6.86
N ARG H 512 -6.51 44.54 7.56
CA ARG H 512 -6.69 44.61 9.01
C ARG H 512 -5.75 43.60 9.69
N ILE H 513 -5.25 43.97 10.87
CA ILE H 513 -4.50 43.01 11.71
C ILE H 513 -5.37 42.43 12.83
N THR H 514 -5.35 41.10 12.95
CA THR H 514 -6.03 40.42 14.07
C THR H 514 -5.03 40.13 15.18
N ALA H 515 -5.53 39.88 16.39
CA ALA H 515 -4.68 39.56 17.53
C ALA H 515 -3.93 38.24 17.32
N THR H 516 -2.73 38.13 17.91
CA THR H 516 -1.92 36.91 17.85
C THR H 516 -2.61 35.78 18.62
N ASP H 517 -2.70 34.62 17.97
CA ASP H 517 -3.59 33.53 18.40
C ASP H 517 -3.02 32.17 18.02
N THR H 518 -2.83 31.31 19.01
CA THR H 518 -2.21 30.01 18.84
C THR H 518 -3.07 29.03 18.04
N SER H 519 -4.38 29.28 18.03
CA SER H 519 -5.32 28.44 17.25
C SER H 519 -5.46 28.94 15.82
N LYS H 520 -4.97 30.16 15.59
CA LYS H 520 -4.90 30.70 14.23
C LYS H 520 -3.55 30.32 13.60
N VAL H 521 -2.45 30.62 14.30
CA VAL H 521 -1.12 30.22 13.85
C VAL H 521 -0.40 29.47 14.99
N PRO H 522 0.02 28.22 14.73
CA PRO H 522 0.53 27.35 15.78
C PRO H 522 2.07 27.24 15.80
N ASN H 523 2.60 26.78 16.93
CA ASN H 523 4.00 26.42 17.07
C ASN H 523 4.97 27.56 16.73
N THR H 524 4.64 28.76 17.20
CA THR H 524 5.45 29.93 16.94
C THR H 524 6.55 30.12 17.97
N SER H 525 7.66 30.75 17.56
CA SER H 525 8.73 31.11 18.49
C SER H 525 8.30 32.27 19.40
N ALA H 526 9.20 32.70 20.27
CA ALA H 526 9.01 33.97 20.96
C ALA H 526 9.31 35.08 19.97
N THR H 527 8.62 36.20 20.09
CA THR H 527 8.96 37.36 19.28
C THR H 527 10.20 37.97 19.93
N ALA H 528 11.36 37.63 19.37
CA ALA H 528 12.65 37.93 19.96
C ALA H 528 13.78 37.69 18.96
N ALA H 529 15.02 38.06 19.34
CA ALA H 529 16.20 37.99 18.47
C ALA H 529 16.03 38.86 17.21
N SER H 530 15.21 39.91 17.33
CA SER H 530 14.85 40.80 16.24
C SER H 530 14.47 40.06 14.95
N SER H 531 13.64 39.03 15.10
CA SER H 531 13.28 38.17 13.98
C SER H 531 11.83 38.38 13.53
N GLY H 532 10.99 38.89 14.45
CA GLY H 532 9.57 39.14 14.20
C GLY H 532 9.27 39.71 12.83
N ALA H 533 9.94 40.82 12.49
CA ALA H 533 9.79 41.44 11.18
C ALA H 533 10.34 40.56 10.05
N ASP H 534 11.50 39.95 10.25
CA ASP H 534 12.17 39.17 9.21
C ASP H 534 11.34 37.97 8.75
N MET H 535 10.97 37.13 9.71
CA MET H 535 10.40 35.82 9.42
C MET H 535 8.89 35.85 9.20
N ASN H 536 8.19 36.65 9.99
CA ASN H 536 6.76 36.86 9.80
C ASN H 536 6.53 37.60 8.50
N GLY H 537 7.42 38.54 8.21
CA GLY H 537 7.41 39.29 6.96
C GLY H 537 7.46 38.36 5.78
N MET H 538 8.27 37.32 5.89
CA MET H 538 8.37 36.31 4.85
C MET H 538 7.15 35.38 4.85
N ALA H 539 6.70 34.98 6.04
CA ALA H 539 5.53 34.11 6.17
C ALA H 539 4.26 34.78 5.65
N VAL H 540 4.15 36.09 5.86
CA VAL H 540 3.06 36.89 5.31
C VAL H 540 3.17 36.91 3.78
N LYS H 541 4.35 37.26 3.28
CA LYS H 541 4.62 37.28 1.84
C LYS H 541 4.28 35.96 1.17
N ASP H 542 4.35 34.87 1.94
CA ASP H 542 4.04 33.54 1.43
C ASP H 542 2.53 33.33 1.27
N ALA H 543 1.77 33.68 2.30
CA ALA H 543 0.32 33.51 2.28
C ALA H 543 -0.33 34.41 1.21
N CYS H 544 0.27 35.59 1.00
CA CYS H 544 -0.23 36.56 0.04
C CYS H 544 0.10 36.20 -1.40
N GLU H 545 1.31 35.69 -1.63
CA GLU H 545 1.70 35.20 -2.96
C GLU H 545 0.90 33.97 -3.38
N THR H 546 0.52 33.13 -2.42
CA THR H 546 -0.38 32.01 -2.68
C THR H 546 -1.76 32.51 -3.06
N LEU H 547 -2.21 33.59 -2.41
CA LEU H 547 -3.49 34.19 -2.75
C LEU H 547 -3.39 34.91 -4.10
N ARG H 548 -2.48 35.87 -4.20
CA ARG H 548 -2.19 36.55 -5.46
C ARG H 548 -2.09 35.55 -6.61
N GLY H 549 -1.59 34.35 -6.31
CA GLY H 549 -1.41 33.29 -7.29
C GLY H 549 -2.70 32.79 -7.87
N ARG H 550 -3.66 32.48 -6.99
CA ARG H 550 -4.97 31.98 -7.40
C ARG H 550 -5.74 33.01 -8.22
N LEU H 551 -5.69 34.26 -7.78
CA LEU H 551 -6.41 35.32 -8.46
C LEU H 551 -5.85 35.54 -9.86
N ALA H 552 -4.52 35.51 -9.98
CA ALA H 552 -3.86 35.69 -11.27
C ALA H 552 -4.25 34.59 -12.25
N GLY H 553 -4.20 33.34 -11.78
CA GLY H 553 -4.59 32.19 -12.60
C GLY H 553 -6.04 32.25 -13.06
N PHE H 554 -6.92 32.75 -12.18
CA PHE H 554 -8.34 32.92 -12.49
C PHE H 554 -8.56 33.99 -13.55
N VAL H 555 -7.97 35.17 -13.36
CA VAL H 555 -8.01 36.26 -14.34
C VAL H 555 -7.35 35.82 -15.65
N ALA H 556 -6.23 35.10 -15.54
CA ALA H 556 -5.51 34.58 -16.70
C ALA H 556 -6.37 33.62 -17.55
N ALA H 557 -7.07 32.71 -16.88
CA ALA H 557 -7.93 31.74 -17.57
C ALA H 557 -9.19 32.41 -18.14
N ARG H 558 -9.79 33.29 -17.34
CA ARG H 558 -10.99 34.02 -17.75
C ARG H 558 -10.69 35.01 -18.88
N GLU H 559 -9.44 35.44 -18.98
CA GLU H 559 -9.01 36.38 -20.03
C GLU H 559 -8.05 35.76 -21.05
N GLY H 560 -7.72 34.49 -20.87
CA GLY H 560 -6.88 33.74 -21.82
C GLY H 560 -5.49 34.30 -22.08
N CYS H 561 -4.56 34.02 -21.17
CA CYS H 561 -3.13 34.35 -21.33
C CYS H 561 -2.36 33.92 -20.06
N ALA H 562 -1.05 34.20 -20.04
CA ALA H 562 -0.19 33.78 -18.92
C ALA H 562 -0.54 34.47 -17.62
N ALA H 563 -0.61 33.67 -16.54
CA ALA H 563 -0.93 34.19 -15.20
C ALA H 563 0.08 35.21 -14.72
N ARG H 564 1.34 35.04 -15.12
CA ARG H 564 2.41 35.98 -14.79
C ARG H 564 2.29 37.31 -15.54
N ASP H 565 1.31 37.43 -16.42
CA ASP H 565 1.04 38.69 -17.12
C ASP H 565 -0.09 39.48 -16.46
N VAL H 566 -0.71 38.88 -15.45
CA VAL H 566 -1.73 39.55 -14.64
C VAL H 566 -1.02 40.45 -13.63
N ILE H 567 -1.36 41.73 -13.64
CA ILE H 567 -0.64 42.73 -12.83
C ILE H 567 -1.52 43.34 -11.74
N PHE H 568 -1.10 43.13 -10.49
CA PHE H 568 -1.77 43.68 -9.32
C PHE H 568 -1.05 44.95 -8.86
N ASP H 569 -1.82 46.04 -8.75
CA ASP H 569 -1.26 47.32 -8.32
C ASP H 569 -2.34 48.35 -8.01
N ALA H 570 -2.05 49.23 -7.04
CA ALA H 570 -2.90 50.37 -6.70
C ALA H 570 -4.40 50.10 -6.65
N GLY H 571 -4.77 48.96 -6.06
CA GLY H 571 -6.18 48.55 -5.95
C GLY H 571 -6.80 48.11 -7.26
N GLN H 572 -5.97 47.96 -8.29
CA GLN H 572 -6.43 47.61 -9.62
C GLN H 572 -5.72 46.37 -10.15
N VAL H 573 -6.50 45.43 -10.67
CA VAL H 573 -5.97 44.25 -11.34
C VAL H 573 -5.94 44.51 -12.85
N GLN H 574 -4.83 44.16 -13.48
CA GLN H 574 -4.66 44.45 -14.91
C GLN H 574 -4.23 43.23 -15.71
N ALA H 575 -4.94 42.99 -16.81
CA ALA H 575 -4.66 41.91 -17.75
C ALA H 575 -5.34 42.18 -19.10
N SER H 576 -4.74 41.66 -20.17
CA SER H 576 -5.29 41.76 -21.55
C SER H 576 -5.45 43.18 -22.09
N GLY H 577 -4.93 44.17 -21.35
CA GLY H 577 -5.13 45.58 -21.69
C GLY H 577 -6.33 46.17 -20.96
N LYS H 578 -7.12 45.30 -20.32
CA LYS H 578 -8.24 45.73 -19.48
C LYS H 578 -7.80 45.83 -18.02
N SER H 579 -8.65 46.45 -17.20
CA SER H 579 -8.35 46.61 -15.78
C SER H 579 -9.62 46.52 -14.93
N TRP H 580 -9.47 45.98 -13.72
CA TRP H 580 -10.58 45.86 -12.79
C TRP H 580 -10.14 46.37 -11.43
N ARG H 581 -11.12 46.64 -10.56
CA ARG H 581 -10.83 46.86 -9.17
C ARG H 581 -10.46 45.52 -8.55
N PHE H 582 -9.72 45.55 -7.45
CA PHE H 582 -9.33 44.35 -6.73
C PHE H 582 -10.55 43.55 -6.31
N ALA H 583 -11.50 44.20 -5.66
CA ALA H 583 -12.71 43.55 -5.17
C ALA H 583 -13.52 42.91 -6.29
N GLU H 584 -13.53 43.57 -7.45
CA GLU H 584 -14.21 43.06 -8.65
C GLU H 584 -13.69 41.69 -9.05
N ILE H 585 -12.39 41.48 -8.89
CA ILE H 585 -11.76 40.18 -9.14
C ILE H 585 -12.08 39.16 -8.03
N VAL H 586 -12.02 39.62 -6.78
CA VAL H 586 -12.25 38.78 -5.60
C VAL H 586 -13.68 38.20 -5.56
N ALA H 587 -14.67 39.04 -5.85
CA ALA H 587 -16.06 38.60 -5.91
C ALA H 587 -16.26 37.62 -7.06
N ALA H 588 -15.59 37.89 -8.18
CA ALA H 588 -15.64 37.03 -9.35
C ALA H 588 -15.00 35.67 -9.10
N ALA H 589 -13.82 35.69 -8.46
CA ALA H 589 -13.14 34.46 -8.05
C ALA H 589 -13.92 33.72 -6.98
N TYR H 590 -14.70 34.46 -6.18
CA TYR H 590 -15.63 33.85 -5.22
C TYR H 590 -16.72 33.08 -5.96
N MET H 591 -17.32 33.73 -6.95
CA MET H 591 -18.34 33.11 -7.78
C MET H 591 -17.78 31.86 -8.46
N ALA H 592 -16.54 31.95 -8.93
CA ALA H 592 -15.85 30.82 -9.58
C ALA H 592 -15.42 29.73 -8.59
N ARG H 593 -15.73 29.94 -7.30
CA ARG H 593 -15.39 29.02 -6.20
C ARG H 593 -13.89 28.74 -6.07
N ILE H 594 -13.13 29.80 -5.81
CA ILE H 594 -11.68 29.73 -5.63
C ILE H 594 -11.31 30.24 -4.24
N SER H 595 -10.77 29.34 -3.42
CA SER H 595 -10.40 29.66 -2.03
C SER H 595 -9.66 30.99 -1.88
N LEU H 596 -10.19 31.83 -1.01
CA LEU H 596 -9.58 33.13 -0.70
C LEU H 596 -8.96 33.14 0.69
N SER H 597 -8.41 31.98 1.09
CA SER H 597 -7.76 31.79 2.37
C SER H 597 -6.45 31.04 2.16
N ALA H 598 -5.37 31.55 2.76
CA ALA H 598 -4.06 30.91 2.67
C ALA H 598 -3.23 31.04 3.95
N THR H 599 -2.47 29.99 4.26
CA THR H 599 -1.45 30.06 5.31
C THR H 599 -0.09 30.33 4.68
N GLY H 600 0.82 30.93 5.44
CA GLY H 600 2.17 31.19 4.98
C GLY H 600 3.21 30.82 6.02
N PHE H 601 4.28 30.16 5.57
CA PHE H 601 5.33 29.69 6.47
C PHE H 601 6.69 30.07 5.93
N TYR H 602 7.62 30.39 6.84
CA TYR H 602 9.02 30.65 6.49
C TYR H 602 10.00 30.11 7.52
N ALA H 603 11.06 29.47 7.02
CA ALA H 603 12.18 28.99 7.85
C ALA H 603 13.49 29.51 7.29
N THR H 604 14.29 30.12 8.16
CA THR H 604 15.51 30.83 7.73
C THR H 604 16.58 29.87 7.21
N PRO H 605 17.02 30.07 5.96
CA PRO H 605 17.98 29.17 5.33
C PRO H 605 19.41 29.45 5.78
N LYS H 606 20.35 28.60 5.37
CA LYS H 606 21.79 28.82 5.54
C LYS H 606 22.32 28.74 6.97
N LEU H 607 21.48 28.32 7.92
CA LEU H 607 21.87 28.30 9.32
C LEU H 607 22.26 26.92 9.81
N SER H 608 23.46 26.85 10.41
CA SER H 608 23.99 25.61 11.00
C SER H 608 25.23 25.93 11.82
N TRP H 609 25.27 25.45 13.08
CA TRP H 609 26.42 25.69 13.94
C TRP H 609 26.46 24.79 15.19
N ASP H 610 27.68 24.48 15.63
CA ASP H 610 27.92 23.69 16.82
C ASP H 610 28.12 24.61 18.03
N ARG H 611 27.23 24.50 19.00
CA ARG H 611 27.25 25.34 20.18
C ARG H 611 28.48 25.08 21.05
N LEU H 612 28.84 23.79 21.16
CA LEU H 612 29.92 23.36 22.04
C LEU H 612 31.30 23.68 21.47
N ARG H 613 31.55 23.24 20.24
CA ARG H 613 32.81 23.54 19.55
C ARG H 613 32.95 25.04 19.29
N GLY H 614 31.83 25.77 19.31
CA GLY H 614 31.81 27.20 18.99
C GLY H 614 32.20 27.41 17.54
N GLN H 615 31.55 26.68 16.64
CA GLN H 615 31.86 26.72 15.21
C GLN H 615 30.61 26.69 14.35
N GLY H 616 30.66 27.35 13.20
CA GLY H 616 29.58 27.30 12.21
C GLY H 616 29.01 28.65 11.80
N ARG H 617 27.79 28.61 11.27
CA ARG H 617 27.08 29.82 10.87
C ARG H 617 25.73 29.92 11.59
N PRO H 618 25.73 30.53 12.80
CA PRO H 618 24.47 30.72 13.54
C PRO H 618 23.59 31.86 13.02
N PHE H 619 24.20 32.89 12.43
CA PHE H 619 23.44 34.05 11.97
C PHE H 619 23.26 34.05 10.45
N LEU H 620 22.20 34.70 9.98
CA LEU H 620 21.98 34.87 8.55
C LEU H 620 22.76 36.06 7.99
N TYR H 621 22.80 37.14 8.78
CA TYR H 621 23.47 38.37 8.39
C TYR H 621 23.76 39.21 9.64
N PHE H 622 24.62 40.22 9.46
CA PHE H 622 24.92 41.16 10.53
C PHE H 622 24.34 42.53 10.23
N ALA H 623 23.76 43.15 11.25
CA ALA H 623 23.34 44.55 11.17
C ALA H 623 24.46 45.39 11.75
N TYR H 624 24.60 46.62 11.25
CA TYR H 624 25.66 47.51 11.70
C TYR H 624 25.11 48.85 12.15
N GLY H 625 25.99 49.67 12.68
CA GLY H 625 25.65 51.02 13.15
C GLY H 625 26.86 51.67 13.78
N ALA H 626 26.75 52.96 14.07
CA ALA H 626 27.78 53.71 14.78
C ALA H 626 27.17 54.96 15.41
N ALA H 627 27.66 55.29 16.61
CA ALA H 627 27.16 56.43 17.37
C ALA H 627 28.30 57.27 17.93
N ILE H 628 28.18 58.59 17.77
CA ILE H 628 29.10 59.54 18.37
C ILE H 628 28.34 60.30 19.46
N THR H 629 28.91 60.32 20.67
CA THR H 629 28.26 60.97 21.81
C THR H 629 29.17 62.02 22.45
N GLU H 630 28.57 63.14 22.82
CA GLU H 630 29.25 64.20 23.56
C GLU H 630 28.55 64.39 24.90
N VAL H 631 29.35 64.50 25.96
CA VAL H 631 28.84 64.58 27.34
C VAL H 631 29.57 65.59 28.21
N VAL H 632 28.95 65.94 29.33
CA VAL H 632 29.57 66.80 30.34
C VAL H 632 29.56 66.15 31.73
N ILE H 633 30.69 66.25 32.41
CA ILE H 633 30.81 65.71 33.78
C ILE H 633 31.30 66.75 34.80
N ASP H 634 30.66 66.72 35.97
CA ASP H 634 31.05 67.52 37.13
C ASP H 634 32.21 66.82 37.84
N ARG H 635 33.31 67.54 38.05
CA ARG H 635 34.49 66.96 38.70
C ARG H 635 34.32 66.75 40.20
N LEU H 636 33.41 67.50 40.82
CA LEU H 636 33.25 67.48 42.27
C LEU H 636 32.25 66.43 42.78
N THR H 637 31.21 66.17 41.99
CA THR H 637 30.17 65.20 42.36
C THR H 637 30.13 64.00 41.43
N GLY H 638 30.41 64.23 40.15
CA GLY H 638 30.32 63.18 39.13
C GLY H 638 29.10 63.34 38.24
N GLU H 639 28.27 64.32 38.56
CA GLU H 639 27.04 64.59 37.80
C GLU H 639 27.32 64.82 36.32
N ASN H 640 26.41 64.36 35.47
CA ASN H 640 26.70 64.22 34.05
C ASN H 640 25.50 64.39 33.14
N ARG H 641 25.75 64.77 31.89
CA ARG H 641 24.70 64.97 30.91
C ARG H 641 25.18 64.61 29.50
N ILE H 642 24.28 64.02 28.71
CA ILE H 642 24.54 63.83 27.28
C ILE H 642 24.12 65.09 26.53
N LEU H 643 25.06 65.65 25.77
CA LEU H 643 24.84 66.91 25.06
C LEU H 643 24.35 66.71 23.62
N ARG H 644 24.97 65.77 22.91
CA ARG H 644 24.63 65.52 21.51
C ARG H 644 24.97 64.10 21.08
N THR H 645 24.08 63.50 20.30
CA THR H 645 24.32 62.18 19.73
C THR H 645 24.07 62.20 18.23
N ASP H 646 24.95 61.53 17.48
CA ASP H 646 24.75 61.32 16.06
C ASP H 646 24.81 59.83 15.73
N ILE H 647 23.75 59.31 15.10
CA ILE H 647 23.67 57.90 14.76
C ILE H 647 23.55 57.70 13.25
N LEU H 648 24.31 56.74 12.73
CA LEU H 648 24.09 56.23 11.39
C LEU H 648 23.95 54.71 11.42
N HIS H 649 22.70 54.24 11.43
CA HIS H 649 22.41 52.82 11.57
C HIS H 649 21.94 52.17 10.29
N ASP H 650 22.31 50.90 10.12
CA ASP H 650 21.93 50.13 8.94
C ASP H 650 20.71 49.23 9.21
N ALA H 651 19.56 49.66 8.72
CA ALA H 651 18.33 48.87 8.77
C ALA H 651 18.07 48.18 7.43
N GLY H 652 19.11 48.12 6.59
CA GLY H 652 18.98 47.60 5.23
C GLY H 652 18.10 48.51 4.39
N ALA H 653 17.39 47.90 3.44
CA ALA H 653 16.30 48.59 2.75
C ALA H 653 15.10 48.65 3.69
N SER H 654 15.00 49.74 4.44
CA SER H 654 14.00 49.89 5.50
C SER H 654 12.58 49.54 5.07
N LEU H 655 11.89 48.75 5.89
CA LEU H 655 10.47 48.46 5.67
C LEU H 655 9.59 49.66 6.03
N ASN H 656 9.93 50.33 7.13
CA ASN H 656 9.25 51.57 7.53
C ASN H 656 10.25 52.55 8.14
N PRO H 657 10.83 53.44 7.31
CA PRO H 657 11.88 54.37 7.74
C PRO H 657 11.52 55.13 9.01
N ALA H 658 10.26 55.53 9.14
CA ALA H 658 9.79 56.26 10.32
C ALA H 658 9.92 55.43 11.60
N LEU H 659 9.27 54.26 11.61
CA LEU H 659 9.30 53.34 12.73
C LEU H 659 10.72 52.86 13.05
N ASP H 660 11.55 52.74 12.02
CA ASP H 660 12.96 52.38 12.20
C ASP H 660 13.72 53.47 12.96
N ILE H 661 13.51 54.73 12.60
CA ILE H 661 14.14 55.85 13.32
C ILE H 661 13.67 55.83 14.77
N GLY H 662 12.37 55.65 14.96
CA GLY H 662 11.76 55.59 16.29
C GLY H 662 12.35 54.50 17.16
N GLN H 663 12.75 53.40 16.52
CA GLN H 663 13.41 52.29 17.21
C GLN H 663 14.81 52.69 17.67
N ILE H 664 15.58 53.27 16.76
CA ILE H 664 16.96 53.71 17.04
C ILE H 664 17.01 54.83 18.09
N GLU H 665 16.02 55.73 18.05
CA GLU H 665 15.88 56.77 19.07
C GLU H 665 15.67 56.15 20.45
N GLY H 666 14.74 55.20 20.53
CA GLY H 666 14.39 54.54 21.79
C GLY H 666 15.44 53.57 22.30
N ALA H 667 16.05 52.82 21.38
CA ALA H 667 17.07 51.84 21.74
C ALA H 667 18.35 52.51 22.25
N TYR H 668 18.77 53.60 21.59
CA TYR H 668 19.96 54.33 22.01
C TYR H 668 19.83 54.82 23.46
N VAL H 669 18.70 55.47 23.75
CA VAL H 669 18.35 55.89 25.11
C VAL H 669 18.49 54.72 26.08
N GLN H 670 17.85 53.60 25.74
CA GLN H 670 17.82 52.42 26.61
C GLN H 670 19.20 51.81 26.84
N GLY H 671 20.00 51.80 25.79
CA GLY H 671 21.40 51.36 25.86
C GLY H 671 22.23 52.26 26.75
N ALA H 672 22.03 53.56 26.61
CA ALA H 672 22.74 54.54 27.43
C ALA H 672 22.28 54.49 28.88
N GLY H 673 20.96 54.50 29.10
CA GLY H 673 20.37 54.44 30.43
C GLY H 673 20.90 53.30 31.28
N TRP H 674 21.12 52.17 30.62
CA TRP H 674 21.75 50.98 31.20
C TRP H 674 23.13 51.30 31.79
N LEU H 675 23.95 52.01 31.01
CA LEU H 675 25.33 52.27 31.40
C LEU H 675 25.51 53.59 32.14
N THR H 676 24.41 54.18 32.63
CA THR H 676 24.48 55.43 33.38
C THR H 676 23.68 55.40 34.68
N THR H 677 22.43 55.85 34.63
CA THR H 677 21.63 56.06 35.83
C THR H 677 21.01 54.78 36.42
N GLU H 678 20.84 53.76 35.58
CA GLU H 678 20.15 52.53 36.00
C GLU H 678 21.09 51.59 36.76
N GLU H 679 20.68 51.19 37.95
CA GLU H 679 21.52 50.31 38.78
C GLU H 679 20.70 49.42 39.72
N LEU H 680 20.97 48.12 39.67
CA LEU H 680 20.35 47.17 40.59
C LEU H 680 21.24 46.99 41.82
N VAL H 681 20.62 47.04 43.00
CA VAL H 681 21.35 46.95 44.26
C VAL H 681 20.62 46.02 45.23
N TRP H 682 21.29 44.93 45.61
CA TRP H 682 20.80 44.03 46.65
C TRP H 682 21.59 44.28 47.92
N ASP H 683 20.98 44.06 49.09
CA ASP H 683 21.71 44.18 50.35
C ASP H 683 22.57 42.94 50.62
N HIS H 684 22.86 42.69 51.90
CA HIS H 684 23.72 41.58 52.32
C HIS H 684 22.97 40.24 52.44
N CYS H 685 21.67 40.25 52.14
CA CYS H 685 20.81 39.07 52.30
C CYS H 685 20.09 38.68 51.01
N GLY H 686 20.41 39.37 49.91
CA GLY H 686 19.78 39.11 48.63
C GLY H 686 18.50 39.89 48.41
N ARG H 687 18.15 40.74 49.37
CA ARG H 687 16.97 41.60 49.26
C ARG H 687 17.23 42.75 48.30
N LEU H 688 16.46 42.79 47.22
CA LEU H 688 16.58 43.86 46.24
C LEU H 688 16.12 45.19 46.84
N MET H 689 17.02 46.18 46.78
CA MET H 689 16.75 47.52 47.33
C MET H 689 16.12 48.42 46.29
N THR H 690 16.63 48.31 45.07
CA THR H 690 16.13 49.07 43.93
C THR H 690 15.03 48.25 43.24
N HIS H 691 13.83 48.29 43.81
CA HIS H 691 12.68 47.51 43.33
C HIS H 691 11.44 48.38 43.10
N ALA H 692 11.65 49.69 43.01
CA ALA H 692 10.58 50.64 42.71
C ALA H 692 11.10 51.69 41.72
N PRO H 693 10.18 52.48 41.09
CA PRO H 693 10.64 53.53 40.18
C PRO H 693 11.37 54.67 40.90
N SER H 694 11.06 54.86 42.18
CA SER H 694 11.72 55.88 43.01
C SER H 694 13.14 55.49 43.44
N THR H 695 13.51 54.21 43.27
CA THR H 695 14.86 53.74 43.57
C THR H 695 15.63 53.27 42.33
N TYR H 696 14.90 52.77 41.33
CA TYR H 696 15.50 52.43 40.02
C TYR H 696 15.20 53.54 39.02
N LYS H 697 16.26 54.12 38.46
CA LYS H 697 16.14 55.36 37.68
C LYS H 697 16.42 55.22 36.18
N ILE H 698 15.36 54.94 35.41
CA ILE H 698 15.43 54.93 33.94
C ILE H 698 15.46 56.38 33.42
N PRO H 699 15.95 56.58 32.16
CA PRO H 699 16.01 57.92 31.56
C PRO H 699 14.67 58.68 31.56
N ALA H 700 14.66 59.84 32.21
CA ALA H 700 13.52 60.76 32.20
C ALA H 700 13.61 61.70 31.00
N PHE H 701 12.54 62.45 30.74
CA PHE H 701 12.46 63.27 29.53
C PHE H 701 13.74 64.03 29.23
N SER H 702 14.14 64.89 30.16
CA SER H 702 15.29 65.78 29.99
C SER H 702 16.61 65.02 29.74
N ASP H 703 16.62 63.73 30.08
CA ASP H 703 17.82 62.90 29.96
C ASP H 703 18.19 62.52 28.53
N ARG H 704 17.28 62.78 27.59
CA ARG H 704 17.55 62.60 26.16
C ARG H 704 18.74 63.48 25.73
N PRO H 705 19.46 63.08 24.66
CA PRO H 705 20.51 63.98 24.17
C PRO H 705 19.90 65.30 23.67
N ARG H 706 20.50 66.42 24.08
CA ARG H 706 20.01 67.75 23.69
C ARG H 706 19.99 67.93 22.18
N ILE H 707 20.92 67.27 21.49
CA ILE H 707 20.87 67.13 20.04
C ILE H 707 20.86 65.65 19.69
N PHE H 708 19.90 65.26 18.83
CA PHE H 708 19.65 63.85 18.53
C PHE H 708 19.54 63.63 17.03
N ASN H 709 20.69 63.47 16.36
CA ASN H 709 20.74 63.25 14.92
C ASN H 709 20.75 61.76 14.54
N VAL H 710 19.57 61.24 14.19
CA VAL H 710 19.41 59.82 13.85
C VAL H 710 19.14 59.64 12.37
N ALA H 711 20.07 58.99 11.67
CA ALA H 711 19.97 58.80 10.23
C ALA H 711 20.21 57.35 9.82
N LEU H 712 19.47 56.89 8.81
CA LEU H 712 19.56 55.51 8.36
C LEU H 712 20.60 55.32 7.26
N TRP H 713 21.37 54.25 7.39
CA TRP H 713 22.20 53.74 6.30
C TRP H 713 21.25 52.96 5.39
N ASP H 714 21.04 53.50 4.19
CA ASP H 714 20.08 52.91 3.26
C ASP H 714 20.78 52.19 2.12
N GLN H 715 20.97 50.88 2.31
CA GLN H 715 21.65 50.00 1.37
C GLN H 715 21.02 48.61 1.53
N PRO H 716 20.55 48.02 0.42
CA PRO H 716 19.81 46.76 0.45
C PRO H 716 20.58 45.64 1.13
N ASN H 717 19.89 44.74 1.81
CA ASN H 717 20.48 43.55 2.42
C ASN H 717 21.07 42.63 1.35
N ARG H 718 22.24 42.06 1.65
CA ARG H 718 22.92 41.17 0.72
C ARG H 718 22.21 39.83 0.63
N GLU H 719 21.78 39.31 1.78
CA GLU H 719 20.99 38.08 1.86
C GLU H 719 19.53 38.39 1.54
N GLU H 720 18.81 37.38 1.08
CA GLU H 720 17.43 37.55 0.62
C GLU H 720 16.40 37.58 1.77
N THR H 721 16.47 38.64 2.58
CA THR H 721 15.49 38.88 3.64
C THR H 721 14.26 39.57 3.07
N ILE H 722 13.23 39.77 3.90
CA ILE H 722 11.99 40.44 3.47
C ILE H 722 12.23 41.85 2.89
N PHE H 723 12.02 41.98 1.58
CA PHE H 723 12.29 43.21 0.82
C PHE H 723 13.62 43.85 1.18
N ARG H 724 14.67 43.02 1.20
CA ARG H 724 16.06 43.45 1.49
C ARG H 724 16.24 44.31 2.75
N SER H 725 15.33 44.15 3.71
CA SER H 725 15.38 44.92 4.96
C SER H 725 16.28 44.23 5.97
N LYS H 726 16.62 44.95 7.04
CA LYS H 726 17.36 44.37 8.16
C LYS H 726 16.62 44.55 9.46
N ALA H 727 16.72 43.55 10.32
CA ALA H 727 16.19 43.61 11.68
C ALA H 727 16.80 44.80 12.41
N VAL H 728 15.98 45.53 13.14
CA VAL H 728 16.41 46.78 13.75
C VAL H 728 16.00 46.88 15.23
N GLY H 729 15.48 45.78 15.77
CA GLY H 729 14.95 45.77 17.13
C GLY H 729 15.98 45.89 18.24
N GLU H 730 17.14 45.26 18.06
CA GLU H 730 18.14 45.16 19.12
C GLU H 730 19.47 45.84 18.81
N PRO H 731 19.98 45.71 17.57
CA PRO H 731 21.26 46.33 17.25
C PRO H 731 21.48 47.78 17.76
N PRO H 732 20.46 48.66 17.63
CA PRO H 732 20.67 50.05 18.08
C PRO H 732 20.84 50.25 19.60
N PHE H 733 20.47 49.25 20.40
CA PHE H 733 20.71 49.28 21.85
C PHE H 733 22.21 49.34 22.14
N LEU H 734 22.99 48.70 21.27
CA LEU H 734 24.45 48.67 21.37
C LEU H 734 25.10 50.03 21.04
N LEU H 735 24.30 50.98 20.58
CA LEU H 735 24.81 52.33 20.30
C LEU H 735 25.00 53.14 21.58
N GLY H 736 24.34 52.72 22.66
CA GLY H 736 24.46 53.37 23.98
C GLY H 736 25.87 53.27 24.55
N ILE H 737 26.63 52.29 24.06
CA ILE H 737 28.03 52.09 24.45
C ILE H 737 28.80 53.40 24.33
N SER H 738 28.70 54.06 23.17
CA SER H 738 29.44 55.30 22.91
C SER H 738 29.27 56.35 24.02
N ALA H 739 28.07 56.42 24.59
CA ALA H 739 27.79 57.37 25.68
C ALA H 739 28.62 57.05 26.91
N PHE H 740 28.70 55.78 27.26
CA PHE H 740 29.55 55.30 28.36
C PHE H 740 31.03 55.53 28.06
N LEU H 741 31.44 55.26 26.83
CA LEU H 741 32.82 55.48 26.39
C LEU H 741 33.22 56.95 26.42
N ALA H 742 32.27 57.83 26.09
CA ALA H 742 32.49 59.28 26.16
C ALA H 742 32.52 59.78 27.59
N LEU H 743 31.73 59.12 28.46
CA LEU H 743 31.81 59.38 29.89
C LEU H 743 33.22 59.08 30.40
N HIS H 744 33.76 57.94 29.95
CA HIS H 744 35.15 57.57 30.24
C HIS H 744 36.15 58.56 29.66
N ASP H 745 35.90 59.00 28.42
CA ASP H 745 36.77 59.96 27.71
C ASP H 745 36.91 61.27 28.46
N ALA H 746 35.81 61.70 29.10
CA ALA H 746 35.80 62.88 29.94
C ALA H 746 36.70 62.67 31.17
N CYS H 747 36.71 61.45 31.70
CA CYS H 747 37.57 61.11 32.83
C CYS H 747 39.05 61.15 32.47
N ALA H 748 39.38 60.58 31.30
CA ALA H 748 40.75 60.56 30.79
C ALA H 748 41.34 61.98 30.65
N ALA H 749 40.46 62.96 30.54
CA ALA H 749 40.85 64.37 30.44
C ALA H 749 40.92 65.06 31.81
N CYS H 750 41.29 64.31 32.84
CA CYS H 750 41.45 64.85 34.19
C CYS H 750 42.80 64.48 34.80
N GLY H 751 43.67 63.89 33.99
CA GLY H 751 44.99 63.48 34.44
C GLY H 751 45.57 62.40 33.56
N PRO H 752 46.74 61.86 33.95
CA PRO H 752 47.45 60.86 33.15
C PRO H 752 47.08 59.41 33.50
N HIS H 753 46.34 59.22 34.59
CA HIS H 753 45.98 57.88 35.07
C HIS H 753 44.79 57.28 34.34
N TRP H 754 44.85 55.96 34.12
CA TRP H 754 43.73 55.21 33.57
C TRP H 754 42.59 55.20 34.59
N PRO H 755 41.44 55.79 34.21
CA PRO H 755 40.33 56.05 35.14
C PRO H 755 39.62 54.82 35.66
N ASP H 756 39.73 53.71 34.91
CA ASP H 756 38.98 52.47 35.18
C ASP H 756 37.53 52.72 35.57
N LEU H 757 36.75 53.24 34.62
CA LEU H 757 35.33 53.53 34.85
C LEU H 757 34.51 52.24 34.85
N GLN H 758 33.57 52.15 35.78
CA GLN H 758 32.75 50.97 35.96
C GLN H 758 31.33 51.20 35.44
N ALA H 759 30.74 50.17 34.84
CA ALA H 759 29.35 50.20 34.41
C ALA H 759 28.47 49.60 35.52
N PRO H 760 27.37 50.27 35.89
CA PRO H 760 26.84 51.51 35.30
C PRO H 760 27.57 52.75 35.81
N ALA H 761 27.89 53.66 34.90
CA ALA H 761 28.56 54.91 35.23
C ALA H 761 27.62 55.91 35.91
N THR H 762 27.17 55.55 37.12
CA THR H 762 26.40 56.45 37.96
C THR H 762 27.30 57.62 38.40
N PRO H 763 26.70 58.76 38.81
CA PRO H 763 27.52 59.90 39.25
C PRO H 763 28.65 59.53 40.23
N GLU H 764 28.36 58.63 41.18
CA GLU H 764 29.37 58.11 42.10
C GLU H 764 30.50 57.39 41.36
N ALA H 765 30.14 56.44 40.50
CA ALA H 765 31.11 55.67 39.71
C ALA H 765 31.88 56.56 38.73
N VAL H 766 31.27 57.66 38.31
CA VAL H 766 31.91 58.66 37.46
C VAL H 766 32.97 59.39 38.30
N LEU H 767 32.56 59.86 39.47
CA LEU H 767 33.45 60.54 40.41
C LEU H 767 34.64 59.66 40.82
N ALA H 768 34.36 58.39 41.10
CA ALA H 768 35.40 57.42 41.47
C ALA H 768 36.39 57.20 40.34
N ALA H 769 35.92 57.32 39.10
CA ALA H 769 36.79 57.21 37.93
C ALA H 769 37.63 58.47 37.73
N VAL H 770 37.01 59.62 37.95
CA VAL H 770 37.70 60.92 37.87
C VAL H 770 38.85 60.96 38.88
N ARG H 771 38.57 60.61 40.13
CA ARG H 771 39.57 60.65 41.21
C ARG H 771 40.75 59.70 40.97
N ARG H 772 40.52 58.63 40.22
CA ARG H 772 41.61 57.76 39.79
C ARG H 772 42.47 58.46 38.74
N ALA H 773 41.82 58.96 37.70
CA ALA H 773 42.49 59.67 36.59
C ALA H 773 43.39 60.81 37.09
N GLU H 774 42.97 61.44 38.19
CA GLU H 774 43.74 62.48 38.83
C GLU H 774 44.87 61.90 39.67
N GLY H 775 44.56 60.86 40.44
CA GLY H 775 45.50 60.26 41.38
C GLY H 775 45.20 60.73 42.80
N ARG H 776 43.93 60.69 43.17
CA ARG H 776 43.50 61.07 44.51
C ARG H 776 42.70 59.95 45.16
N ALA H 777 43.33 59.28 46.13
CA ALA H 777 42.73 58.18 46.91
C ALA H 777 41.76 57.29 46.15
FE1 FES I . 5.91 -34.39 1.28
FE2 FES I . 4.60 -34.50 -1.53
S1 FES I . 5.68 -32.97 -0.38
S2 FES I . 5.08 -35.99 0.01
FE1 FES J . 14.45 -25.79 2.02
FE2 FES J . 17.51 -25.98 1.86
S1 FES J . 15.90 -26.03 0.38
S2 FES J . 16.05 -26.11 3.49
PA FAD K . 26.60 -16.87 10.51
O1A FAD K . 25.42 -17.01 9.62
O2A FAD K . 27.82 -17.65 10.22
O5B FAD K . 26.98 -15.29 10.59
C5B FAD K . 25.97 -14.27 10.81
C4B FAD K . 26.60 -12.88 11.02
O4B FAD K . 27.36 -12.87 12.26
C3B FAD K . 27.60 -12.50 9.91
O3B FAD K . 27.54 -11.09 9.68
C2B FAD K . 28.95 -12.89 10.48
O2B FAD K . 29.99 -12.08 9.93
C1B FAD K . 28.76 -12.56 11.95
N9A FAD K . 29.55 -13.41 12.88
C8A FAD K . 29.36 -14.70 13.11
N7A FAD K . 30.24 -15.12 14.02
C5A FAD K . 30.98 -14.09 14.39
C6A FAD K . 32.04 -13.92 15.28
N6A FAD K . 32.47 -14.95 15.98
N1A FAD K . 32.59 -12.71 15.41
C2A FAD K . 32.15 -11.68 14.71
N3A FAD K . 31.16 -11.80 13.85
C4A FAD K . 30.55 -12.99 13.66
N1 FAD K . 17.59 -16.92 14.78
C2 FAD K . 17.01 -16.90 16.04
O2 FAD K . 17.43 -16.14 16.89
N3 FAD K . 15.94 -17.77 16.32
C4 FAD K . 15.45 -18.64 15.33
O4 FAD K . 14.52 -19.39 15.58
C4X FAD K . 16.05 -18.64 14.07
N5 FAD K . 15.56 -19.51 13.09
C5X FAD K . 16.18 -19.58 11.83
C6 FAD K . 15.69 -20.49 10.91
C7 FAD K . 16.28 -20.57 9.65
C7M FAD K . 15.70 -21.59 8.66
C8 FAD K . 17.34 -19.74 9.32
C8M FAD K . 18.00 -19.82 7.93
C9 FAD K . 17.83 -18.81 10.25
C9A FAD K . 17.25 -18.73 11.52
N10 FAD K . 17.71 -17.81 12.49
C10 FAD K . 17.12 -17.80 13.78
C1' FAD K . 18.80 -16.84 12.15
C2' FAD K . 19.99 -16.93 13.12
O2' FAD K . 20.44 -15.60 13.45
C3' FAD K . 21.16 -17.69 12.51
O3' FAD K . 20.66 -18.82 11.79
C4' FAD K . 22.21 -18.14 13.55
O4' FAD K . 21.76 -18.03 14.90
C5' FAD K . 23.50 -17.34 13.39
O5' FAD K . 24.62 -18.20 13.65
P FAD K . 25.64 -18.60 12.49
O1P FAD K . 26.79 -19.33 13.08
O2P FAD K . 24.91 -19.21 11.37
O3P FAD K . 26.17 -17.15 12.03
N1 MTE L . -2.56 -34.95 -3.28
C2 MTE L . -1.22 -34.67 -3.31
N2 MTE L . -0.36 -35.51 -2.67
N3 MTE L . -0.71 -33.59 -3.96
C4 MTE L . -1.52 -32.72 -4.61
O4 MTE L . -1.03 -31.72 -5.20
N5 MTE L . -3.94 -32.10 -5.28
C6 MTE L . -5.26 -32.32 -5.21
C7 MTE L . -5.77 -33.64 -4.60
N8 MTE L . -4.78 -34.43 -3.88
C9 MTE L . -2.99 -32.96 -4.62
C10 MTE L . -3.46 -34.16 -3.90
C1' MTE L . -6.10 -31.65 -6.00
S1' MTE L . -6.24 -29.98 -5.95
C2' MTE L . -6.85 -32.35 -6.84
S2' MTE L . -7.92 -31.58 -7.85
C3' MTE L . -6.65 -33.79 -6.84
O3' MTE L . -6.44 -34.47 -5.57
C4' MTE L . -6.42 -34.39 -8.02
O4' MTE L . -6.28 -35.82 -8.13
P MTE L . -7.61 -36.70 -8.34
O1P MTE L . -8.19 -36.73 -6.94
O2P MTE L . -7.11 -38.04 -8.85
O3P MTE L . -8.42 -35.92 -9.34
CA CA M . 0.75 -20.69 -5.73
N1 HPA N . -12.07 -27.59 -10.55
C2 HPA N . -11.26 -27.06 -11.53
N3 HPA N . -11.81 -26.45 -12.65
C4 HPA N . -13.17 -26.39 -12.79
C5 HPA N . -14.00 -26.92 -11.80
C6 HPA N . -13.45 -27.52 -10.68
O6 HPA N . -14.18 -28.00 -9.80
N7 HPA N . -15.28 -26.70 -12.20
C8 HPA N . -15.25 -26.07 -13.39
N9 HPA N . -13.96 -25.87 -13.75
MO1 MOM O . -7.84 -29.28 -7.51
OM3 MOM O . -8.05 -27.74 -6.81
OM1 MOM O . -6.83 -28.64 -8.68
OM2 MOM O . -9.56 -28.80 -8.53
FE1 FES P . 21.17 -39.70 -51.49
FE2 FES P . 19.34 -41.17 -49.52
S1 FES P . 21.50 -41.10 -49.86
S2 FES P . 19.11 -39.41 -50.81
FE1 FES Q . 32.50 -39.22 -46.73
FE2 FES Q . 33.93 -36.62 -45.96
S1 FES Q . 32.54 -37.97 -44.92
S2 FES Q . 33.50 -37.64 -47.88
PA FAD R . 49.22 -34.27 -48.82
O1A FAD R . 48.15 -35.18 -48.35
O2A FAD R . 49.24 -32.88 -48.32
O5B FAD R . 50.61 -34.94 -48.42
C5B FAD R . 51.05 -36.17 -48.99
C4B FAD R . 52.52 -36.44 -48.59
O4B FAD R . 53.41 -35.57 -49.33
C3B FAD R . 52.80 -36.14 -47.12
O3B FAD R . 53.81 -37.03 -46.65
C2B FAD R . 53.31 -34.70 -47.16
O2B FAD R . 54.15 -34.42 -46.04
C1B FAD R . 54.14 -34.71 -48.41
N9A FAD R . 54.23 -33.42 -49.14
C8A FAD R . 53.22 -32.64 -49.50
N7A FAD R . 53.70 -31.59 -50.17
C5A FAD R . 55.02 -31.72 -50.25
C6A FAD R . 56.05 -30.96 -50.83
N6A FAD R . 55.78 -29.83 -51.48
N1A FAD R . 57.32 -31.40 -50.74
C2A FAD R . 57.60 -32.53 -50.11
N3A FAD R . 56.65 -33.27 -49.55
C4A FAD R . 55.36 -32.89 -49.61
N1 FAD R . 45.61 -40.00 -56.09
C2 FAD R . 45.78 -40.23 -57.46
O2 FAD R . 46.91 -40.24 -57.93
N3 FAD R . 44.65 -40.45 -58.26
C4 FAD R . 43.37 -40.44 -57.69
O4 FAD R . 42.39 -40.62 -58.41
C4X FAD R . 43.21 -40.21 -56.31
N5 FAD R . 41.95 -40.20 -55.72
C5X FAD R . 41.78 -39.90 -54.37
C6 FAD R . 40.50 -39.84 -53.85
C7 FAD R . 40.31 -39.56 -52.49
C7M FAD R . 38.88 -39.51 -51.95
C8 FAD R . 41.41 -39.31 -51.67
C8M FAD R . 41.20 -38.99 -50.20
C9 FAD R . 42.71 -39.36 -52.21
C9A FAD R . 42.90 -39.66 -53.56
N10 FAD R . 44.18 -39.74 -54.14
C10 FAD R . 44.34 -39.99 -55.52
C1' FAD R . 45.40 -39.50 -53.31
C2' FAD R . 46.24 -38.35 -53.90
O2' FAD R . 47.61 -38.70 -54.00
C3' FAD R . 46.11 -37.13 -53.01
O3' FAD R . 44.72 -36.81 -52.86
C4' FAD R . 46.89 -35.94 -53.59
O4' FAD R . 47.34 -36.18 -54.93
C5' FAD R . 48.12 -35.67 -52.74
O5' FAD R . 48.26 -34.27 -52.64
P FAD R . 48.07 -33.55 -51.24
O1P FAD R . 48.38 -32.12 -51.43
O2P FAD R . 46.76 -33.93 -50.70
O3P FAD R . 49.23 -34.27 -50.40
N1 MTE S . 14.21 -46.29 -50.40
C2 MTE S . 15.06 -45.50 -49.70
N2 MTE S . 15.13 -44.19 -49.98
N3 MTE S . 15.86 -46.00 -48.73
C4 MTE S . 15.86 -47.30 -48.39
O4 MTE S . 16.63 -47.71 -47.49
N5 MTE S . 14.85 -49.63 -48.85
C6 MTE S . 13.96 -50.42 -49.46
C7 MTE S . 12.97 -49.80 -50.43
N8 MTE S . 13.26 -48.43 -50.84
C9 MTE S . 14.95 -48.22 -49.11
C10 MTE S . 14.11 -47.63 -50.16
C1' MTE S . 13.64 -51.60 -48.90
S1' MTE S . 14.74 -52.83 -48.67
C2' MTE S . 12.37 -51.78 -48.54
S2' MTE S . 11.89 -53.21 -47.85
C3' MTE S . 11.46 -50.67 -48.76
O3' MTE S . 11.61 -49.87 -49.97
C4' MTE S . 10.63 -50.30 -47.79
O4' MTE S . 9.54 -49.40 -48.09
P MTE S . 8.02 -49.90 -47.98
O1P MTE S . 7.71 -50.17 -49.44
O2P MTE S . 7.31 -48.74 -47.34
O3P MTE S . 8.07 -51.14 -47.12
CA CA T . 25.86 -53.83 -44.40
N1 HPA U . 10.86 -60.04 -46.86
C2 HPA U . 11.52 -59.36 -45.84
N3 HPA U . 11.57 -59.91 -44.57
C4 HPA U . 10.98 -61.11 -44.31
C5 HPA U . 10.32 -61.80 -45.31
C6 HPA U . 10.26 -61.27 -46.60
O6 HPA U . 9.67 -61.88 -47.49
N7 HPA U . 9.84 -62.95 -44.78
C8 HPA U . 10.19 -62.98 -43.46
N9 HPA U . 10.89 -61.85 -43.18
MO1 MOM V . 13.69 -54.65 -47.67
OM3 MOM V . 14.93 -55.75 -48.08
OM1 MOM V . 14.31 -54.50 -46.10
OM2 MOM V . 12.63 -56.37 -47.28
FE1 FES W . -33.62 17.69 22.42
FE2 FES W . -32.19 19.35 20.33
S1 FES W . -34.25 19.30 21.09
S2 FES W . -31.88 17.35 21.15
FE1 FES X . -40.50 25.76 28.66
FE2 FES X . -40.05 26.22 31.64
S1 FES X . -38.98 26.87 29.82
S2 FES X . -41.03 24.64 30.47
PA FAD Y . -52.47 28.99 40.87
O1A FAD Y . -51.75 29.35 39.63
O2A FAD Y . -51.73 28.95 42.15
O5B FAD Y . -53.72 29.98 41.03
C5B FAD Y . -54.66 30.13 39.96
C4B FAD Y . -55.84 31.04 40.38
O4B FAD Y . -56.59 30.37 41.44
C3B FAD Y . -55.36 32.38 40.95
O3B FAD Y . -56.27 33.41 40.55
C2B FAD Y . -55.41 32.17 42.46
O2B FAD Y . -55.65 33.40 43.12
C1B FAD Y . -56.62 31.25 42.60
N9A FAD Y . -56.54 30.38 43.80
C8A FAD Y . -55.60 29.46 44.06
N7A FAD Y . -55.86 28.86 45.21
C5A FAD Y . -56.98 29.41 45.70
C6A FAD Y . -57.73 29.20 46.85
N6A FAD Y . -57.35 28.28 47.75
N1A FAD Y . -58.83 29.92 47.05
C2A FAD Y . -59.23 30.83 46.18
N3A FAD Y . -58.53 31.06 45.07
C4A FAD Y . -57.41 30.36 44.81
N1 FAD Y . -55.52 23.14 33.32
C2 FAD Y . -56.47 22.16 33.01
O2 FAD Y . -57.58 22.20 33.54
N3 FAD Y . -56.15 21.16 32.10
C4 FAD Y . -54.89 21.14 31.49
O4 FAD Y . -54.63 20.25 30.68
C4X FAD Y . -53.94 22.11 31.80
N5 FAD Y . -52.67 22.09 31.20
C5X FAD Y . -51.70 23.05 31.53
C6 FAD Y . -50.44 23.00 30.94
C7 FAD Y . -49.47 23.94 31.27
C7M FAD Y . -48.10 23.84 30.60
C8 FAD Y . -49.77 24.94 32.20
C8M FAD Y . -48.74 26.00 32.58
C9 FAD Y . -51.03 24.99 32.79
C9A FAD Y . -52.01 24.05 32.47
N10 FAD Y . -53.29 24.10 33.03
C10 FAD Y . -54.24 23.11 32.72
C1' FAD Y . -53.68 25.28 33.85
C2' FAD Y . -54.24 24.85 35.21
O2' FAD Y . -55.41 25.61 35.53
C3' FAD Y . -53.20 25.04 36.30
O3' FAD Y . -51.98 24.40 35.88
C4' FAD Y . -53.67 24.48 37.64
O4' FAD Y . -54.82 23.63 37.49
C5' FAD Y . -54.04 25.62 38.59
O5' FAD Y . -53.55 25.29 39.88
P FAD Y . -52.45 26.21 40.59
O1P FAD Y . -52.21 25.69 41.96
O2P FAD Y . -51.31 26.40 39.69
O3P FAD Y . -53.25 27.60 40.69
N1 MTE Z . -30.48 17.94 13.04
C2 MTE Z . -30.53 18.57 14.25
N2 MTE Z . -30.38 17.86 15.39
N3 MTE Z . -30.71 19.91 14.35
C4 MTE Z . -30.88 20.69 13.26
O4 MTE Z . -31.05 21.92 13.38
N5 MTE Z . -30.99 20.79 10.69
C6 MTE Z . -31.06 20.18 9.51
C7 MTE Z . -30.60 18.73 9.40
N8 MTE Z . -30.59 17.99 10.67
C9 MTE Z . -30.84 20.05 11.92
C10 MTE Z . -30.63 18.60 11.87
C1' MTE Z . -31.02 20.92 8.41
S1' MTE Z . -32.28 21.90 7.95
C2' MTE Z . -29.91 20.84 7.67
S2' MTE Z . -29.80 21.75 6.28
C3' MTE Z . -28.90 19.94 8.20
O3' MTE Z . -29.31 18.66 8.76
C4' MTE Z . -27.69 20.44 8.50
O4' MTE Z . -26.56 19.53 8.63
P MTE Z . -25.64 19.12 7.38
O1P MTE Z . -26.26 17.82 6.91
O2P MTE Z . -24.28 18.99 8.02
O3P MTE Z . -25.75 20.25 6.39
CA CA AA . -39.29 30.12 12.93
N1 HPA BA . -30.95 24.99 0.57
C2 HPA BA . -30.55 26.16 1.21
N3 HPA BA . -30.16 27.26 0.47
C4 HPA BA . -30.15 27.21 -0.90
C5 HPA BA . -30.54 26.05 -1.56
C6 HPA BA . -30.94 24.93 -0.81
O6 HPA BA . -31.29 23.90 -1.39
N7 HPA BA . -30.44 26.28 -2.88
C8 HPA BA . -30.00 27.54 -3.05
N9 HPA BA . -29.83 28.11 -1.84
MO1 MOM CA . -31.75 23.01 5.96
OM3 MOM CA . -33.36 23.41 5.62
OM1 MOM CA . -31.48 24.55 6.56
OM2 MOM CA . -31.39 23.57 4.01
FE1 FES DA . 6.09 55.20 26.18
FE2 FES DA . 5.95 52.29 25.16
S1 FES DA . 5.59 53.27 27.11
S2 FES DA . 5.88 54.26 24.20
FE1 FES EA . 2.75 55.72 37.74
FE2 FES EA . 0.49 57.25 39.19
S1 FES EA . 0.80 55.15 38.57
S2 FES EA . 2.47 57.79 38.39
PA FAD FA . 0.68 64.83 52.81
O1A FAD FA . 1.23 63.71 52.03
O2A FAD FA . -0.79 65.07 52.81
O5B FAD FA . 1.14 64.62 54.34
C5B FAD FA . 2.51 64.33 54.70
C4B FAD FA . 2.69 64.07 56.22
O4B FAD FA . 2.62 65.32 56.95
C3B FAD FA . 1.61 63.18 56.82
O3B FAD FA . 2.15 62.52 57.97
C2B FAD FA . 0.54 64.17 57.25
O2B FAD FA . -0.22 63.66 58.35
C1B FAD FA . 1.37 65.36 57.72
N9A FAD FA . 0.76 66.68 57.44
C8A FAD FA . 0.37 67.15 56.25
N7A FAD FA . -0.10 68.39 56.41
C5A FAD FA . 0.01 68.71 57.70
C6A FAD FA . -0.32 69.83 58.46
N6A FAD FA . -0.85 70.90 57.88
N1A FAD FA . -0.08 69.83 59.78
C2A FAD FA . 0.46 68.77 60.37
N3A FAD FA . 0.77 67.68 59.68
C4A FAD FA . 0.56 67.61 58.36
N1 FAD FA . 9.98 65.16 48.87
C2 FAD FA . 11.11 65.97 48.81
O2 FAD FA . 11.42 66.64 49.79
N3 FAD FA . 11.87 66.01 47.64
C4 FAD FA . 11.49 65.24 46.53
O4 FAD FA . 12.17 65.29 45.51
C4X FAD FA . 10.35 64.44 46.60
N5 FAD FA . 9.97 63.66 45.50
C5X FAD FA . 8.81 62.87 45.55
C6 FAD FA . 8.44 62.14 44.43
C7 FAD FA . 7.29 61.35 44.46
C7M FAD FA . 6.92 60.55 43.20
C8 FAD FA . 6.51 61.29 45.62
C8M FAD FA . 5.24 60.43 45.68
C9 FAD FA . 6.88 62.03 46.75
C9A FAD FA . 8.03 62.82 46.71
N10 FAD FA . 8.44 63.58 47.84
C10 FAD FA . 9.59 64.40 47.77
C1' FAD FA . 7.70 63.42 49.13
C2' FAD FA . 7.20 64.75 49.72
O2' FAD FA . 7.33 64.71 51.15
C3' FAD FA . 5.74 65.05 49.35
O3' FAD FA . 5.59 64.98 47.92
C4' FAD FA . 5.25 66.42 49.88
O4' FAD FA . 6.33 67.30 50.16
C5' FAD FA . 4.38 66.26 51.13
O5' FAD FA . 3.30 67.19 51.10
P FAD FA . 1.79 66.68 50.95
O1P FAD FA . 0.94 67.84 50.64
O2P FAD FA . 1.76 65.50 50.06
O3P FAD FA . 1.46 66.22 52.45
N1 MTE GA . 10.10 48.24 20.95
C2 MTE GA . 9.13 48.58 21.84
N2 MTE GA . 8.39 49.69 21.59
N3 MTE GA . 8.89 47.85 22.95
C4 MTE GA . 9.60 46.74 23.25
O4 MTE GA . 9.35 46.10 24.29
N5 MTE GA . 11.50 45.15 22.51
C6 MTE GA . 12.36 44.73 21.57
C7 MTE GA . 12.40 45.48 20.25
N8 MTE GA . 11.83 46.82 20.25
C9 MTE GA . 10.67 46.31 22.32
C10 MTE GA . 10.87 47.16 21.14
C1' MTE GA . 12.88 43.49 21.58
S1' MTE GA . 13.48 42.84 23.00
C2' MTE GA . 12.92 42.79 20.45
S2' MTE GA . 13.59 41.26 20.49
C3' MTE GA . 12.39 43.37 19.21
O3' MTE GA . 11.74 44.67 19.28
C4' MTE GA . 12.48 42.77 18.02
O4' MTE GA . 11.66 43.25 16.93
P MTE GA . 10.70 42.21 16.18
O1P MTE GA . 9.81 43.04 15.29
O2P MTE GA . 9.98 41.52 17.31
O3P MTE GA . 11.66 41.33 15.42
CA CA HA . 11.66 42.44 34.57
N1 HPA IA . 16.74 36.20 21.75
C2 HPA IA . 15.80 35.33 22.28
N3 HPA IA . 16.02 33.96 22.20
C4 HPA IA . 17.15 33.46 21.60
C5 HPA IA . 18.09 34.33 21.07
C6 HPA IA . 17.88 35.71 21.14
O6 HPA IA . 18.71 36.48 20.67
N7 HPA IA . 19.09 33.58 20.55
C8 HPA IA . 18.78 32.28 20.75
N9 HPA IA . 17.59 32.21 21.40
MO1 MOM JA . 14.30 40.69 22.62
OM3 MOM JA . 15.27 40.64 24.03
OM1 MOM JA . 13.10 39.75 23.36
OM2 MOM JA . 15.42 39.03 22.08
#